data_2K7H
#
_entry.id   2K7H
#
_entity_poly.entity_id   1
_entity_poly.type   'polypeptide(L)'
_entity_poly.pdbx_seq_one_letter_code
;GVFTFEDEINSPVAPATLYKALVTDADNVIPKALDSFKSVENVEGNGGPGTIKKITFLEDGETKFVLHKIESIDEANLGY
SYSVVGGAALPDTAEKITFDSKLVAGPNGGSAGKLTVKYETKGDAEPNQDELKTGKAKADALFKAIEAYLLAHPDYN
;
_entity_poly.pdbx_strand_id   A
#
# COMPACT_ATOMS: atom_id res chain seq x y z
N GLY A 1 18.46 -11.03 7.59
CA GLY A 1 17.22 -11.75 8.02
C GLY A 1 16.02 -10.81 7.89
N VAL A 2 16.05 -9.70 8.57
CA VAL A 2 14.90 -8.74 8.49
C VAL A 2 15.44 -7.32 8.41
N PHE A 3 14.87 -6.49 7.57
CA PHE A 3 15.35 -5.09 7.45
C PHE A 3 14.18 -4.13 7.66
N THR A 4 14.42 -3.02 8.30
CA THR A 4 13.31 -2.05 8.53
C THR A 4 13.72 -0.67 8.02
N PHE A 5 12.93 -0.09 7.16
CA PHE A 5 13.28 1.25 6.62
C PHE A 5 12.16 2.24 6.94
N GLU A 6 12.50 3.44 7.32
CA GLU A 6 11.45 4.44 7.65
C GLU A 6 11.47 5.57 6.61
N ASP A 7 10.33 5.96 6.11
CA ASP A 7 10.29 7.04 5.09
C ASP A 7 9.21 8.06 5.48
N GLU A 8 9.23 9.21 4.88
CA GLU A 8 8.20 10.25 5.22
C GLU A 8 7.14 10.28 4.12
N ILE A 9 5.96 10.77 4.43
CA ILE A 9 4.89 10.83 3.41
C ILE A 9 4.39 12.27 3.28
N ASN A 10 4.19 12.74 2.07
CA ASN A 10 3.71 14.13 1.88
C ASN A 10 2.73 14.18 0.71
N SER A 11 1.59 14.79 0.90
CA SER A 11 0.59 14.86 -0.20
C SER A 11 -0.27 16.12 -0.03
N PRO A 12 -0.51 16.85 -1.12
CA PRO A 12 -1.30 18.07 -1.10
C PRO A 12 -2.79 17.78 -0.88
N VAL A 13 -3.16 16.52 -0.87
CA VAL A 13 -4.59 16.17 -0.66
C VAL A 13 -4.88 16.06 0.83
N ALA A 14 -6.09 16.34 1.24
CA ALA A 14 -6.43 16.25 2.68
C ALA A 14 -6.07 14.87 3.22
N PRO A 15 -5.46 14.82 4.41
CA PRO A 15 -5.04 13.55 5.04
C PRO A 15 -6.26 12.71 5.46
N ALA A 16 -7.34 13.34 5.84
CA ALA A 16 -8.55 12.58 6.26
C ALA A 16 -9.22 11.98 5.02
N THR A 17 -9.20 12.69 3.92
CA THR A 17 -9.84 12.15 2.69
C THR A 17 -8.95 11.07 2.08
N LEU A 18 -7.65 11.27 2.12
CA LEU A 18 -6.73 10.25 1.54
C LEU A 18 -6.74 9.00 2.41
N TYR A 19 -6.79 9.16 3.71
CA TYR A 19 -6.80 7.98 4.61
C TYR A 19 -8.09 7.17 4.38
N LYS A 20 -9.22 7.83 4.34
CA LYS A 20 -10.50 7.11 4.13
C LYS A 20 -10.50 6.44 2.76
N ALA A 21 -10.09 7.16 1.74
CA ALA A 21 -10.05 6.55 0.38
C ALA A 21 -8.91 5.54 0.29
N LEU A 22 -7.98 5.61 1.19
CA LEU A 22 -6.83 4.65 1.16
C LEU A 22 -7.26 3.32 1.76
N VAL A 23 -7.85 3.34 2.93
CA VAL A 23 -8.27 2.06 3.58
C VAL A 23 -9.75 1.80 3.29
N THR A 24 -10.58 2.80 3.44
CA THR A 24 -12.04 2.60 3.20
C THR A 24 -12.29 2.43 1.69
N ASP A 25 -11.78 3.31 0.89
CA ASP A 25 -12.00 3.19 -0.59
C ASP A 25 -10.82 2.46 -1.22
N ALA A 26 -10.03 1.78 -0.43
CA ALA A 26 -8.87 1.05 -1.01
C ALA A 26 -9.35 0.12 -2.11
N ASP A 27 -10.31 -0.71 -1.83
CA ASP A 27 -10.82 -1.66 -2.87
C ASP A 27 -11.50 -0.87 -3.99
N ASN A 28 -12.00 0.30 -3.70
CA ASN A 28 -12.68 1.11 -4.75
C ASN A 28 -11.64 1.96 -5.47
N VAL A 29 -10.57 2.30 -4.81
CA VAL A 29 -9.52 3.13 -5.45
C VAL A 29 -8.62 2.24 -6.31
N ILE A 30 -8.29 1.07 -5.82
CA ILE A 30 -7.40 0.16 -6.60
C ILE A 30 -7.92 0.03 -8.04
N PRO A 31 -9.23 -0.24 -8.19
CA PRO A 31 -9.84 -0.40 -9.51
C PRO A 31 -9.88 0.93 -10.29
N LYS A 32 -10.06 2.02 -9.61
CA LYS A 32 -10.08 3.33 -10.32
C LYS A 32 -8.65 3.78 -10.60
N ALA A 33 -7.76 3.58 -9.66
CA ALA A 33 -6.34 3.98 -9.89
C ALA A 33 -5.75 3.10 -11.00
N LEU A 34 -6.06 1.83 -10.98
CA LEU A 34 -5.52 0.93 -12.03
C LEU A 34 -6.41 1.01 -13.27
N ASP A 35 -5.98 1.73 -14.27
CA ASP A 35 -6.80 1.86 -15.51
C ASP A 35 -7.13 0.47 -16.07
N SER A 36 -6.22 -0.46 -15.96
CA SER A 36 -6.49 -1.82 -16.50
C SER A 36 -6.95 -2.74 -15.36
N PHE A 37 -7.58 -2.19 -14.36
CA PHE A 37 -8.06 -3.04 -13.23
C PHE A 37 -8.92 -4.18 -13.77
N LYS A 38 -8.53 -5.40 -13.55
CA LYS A 38 -9.33 -6.55 -14.06
C LYS A 38 -10.44 -6.89 -13.06
N SER A 39 -10.10 -7.14 -11.83
CA SER A 39 -11.14 -7.47 -10.82
C SER A 39 -10.50 -7.59 -9.44
N VAL A 40 -11.29 -7.65 -8.41
CA VAL A 40 -10.72 -7.78 -7.03
C VAL A 40 -11.65 -8.67 -6.19
N GLU A 41 -11.09 -9.47 -5.33
CA GLU A 41 -11.93 -10.37 -4.48
C GLU A 41 -11.22 -10.62 -3.15
N ASN A 42 -11.96 -10.95 -2.13
CA ASN A 42 -11.33 -11.22 -0.81
C ASN A 42 -11.13 -12.73 -0.63
N VAL A 43 -9.92 -13.16 -0.43
CA VAL A 43 -9.67 -14.61 -0.25
C VAL A 43 -10.01 -15.02 1.18
N GLU A 44 -9.92 -14.11 2.11
CA GLU A 44 -10.24 -14.44 3.52
C GLU A 44 -10.46 -13.16 4.32
N GLY A 45 -11.26 -13.21 5.34
CA GLY A 45 -11.51 -11.99 6.15
C GLY A 45 -12.72 -11.24 5.59
N ASN A 46 -13.35 -10.42 6.40
CA ASN A 46 -14.53 -9.66 5.90
C ASN A 46 -14.11 -8.24 5.53
N GLY A 47 -12.84 -7.98 5.50
CA GLY A 47 -12.36 -6.61 5.15
C GLY A 47 -11.84 -5.91 6.40
N GLY A 48 -11.99 -6.52 7.55
CA GLY A 48 -11.51 -5.89 8.80
C GLY A 48 -10.00 -6.14 8.94
N PRO A 49 -9.48 -6.00 10.16
CA PRO A 49 -8.05 -6.21 10.45
C PRO A 49 -7.66 -7.69 10.33
N GLY A 50 -6.63 -7.98 9.58
CA GLY A 50 -6.20 -9.41 9.42
C GLY A 50 -6.93 -10.02 8.22
N THR A 51 -7.73 -9.25 7.54
CA THR A 51 -8.46 -9.80 6.37
C THR A 51 -7.50 -9.97 5.19
N ILE A 52 -7.78 -10.90 4.31
CA ILE A 52 -6.88 -11.10 3.14
C ILE A 52 -7.64 -10.73 1.87
N LYS A 53 -7.10 -9.84 1.08
CA LYS A 53 -7.80 -9.44 -0.17
C LYS A 53 -6.93 -9.77 -1.39
N LYS A 54 -7.54 -10.18 -2.46
CA LYS A 54 -6.74 -10.51 -3.69
C LYS A 54 -7.13 -9.55 -4.81
N ILE A 55 -6.16 -8.93 -5.43
CA ILE A 55 -6.46 -7.97 -6.53
C ILE A 55 -5.85 -8.48 -7.83
N THR A 56 -6.51 -8.29 -8.94
CA THR A 56 -5.96 -8.75 -10.24
C THR A 56 -5.78 -7.56 -11.17
N PHE A 57 -4.65 -7.45 -11.82
CA PHE A 57 -4.42 -6.31 -12.74
C PHE A 57 -3.80 -6.82 -14.05
N LEU A 58 -4.01 -6.12 -15.13
CA LEU A 58 -3.43 -6.56 -16.43
C LEU A 58 -2.11 -5.83 -16.68
N GLU A 59 -1.04 -6.55 -16.88
CA GLU A 59 0.27 -5.89 -17.12
C GLU A 59 0.99 -6.60 -18.27
N ASP A 60 1.42 -5.87 -19.26
CA ASP A 60 2.13 -6.50 -20.40
C ASP A 60 1.25 -7.59 -21.01
N GLY A 61 -0.03 -7.39 -21.04
CA GLY A 61 -0.94 -8.42 -21.63
C GLY A 61 -0.92 -9.67 -20.75
N GLU A 62 -0.32 -9.58 -19.60
CA GLU A 62 -0.27 -10.77 -18.70
C GLU A 62 -1.18 -10.54 -17.50
N THR A 63 -1.98 -11.52 -17.15
CA THR A 63 -2.89 -11.36 -15.99
C THR A 63 -2.11 -11.56 -14.68
N LYS A 64 -2.07 -10.55 -13.85
CA LYS A 64 -1.32 -10.69 -12.57
C LYS A 64 -2.25 -10.39 -11.39
N PHE A 65 -1.86 -10.74 -10.20
CA PHE A 65 -2.73 -10.49 -9.02
C PHE A 65 -1.85 -10.16 -7.80
N VAL A 66 -2.40 -9.52 -6.81
CA VAL A 66 -1.59 -9.18 -5.61
C VAL A 66 -2.39 -9.52 -4.35
N LEU A 67 -1.72 -9.99 -3.32
CA LEU A 67 -2.43 -10.34 -2.06
C LEU A 67 -1.99 -9.36 -0.96
N HIS A 68 -2.92 -8.80 -0.24
CA HIS A 68 -2.54 -7.85 0.84
C HIS A 68 -3.21 -8.26 2.14
N LYS A 69 -2.52 -8.13 3.24
CA LYS A 69 -3.11 -8.52 4.56
C LYS A 69 -3.11 -7.30 5.48
N ILE A 70 -4.04 -7.23 6.39
CA ILE A 70 -4.09 -6.08 7.32
C ILE A 70 -3.77 -6.54 8.74
N GLU A 71 -2.93 -5.83 9.43
CA GLU A 71 -2.58 -6.23 10.82
C GLU A 71 -3.51 -5.53 11.80
N SER A 72 -3.93 -4.33 11.49
CA SER A 72 -4.85 -3.59 12.40
C SER A 72 -5.23 -2.26 11.76
N ILE A 73 -6.43 -1.79 12.01
CA ILE A 73 -6.87 -0.50 11.41
C ILE A 73 -7.06 0.54 12.52
N ASP A 74 -6.63 1.74 12.29
CA ASP A 74 -6.79 2.80 13.33
C ASP A 74 -7.34 4.07 12.68
N GLU A 75 -8.61 4.09 12.37
CA GLU A 75 -9.20 5.31 11.74
C GLU A 75 -9.05 6.50 12.69
N ALA A 76 -9.21 6.28 13.96
CA ALA A 76 -9.07 7.40 14.93
C ALA A 76 -7.74 8.11 14.71
N ASN A 77 -6.67 7.37 14.61
CA ASN A 77 -5.34 8.00 14.38
C ASN A 77 -5.02 8.01 12.88
N LEU A 78 -6.00 7.73 12.07
CA LEU A 78 -5.75 7.73 10.60
C LEU A 78 -4.50 6.93 10.28
N GLY A 79 -4.41 5.72 10.79
CA GLY A 79 -3.21 4.89 10.51
C GLY A 79 -3.63 3.42 10.41
N TYR A 80 -2.94 2.64 9.62
CA TYR A 80 -3.30 1.21 9.49
C TYR A 80 -2.05 0.40 9.15
N SER A 81 -2.13 -0.90 9.23
CA SER A 81 -0.93 -1.73 8.91
C SER A 81 -1.31 -2.78 7.87
N TYR A 82 -0.45 -3.02 6.90
CA TYR A 82 -0.78 -4.03 5.86
C TYR A 82 0.51 -4.62 5.30
N SER A 83 0.45 -5.81 4.77
CA SER A 83 1.68 -6.45 4.20
C SER A 83 1.28 -7.32 3.00
N VAL A 84 2.20 -7.57 2.10
CA VAL A 84 1.87 -8.42 0.92
C VAL A 84 2.22 -9.87 1.23
N VAL A 85 1.34 -10.79 0.93
CA VAL A 85 1.63 -12.22 1.21
C VAL A 85 1.51 -13.04 -0.07
N GLY A 86 1.17 -12.42 -1.17
CA GLY A 86 1.04 -13.18 -2.44
C GLY A 86 0.96 -12.22 -3.62
N GLY A 87 1.29 -12.67 -4.80
CA GLY A 87 1.24 -11.78 -5.99
C GLY A 87 2.65 -11.45 -6.45
N ALA A 88 2.77 -10.77 -7.57
CA ALA A 88 4.13 -10.41 -8.08
C ALA A 88 4.80 -9.47 -7.07
N ALA A 89 4.06 -8.95 -6.14
CA ALA A 89 4.66 -8.02 -5.13
C ALA A 89 5.32 -8.84 -4.01
N LEU A 90 5.56 -10.10 -4.25
CA LEU A 90 6.20 -10.95 -3.20
C LEU A 90 7.50 -11.52 -3.75
N PRO A 91 8.65 -10.96 -3.31
CA PRO A 91 9.97 -11.42 -3.74
C PRO A 91 10.30 -12.81 -3.22
N ASP A 92 11.11 -13.54 -3.93
CA ASP A 92 11.47 -14.92 -3.46
C ASP A 92 12.56 -14.83 -2.39
N THR A 93 13.42 -13.85 -2.47
CA THR A 93 14.51 -13.71 -1.46
C THR A 93 13.95 -13.07 -0.19
N ALA A 94 12.70 -12.72 -0.19
CA ALA A 94 12.10 -12.08 1.02
C ALA A 94 10.84 -12.85 1.43
N GLU A 95 10.75 -13.27 2.66
CA GLU A 95 9.56 -14.02 3.12
C GLU A 95 8.31 -13.15 2.92
N LYS A 96 8.30 -11.97 3.45
CA LYS A 96 7.12 -11.09 3.29
C LYS A 96 7.51 -9.63 3.56
N ILE A 97 6.68 -8.70 3.14
CA ILE A 97 7.00 -7.26 3.38
C ILE A 97 5.87 -6.61 4.16
N THR A 98 6.19 -5.86 5.18
CA THR A 98 5.12 -5.20 5.99
C THR A 98 5.14 -3.70 5.73
N PHE A 99 4.00 -3.07 5.72
CA PHE A 99 3.95 -1.60 5.47
C PHE A 99 3.18 -0.91 6.61
N ASP A 100 3.81 0.00 7.30
CA ASP A 100 3.12 0.72 8.40
C ASP A 100 3.10 2.22 8.09
N SER A 101 1.98 2.73 7.65
CA SER A 101 1.91 4.18 7.31
C SER A 101 0.85 4.86 8.18
N LYS A 102 1.13 6.05 8.64
CA LYS A 102 0.15 6.79 9.50
C LYS A 102 -0.25 8.09 8.80
N LEU A 103 -1.32 8.70 9.21
CA LEU A 103 -1.74 9.98 8.57
C LEU A 103 -2.09 11.01 9.64
N VAL A 104 -1.45 12.15 9.61
CA VAL A 104 -1.75 13.20 10.62
C VAL A 104 -1.79 14.56 9.95
N ALA A 105 -2.68 15.43 10.37
CA ALA A 105 -2.76 16.78 9.75
C ALA A 105 -1.46 17.54 10.00
N GLY A 106 -0.99 18.27 9.03
CA GLY A 106 0.26 19.04 9.21
C GLY A 106 0.03 20.50 8.85
N PRO A 107 0.93 21.39 9.29
CA PRO A 107 0.82 22.83 9.01
C PRO A 107 1.06 23.15 7.54
N ASN A 108 1.59 22.21 6.79
CA ASN A 108 1.86 22.46 5.35
C ASN A 108 0.54 22.77 4.63
N GLY A 109 -0.56 22.33 5.17
CA GLY A 109 -1.87 22.60 4.52
C GLY A 109 -2.26 21.40 3.64
N GLY A 110 -1.74 20.24 3.95
CA GLY A 110 -2.09 19.03 3.15
C GLY A 110 -2.10 17.80 4.05
N SER A 111 -1.59 16.69 3.57
CA SER A 111 -1.57 15.45 4.40
C SER A 111 -0.13 15.14 4.80
N ALA A 112 0.06 14.60 5.97
CA ALA A 112 1.44 14.26 6.42
C ALA A 112 1.41 13.00 7.29
N GLY A 113 2.52 12.34 7.45
CA GLY A 113 2.54 11.11 8.28
C GLY A 113 3.90 10.41 8.12
N LYS A 114 4.17 9.41 8.92
CA LYS A 114 5.46 8.69 8.80
C LYS A 114 5.23 7.34 8.14
N LEU A 115 6.14 6.90 7.31
CA LEU A 115 5.97 5.59 6.63
C LEU A 115 7.07 4.64 7.08
N THR A 116 6.72 3.41 7.35
CA THR A 116 7.74 2.42 7.79
C THR A 116 7.65 1.17 6.92
N VAL A 117 8.75 0.78 6.32
CA VAL A 117 8.72 -0.44 5.45
C VAL A 117 9.50 -1.57 6.12
N LYS A 118 8.94 -2.74 6.18
CA LYS A 118 9.65 -3.88 6.82
C LYS A 118 9.99 -4.93 5.76
N TYR A 119 11.25 -5.25 5.61
CA TYR A 119 11.64 -6.26 4.59
C TYR A 119 12.13 -7.53 5.29
N GLU A 120 11.47 -8.64 5.05
CA GLU A 120 11.91 -9.91 5.70
C GLU A 120 12.65 -10.77 4.68
N THR A 121 13.65 -11.50 5.13
CA THR A 121 14.41 -12.35 4.18
C THR A 121 14.32 -13.82 4.62
N LYS A 122 14.41 -14.73 3.69
CA LYS A 122 14.33 -16.17 4.06
C LYS A 122 15.28 -16.47 5.21
N GLY A 123 16.47 -15.94 5.16
CA GLY A 123 17.45 -16.19 6.25
C GLY A 123 18.78 -15.52 5.91
N ASP A 124 19.80 -16.29 5.66
CA ASP A 124 21.12 -15.71 5.32
C ASP A 124 20.99 -14.81 4.09
N ALA A 125 20.29 -15.26 3.09
CA ALA A 125 20.12 -14.44 1.86
C ALA A 125 19.60 -13.04 2.24
N GLU A 126 20.20 -12.02 1.69
CA GLU A 126 19.74 -10.64 2.01
C GLU A 126 19.96 -9.73 0.80
N PRO A 127 18.93 -8.94 0.44
CA PRO A 127 19.01 -8.03 -0.71
C PRO A 127 19.94 -6.84 -0.42
N ASN A 128 20.72 -6.44 -1.39
CA ASN A 128 21.64 -5.29 -1.17
C ASN A 128 20.82 -4.03 -0.92
N GLN A 129 21.48 -2.93 -0.67
CA GLN A 129 20.74 -1.66 -0.41
C GLN A 129 20.01 -1.22 -1.68
N ASP A 130 20.65 -1.33 -2.81
CA ASP A 130 20.01 -0.93 -4.09
C ASP A 130 18.73 -1.76 -4.31
N GLU A 131 18.82 -3.05 -4.13
CA GLU A 131 17.63 -3.91 -4.32
C GLU A 131 16.50 -3.45 -3.39
N LEU A 132 16.84 -3.09 -2.19
CA LEU A 132 15.79 -2.62 -1.22
C LEU A 132 15.14 -1.36 -1.77
N LYS A 133 15.90 -0.50 -2.39
CA LYS A 133 15.32 0.75 -2.96
C LYS A 133 14.24 0.39 -3.98
N THR A 134 14.55 -0.47 -4.90
CA THR A 134 13.55 -0.86 -5.93
C THR A 134 12.29 -1.41 -5.24
N GLY A 135 12.46 -2.09 -4.14
CA GLY A 135 11.27 -2.64 -3.41
C GLY A 135 10.40 -1.49 -2.93
N LYS A 136 11.00 -0.44 -2.41
CA LYS A 136 10.20 0.71 -1.92
C LYS A 136 9.57 1.45 -3.11
N ALA A 137 10.31 1.60 -4.17
CA ALA A 137 9.76 2.31 -5.37
C ALA A 137 8.49 1.60 -5.84
N LYS A 138 8.41 0.31 -5.62
CA LYS A 138 7.19 -0.44 -6.06
C LYS A 138 5.98 0.06 -5.27
N ALA A 139 6.11 0.18 -3.99
CA ALA A 139 4.96 0.66 -3.16
C ALA A 139 4.64 2.12 -3.52
N ASP A 140 5.63 2.97 -3.47
CA ASP A 140 5.38 4.40 -3.81
C ASP A 140 4.65 4.49 -5.15
N ALA A 141 4.88 3.55 -6.02
CA ALA A 141 4.20 3.58 -7.35
C ALA A 141 2.69 3.45 -7.14
N LEU A 142 2.28 2.72 -6.14
CA LEU A 142 0.82 2.55 -5.88
C LEU A 142 0.28 3.83 -5.23
N PHE A 143 0.99 4.36 -4.28
CA PHE A 143 0.52 5.60 -3.61
C PHE A 143 0.29 6.69 -4.65
N LYS A 144 1.28 6.99 -5.45
CA LYS A 144 1.11 8.04 -6.49
C LYS A 144 -0.16 7.76 -7.29
N ALA A 145 -0.42 6.52 -7.61
CA ALA A 145 -1.65 6.19 -8.38
C ALA A 145 -2.88 6.66 -7.60
N ILE A 146 -2.95 6.32 -6.35
CA ILE A 146 -4.12 6.74 -5.53
C ILE A 146 -4.09 8.26 -5.33
N GLU A 147 -2.93 8.79 -5.01
CA GLU A 147 -2.83 10.26 -4.80
C GLU A 147 -3.17 10.99 -6.10
N ALA A 148 -2.65 10.52 -7.21
CA ALA A 148 -2.96 11.19 -8.51
C ALA A 148 -4.46 11.15 -8.75
N TYR A 149 -5.13 10.13 -8.31
CA TYR A 149 -6.60 10.04 -8.51
C TYR A 149 -7.29 11.13 -7.70
N LEU A 150 -6.91 11.30 -6.46
CA LEU A 150 -7.55 12.34 -5.62
C LEU A 150 -7.31 13.72 -6.24
N LEU A 151 -6.11 13.97 -6.70
CA LEU A 151 -5.81 15.30 -7.31
C LEU A 151 -6.54 15.41 -8.65
N ALA A 152 -6.64 14.33 -9.38
CA ALA A 152 -7.34 14.38 -10.70
C ALA A 152 -8.85 14.35 -10.46
N HIS A 153 -9.27 13.93 -9.31
CA HIS A 153 -10.74 13.87 -9.03
C HIS A 153 -11.03 14.63 -7.73
N PRO A 154 -11.19 15.95 -7.82
CA PRO A 154 -11.48 16.80 -6.66
C PRO A 154 -12.90 16.57 -6.12
N ASP A 155 -13.76 16.00 -6.93
CA ASP A 155 -15.15 15.74 -6.46
C ASP A 155 -15.14 14.58 -5.46
N TYR A 156 -14.04 13.88 -5.36
CA TYR A 156 -13.96 12.74 -4.41
C TYR A 156 -13.76 13.27 -2.99
N ASN A 157 -14.61 12.89 -2.07
CA ASN A 157 -14.46 13.38 -0.67
C ASN A 157 -14.10 12.21 0.24
N GLY A 1 15.39 -11.70 11.86
CA GLY A 1 15.95 -10.34 11.60
C GLY A 1 15.36 -9.80 10.30
N VAL A 2 14.76 -8.64 10.35
CA VAL A 2 14.16 -8.06 9.12
C VAL A 2 14.64 -6.60 8.96
N PHE A 3 14.79 -6.15 7.75
CA PHE A 3 15.26 -4.75 7.53
C PHE A 3 14.08 -3.79 7.70
N THR A 4 14.16 -2.90 8.64
CA THR A 4 13.06 -1.92 8.85
C THR A 4 13.53 -0.53 8.45
N PHE A 5 12.92 0.05 7.45
CA PHE A 5 13.36 1.41 7.01
C PHE A 5 12.28 2.43 7.39
N GLU A 6 12.61 3.69 7.38
CA GLU A 6 11.61 4.74 7.74
C GLU A 6 11.62 5.83 6.66
N ASP A 7 10.47 6.22 6.19
CA ASP A 7 10.42 7.28 5.13
C ASP A 7 9.36 8.32 5.52
N GLU A 8 9.38 9.45 4.86
CA GLU A 8 8.37 10.50 5.18
C GLU A 8 7.29 10.52 4.12
N ILE A 9 6.06 10.72 4.51
CA ILE A 9 4.95 10.74 3.51
C ILE A 9 4.35 12.15 3.46
N ASN A 10 4.08 12.65 2.29
CA ASN A 10 3.49 14.02 2.18
C ASN A 10 2.66 14.12 0.91
N SER A 11 1.51 14.75 0.98
CA SER A 11 0.65 14.88 -0.22
C SER A 11 -0.20 16.15 -0.10
N PRO A 12 -0.46 16.81 -1.23
CA PRO A 12 -1.26 18.05 -1.25
C PRO A 12 -2.74 17.76 -0.97
N VAL A 13 -3.10 16.52 -0.86
CA VAL A 13 -4.53 16.18 -0.59
C VAL A 13 -4.74 16.06 0.92
N ALA A 14 -5.93 16.32 1.39
CA ALA A 14 -6.21 16.22 2.85
C ALA A 14 -5.89 14.81 3.32
N PRO A 15 -5.24 14.70 4.50
CA PRO A 15 -4.87 13.40 5.09
C PRO A 15 -6.09 12.60 5.52
N ALA A 16 -7.14 13.26 5.91
CA ALA A 16 -8.37 12.53 6.35
C ALA A 16 -9.09 11.97 5.12
N THR A 17 -9.09 12.71 4.03
CA THR A 17 -9.78 12.22 2.81
C THR A 17 -8.93 11.13 2.13
N LEU A 18 -7.64 11.31 2.12
CA LEU A 18 -6.75 10.30 1.48
C LEU A 18 -6.78 9.00 2.30
N TYR A 19 -6.80 9.12 3.60
CA TYR A 19 -6.82 7.90 4.45
C TYR A 19 -8.14 7.16 4.25
N LYS A 20 -9.24 7.86 4.23
CA LYS A 20 -10.56 7.18 4.05
C LYS A 20 -10.61 6.53 2.67
N ALA A 21 -10.21 7.25 1.65
CA ALA A 21 -10.25 6.66 0.27
C ALA A 21 -9.14 5.62 0.13
N LEU A 22 -8.16 5.65 1.02
CA LEU A 22 -7.05 4.67 0.93
C LEU A 22 -7.50 3.33 1.52
N VAL A 23 -8.07 3.35 2.69
CA VAL A 23 -8.52 2.08 3.32
C VAL A 23 -10.01 1.87 3.07
N THR A 24 -10.82 2.87 3.30
CA THR A 24 -12.29 2.71 3.08
C THR A 24 -12.57 2.49 1.60
N ASP A 25 -12.02 3.32 0.75
CA ASP A 25 -12.27 3.16 -0.72
C ASP A 25 -11.12 2.39 -1.36
N ALA A 26 -10.27 1.79 -0.57
CA ALA A 26 -9.13 1.04 -1.16
C ALA A 26 -9.65 0.10 -2.24
N ASP A 27 -10.62 -0.71 -1.93
CA ASP A 27 -11.17 -1.65 -2.94
C ASP A 27 -11.88 -0.86 -4.04
N ASN A 28 -12.31 0.33 -3.73
CA ASN A 28 -13.01 1.15 -4.76
C ASN A 28 -11.97 1.94 -5.57
N VAL A 29 -10.85 2.23 -4.96
CA VAL A 29 -9.80 2.99 -5.69
C VAL A 29 -8.99 2.04 -6.58
N ILE A 30 -8.79 0.84 -6.14
CA ILE A 30 -8.01 -0.14 -6.96
C ILE A 30 -8.62 -0.25 -8.36
N PRO A 31 -9.94 -0.43 -8.45
CA PRO A 31 -10.64 -0.57 -9.74
C PRO A 31 -10.60 0.72 -10.56
N LYS A 32 -10.35 1.83 -9.93
CA LYS A 32 -10.30 3.12 -10.69
C LYS A 32 -8.85 3.55 -10.86
N ALA A 33 -8.07 3.47 -9.81
CA ALA A 33 -6.64 3.88 -9.92
C ALA A 33 -5.95 2.99 -10.96
N LEU A 34 -6.18 1.70 -10.89
CA LEU A 34 -5.55 0.78 -11.87
C LEU A 34 -6.35 0.84 -13.19
N ASP A 35 -5.80 1.46 -14.20
CA ASP A 35 -6.53 1.57 -15.49
C ASP A 35 -6.89 0.18 -16.02
N SER A 36 -5.98 -0.75 -15.99
CA SER A 36 -6.28 -2.11 -16.53
C SER A 36 -6.81 -3.01 -15.41
N PHE A 37 -7.47 -2.46 -14.43
CA PHE A 37 -8.00 -3.30 -13.33
C PHE A 37 -8.95 -4.34 -13.89
N LYS A 38 -8.70 -5.60 -13.64
CA LYS A 38 -9.60 -6.67 -14.18
C LYS A 38 -10.70 -6.97 -13.16
N SER A 39 -10.32 -7.26 -11.94
CA SER A 39 -11.35 -7.58 -10.90
C SER A 39 -10.66 -7.81 -9.56
N VAL A 40 -11.42 -7.91 -8.50
CA VAL A 40 -10.81 -8.14 -7.16
C VAL A 40 -11.67 -9.13 -6.38
N GLU A 41 -11.05 -10.10 -5.74
CA GLU A 41 -11.83 -11.10 -4.95
C GLU A 41 -11.17 -11.31 -3.60
N ASN A 42 -11.94 -11.34 -2.54
CA ASN A 42 -11.35 -11.55 -1.19
C ASN A 42 -10.98 -13.02 -1.02
N VAL A 43 -9.84 -13.30 -0.45
CA VAL A 43 -9.44 -14.71 -0.26
C VAL A 43 -9.72 -15.14 1.19
N GLU A 44 -9.53 -14.25 2.13
CA GLU A 44 -9.80 -14.60 3.56
C GLU A 44 -10.03 -13.32 4.36
N GLY A 45 -10.87 -13.37 5.35
CA GLY A 45 -11.14 -12.16 6.17
C GLY A 45 -12.52 -11.59 5.82
N ASN A 46 -13.11 -10.87 6.73
CA ASN A 46 -14.46 -10.30 6.45
C ASN A 46 -14.35 -8.77 6.29
N GLY A 47 -13.22 -8.30 5.82
CA GLY A 47 -13.05 -6.83 5.65
C GLY A 47 -12.39 -6.24 6.89
N GLY A 48 -12.48 -6.91 8.01
CA GLY A 48 -11.87 -6.38 9.26
C GLY A 48 -10.34 -6.49 9.15
N PRO A 49 -9.66 -6.40 10.30
CA PRO A 49 -8.19 -6.49 10.35
C PRO A 49 -7.70 -7.91 10.05
N GLY A 50 -6.46 -8.05 9.68
CA GLY A 50 -5.92 -9.41 9.37
C GLY A 50 -6.66 -9.99 8.17
N THR A 51 -7.42 -9.18 7.48
CA THR A 51 -8.18 -9.68 6.29
C THR A 51 -7.21 -9.86 5.11
N ILE A 52 -7.54 -10.73 4.22
CA ILE A 52 -6.66 -10.96 3.03
C ILE A 52 -7.42 -10.59 1.76
N LYS A 53 -6.87 -9.74 0.93
CA LYS A 53 -7.57 -9.36 -0.32
C LYS A 53 -6.71 -9.74 -1.53
N LYS A 54 -7.34 -10.14 -2.60
CA LYS A 54 -6.56 -10.52 -3.82
C LYS A 54 -6.90 -9.55 -4.95
N ILE A 55 -5.90 -8.99 -5.59
CA ILE A 55 -6.16 -8.03 -6.69
C ILE A 55 -5.58 -8.58 -7.99
N THR A 56 -6.24 -8.32 -9.10
CA THR A 56 -5.72 -8.83 -10.40
C THR A 56 -5.54 -7.65 -11.37
N PHE A 57 -4.38 -7.49 -11.91
CA PHE A 57 -4.14 -6.36 -12.85
C PHE A 57 -3.40 -6.88 -14.09
N LEU A 58 -3.50 -6.17 -15.19
CA LEU A 58 -2.81 -6.61 -16.43
C LEU A 58 -1.50 -5.84 -16.59
N GLU A 59 -0.50 -6.44 -17.19
CA GLU A 59 0.79 -5.74 -17.37
C GLU A 59 1.50 -6.28 -18.61
N ASP A 60 1.95 -5.42 -19.48
CA ASP A 60 2.65 -5.88 -20.71
C ASP A 60 1.84 -7.00 -21.37
N GLY A 61 0.55 -7.05 -21.12
CA GLY A 61 -0.29 -8.12 -21.73
C GLY A 61 -0.17 -9.39 -20.90
N GLU A 62 0.07 -9.26 -19.62
CA GLU A 62 0.19 -10.47 -18.77
C GLU A 62 -0.82 -10.39 -17.61
N THR A 63 -1.19 -11.52 -17.07
CA THR A 63 -2.17 -11.50 -15.94
C THR A 63 -1.42 -11.61 -14.62
N LYS A 64 -1.44 -10.57 -13.83
CA LYS A 64 -0.73 -10.60 -12.52
C LYS A 64 -1.71 -10.26 -11.40
N PHE A 65 -1.39 -10.65 -10.19
CA PHE A 65 -2.30 -10.34 -9.05
C PHE A 65 -1.47 -10.02 -7.80
N VAL A 66 -2.04 -9.32 -6.86
CA VAL A 66 -1.27 -8.97 -5.64
C VAL A 66 -2.13 -9.27 -4.40
N LEU A 67 -1.52 -9.75 -3.35
CA LEU A 67 -2.30 -10.05 -2.11
C LEU A 67 -1.92 -9.05 -1.02
N HIS A 68 -2.89 -8.37 -0.46
CA HIS A 68 -2.59 -7.38 0.61
C HIS A 68 -3.22 -7.83 1.93
N LYS A 69 -2.48 -7.77 3.00
CA LYS A 69 -3.04 -8.19 4.31
C LYS A 69 -2.98 -7.01 5.28
N ILE A 70 -3.94 -6.91 6.17
CA ILE A 70 -3.92 -5.77 7.13
C ILE A 70 -3.72 -6.32 8.55
N GLU A 71 -2.90 -5.66 9.33
CA GLU A 71 -2.65 -6.14 10.72
C GLU A 71 -3.56 -5.37 11.70
N SER A 72 -3.68 -4.09 11.52
CA SER A 72 -4.55 -3.28 12.42
C SER A 72 -4.90 -1.95 11.76
N ILE A 73 -6.09 -1.47 11.95
CA ILE A 73 -6.49 -0.18 11.33
C ILE A 73 -6.63 0.88 12.42
N ASP A 74 -6.20 2.09 12.14
CA ASP A 74 -6.31 3.17 13.15
C ASP A 74 -6.88 4.42 12.50
N GLU A 75 -8.16 4.47 12.28
CA GLU A 75 -8.77 5.66 11.63
C GLU A 75 -8.46 6.91 12.47
N ALA A 76 -8.47 6.77 13.77
CA ALA A 76 -8.17 7.95 14.64
C ALA A 76 -6.86 8.58 14.20
N ASN A 77 -5.84 7.80 14.02
CA ASN A 77 -4.53 8.36 13.59
C ASN A 77 -4.41 8.28 12.07
N LEU A 78 -5.48 8.01 11.40
CA LEU A 78 -5.44 7.92 9.91
C LEU A 78 -4.24 7.05 9.49
N GLY A 79 -3.91 6.08 10.29
CA GLY A 79 -2.76 5.19 9.95
C GLY A 79 -3.20 3.73 10.03
N TYR A 80 -2.57 2.87 9.28
CA TYR A 80 -2.95 1.43 9.32
C TYR A 80 -1.72 0.57 9.01
N SER A 81 -1.81 -0.72 9.20
CA SER A 81 -0.64 -1.59 8.90
C SER A 81 -1.08 -2.71 7.95
N TYR A 82 -0.25 -3.03 6.99
CA TYR A 82 -0.61 -4.11 6.03
C TYR A 82 0.67 -4.74 5.46
N SER A 83 0.56 -5.92 4.91
CA SER A 83 1.78 -6.58 4.35
C SER A 83 1.37 -7.42 3.13
N VAL A 84 2.30 -7.68 2.25
CA VAL A 84 1.97 -8.48 1.03
C VAL A 84 2.11 -9.97 1.36
N VAL A 85 1.14 -10.76 1.00
CA VAL A 85 1.22 -12.22 1.30
C VAL A 85 1.22 -13.02 -0.02
N GLY A 86 1.05 -12.36 -1.12
CA GLY A 86 1.05 -13.08 -2.42
C GLY A 86 1.04 -12.08 -3.58
N GLY A 87 1.38 -12.53 -4.76
CA GLY A 87 1.39 -11.59 -5.92
C GLY A 87 2.78 -11.57 -6.56
N ALA A 88 2.88 -11.14 -7.78
CA ALA A 88 4.21 -11.10 -8.45
C ALA A 88 5.15 -10.18 -7.67
N ALA A 89 4.60 -9.38 -6.78
CA ALA A 89 5.46 -8.47 -5.98
C ALA A 89 6.10 -9.25 -4.83
N LEU A 90 5.72 -10.48 -4.66
CA LEU A 90 6.31 -11.30 -3.55
C LEU A 90 7.69 -11.82 -3.99
N PRO A 91 8.75 -11.29 -3.36
CA PRO A 91 10.13 -11.69 -3.67
C PRO A 91 10.42 -13.12 -3.21
N ASP A 92 11.24 -13.83 -3.93
CA ASP A 92 11.56 -15.22 -3.53
C ASP A 92 12.59 -15.21 -2.39
N THR A 93 13.47 -14.25 -2.38
CA THR A 93 14.50 -14.18 -1.30
C THR A 93 13.89 -13.59 -0.04
N ALA A 94 12.66 -13.14 -0.10
CA ALA A 94 12.02 -12.56 1.11
C ALA A 94 10.74 -13.32 1.42
N GLU A 95 10.50 -13.61 2.67
CA GLU A 95 9.27 -14.35 3.05
C GLU A 95 8.05 -13.44 2.87
N LYS A 96 8.09 -12.25 3.44
CA LYS A 96 6.94 -11.32 3.30
C LYS A 96 7.40 -9.89 3.61
N ILE A 97 6.62 -8.93 3.23
CA ILE A 97 7.00 -7.51 3.50
C ILE A 97 5.88 -6.82 4.28
N THR A 98 6.21 -6.11 5.33
CA THR A 98 5.16 -5.42 6.13
C THR A 98 5.28 -3.91 5.92
N PHE A 99 4.21 -3.28 5.52
CA PHE A 99 4.25 -1.80 5.30
C PHE A 99 3.46 -1.09 6.40
N ASP A 100 4.09 -0.20 7.12
CA ASP A 100 3.38 0.53 8.20
C ASP A 100 3.42 2.03 7.91
N SER A 101 2.33 2.58 7.43
CA SER A 101 2.32 4.03 7.11
C SER A 101 1.24 4.73 7.96
N LYS A 102 1.54 5.90 8.46
CA LYS A 102 0.54 6.64 9.28
C LYS A 102 0.26 7.99 8.62
N LEU A 103 -0.88 8.57 8.89
CA LEU A 103 -1.20 9.88 8.27
C LEU A 103 -1.64 10.88 9.34
N VAL A 104 -1.03 12.03 9.38
CA VAL A 104 -1.41 13.04 10.40
C VAL A 104 -1.41 14.43 9.75
N ALA A 105 -2.33 15.27 10.14
CA ALA A 105 -2.39 16.64 9.55
C ALA A 105 -1.14 17.43 9.95
N GLY A 106 -0.66 18.28 9.08
CA GLY A 106 0.55 19.07 9.41
C GLY A 106 0.33 20.53 9.00
N PRO A 107 1.25 21.43 9.41
CA PRO A 107 1.16 22.86 9.09
C PRO A 107 1.41 23.12 7.60
N ASN A 108 1.83 22.13 6.87
CA ASN A 108 2.09 22.33 5.41
C ASN A 108 0.76 22.58 4.69
N GLY A 109 -0.33 22.12 5.24
CA GLY A 109 -1.64 22.34 4.58
C GLY A 109 -2.04 21.07 3.82
N GLY A 110 -1.35 19.99 4.03
CA GLY A 110 -1.70 18.73 3.31
C GLY A 110 -1.64 17.55 4.29
N SER A 111 -1.20 16.42 3.83
CA SER A 111 -1.11 15.24 4.73
C SER A 111 0.34 14.97 5.10
N ALA A 112 0.59 14.53 6.31
CA ALA A 112 2.00 14.25 6.73
C ALA A 112 2.01 13.06 7.70
N GLY A 113 3.04 12.27 7.67
CA GLY A 113 3.11 11.10 8.59
C GLY A 113 4.46 10.40 8.43
N LYS A 114 4.58 9.19 8.94
CA LYS A 114 5.86 8.45 8.81
C LYS A 114 5.61 7.12 8.12
N LEU A 115 6.55 6.67 7.32
CA LEU A 115 6.36 5.37 6.61
C LEU A 115 7.44 4.38 7.07
N THR A 116 7.05 3.18 7.40
CA THR A 116 8.05 2.17 7.85
C THR A 116 7.98 0.94 6.93
N VAL A 117 9.09 0.52 6.41
CA VAL A 117 9.06 -0.67 5.50
C VAL A 117 9.69 -1.88 6.22
N LYS A 118 9.03 -2.99 6.18
CA LYS A 118 9.58 -4.21 6.86
C LYS A 118 9.96 -5.25 5.80
N TYR A 119 11.20 -5.65 5.77
CA TYR A 119 11.62 -6.65 4.76
C TYR A 119 12.08 -7.93 5.46
N GLU A 120 11.38 -9.01 5.28
CA GLU A 120 11.78 -10.28 5.94
C GLU A 120 12.49 -11.17 4.92
N THR A 121 13.56 -11.80 5.31
CA THR A 121 14.29 -12.68 4.36
C THR A 121 14.23 -14.14 4.84
N LYS A 122 14.54 -15.07 3.99
CA LYS A 122 14.50 -16.50 4.40
C LYS A 122 15.40 -16.70 5.63
N GLY A 123 16.56 -16.10 5.63
CA GLY A 123 17.47 -16.25 6.80
C GLY A 123 18.74 -15.45 6.56
N ASP A 124 19.83 -16.11 6.28
CA ASP A 124 21.11 -15.39 6.03
C ASP A 124 20.97 -14.51 4.79
N ALA A 125 20.37 -15.03 3.76
CA ALA A 125 20.19 -14.23 2.51
C ALA A 125 19.73 -12.82 2.87
N GLU A 126 20.37 -11.81 2.35
CA GLU A 126 19.97 -10.42 2.66
C GLU A 126 19.93 -9.59 1.37
N PRO A 127 18.84 -8.83 1.18
CA PRO A 127 18.67 -7.98 -0.01
C PRO A 127 19.63 -6.79 -0.01
N ASN A 128 19.90 -6.23 -1.16
CA ASN A 128 20.84 -5.07 -1.22
C ASN A 128 20.04 -3.77 -1.08
N GLN A 129 20.70 -2.68 -0.82
CA GLN A 129 19.97 -1.38 -0.67
C GLN A 129 19.23 -1.07 -1.96
N ASP A 130 19.82 -1.33 -3.09
CA ASP A 130 19.15 -1.05 -4.38
C ASP A 130 17.87 -1.89 -4.48
N GLU A 131 17.95 -3.16 -4.17
CA GLU A 131 16.75 -4.02 -4.24
C GLU A 131 15.66 -3.45 -3.33
N LEU A 132 16.01 -3.07 -2.13
CA LEU A 132 14.99 -2.51 -1.20
C LEU A 132 14.37 -1.26 -1.82
N LYS A 133 15.16 -0.46 -2.49
CA LYS A 133 14.61 0.77 -3.12
C LYS A 133 13.54 0.38 -4.15
N THR A 134 13.86 -0.55 -5.01
CA THR A 134 12.86 -0.97 -6.04
C THR A 134 11.59 -1.48 -5.35
N GLY A 135 11.74 -2.18 -4.26
CA GLY A 135 10.55 -2.69 -3.53
C GLY A 135 9.69 -1.51 -3.06
N LYS A 136 10.29 -0.51 -2.50
CA LYS A 136 9.51 0.67 -2.03
C LYS A 136 8.88 1.38 -3.23
N ALA A 137 9.60 1.46 -4.32
CA ALA A 137 9.05 2.13 -5.53
C ALA A 137 7.73 1.47 -5.91
N LYS A 138 7.59 0.20 -5.65
CA LYS A 138 6.33 -0.50 -6.01
C LYS A 138 5.18 0.08 -5.18
N ALA A 139 5.38 0.26 -3.91
CA ALA A 139 4.30 0.83 -3.05
C ALA A 139 4.08 2.29 -3.42
N ASP A 140 5.12 3.09 -3.36
CA ASP A 140 4.97 4.53 -3.71
C ASP A 140 4.33 4.66 -5.09
N ALA A 141 4.66 3.77 -5.99
CA ALA A 141 4.07 3.84 -7.36
C ALA A 141 2.54 3.80 -7.25
N LEU A 142 2.02 2.89 -6.49
CA LEU A 142 0.54 2.80 -6.34
C LEU A 142 0.04 3.99 -5.52
N PHE A 143 0.82 4.45 -4.59
CA PHE A 143 0.38 5.61 -3.76
C PHE A 143 0.05 6.79 -4.69
N LYS A 144 0.96 7.15 -5.56
CA LYS A 144 0.69 8.28 -6.48
C LYS A 144 -0.65 8.05 -7.20
N ALA A 145 -0.93 6.83 -7.57
CA ALA A 145 -2.21 6.53 -8.25
C ALA A 145 -3.37 6.98 -7.35
N ILE A 146 -3.24 6.77 -6.06
CA ILE A 146 -4.32 7.19 -5.14
C ILE A 146 -4.35 8.72 -5.04
N GLU A 147 -3.20 9.32 -4.91
CA GLU A 147 -3.14 10.81 -4.80
C GLU A 147 -3.57 11.42 -6.15
N ALA A 148 -3.12 10.86 -7.23
CA ALA A 148 -3.50 11.41 -8.57
C ALA A 148 -5.02 11.34 -8.72
N TYR A 149 -5.63 10.32 -8.17
CA TYR A 149 -7.11 10.19 -8.29
C TYR A 149 -7.79 11.26 -7.44
N LEU A 150 -7.34 11.45 -6.22
CA LEU A 150 -7.96 12.49 -5.35
C LEU A 150 -7.73 13.88 -5.97
N LEU A 151 -6.55 14.14 -6.45
CA LEU A 151 -6.27 15.46 -7.05
C LEU A 151 -7.06 15.60 -8.36
N ALA A 152 -7.25 14.52 -9.06
CA ALA A 152 -8.01 14.59 -10.34
C ALA A 152 -9.50 14.79 -10.04
N HIS A 153 -9.91 14.52 -8.84
CA HIS A 153 -11.35 14.69 -8.49
C HIS A 153 -11.46 15.52 -7.20
N PRO A 154 -11.64 16.84 -7.34
CA PRO A 154 -11.77 17.76 -6.20
C PRO A 154 -13.09 17.55 -5.45
N ASP A 155 -14.04 16.90 -6.08
CA ASP A 155 -15.35 16.68 -5.42
C ASP A 155 -15.20 15.62 -4.32
N TYR A 156 -14.18 14.81 -4.41
CA TYR A 156 -13.97 13.75 -3.37
C TYR A 156 -13.34 14.37 -2.13
N ASN A 157 -13.90 14.12 -0.97
CA ASN A 157 -13.32 14.70 0.28
C ASN A 157 -13.46 13.68 1.41
N GLY A 1 18.07 -10.87 7.76
CA GLY A 1 16.80 -11.62 7.96
C GLY A 1 15.61 -10.67 7.83
N VAL A 2 15.67 -9.54 8.48
CA VAL A 2 14.55 -8.57 8.39
C VAL A 2 15.10 -7.15 8.27
N PHE A 3 14.53 -6.35 7.41
CA PHE A 3 15.01 -4.96 7.24
C PHE A 3 13.86 -3.98 7.47
N THR A 4 14.15 -2.83 8.02
CA THR A 4 13.07 -1.83 8.27
C THR A 4 13.47 -0.48 7.67
N PHE A 5 12.56 0.17 6.98
CA PHE A 5 12.90 1.49 6.39
C PHE A 5 11.85 2.52 6.83
N GLU A 6 12.18 3.79 6.74
CA GLU A 6 11.22 4.83 7.16
C GLU A 6 11.20 5.96 6.12
N ASP A 7 10.04 6.34 5.67
CA ASP A 7 9.96 7.44 4.66
C ASP A 7 8.87 8.43 5.06
N GLU A 8 8.87 9.58 4.47
CA GLU A 8 7.84 10.60 4.82
C GLU A 8 6.78 10.66 3.72
N ILE A 9 5.57 11.03 4.05
CA ILE A 9 4.50 11.11 3.01
C ILE A 9 3.94 12.53 2.99
N ASN A 10 3.76 13.07 1.81
CA ASN A 10 3.20 14.45 1.71
C ASN A 10 2.31 14.56 0.48
N SER A 11 1.12 15.09 0.64
CA SER A 11 0.21 15.21 -0.53
C SER A 11 -0.65 16.47 -0.37
N PRO A 12 -0.96 17.14 -1.49
CA PRO A 12 -1.79 18.35 -1.48
C PRO A 12 -3.26 18.01 -1.18
N VAL A 13 -3.56 16.77 -0.96
CA VAL A 13 -4.97 16.38 -0.67
C VAL A 13 -5.16 16.26 0.84
N ALA A 14 -6.35 16.47 1.33
CA ALA A 14 -6.61 16.37 2.79
C ALA A 14 -6.14 15.00 3.29
N PRO A 15 -5.48 14.98 4.46
CA PRO A 15 -4.98 13.74 5.06
C PRO A 15 -6.11 12.83 5.53
N ALA A 16 -7.18 13.40 6.00
CA ALA A 16 -8.34 12.57 6.47
C ALA A 16 -9.04 11.95 5.26
N THR A 17 -9.06 12.65 4.15
CA THR A 17 -9.71 12.11 2.94
C THR A 17 -8.79 11.08 2.27
N LEU A 18 -7.51 11.30 2.32
CA LEU A 18 -6.56 10.35 1.69
C LEU A 18 -6.53 9.06 2.51
N TYR A 19 -6.53 9.17 3.81
CA TYR A 19 -6.50 7.96 4.67
C TYR A 19 -7.78 7.15 4.47
N LYS A 20 -8.91 7.79 4.56
CA LYS A 20 -10.20 7.07 4.37
C LYS A 20 -10.24 6.43 2.98
N ALA A 21 -9.88 7.17 1.97
CA ALA A 21 -9.88 6.61 0.59
C ALA A 21 -8.76 5.60 0.45
N LEU A 22 -7.80 5.65 1.33
CA LEU A 22 -6.66 4.69 1.25
C LEU A 22 -7.09 3.34 1.86
N VAL A 23 -7.71 3.36 3.00
CA VAL A 23 -8.13 2.08 3.65
C VAL A 23 -9.60 1.81 3.35
N THR A 24 -10.45 2.80 3.49
CA THR A 24 -11.90 2.59 3.24
C THR A 24 -12.17 2.49 1.72
N ASP A 25 -11.67 3.41 0.96
CA ASP A 25 -11.92 3.37 -0.51
C ASP A 25 -10.77 2.62 -1.20
N ALA A 26 -9.91 2.01 -0.44
CA ALA A 26 -8.79 1.27 -1.07
C ALA A 26 -9.33 0.33 -2.14
N ASP A 27 -10.30 -0.49 -1.79
CA ASP A 27 -10.87 -1.44 -2.78
C ASP A 27 -11.58 -0.66 -3.89
N ASN A 28 -12.09 0.50 -3.59
CA ASN A 28 -12.80 1.30 -4.62
C ASN A 28 -11.77 2.12 -5.42
N VAL A 29 -10.66 2.44 -4.82
CA VAL A 29 -9.62 3.24 -5.53
C VAL A 29 -8.82 2.32 -6.45
N ILE A 30 -8.55 1.11 -6.01
CA ILE A 30 -7.75 0.18 -6.86
C ILE A 30 -8.35 0.11 -8.27
N PRO A 31 -9.67 -0.08 -8.38
CA PRO A 31 -10.34 -0.17 -9.68
C PRO A 31 -10.34 1.18 -10.41
N LYS A 32 -10.26 2.26 -9.69
CA LYS A 32 -10.25 3.59 -10.35
C LYS A 32 -8.79 4.01 -10.62
N ALA A 33 -7.89 3.63 -9.77
CA ALA A 33 -6.46 3.99 -9.99
C ALA A 33 -5.89 3.15 -11.12
N LEU A 34 -6.20 1.88 -11.13
CA LEU A 34 -5.68 0.99 -12.22
C LEU A 34 -6.67 1.04 -13.40
N ASP A 35 -6.30 1.70 -14.46
CA ASP A 35 -7.20 1.78 -15.64
C ASP A 35 -7.54 0.38 -16.14
N SER A 36 -6.63 -0.55 -16.04
CA SER A 36 -6.91 -1.92 -16.53
C SER A 36 -7.33 -2.82 -15.36
N PHE A 37 -7.93 -2.26 -14.35
CA PHE A 37 -8.36 -3.08 -13.19
C PHE A 37 -9.31 -4.19 -13.67
N LYS A 38 -9.02 -5.42 -13.36
CA LYS A 38 -9.91 -6.52 -13.81
C LYS A 38 -10.97 -6.83 -12.74
N SER A 39 -10.56 -7.03 -11.52
CA SER A 39 -11.54 -7.33 -10.45
C SER A 39 -10.82 -7.48 -9.11
N VAL A 40 -11.56 -7.56 -8.03
CA VAL A 40 -10.93 -7.71 -6.69
C VAL A 40 -11.77 -8.66 -5.84
N GLU A 41 -11.14 -9.51 -5.08
CA GLU A 41 -11.91 -10.45 -4.22
C GLU A 41 -11.14 -10.69 -2.91
N ASN A 42 -11.84 -11.04 -1.86
CA ASN A 42 -11.16 -11.30 -0.57
C ASN A 42 -10.72 -12.76 -0.51
N VAL A 43 -9.56 -13.02 0.03
CA VAL A 43 -9.07 -14.43 0.10
C VAL A 43 -9.50 -15.05 1.44
N GLU A 44 -9.45 -14.28 2.50
CA GLU A 44 -9.86 -14.83 3.82
C GLU A 44 -10.16 -13.67 4.78
N GLY A 45 -11.07 -13.87 5.71
CA GLY A 45 -11.41 -12.78 6.66
C GLY A 45 -12.64 -12.03 6.16
N ASN A 46 -13.23 -11.22 7.00
CA ASN A 46 -14.43 -10.45 6.58
C ASN A 46 -14.02 -9.04 6.16
N GLY A 47 -12.75 -8.78 6.09
CA GLY A 47 -12.27 -7.42 5.69
C GLY A 47 -11.70 -6.70 6.90
N GLY A 48 -11.80 -7.29 8.06
CA GLY A 48 -11.24 -6.65 9.28
C GLY A 48 -9.73 -6.87 9.34
N PRO A 49 -9.14 -6.74 10.53
CA PRO A 49 -7.69 -6.92 10.72
C PRO A 49 -7.28 -8.38 10.57
N GLY A 50 -6.28 -8.66 9.79
CA GLY A 50 -5.83 -10.06 9.59
C GLY A 50 -6.55 -10.67 8.38
N THR A 51 -7.34 -9.88 7.70
CA THR A 51 -8.07 -10.41 6.51
C THR A 51 -7.12 -10.50 5.32
N ILE A 52 -7.40 -11.36 4.39
CA ILE A 52 -6.51 -11.50 3.19
C ILE A 52 -7.31 -11.16 1.93
N LYS A 53 -6.80 -10.28 1.12
CA LYS A 53 -7.54 -9.91 -0.12
C LYS A 53 -6.65 -10.17 -1.35
N LYS A 54 -7.24 -10.53 -2.45
CA LYS A 54 -6.44 -10.80 -3.68
C LYS A 54 -6.82 -9.79 -4.77
N ILE A 55 -5.85 -9.15 -5.36
CA ILE A 55 -6.17 -8.16 -6.42
C ILE A 55 -5.57 -8.63 -7.75
N THR A 56 -6.23 -8.34 -8.84
CA THR A 56 -5.71 -8.77 -10.16
C THR A 56 -5.71 -7.59 -11.13
N PHE A 57 -4.58 -7.23 -11.66
CA PHE A 57 -4.51 -6.08 -12.61
C PHE A 57 -3.78 -6.51 -13.88
N LEU A 58 -3.97 -5.78 -14.95
CA LEU A 58 -3.29 -6.15 -16.22
C LEU A 58 -2.00 -5.32 -16.36
N GLU A 59 -1.00 -5.87 -16.99
CA GLU A 59 0.28 -5.12 -17.16
C GLU A 59 0.97 -5.57 -18.44
N ASP A 60 1.33 -4.65 -19.29
CA ASP A 60 2.01 -5.02 -20.56
C ASP A 60 1.18 -6.08 -21.29
N GLY A 61 -0.10 -6.16 -21.01
CA GLY A 61 -0.95 -7.16 -21.69
C GLY A 61 -0.89 -8.49 -20.91
N GLU A 62 -0.32 -8.46 -19.74
CA GLU A 62 -0.21 -9.71 -18.93
C GLU A 62 -1.18 -9.64 -17.75
N THR A 63 -1.54 -10.76 -17.18
CA THR A 63 -2.48 -10.74 -16.03
C THR A 63 -1.70 -11.01 -14.74
N LYS A 64 -1.64 -10.07 -13.85
CA LYS A 64 -0.90 -10.28 -12.57
C LYS A 64 -1.85 -10.10 -11.39
N PHE A 65 -1.45 -10.54 -10.23
CA PHE A 65 -2.32 -10.39 -9.04
C PHE A 65 -1.46 -10.11 -7.80
N VAL A 66 -2.03 -9.50 -6.80
CA VAL A 66 -1.24 -9.20 -5.57
C VAL A 66 -2.06 -9.54 -4.32
N LEU A 67 -1.42 -10.03 -3.30
CA LEU A 67 -2.16 -10.37 -2.05
C LEU A 67 -1.81 -9.37 -0.96
N HIS A 68 -2.79 -8.77 -0.35
CA HIS A 68 -2.50 -7.77 0.73
C HIS A 68 -3.12 -8.24 2.04
N LYS A 69 -2.37 -8.16 3.11
CA LYS A 69 -2.92 -8.60 4.43
C LYS A 69 -3.01 -7.40 5.37
N ILE A 70 -3.97 -7.38 6.24
CA ILE A 70 -4.10 -6.23 7.18
C ILE A 70 -3.68 -6.66 8.59
N GLU A 71 -2.76 -5.94 9.18
CA GLU A 71 -2.32 -6.31 10.55
C GLU A 71 -3.23 -5.65 11.58
N SER A 72 -3.58 -4.41 11.37
CA SER A 72 -4.48 -3.71 12.33
C SER A 72 -4.95 -2.39 11.71
N ILE A 73 -6.14 -1.97 12.05
CA ILE A 73 -6.66 -0.69 11.48
C ILE A 73 -6.79 0.34 12.58
N ASP A 74 -6.37 1.55 12.33
CA ASP A 74 -6.47 2.62 13.37
C ASP A 74 -7.06 3.88 12.75
N GLU A 75 -8.33 3.90 12.50
CA GLU A 75 -8.97 5.10 11.90
C GLU A 75 -8.77 6.31 12.83
N ALA A 76 -8.81 6.09 14.11
CA ALA A 76 -8.62 7.22 15.06
C ALA A 76 -7.30 7.92 14.76
N ASN A 77 -6.23 7.18 14.62
CA ASN A 77 -4.92 7.80 14.32
C ASN A 77 -4.72 7.88 12.82
N LEU A 78 -5.76 7.68 12.06
CA LEU A 78 -5.63 7.75 10.57
C LEU A 78 -4.41 6.94 10.13
N GLY A 79 -4.28 5.73 10.60
CA GLY A 79 -3.12 4.90 10.20
C GLY A 79 -3.53 3.42 10.17
N TYR A 80 -2.86 2.62 9.38
CA TYR A 80 -3.20 1.18 9.32
C TYR A 80 -1.94 0.38 8.99
N SER A 81 -2.00 -0.93 9.10
CA SER A 81 -0.80 -1.75 8.77
C SER A 81 -1.19 -2.89 7.84
N TYR A 82 -0.35 -3.20 6.88
CA TYR A 82 -0.69 -4.31 5.93
C TYR A 82 0.60 -4.88 5.34
N SER A 83 0.54 -6.05 4.78
CA SER A 83 1.76 -6.66 4.18
C SER A 83 1.37 -7.48 2.95
N VAL A 84 2.31 -7.69 2.05
CA VAL A 84 1.99 -8.49 0.83
C VAL A 84 2.06 -9.98 1.18
N VAL A 85 1.08 -10.74 0.76
CA VAL A 85 1.09 -12.20 1.07
C VAL A 85 1.40 -13.00 -0.19
N GLY A 86 1.46 -12.35 -1.32
CA GLY A 86 1.77 -13.09 -2.59
C GLY A 86 1.56 -12.17 -3.79
N GLY A 87 1.77 -12.67 -4.98
CA GLY A 87 1.60 -11.84 -6.20
C GLY A 87 2.96 -11.37 -6.70
N ALA A 88 3.01 -10.86 -7.90
CA ALA A 88 4.30 -10.39 -8.47
C ALA A 88 4.97 -9.44 -7.47
N ALA A 89 4.20 -8.87 -6.59
CA ALA A 89 4.79 -7.93 -5.59
C ALA A 89 5.45 -8.72 -4.46
N LEU A 90 5.14 -9.98 -4.36
CA LEU A 90 5.75 -10.80 -3.29
C LEU A 90 7.05 -11.43 -3.80
N PRO A 91 8.20 -10.93 -3.33
CA PRO A 91 9.52 -11.43 -3.76
C PRO A 91 9.79 -12.84 -3.20
N ASP A 92 10.49 -13.64 -3.95
CA ASP A 92 10.79 -15.03 -3.47
C ASP A 92 11.91 -14.98 -2.43
N THR A 93 12.81 -14.03 -2.55
CA THR A 93 13.93 -13.94 -1.58
C THR A 93 13.44 -13.27 -0.30
N ALA A 94 12.20 -12.91 -0.23
CA ALA A 94 11.67 -12.25 1.00
C ALA A 94 10.42 -12.99 1.48
N GLU A 95 10.41 -13.39 2.73
CA GLU A 95 9.23 -14.11 3.26
C GLU A 95 7.98 -13.24 3.11
N LYS A 96 8.10 -11.97 3.40
CA LYS A 96 6.92 -11.06 3.27
C LYS A 96 7.34 -9.64 3.63
N ILE A 97 6.62 -8.66 3.16
CA ILE A 97 6.97 -7.25 3.48
C ILE A 97 5.81 -6.59 4.21
N THR A 98 6.09 -5.85 5.25
CA THR A 98 5.00 -5.18 6.01
C THR A 98 5.08 -3.67 5.78
N PHE A 99 3.99 -3.06 5.39
CA PHE A 99 4.00 -1.59 5.15
C PHE A 99 3.17 -0.88 6.21
N ASP A 100 3.75 0.07 6.90
CA ASP A 100 2.99 0.80 7.95
C ASP A 100 2.95 2.29 7.60
N SER A 101 1.84 2.77 7.14
CA SER A 101 1.75 4.22 6.78
C SER A 101 0.77 4.93 7.70
N LYS A 102 1.09 6.14 8.10
CA LYS A 102 0.17 6.90 9.00
C LYS A 102 -0.11 8.27 8.39
N LEU A 103 -1.28 8.80 8.60
CA LEU A 103 -1.60 10.14 8.01
C LEU A 103 -2.02 11.10 9.12
N VAL A 104 -1.40 12.25 9.18
CA VAL A 104 -1.74 13.23 10.24
C VAL A 104 -1.77 14.64 9.63
N ALA A 105 -2.67 15.47 10.07
CA ALA A 105 -2.75 16.85 9.51
C ALA A 105 -1.45 17.60 9.82
N GLY A 106 -0.96 18.37 8.88
CA GLY A 106 0.29 19.13 9.12
C GLY A 106 0.09 20.59 8.72
N PRO A 107 1.01 21.47 9.14
CA PRO A 107 0.94 22.90 8.84
C PRO A 107 1.21 23.18 7.36
N ASN A 108 1.61 22.18 6.62
CA ASN A 108 1.89 22.39 5.17
C ASN A 108 0.58 22.78 4.45
N GLY A 109 -0.53 22.34 4.96
CA GLY A 109 -1.83 22.68 4.31
C GLY A 109 -2.30 21.48 3.48
N GLY A 110 -1.85 20.30 3.82
CA GLY A 110 -2.26 19.10 3.05
C GLY A 110 -2.20 17.86 3.96
N SER A 111 -1.65 16.79 3.48
CA SER A 111 -1.56 15.56 4.33
C SER A 111 -0.10 15.34 4.74
N ALA A 112 0.12 14.88 5.94
CA ALA A 112 1.52 14.63 6.40
C ALA A 112 1.55 13.43 7.35
N GLY A 113 2.56 12.62 7.26
CA GLY A 113 2.65 11.44 8.16
C GLY A 113 3.99 10.73 7.96
N LYS A 114 4.13 9.55 8.49
CA LYS A 114 5.41 8.81 8.32
C LYS A 114 5.13 7.43 7.74
N LEU A 115 5.97 6.96 6.86
CA LEU A 115 5.74 5.62 6.25
C LEU A 115 6.89 4.68 6.64
N THR A 116 6.58 3.48 7.02
CA THR A 116 7.65 2.52 7.42
C THR A 116 7.49 1.22 6.63
N VAL A 117 8.53 0.79 5.97
CA VAL A 117 8.43 -0.48 5.18
C VAL A 117 9.29 -1.57 5.83
N LYS A 118 8.74 -2.74 6.00
CA LYS A 118 9.52 -3.84 6.62
C LYS A 118 9.81 -4.91 5.58
N TYR A 119 11.06 -5.27 5.40
CA TYR A 119 11.42 -6.31 4.40
C TYR A 119 11.95 -7.55 5.12
N GLU A 120 11.29 -8.66 4.97
CA GLU A 120 11.77 -9.91 5.64
C GLU A 120 12.46 -10.80 4.62
N THR A 121 13.46 -11.54 5.03
CA THR A 121 14.17 -12.43 4.07
C THR A 121 14.06 -13.88 4.55
N LYS A 122 14.19 -14.83 3.67
CA LYS A 122 14.09 -16.26 4.08
C LYS A 122 14.91 -16.48 5.35
N GLY A 123 16.05 -15.84 5.45
CA GLY A 123 16.89 -16.02 6.67
C GLY A 123 18.35 -15.69 6.33
N ASP A 124 19.13 -16.69 6.03
CA ASP A 124 20.56 -16.44 5.69
C ASP A 124 20.63 -15.47 4.50
N ALA A 125 19.68 -15.53 3.62
CA ALA A 125 19.70 -14.61 2.44
C ALA A 125 19.52 -13.17 2.91
N GLU A 126 20.26 -12.25 2.35
CA GLU A 126 20.12 -10.83 2.77
C GLU A 126 20.36 -9.92 1.56
N PRO A 127 19.30 -9.26 1.09
CA PRO A 127 19.37 -8.35 -0.06
C PRO A 127 20.15 -7.07 0.27
N ASN A 128 20.89 -6.56 -0.67
CA ASN A 128 21.67 -5.31 -0.40
C ASN A 128 20.71 -4.13 -0.28
N GLN A 129 21.22 -2.98 0.10
CA GLN A 129 20.34 -1.79 0.23
C GLN A 129 19.73 -1.44 -1.12
N ASP A 130 20.48 -1.63 -2.18
CA ASP A 130 19.93 -1.30 -3.54
C ASP A 130 18.66 -2.12 -3.79
N GLU A 131 18.68 -3.38 -3.46
CA GLU A 131 17.47 -4.22 -3.67
C GLU A 131 16.35 -3.76 -2.76
N LEU A 132 16.66 -3.41 -1.54
CA LEU A 132 15.61 -2.95 -0.60
C LEU A 132 14.99 -1.64 -1.12
N LYS A 133 15.81 -0.74 -1.60
CA LYS A 133 15.28 0.55 -2.12
C LYS A 133 14.39 0.27 -3.34
N THR A 134 14.86 -0.58 -4.23
CA THR A 134 14.05 -0.89 -5.45
C THR A 134 12.68 -1.43 -5.03
N GLY A 135 12.65 -2.23 -4.00
CA GLY A 135 11.34 -2.79 -3.54
C GLY A 135 10.41 -1.65 -3.13
N LYS A 136 10.93 -0.64 -2.48
CA LYS A 136 10.07 0.49 -2.06
C LYS A 136 9.51 1.20 -3.30
N ALA A 137 10.28 1.31 -4.33
CA ALA A 137 9.79 1.97 -5.57
C ALA A 137 8.46 1.33 -5.99
N LYS A 138 8.29 0.07 -5.73
CA LYS A 138 7.02 -0.61 -6.11
C LYS A 138 5.92 -0.21 -5.13
N ALA A 139 6.26 -0.05 -3.88
CA ALA A 139 5.23 0.33 -2.87
C ALA A 139 4.81 1.80 -3.09
N ASP A 140 5.77 2.70 -3.09
CA ASP A 140 5.42 4.13 -3.30
C ASP A 140 4.80 4.31 -4.68
N ALA A 141 5.10 3.45 -5.60
CA ALA A 141 4.51 3.57 -6.97
C ALA A 141 3.00 3.51 -6.87
N LEU A 142 2.47 2.52 -6.21
CA LEU A 142 0.99 2.41 -6.07
C LEU A 142 0.46 3.68 -5.39
N PHE A 143 1.17 4.21 -4.44
CA PHE A 143 0.70 5.45 -3.76
C PHE A 143 0.46 6.54 -4.81
N LYS A 144 1.45 6.84 -5.60
CA LYS A 144 1.28 7.90 -6.64
C LYS A 144 0.02 7.61 -7.46
N ALA A 145 -0.29 6.36 -7.67
CA ALA A 145 -1.51 6.02 -8.45
C ALA A 145 -2.74 6.57 -7.74
N ILE A 146 -2.91 6.25 -6.49
CA ILE A 146 -4.09 6.78 -5.75
C ILE A 146 -3.97 8.29 -5.58
N GLU A 147 -2.87 8.74 -5.05
CA GLU A 147 -2.68 10.21 -4.86
C GLU A 147 -2.97 10.93 -6.17
N ALA A 148 -2.39 10.51 -7.25
CA ALA A 148 -2.64 11.17 -8.56
C ALA A 148 -4.15 11.12 -8.85
N TYR A 149 -4.80 10.06 -8.47
CA TYR A 149 -6.26 9.96 -8.72
C TYR A 149 -7.00 11.01 -7.89
N LEU A 150 -6.58 11.23 -6.68
CA LEU A 150 -7.25 12.24 -5.81
C LEU A 150 -7.14 13.61 -6.47
N LEU A 151 -5.99 13.95 -6.99
CA LEU A 151 -5.81 15.27 -7.64
C LEU A 151 -6.63 15.32 -8.93
N ALA A 152 -6.78 14.20 -9.59
CA ALA A 152 -7.57 14.18 -10.86
C ALA A 152 -9.05 14.34 -10.55
N HIS A 153 -9.44 14.08 -9.32
CA HIS A 153 -10.88 14.22 -8.96
C HIS A 153 -11.01 15.17 -7.77
N PRO A 154 -11.25 16.47 -8.06
CA PRO A 154 -11.40 17.50 -7.03
C PRO A 154 -12.70 17.33 -6.25
N ASP A 155 -13.66 16.63 -6.81
CA ASP A 155 -14.95 16.43 -6.09
C ASP A 155 -14.75 15.39 -5.00
N TYR A 156 -13.71 14.60 -5.08
CA TYR A 156 -13.47 13.57 -4.04
C TYR A 156 -12.87 14.21 -2.80
N ASN A 157 -13.54 14.13 -1.69
CA ASN A 157 -13.01 14.75 -0.44
C ASN A 157 -13.32 13.83 0.75
N GLY A 1 15.85 -13.37 8.61
CA GLY A 1 16.40 -11.99 8.74
C GLY A 1 15.27 -10.98 8.53
N VAL A 2 15.22 -9.95 9.34
CA VAL A 2 14.15 -8.93 9.18
C VAL A 2 14.78 -7.53 9.25
N PHE A 3 14.36 -6.64 8.40
CA PHE A 3 14.93 -5.27 8.42
C PHE A 3 13.80 -4.24 8.52
N THR A 4 14.03 -3.14 9.20
CA THR A 4 12.97 -2.11 9.34
C THR A 4 13.54 -0.74 8.97
N PHE A 5 12.86 -0.01 8.13
CA PHE A 5 13.37 1.33 7.71
C PHE A 5 12.26 2.37 7.89
N GLU A 6 12.61 3.62 7.96
CA GLU A 6 11.57 4.68 8.13
C GLU A 6 11.76 5.75 7.04
N ASP A 7 10.70 6.10 6.36
CA ASP A 7 10.81 7.13 5.29
C ASP A 7 9.78 8.23 5.55
N GLU A 8 9.93 9.36 4.91
CA GLU A 8 8.97 10.47 5.11
C GLU A 8 7.88 10.42 4.03
N ILE A 9 6.77 11.04 4.27
CA ILE A 9 5.67 11.02 3.24
C ILE A 9 5.22 12.45 2.95
N ASN A 10 4.90 12.74 1.72
CA ASN A 10 4.44 14.11 1.37
C ASN A 10 3.18 14.03 0.51
N SER A 11 2.18 14.79 0.84
CA SER A 11 0.92 14.75 0.04
C SER A 11 0.21 16.10 0.14
N PRO A 12 0.14 16.83 -0.99
CA PRO A 12 -0.51 18.15 -1.04
C PRO A 12 -2.03 18.03 -0.91
N VAL A 13 -2.53 16.83 -0.82
CA VAL A 13 -4.01 16.65 -0.69
C VAL A 13 -4.38 16.51 0.79
N ALA A 14 -5.59 16.85 1.14
CA ALA A 14 -6.00 16.74 2.57
C ALA A 14 -5.65 15.35 3.10
N PRO A 15 -5.03 15.28 4.27
CA PRO A 15 -4.63 14.00 4.90
C PRO A 15 -5.85 13.19 5.35
N ALA A 16 -6.92 13.83 5.68
CA ALA A 16 -8.14 13.08 6.12
C ALA A 16 -8.82 12.45 4.90
N THR A 17 -8.76 13.12 3.78
CA THR A 17 -9.40 12.56 2.56
C THR A 17 -8.53 11.46 1.97
N LEU A 18 -7.23 11.63 2.02
CA LEU A 18 -6.32 10.59 1.47
C LEU A 18 -6.37 9.34 2.33
N TYR A 19 -6.42 9.52 3.64
CA TYR A 19 -6.48 8.34 4.54
C TYR A 19 -7.80 7.59 4.34
N LYS A 20 -8.89 8.29 4.28
CA LYS A 20 -10.21 7.61 4.09
C LYS A 20 -10.24 6.93 2.72
N ALA A 21 -9.84 7.63 1.69
CA ALA A 21 -9.86 7.00 0.33
C ALA A 21 -8.76 5.94 0.25
N LEU A 22 -7.79 6.02 1.10
CA LEU A 22 -6.69 5.02 1.07
C LEU A 22 -7.15 3.73 1.77
N VAL A 23 -7.76 3.85 2.92
CA VAL A 23 -8.21 2.63 3.66
C VAL A 23 -9.70 2.39 3.39
N THR A 24 -10.53 3.37 3.63
CA THR A 24 -11.99 3.17 3.40
C THR A 24 -12.28 2.92 1.92
N ASP A 25 -11.75 3.74 1.05
CA ASP A 25 -12.00 3.52 -0.40
C ASP A 25 -10.85 2.73 -1.03
N ALA A 26 -10.02 2.14 -0.22
CA ALA A 26 -8.90 1.35 -0.78
C ALA A 26 -9.44 0.32 -1.79
N ASP A 27 -10.40 -0.46 -1.38
CA ASP A 27 -10.98 -1.48 -2.30
C ASP A 27 -11.74 -0.79 -3.43
N ASN A 28 -12.18 0.42 -3.22
CA ASN A 28 -12.92 1.13 -4.29
C ASN A 28 -11.94 1.92 -5.16
N VAL A 29 -10.83 2.32 -4.58
CA VAL A 29 -9.82 3.10 -5.37
C VAL A 29 -8.94 2.13 -6.16
N ILE A 30 -8.65 0.99 -5.60
CA ILE A 30 -7.79 0.00 -6.30
C ILE A 30 -8.38 -0.35 -7.67
N PRO A 31 -9.70 -0.63 -7.73
CA PRO A 31 -10.36 -1.00 -8.99
C PRO A 31 -10.39 0.16 -9.99
N LYS A 32 -10.28 1.37 -9.53
CA LYS A 32 -10.30 2.53 -10.48
C LYS A 32 -8.90 3.13 -10.58
N ALA A 33 -8.09 2.96 -9.56
CA ALA A 33 -6.71 3.52 -9.62
C ALA A 33 -5.94 2.83 -10.75
N LEU A 34 -6.29 1.61 -11.05
CA LEU A 34 -5.58 0.89 -12.13
C LEU A 34 -6.45 0.92 -13.40
N ASP A 35 -5.96 1.53 -14.45
CA ASP A 35 -6.76 1.62 -15.70
C ASP A 35 -7.11 0.22 -16.22
N SER A 36 -6.18 -0.69 -16.21
CA SER A 36 -6.48 -2.06 -16.72
C SER A 36 -6.91 -2.97 -15.56
N PHE A 37 -7.49 -2.41 -14.54
CA PHE A 37 -7.94 -3.24 -13.38
C PHE A 37 -8.93 -4.29 -13.87
N LYS A 38 -8.75 -5.52 -13.49
CA LYS A 38 -9.68 -6.59 -13.94
C LYS A 38 -10.79 -6.78 -12.90
N SER A 39 -10.44 -6.97 -11.66
CA SER A 39 -11.49 -7.17 -10.61
C SER A 39 -10.82 -7.36 -9.25
N VAL A 40 -11.61 -7.43 -8.21
CA VAL A 40 -11.04 -7.61 -6.84
C VAL A 40 -11.87 -8.65 -6.09
N GLU A 41 -11.24 -9.65 -5.54
CA GLU A 41 -11.99 -10.69 -4.80
C GLU A 41 -11.36 -10.91 -3.42
N ASN A 42 -12.17 -11.17 -2.42
CA ASN A 42 -11.61 -11.40 -1.06
C ASN A 42 -11.11 -12.84 -0.94
N VAL A 43 -9.88 -13.02 -0.56
CA VAL A 43 -9.33 -14.40 -0.43
C VAL A 43 -9.73 -14.99 0.93
N GLU A 44 -9.62 -14.22 1.97
CA GLU A 44 -9.99 -14.74 3.32
C GLU A 44 -10.28 -13.57 4.26
N GLY A 45 -11.21 -13.73 5.16
CA GLY A 45 -11.53 -12.63 6.10
C GLY A 45 -12.79 -11.90 5.63
N ASN A 46 -13.36 -11.05 6.45
CA ASN A 46 -14.58 -10.31 6.03
C ASN A 46 -14.19 -8.93 5.53
N GLY A 47 -12.92 -8.66 5.42
CA GLY A 47 -12.48 -7.32 4.93
C GLY A 47 -11.82 -6.56 6.07
N GLY A 48 -11.90 -7.06 7.28
CA GLY A 48 -11.27 -6.37 8.43
C GLY A 48 -9.77 -6.64 8.45
N PRO A 49 -9.14 -6.51 9.62
CA PRO A 49 -7.70 -6.75 9.79
C PRO A 49 -7.35 -8.23 9.65
N GLY A 50 -6.31 -8.53 8.92
CA GLY A 50 -5.91 -9.96 8.75
C GLY A 50 -6.66 -10.56 7.56
N THR A 51 -7.47 -9.77 6.90
CA THR A 51 -8.23 -10.29 5.74
C THR A 51 -7.32 -10.34 4.50
N ILE A 52 -7.23 -11.46 3.85
CA ILE A 52 -6.36 -11.56 2.65
C ILE A 52 -7.19 -11.26 1.39
N LYS A 53 -6.67 -10.46 0.51
CA LYS A 53 -7.42 -10.13 -0.74
C LYS A 53 -6.56 -10.43 -1.96
N LYS A 54 -7.17 -10.77 -3.06
CA LYS A 54 -6.39 -11.07 -4.29
C LYS A 54 -6.71 -10.03 -5.36
N ILE A 55 -5.71 -9.40 -5.91
CA ILE A 55 -5.97 -8.37 -6.96
C ILE A 55 -5.43 -8.88 -8.30
N THR A 56 -6.14 -8.63 -9.37
CA THR A 56 -5.68 -9.10 -10.70
C THR A 56 -5.61 -7.92 -11.67
N PHE A 57 -4.46 -7.69 -12.25
CA PHE A 57 -4.32 -6.55 -13.20
C PHE A 57 -3.70 -7.07 -14.50
N LEU A 58 -3.74 -6.27 -15.54
CA LEU A 58 -3.15 -6.71 -16.84
C LEU A 58 -1.76 -6.09 -17.00
N GLU A 59 -0.89 -6.75 -17.71
CA GLU A 59 0.48 -6.21 -17.91
C GLU A 59 1.07 -6.75 -19.21
N ASP A 60 1.38 -5.88 -20.15
CA ASP A 60 1.96 -6.36 -21.44
C ASP A 60 1.06 -7.45 -22.02
N GLY A 61 -0.21 -7.39 -21.78
CA GLY A 61 -1.13 -8.43 -22.31
C GLY A 61 -1.11 -9.65 -21.40
N GLU A 62 -0.24 -9.66 -20.43
CA GLU A 62 -0.16 -10.82 -19.50
C GLU A 62 -1.07 -10.57 -18.29
N THR A 63 -1.69 -11.60 -17.79
CA THR A 63 -2.59 -11.42 -16.62
C THR A 63 -1.83 -11.73 -15.33
N LYS A 64 -1.72 -10.77 -14.44
CA LYS A 64 -0.98 -11.02 -13.17
C LYS A 64 -1.89 -10.68 -11.99
N PHE A 65 -1.48 -11.02 -10.79
CA PHE A 65 -2.33 -10.70 -9.61
C PHE A 65 -1.43 -10.44 -8.39
N VAL A 66 -1.96 -9.79 -7.39
CA VAL A 66 -1.14 -9.51 -6.17
C VAL A 66 -1.97 -9.76 -4.92
N LEU A 67 -1.36 -10.20 -3.87
CA LEU A 67 -2.12 -10.47 -2.61
C LEU A 67 -1.64 -9.52 -1.51
N HIS A 68 -2.56 -8.92 -0.80
CA HIS A 68 -2.16 -7.97 0.29
C HIS A 68 -2.86 -8.35 1.59
N LYS A 69 -2.18 -8.23 2.69
CA LYS A 69 -2.81 -8.58 4.00
C LYS A 69 -2.80 -7.36 4.91
N ILE A 70 -3.79 -7.22 5.75
CA ILE A 70 -3.84 -6.05 6.67
C ILE A 70 -3.55 -6.50 8.09
N GLU A 71 -2.67 -5.81 8.78
CA GLU A 71 -2.35 -6.20 10.18
C GLU A 71 -3.32 -5.53 11.14
N SER A 72 -3.68 -4.31 10.87
CA SER A 72 -4.63 -3.58 11.77
C SER A 72 -4.93 -2.20 11.19
N ILE A 73 -6.10 -1.69 11.45
CA ILE A 73 -6.46 -0.35 10.91
C ILE A 73 -6.67 0.63 12.07
N ASP A 74 -6.16 1.82 11.95
CA ASP A 74 -6.34 2.82 13.06
C ASP A 74 -6.82 4.14 12.48
N GLU A 75 -8.08 4.24 12.19
CA GLU A 75 -8.62 5.51 11.62
C GLU A 75 -8.41 6.65 12.62
N ALA A 76 -8.58 6.37 13.89
CA ALA A 76 -8.39 7.44 14.92
C ALA A 76 -7.02 8.09 14.72
N ASN A 77 -5.98 7.31 14.62
CA ASN A 77 -4.62 7.90 14.44
C ASN A 77 -4.33 8.03 12.94
N LEU A 78 -5.33 7.88 12.12
CA LEU A 78 -5.10 8.00 10.64
C LEU A 78 -3.88 7.16 10.25
N GLY A 79 -3.82 5.94 10.70
CA GLY A 79 -2.66 5.07 10.35
C GLY A 79 -3.14 3.63 10.21
N TYR A 80 -2.45 2.84 9.41
CA TYR A 80 -2.87 1.42 9.24
C TYR A 80 -1.64 0.58 8.92
N SER A 81 -1.76 -0.72 8.93
CA SER A 81 -0.59 -1.59 8.62
C SER A 81 -1.03 -2.75 7.72
N TYR A 82 -0.20 -3.12 6.78
CA TYR A 82 -0.57 -4.24 5.87
C TYR A 82 0.70 -4.90 5.33
N SER A 83 0.60 -6.10 4.84
CA SER A 83 1.81 -6.79 4.30
C SER A 83 1.40 -7.67 3.11
N VAL A 84 2.32 -7.96 2.24
CA VAL A 84 1.99 -8.82 1.06
C VAL A 84 2.21 -10.28 1.42
N VAL A 85 1.26 -11.13 1.10
CA VAL A 85 1.41 -12.57 1.44
C VAL A 85 1.50 -13.39 0.15
N GLY A 86 1.39 -12.76 -0.99
CA GLY A 86 1.47 -13.52 -2.27
C GLY A 86 1.37 -12.54 -3.45
N GLY A 87 1.66 -13.01 -4.63
CA GLY A 87 1.59 -12.11 -5.82
C GLY A 87 3.00 -11.87 -6.36
N ALA A 88 3.11 -11.34 -7.55
CA ALA A 88 4.45 -11.07 -8.12
C ALA A 88 5.24 -10.15 -7.19
N ALA A 89 4.57 -9.50 -6.27
CA ALA A 89 5.28 -8.59 -5.33
C ALA A 89 5.90 -9.41 -4.20
N LEU A 90 5.56 -10.66 -4.11
CA LEU A 90 6.13 -11.52 -3.02
C LEU A 90 7.44 -12.14 -3.51
N PRO A 91 8.58 -11.66 -2.98
CA PRO A 91 9.90 -12.16 -3.35
C PRO A 91 10.14 -13.59 -2.84
N ASP A 92 10.90 -14.36 -3.55
CA ASP A 92 11.17 -15.76 -3.11
C ASP A 92 12.25 -15.76 -2.02
N THR A 93 13.18 -14.85 -2.10
CA THR A 93 14.25 -14.79 -1.07
C THR A 93 13.73 -14.06 0.18
N ALA A 94 12.51 -13.62 0.15
CA ALA A 94 11.96 -12.90 1.34
C ALA A 94 10.60 -13.51 1.71
N GLU A 95 10.35 -13.66 2.99
CA GLU A 95 9.05 -14.24 3.42
C GLU A 95 7.91 -13.27 3.07
N LYS A 96 8.00 -12.05 3.52
CA LYS A 96 6.93 -11.06 3.20
C LYS A 96 7.36 -9.67 3.66
N ILE A 97 6.70 -8.65 3.18
CA ILE A 97 7.08 -7.26 3.58
C ILE A 97 5.90 -6.60 4.28
N THR A 98 6.15 -5.93 5.37
CA THR A 98 5.04 -5.25 6.10
C THR A 98 5.19 -3.73 5.93
N PHE A 99 4.19 -3.08 5.41
CA PHE A 99 4.28 -1.60 5.24
C PHE A 99 3.45 -0.89 6.30
N ASP A 100 4.06 0.00 7.05
CA ASP A 100 3.31 0.74 8.10
C ASP A 100 3.36 2.24 7.80
N SER A 101 2.30 2.78 7.28
CA SER A 101 2.30 4.24 6.95
C SER A 101 1.27 4.96 7.81
N LYS A 102 1.60 6.15 8.26
CA LYS A 102 0.64 6.92 9.10
C LYS A 102 0.39 8.27 8.44
N LEU A 103 -0.75 8.86 8.69
CA LEU A 103 -1.05 10.18 8.06
C LEU A 103 -1.51 11.17 9.14
N VAL A 104 -0.88 12.31 9.21
CA VAL A 104 -1.29 13.32 10.23
C VAL A 104 -1.29 14.71 9.58
N ALA A 105 -2.23 15.54 9.95
CA ALA A 105 -2.29 16.90 9.35
C ALA A 105 -1.11 17.73 9.85
N GLY A 106 -0.63 18.63 9.05
CA GLY A 106 0.52 19.49 9.47
C GLY A 106 0.27 20.93 9.06
N PRO A 107 1.07 21.87 9.57
CA PRO A 107 0.94 23.30 9.26
C PRO A 107 1.34 23.60 7.81
N ASN A 108 1.84 22.62 7.11
CA ASN A 108 2.23 22.85 5.70
C ASN A 108 1.00 23.22 4.87
N GLY A 109 -0.15 22.76 5.27
CA GLY A 109 -1.39 23.08 4.51
C GLY A 109 -1.75 21.90 3.61
N GLY A 110 -1.21 20.74 3.88
CA GLY A 110 -1.51 19.55 3.04
C GLY A 110 -1.57 18.31 3.91
N SER A 111 -1.03 17.21 3.45
CA SER A 111 -1.05 15.96 4.26
C SER A 111 0.38 15.54 4.61
N ALA A 112 0.58 14.97 5.76
CA ALA A 112 1.95 14.53 6.14
C ALA A 112 1.86 13.22 6.92
N GLY A 113 2.96 12.54 7.11
CA GLY A 113 2.94 11.26 7.86
C GLY A 113 4.28 10.54 7.70
N LYS A 114 4.51 9.51 8.47
CA LYS A 114 5.80 8.77 8.36
C LYS A 114 5.55 7.41 7.73
N LEU A 115 6.47 6.93 6.94
CA LEU A 115 6.29 5.60 6.28
C LEU A 115 7.34 4.62 6.81
N THR A 116 6.93 3.42 7.12
CA THR A 116 7.90 2.41 7.64
C THR A 116 7.80 1.14 6.80
N VAL A 117 8.90 0.68 6.27
CA VAL A 117 8.86 -0.56 5.43
C VAL A 117 9.57 -1.70 6.17
N LYS A 118 8.95 -2.84 6.26
CA LYS A 118 9.59 -3.99 6.96
C LYS A 118 9.90 -5.09 5.93
N TYR A 119 11.14 -5.47 5.82
CA TYR A 119 11.51 -6.52 4.83
C TYR A 119 11.95 -7.78 5.57
N GLU A 120 11.25 -8.87 5.39
CA GLU A 120 11.64 -10.13 6.08
C GLU A 120 12.37 -11.04 5.10
N THR A 121 13.33 -11.78 5.57
CA THR A 121 14.09 -12.68 4.66
C THR A 121 14.02 -14.12 5.18
N LYS A 122 14.48 -15.07 4.41
CA LYS A 122 14.44 -16.49 4.87
C LYS A 122 15.60 -16.75 5.83
N GLY A 123 16.38 -15.75 6.12
CA GLY A 123 17.53 -15.94 7.04
C GLY A 123 18.84 -15.68 6.30
N ASP A 124 19.39 -16.69 5.69
CA ASP A 124 20.67 -16.50 4.94
C ASP A 124 20.49 -15.41 3.88
N ALA A 125 19.34 -15.37 3.25
CA ALA A 125 19.10 -14.34 2.21
C ALA A 125 19.14 -12.95 2.84
N GLU A 126 19.77 -12.01 2.19
CA GLU A 126 19.83 -10.63 2.76
C GLU A 126 19.86 -9.61 1.62
N PRO A 127 18.76 -8.84 1.47
CA PRO A 127 18.64 -7.82 0.42
C PRO A 127 19.57 -6.63 0.67
N ASN A 128 20.08 -6.02 -0.36
CA ASN A 128 20.98 -4.85 -0.17
C ASN A 128 20.14 -3.59 0.01
N GLN A 129 20.73 -2.53 0.50
CA GLN A 129 19.97 -1.27 0.69
C GLN A 129 19.38 -0.81 -0.64
N ASP A 130 20.14 -0.95 -1.70
CA ASP A 130 19.62 -0.52 -3.04
C ASP A 130 18.36 -1.32 -3.37
N GLU A 131 18.38 -2.60 -3.15
CA GLU A 131 17.17 -3.43 -3.45
C GLU A 131 15.99 -2.93 -2.63
N LEU A 132 16.21 -2.62 -1.38
CA LEU A 132 15.09 -2.13 -0.53
C LEU A 132 14.50 -0.86 -1.15
N LYS A 133 15.32 -0.05 -1.76
CA LYS A 133 14.80 1.20 -2.39
C LYS A 133 13.88 0.84 -3.55
N THR A 134 14.27 -0.11 -4.36
CA THR A 134 13.42 -0.50 -5.51
C THR A 134 12.05 -0.95 -5.00
N GLY A 135 12.01 -1.66 -3.90
CA GLY A 135 10.72 -2.12 -3.34
C GLY A 135 9.84 -0.91 -3.02
N LYS A 136 10.41 0.11 -2.45
CA LYS A 136 9.61 1.32 -2.11
C LYS A 136 9.07 1.95 -3.39
N ALA A 137 9.86 1.97 -4.42
CA ALA A 137 9.38 2.57 -5.70
C ALA A 137 8.04 1.96 -6.09
N LYS A 138 7.85 0.70 -5.77
CA LYS A 138 6.55 0.04 -6.12
C LYS A 138 5.42 0.70 -5.35
N ALA A 139 5.63 0.99 -4.09
CA ALA A 139 4.55 1.63 -3.28
C ALA A 139 4.27 3.03 -3.84
N ASP A 140 5.29 3.82 -4.04
CA ASP A 140 5.09 5.19 -4.59
C ASP A 140 4.24 5.09 -5.86
N ALA A 141 4.39 4.05 -6.62
CA ALA A 141 3.60 3.91 -7.86
C ALA A 141 2.12 3.79 -7.51
N LEU A 142 1.80 3.06 -6.48
CA LEU A 142 0.37 2.92 -6.09
C LEU A 142 -0.07 4.15 -5.31
N PHE A 143 0.80 4.71 -4.52
CA PHE A 143 0.44 5.93 -3.73
C PHE A 143 0.01 7.03 -4.69
N LYS A 144 0.82 7.33 -5.68
CA LYS A 144 0.45 8.39 -6.65
C LYS A 144 -0.95 8.11 -7.18
N ALA A 145 -1.27 6.88 -7.45
CA ALA A 145 -2.62 6.54 -7.97
C ALA A 145 -3.68 7.05 -6.99
N ILE A 146 -3.45 6.87 -5.71
CA ILE A 146 -4.44 7.35 -4.70
C ILE A 146 -4.58 8.86 -4.82
N GLU A 147 -3.49 9.57 -4.93
CA GLU A 147 -3.57 11.05 -5.05
C GLU A 147 -4.12 11.41 -6.44
N ALA A 148 -3.75 10.69 -7.45
CA ALA A 148 -4.25 10.99 -8.82
C ALA A 148 -5.78 10.83 -8.84
N TYR A 149 -6.29 9.89 -8.11
CA TYR A 149 -7.76 9.68 -8.08
C TYR A 149 -8.42 10.83 -7.30
N LEU A 150 -7.96 11.10 -6.11
CA LEU A 150 -8.55 12.20 -5.31
C LEU A 150 -8.37 13.52 -6.06
N LEU A 151 -7.26 13.69 -6.72
CA LEU A 151 -7.03 14.96 -7.48
C LEU A 151 -8.14 15.15 -8.51
N ALA A 152 -8.67 14.08 -9.02
CA ALA A 152 -9.77 14.21 -10.04
C ALA A 152 -11.13 14.09 -9.33
N HIS A 153 -11.12 13.88 -8.05
CA HIS A 153 -12.41 13.76 -7.30
C HIS A 153 -12.39 14.72 -6.11
N PRO A 154 -12.56 16.02 -6.36
CA PRO A 154 -12.57 17.04 -5.32
C PRO A 154 -13.82 16.94 -4.43
N ASP A 155 -14.80 16.21 -4.87
CA ASP A 155 -16.05 16.06 -4.06
C ASP A 155 -15.79 15.11 -2.90
N TYR A 156 -14.85 14.21 -3.05
CA TYR A 156 -14.56 13.25 -1.95
C TYR A 156 -13.68 13.93 -0.90
N ASN A 157 -14.11 13.91 0.33
CA ASN A 157 -13.28 14.55 1.40
C ASN A 157 -12.92 13.51 2.46
N GLY A 1 16.72 -12.30 9.81
CA GLY A 1 16.70 -11.88 8.38
C GLY A 1 15.60 -10.84 8.16
N VAL A 2 15.30 -10.07 9.17
CA VAL A 2 14.23 -9.04 9.02
C VAL A 2 14.85 -7.64 9.16
N PHE A 3 14.45 -6.72 8.32
CA PHE A 3 15.01 -5.34 8.40
C PHE A 3 13.87 -4.33 8.54
N THR A 4 14.11 -3.26 9.25
CA THR A 4 13.03 -2.24 9.42
C THR A 4 13.57 -0.86 9.04
N PHE A 5 12.96 -0.23 8.08
CA PHE A 5 13.44 1.11 7.65
C PHE A 5 12.29 2.12 7.76
N GLU A 6 12.55 3.27 8.33
CA GLU A 6 11.47 4.29 8.48
C GLU A 6 11.65 5.37 7.41
N ASP A 7 10.60 5.72 6.73
CA ASP A 7 10.70 6.77 5.67
C ASP A 7 9.64 7.85 5.92
N GLU A 8 9.83 9.01 5.35
CA GLU A 8 8.83 10.10 5.54
C GLU A 8 7.80 10.06 4.42
N ILE A 9 6.66 10.66 4.63
CA ILE A 9 5.60 10.65 3.57
C ILE A 9 5.32 12.09 3.13
N ASN A 10 5.06 12.28 1.87
CA ASN A 10 4.78 13.67 1.37
C ASN A 10 3.61 13.62 0.38
N SER A 11 2.50 14.19 0.75
CA SER A 11 1.32 14.19 -0.16
C SER A 11 0.48 15.45 0.07
N PRO A 12 0.21 16.20 -1.01
CA PRO A 12 -0.58 17.44 -0.93
C PRO A 12 -2.05 17.16 -0.64
N VAL A 13 -2.58 16.09 -1.18
CA VAL A 13 -4.02 15.77 -0.93
C VAL A 13 -4.28 15.71 0.59
N ALA A 14 -5.47 16.03 1.00
CA ALA A 14 -5.79 15.99 2.45
C ALA A 14 -5.63 14.56 2.97
N PRO A 15 -4.97 14.40 4.12
CA PRO A 15 -4.75 13.08 4.74
C PRO A 15 -6.05 12.47 5.26
N ALA A 16 -7.03 13.29 5.56
CA ALA A 16 -8.32 12.76 6.07
C ALA A 16 -9.11 12.12 4.91
N THR A 17 -9.16 12.76 3.79
CA THR A 17 -9.92 12.20 2.64
C THR A 17 -9.09 11.07 1.99
N LEU A 18 -7.81 11.28 1.83
CA LEU A 18 -6.97 10.22 1.21
C LEU A 18 -6.93 8.99 2.13
N TYR A 19 -6.89 9.20 3.42
CA TYR A 19 -6.86 8.04 4.35
C TYR A 19 -8.17 7.28 4.28
N LYS A 20 -9.28 7.97 4.26
CA LYS A 20 -10.60 7.28 4.18
C LYS A 20 -10.71 6.53 2.86
N ALA A 21 -10.38 7.17 1.77
CA ALA A 21 -10.47 6.49 0.44
C ALA A 21 -9.33 5.48 0.30
N LEU A 22 -8.31 5.60 1.12
CA LEU A 22 -7.17 4.66 1.04
C LEU A 22 -7.55 3.31 1.67
N VAL A 23 -8.07 3.34 2.87
CA VAL A 23 -8.44 2.06 3.54
C VAL A 23 -9.93 1.79 3.34
N THR A 24 -10.77 2.77 3.59
CA THR A 24 -12.23 2.56 3.42
C THR A 24 -12.54 2.22 1.96
N ASP A 25 -12.03 2.98 1.03
CA ASP A 25 -12.30 2.69 -0.40
C ASP A 25 -11.09 1.98 -1.02
N ALA A 26 -10.20 1.48 -0.21
CA ALA A 26 -9.02 0.78 -0.77
C ALA A 26 -9.45 -0.19 -1.87
N ASP A 27 -10.40 -1.04 -1.58
CA ASP A 27 -10.87 -2.01 -2.62
C ASP A 27 -11.59 -1.26 -3.74
N ASN A 28 -12.08 -0.09 -3.44
CA ASN A 28 -12.79 0.70 -4.50
C ASN A 28 -11.77 1.56 -5.25
N VAL A 29 -10.70 1.93 -4.61
CA VAL A 29 -9.67 2.77 -5.30
C VAL A 29 -8.75 1.86 -6.13
N ILE A 30 -8.44 0.70 -5.63
CA ILE A 30 -7.56 -0.24 -6.38
C ILE A 30 -8.05 -0.38 -7.82
N PRO A 31 -9.35 -0.64 -8.00
CA PRO A 31 -9.95 -0.81 -9.34
C PRO A 31 -9.97 0.51 -10.12
N LYS A 32 -10.13 1.62 -9.45
CA LYS A 32 -10.15 2.92 -10.16
C LYS A 32 -8.70 3.38 -10.40
N ALA A 33 -7.91 3.43 -9.36
CA ALA A 33 -6.50 3.86 -9.54
C ALA A 33 -5.85 3.02 -10.64
N LEU A 34 -6.18 1.76 -10.69
CA LEU A 34 -5.59 0.88 -11.75
C LEU A 34 -6.42 1.01 -13.03
N ASP A 35 -5.90 1.71 -14.01
CA ASP A 35 -6.67 1.89 -15.27
C ASP A 35 -7.00 0.53 -15.88
N SER A 36 -6.09 -0.42 -15.82
CA SER A 36 -6.37 -1.75 -16.41
C SER A 36 -6.88 -2.71 -15.33
N PHE A 37 -7.51 -2.18 -14.31
CA PHE A 37 -8.04 -3.06 -13.22
C PHE A 37 -8.96 -4.12 -13.83
N LYS A 38 -8.70 -5.38 -13.56
CA LYS A 38 -9.58 -6.45 -14.13
C LYS A 38 -10.68 -6.79 -13.11
N SER A 39 -10.29 -7.09 -11.90
CA SER A 39 -11.32 -7.43 -10.87
C SER A 39 -10.65 -7.51 -9.49
N VAL A 40 -11.44 -7.46 -8.45
CA VAL A 40 -10.87 -7.53 -7.07
C VAL A 40 -11.80 -8.33 -6.17
N GLU A 41 -11.26 -9.12 -5.28
CA GLU A 41 -12.12 -9.93 -4.37
C GLU A 41 -11.40 -10.16 -3.05
N ASN A 42 -12.11 -10.53 -2.02
CA ASN A 42 -11.46 -10.78 -0.70
C ASN A 42 -11.01 -12.24 -0.62
N VAL A 43 -9.81 -12.48 -0.16
CA VAL A 43 -9.32 -13.88 -0.06
C VAL A 43 -9.84 -14.52 1.24
N GLU A 44 -9.82 -13.80 2.32
CA GLU A 44 -10.30 -14.35 3.61
C GLU A 44 -10.64 -13.21 4.57
N GLY A 45 -11.63 -13.40 5.41
CA GLY A 45 -12.00 -12.33 6.37
C GLY A 45 -13.11 -11.46 5.75
N ASN A 46 -13.21 -10.23 6.18
CA ASN A 46 -14.25 -9.33 5.63
C ASN A 46 -13.68 -7.93 5.43
N GLY A 47 -12.38 -7.79 5.51
CA GLY A 47 -11.76 -6.45 5.32
C GLY A 47 -11.21 -5.96 6.66
N GLY A 48 -11.39 -6.72 7.71
CA GLY A 48 -10.89 -6.29 9.05
C GLY A 48 -9.38 -6.60 9.14
N PRO A 49 -8.85 -6.61 10.36
CA PRO A 49 -7.42 -6.89 10.60
C PRO A 49 -7.07 -8.36 10.34
N GLY A 50 -5.98 -8.60 9.65
CA GLY A 50 -5.59 -10.00 9.35
C GLY A 50 -6.35 -10.50 8.13
N THR A 51 -7.19 -9.68 7.55
CA THR A 51 -7.96 -10.12 6.35
C THR A 51 -7.01 -10.26 5.16
N ILE A 52 -7.33 -11.13 4.23
CA ILE A 52 -6.46 -11.31 3.05
C ILE A 52 -7.23 -10.89 1.79
N LYS A 53 -6.68 -9.99 1.02
CA LYS A 53 -7.38 -9.53 -0.21
C LYS A 53 -6.54 -9.87 -1.44
N LYS A 54 -7.17 -10.25 -2.52
CA LYS A 54 -6.42 -10.58 -3.76
C LYS A 54 -6.92 -9.71 -4.91
N ILE A 55 -6.01 -9.18 -5.70
CA ILE A 55 -6.44 -8.31 -6.82
C ILE A 55 -5.78 -8.79 -8.12
N THR A 56 -6.46 -8.67 -9.23
CA THR A 56 -5.87 -9.10 -10.52
C THR A 56 -5.79 -7.90 -11.48
N PHE A 57 -4.62 -7.58 -11.94
CA PHE A 57 -4.48 -6.43 -12.88
C PHE A 57 -3.86 -6.89 -14.19
N LEU A 58 -3.98 -6.12 -15.22
CA LEU A 58 -3.38 -6.52 -16.53
C LEU A 58 -2.07 -5.76 -16.74
N GLU A 59 -1.14 -6.34 -17.44
CA GLU A 59 0.16 -5.65 -17.68
C GLU A 59 0.92 -6.36 -18.82
N ASP A 60 1.40 -5.60 -19.76
CA ASP A 60 2.15 -6.22 -20.89
C ASP A 60 1.29 -7.31 -21.53
N GLY A 61 -0.01 -7.18 -21.48
CA GLY A 61 -0.90 -8.22 -22.08
C GLY A 61 -0.91 -9.46 -21.18
N GLU A 62 -0.24 -9.41 -20.07
CA GLU A 62 -0.22 -10.59 -19.16
C GLU A 62 -1.07 -10.30 -17.92
N THR A 63 -1.98 -11.17 -17.59
CA THR A 63 -2.84 -10.94 -16.40
C THR A 63 -2.07 -11.31 -15.13
N LYS A 64 -1.96 -10.41 -14.20
CA LYS A 64 -1.22 -10.72 -12.94
C LYS A 64 -2.12 -10.45 -11.74
N PHE A 65 -1.70 -10.87 -10.57
CA PHE A 65 -2.55 -10.64 -9.36
C PHE A 65 -1.64 -10.30 -8.18
N VAL A 66 -2.16 -9.60 -7.20
CA VAL A 66 -1.33 -9.24 -6.02
C VAL A 66 -2.09 -9.60 -4.74
N LEU A 67 -1.41 -10.13 -3.76
CA LEU A 67 -2.09 -10.48 -2.49
C LEU A 67 -1.65 -9.51 -1.39
N HIS A 68 -2.58 -8.90 -0.72
CA HIS A 68 -2.20 -7.93 0.35
C HIS A 68 -2.90 -8.33 1.66
N LYS A 69 -2.22 -8.22 2.77
CA LYS A 69 -2.85 -8.58 4.07
C LYS A 69 -2.83 -7.36 4.99
N ILE A 70 -3.79 -7.24 5.86
CA ILE A 70 -3.82 -6.08 6.78
C ILE A 70 -3.50 -6.55 8.20
N GLU A 71 -2.61 -5.87 8.87
CA GLU A 71 -2.24 -6.28 10.26
C GLU A 71 -3.19 -5.59 11.25
N SER A 72 -3.57 -4.37 10.98
CA SER A 72 -4.50 -3.66 11.90
C SER A 72 -4.89 -2.31 11.30
N ILE A 73 -6.05 -1.82 11.60
CA ILE A 73 -6.48 -0.51 11.03
C ILE A 73 -6.73 0.48 12.18
N ASP A 74 -6.27 1.69 12.04
CA ASP A 74 -6.48 2.69 13.12
C ASP A 74 -6.98 4.00 12.50
N GLU A 75 -8.25 4.05 12.18
CA GLU A 75 -8.81 5.30 11.58
C GLU A 75 -8.56 6.48 12.52
N ALA A 76 -8.69 6.28 13.80
CA ALA A 76 -8.46 7.39 14.76
C ALA A 76 -7.11 8.05 14.46
N ASN A 77 -6.09 7.27 14.28
CA ASN A 77 -4.75 7.85 13.98
C ASN A 77 -4.55 7.91 12.46
N LEU A 78 -5.60 7.73 11.71
CA LEU A 78 -5.47 7.78 10.23
C LEU A 78 -4.28 6.92 9.79
N GLY A 79 -4.04 5.84 10.47
CA GLY A 79 -2.88 4.96 10.09
C GLY A 79 -3.36 3.51 10.02
N TYR A 80 -2.70 2.70 9.24
CA TYR A 80 -3.10 1.27 9.13
C TYR A 80 -1.85 0.42 8.81
N SER A 81 -1.98 -0.87 8.88
CA SER A 81 -0.80 -1.74 8.58
C SER A 81 -1.20 -2.81 7.57
N TYR A 82 -0.33 -3.11 6.64
CA TYR A 82 -0.66 -4.14 5.62
C TYR A 82 0.64 -4.76 5.09
N SER A 83 0.57 -5.94 4.54
CA SER A 83 1.81 -6.60 4.01
C SER A 83 1.45 -7.46 2.80
N VAL A 84 2.40 -7.74 1.96
CA VAL A 84 2.12 -8.59 0.77
C VAL A 84 2.51 -10.04 1.07
N VAL A 85 1.61 -10.96 0.89
CA VAL A 85 1.94 -12.39 1.17
C VAL A 85 1.71 -13.23 -0.08
N GLY A 86 1.33 -12.61 -1.16
CA GLY A 86 1.10 -13.37 -2.42
C GLY A 86 1.05 -12.40 -3.62
N GLY A 87 1.36 -12.88 -4.79
CA GLY A 87 1.32 -11.99 -5.98
C GLY A 87 2.74 -11.81 -6.52
N ALA A 88 2.87 -11.44 -7.77
CA ALA A 88 4.23 -11.24 -8.36
C ALA A 88 4.95 -10.12 -7.61
N ALA A 89 4.24 -9.36 -6.81
CA ALA A 89 4.88 -8.26 -6.06
C ALA A 89 5.55 -8.82 -4.80
N LEU A 90 5.62 -10.12 -4.68
CA LEU A 90 6.26 -10.71 -3.48
C LEU A 90 7.63 -11.28 -3.86
N PRO A 91 8.69 -10.82 -3.20
CA PRO A 91 10.06 -11.28 -3.47
C PRO A 91 10.29 -12.72 -2.99
N ASP A 92 11.08 -13.46 -3.70
CA ASP A 92 11.33 -14.88 -3.28
C ASP A 92 12.37 -14.89 -2.16
N THR A 93 13.29 -13.97 -2.17
CA THR A 93 14.33 -13.93 -1.10
C THR A 93 13.74 -13.27 0.16
N ALA A 94 12.52 -12.82 0.10
CA ALA A 94 11.91 -12.19 1.30
C ALA A 94 10.60 -12.89 1.63
N GLU A 95 10.51 -13.48 2.80
CA GLU A 95 9.26 -14.18 3.19
C GLU A 95 8.07 -13.26 2.96
N LYS A 96 8.18 -12.01 3.33
CA LYS A 96 7.05 -11.07 3.13
C LYS A 96 7.48 -9.66 3.57
N ILE A 97 6.77 -8.66 3.13
CA ILE A 97 7.13 -7.26 3.53
C ILE A 97 5.93 -6.61 4.21
N THR A 98 6.15 -5.94 5.32
CA THR A 98 5.03 -5.28 6.03
C THR A 98 5.15 -3.76 5.86
N PHE A 99 4.10 -3.12 5.46
CA PHE A 99 4.16 -1.64 5.27
C PHE A 99 3.26 -0.94 6.29
N ASP A 100 3.81 -0.05 7.06
CA ASP A 100 2.98 0.67 8.07
C ASP A 100 3.09 2.18 7.84
N SER A 101 2.11 2.77 7.22
CA SER A 101 2.17 4.22 6.94
C SER A 101 1.10 4.96 7.76
N LYS A 102 1.40 6.16 8.18
CA LYS A 102 0.41 6.94 8.98
C LYS A 102 0.15 8.27 8.28
N LEU A 103 -0.96 8.90 8.55
CA LEU A 103 -1.25 10.20 7.88
C LEU A 103 -1.87 11.18 8.89
N VAL A 104 -1.33 12.37 8.95
CA VAL A 104 -1.87 13.38 9.90
C VAL A 104 -1.81 14.76 9.24
N ALA A 105 -2.43 15.74 9.83
CA ALA A 105 -2.41 17.10 9.24
C ALA A 105 -1.04 17.76 9.49
N GLY A 106 -0.49 18.40 8.51
CA GLY A 106 0.83 19.06 8.69
C GLY A 106 0.72 20.54 8.34
N PRO A 107 1.68 21.35 8.80
CA PRO A 107 1.70 22.80 8.54
C PRO A 107 2.00 23.10 7.07
N ASN A 108 2.22 22.08 6.27
CA ASN A 108 2.52 22.31 4.83
C ASN A 108 1.22 22.58 4.07
N GLY A 109 0.11 22.13 4.60
CA GLY A 109 -1.19 22.37 3.91
C GLY A 109 -1.62 21.09 3.19
N GLY A 110 -0.99 19.98 3.49
CA GLY A 110 -1.37 18.71 2.82
C GLY A 110 -1.36 17.58 3.84
N SER A 111 -1.00 16.39 3.42
CA SER A 111 -0.97 15.24 4.37
C SER A 111 0.45 15.07 4.93
N ALA A 112 0.55 14.67 6.16
CA ALA A 112 1.91 14.47 6.77
C ALA A 112 1.86 13.31 7.76
N GLY A 113 2.90 12.53 7.83
CA GLY A 113 2.91 11.37 8.77
C GLY A 113 4.25 10.65 8.67
N LYS A 114 4.30 9.42 9.13
CA LYS A 114 5.58 8.66 9.06
C LYS A 114 5.33 7.31 8.38
N LEU A 115 6.27 6.85 7.60
CA LEU A 115 6.09 5.54 6.91
C LEU A 115 7.14 4.54 7.39
N THR A 116 6.74 3.33 7.64
CA THR A 116 7.72 2.30 8.12
C THR A 116 7.69 1.11 7.18
N VAL A 117 8.83 0.70 6.68
CA VAL A 117 8.87 -0.46 5.74
C VAL A 117 9.57 -1.64 6.42
N LYS A 118 8.97 -2.79 6.42
CA LYS A 118 9.60 -3.98 7.04
C LYS A 118 9.93 -5.02 5.97
N TYR A 119 11.18 -5.36 5.84
CA TYR A 119 11.55 -6.37 4.80
C TYR A 119 12.03 -7.66 5.48
N GLU A 120 11.36 -8.75 5.24
CA GLU A 120 11.78 -10.03 5.87
C GLU A 120 12.58 -10.85 4.85
N THR A 121 13.55 -11.61 5.31
CA THR A 121 14.37 -12.42 4.37
C THR A 121 14.31 -13.89 4.80
N LYS A 122 14.62 -14.79 3.90
CA LYS A 122 14.58 -16.24 4.25
C LYS A 122 15.42 -16.47 5.51
N GLY A 123 16.57 -15.88 5.59
CA GLY A 123 17.43 -16.08 6.80
C GLY A 123 18.83 -15.54 6.52
N ASP A 124 19.65 -16.32 5.87
CA ASP A 124 21.04 -15.86 5.57
C ASP A 124 21.00 -14.88 4.39
N ALA A 125 19.91 -14.85 3.67
CA ALA A 125 19.80 -13.91 2.52
C ALA A 125 19.76 -12.46 3.03
N GLU A 126 20.46 -11.57 2.39
CA GLU A 126 20.46 -10.16 2.84
C GLU A 126 20.29 -9.23 1.63
N PRO A 127 19.13 -8.57 1.53
CA PRO A 127 18.83 -7.66 0.42
C PRO A 127 19.66 -6.37 0.50
N ASN A 128 20.13 -5.89 -0.61
CA ASN A 128 20.94 -4.64 -0.60
C ASN A 128 20.02 -3.42 -0.43
N GLN A 129 20.54 -2.34 0.07
CA GLN A 129 19.69 -1.13 0.26
C GLN A 129 18.99 -0.78 -1.04
N ASP A 130 19.65 -1.00 -2.17
CA ASP A 130 19.01 -0.69 -3.48
C ASP A 130 17.71 -1.48 -3.62
N GLU A 131 17.74 -2.75 -3.31
CA GLU A 131 16.51 -3.58 -3.42
C GLU A 131 15.43 -3.00 -2.50
N LEU A 132 15.79 -2.61 -1.32
CA LEU A 132 14.78 -2.03 -0.39
C LEU A 132 14.16 -0.79 -1.01
N LYS A 133 14.95 0.01 -1.68
CA LYS A 133 14.39 1.24 -2.31
C LYS A 133 13.53 0.85 -3.50
N THR A 134 13.92 -0.15 -4.24
CA THR A 134 13.12 -0.58 -5.42
C THR A 134 11.71 -0.96 -4.95
N GLY A 135 11.60 -1.66 -3.85
CA GLY A 135 10.26 -2.05 -3.35
C GLY A 135 9.43 -0.80 -3.09
N LYS A 136 10.05 0.28 -2.71
CA LYS A 136 9.29 1.53 -2.45
C LYS A 136 8.75 2.09 -3.77
N ALA A 137 9.53 2.03 -4.81
CA ALA A 137 9.06 2.55 -6.12
C ALA A 137 7.72 1.89 -6.47
N LYS A 138 7.56 0.64 -6.14
CA LYS A 138 6.27 -0.04 -6.44
C LYS A 138 5.15 0.58 -5.61
N ALA A 139 5.41 0.83 -4.36
CA ALA A 139 4.36 1.44 -3.49
C ALA A 139 4.03 2.85 -4.00
N ASP A 140 5.04 3.66 -4.22
CA ASP A 140 4.78 5.03 -4.72
C ASP A 140 3.98 4.96 -6.03
N ALA A 141 4.20 3.95 -6.82
CA ALA A 141 3.45 3.81 -8.10
C ALA A 141 1.96 3.68 -7.80
N LEU A 142 1.60 2.73 -6.99
CA LEU A 142 0.16 2.54 -6.65
C LEU A 142 -0.27 3.62 -5.65
N PHE A 143 0.62 4.04 -4.80
CA PHE A 143 0.29 5.09 -3.81
C PHE A 143 -0.07 6.39 -4.54
N LYS A 144 0.77 6.81 -5.45
CA LYS A 144 0.48 8.07 -6.19
C LYS A 144 -0.80 7.89 -7.01
N ALA A 145 -1.04 6.70 -7.50
CA ALA A 145 -2.28 6.46 -8.30
C ALA A 145 -3.50 6.83 -7.45
N ILE A 146 -3.52 6.42 -6.21
CA ILE A 146 -4.68 6.76 -5.34
C ILE A 146 -4.72 8.26 -5.09
N GLU A 147 -3.59 8.84 -4.75
CA GLU A 147 -3.56 10.30 -4.50
C GLU A 147 -3.89 11.05 -5.79
N ALA A 148 -3.37 10.60 -6.90
CA ALA A 148 -3.66 11.28 -8.19
C ALA A 148 -5.16 11.23 -8.47
N TYR A 149 -5.82 10.19 -8.02
CA TYR A 149 -7.29 10.09 -8.25
C TYR A 149 -8.02 11.15 -7.42
N LEU A 150 -7.61 11.33 -6.19
CA LEU A 150 -8.28 12.34 -5.33
C LEU A 150 -7.91 13.74 -5.82
N LEU A 151 -6.70 13.93 -6.28
CA LEU A 151 -6.29 15.27 -6.77
C LEU A 151 -6.94 15.55 -8.11
N ALA A 152 -7.06 14.55 -8.95
CA ALA A 152 -7.69 14.76 -10.28
C ALA A 152 -9.19 14.97 -10.12
N HIS A 153 -9.73 14.63 -8.97
CA HIS A 153 -11.19 14.80 -8.75
C HIS A 153 -11.42 15.50 -7.42
N PRO A 154 -11.50 16.84 -7.44
CA PRO A 154 -11.73 17.66 -6.24
C PRO A 154 -13.15 17.49 -5.71
N ASP A 155 -14.04 16.98 -6.51
CA ASP A 155 -15.45 16.79 -6.06
C ASP A 155 -15.54 15.56 -5.16
N TYR A 156 -14.49 14.78 -5.11
CA TYR A 156 -14.52 13.56 -4.26
C TYR A 156 -14.97 13.93 -2.84
N ASN A 157 -15.75 13.09 -2.21
CA ASN A 157 -16.21 13.40 -0.83
C ASN A 157 -16.81 14.81 -0.80
N GLY A 1 18.01 -9.32 11.57
CA GLY A 1 16.75 -10.11 11.42
C GLY A 1 16.01 -9.63 10.18
N VAL A 2 15.16 -8.65 10.34
CA VAL A 2 14.39 -8.14 9.16
C VAL A 2 14.84 -6.72 8.84
N PHE A 3 14.87 -6.36 7.59
CA PHE A 3 15.33 -4.99 7.21
C PHE A 3 14.18 -4.00 7.42
N THR A 4 14.42 -2.95 8.16
CA THR A 4 13.36 -1.94 8.40
C THR A 4 13.84 -0.57 7.94
N PHE A 5 13.20 0.00 6.96
CA PHE A 5 13.62 1.34 6.46
C PHE A 5 12.65 2.40 6.98
N GLU A 6 13.00 3.65 6.87
CA GLU A 6 12.09 4.73 7.34
C GLU A 6 12.12 5.91 6.38
N ASP A 7 10.98 6.39 5.97
CA ASP A 7 10.95 7.54 5.02
C ASP A 7 9.84 8.50 5.43
N GLU A 8 9.85 9.69 4.90
CA GLU A 8 8.78 10.68 5.26
C GLU A 8 7.80 10.81 4.09
N ILE A 9 6.53 10.92 4.38
CA ILE A 9 5.53 11.05 3.29
C ILE A 9 5.00 12.49 3.24
N ASN A 10 4.79 13.00 2.05
CA ASN A 10 4.29 14.39 1.93
C ASN A 10 3.30 14.48 0.77
N SER A 11 2.14 15.04 1.01
CA SER A 11 1.13 15.15 -0.09
C SER A 11 0.22 16.35 0.19
N PRO A 12 -0.04 17.15 -0.85
CA PRO A 12 -0.91 18.34 -0.72
C PRO A 12 -2.37 17.96 -0.52
N VAL A 13 -2.66 16.69 -0.51
CA VAL A 13 -4.07 16.24 -0.32
C VAL A 13 -4.34 16.00 1.17
N ALA A 14 -5.56 16.21 1.60
CA ALA A 14 -5.88 16.00 3.04
C ALA A 14 -5.63 14.54 3.41
N PRO A 15 -4.96 14.31 4.55
CA PRO A 15 -4.65 12.96 5.04
C PRO A 15 -5.93 12.22 5.49
N ALA A 16 -6.94 12.94 5.89
CA ALA A 16 -8.19 12.28 6.32
C ALA A 16 -8.97 11.78 5.10
N THR A 17 -8.97 12.56 4.05
CA THR A 17 -9.71 12.14 2.81
C THR A 17 -8.89 11.07 2.09
N LEU A 18 -7.61 11.24 1.98
CA LEU A 18 -6.77 10.23 1.28
C LEU A 18 -6.67 8.97 2.16
N TYR A 19 -6.55 9.13 3.44
CA TYR A 19 -6.45 7.94 4.33
C TYR A 19 -7.78 7.19 4.32
N LYS A 20 -8.88 7.89 4.35
CA LYS A 20 -10.20 7.21 4.34
C LYS A 20 -10.40 6.51 2.99
N ALA A 21 -10.12 7.18 1.92
CA ALA A 21 -10.30 6.54 0.58
C ALA A 21 -9.17 5.53 0.35
N LEU A 22 -8.07 5.70 1.02
CA LEU A 22 -6.94 4.75 0.85
C LEU A 22 -7.34 3.38 1.41
N VAL A 23 -7.86 3.34 2.60
CA VAL A 23 -8.26 2.04 3.21
C VAL A 23 -9.77 1.81 3.00
N THR A 24 -10.56 2.81 3.26
CA THR A 24 -12.03 2.64 3.08
C THR A 24 -12.35 2.50 1.60
N ASP A 25 -11.83 3.35 0.77
CA ASP A 25 -12.12 3.26 -0.69
C ASP A 25 -11.02 2.44 -1.37
N ALA A 26 -10.13 1.88 -0.62
CA ALA A 26 -9.03 1.07 -1.24
C ALA A 26 -9.62 0.15 -2.30
N ASP A 27 -10.61 -0.62 -1.95
CA ASP A 27 -11.23 -1.55 -2.93
C ASP A 27 -11.93 -0.75 -4.03
N ASN A 28 -12.37 0.44 -3.72
CA ASN A 28 -13.07 1.26 -4.74
C ASN A 28 -12.05 2.06 -5.55
N VAL A 29 -10.92 2.36 -4.98
CA VAL A 29 -9.89 3.13 -5.73
C VAL A 29 -9.08 2.19 -6.62
N ILE A 30 -8.84 0.98 -6.17
CA ILE A 30 -8.07 0.02 -7.00
C ILE A 30 -8.66 -0.10 -8.40
N PRO A 31 -10.00 -0.26 -8.50
CA PRO A 31 -10.68 -0.39 -9.79
C PRO A 31 -10.62 0.90 -10.61
N LYS A 32 -10.32 2.00 -9.98
CA LYS A 32 -10.25 3.29 -10.74
C LYS A 32 -8.79 3.71 -10.87
N ALA A 33 -7.98 3.45 -9.87
CA ALA A 33 -6.54 3.84 -9.95
C ALA A 33 -5.87 3.01 -11.04
N LEU A 34 -6.17 1.74 -11.11
CA LEU A 34 -5.55 0.87 -12.15
C LEU A 34 -6.37 0.95 -13.43
N ASP A 35 -5.85 1.59 -14.44
CA ASP A 35 -6.62 1.73 -15.71
C ASP A 35 -6.99 0.35 -16.26
N SER A 36 -6.08 -0.59 -16.24
CA SER A 36 -6.40 -1.94 -16.78
C SER A 36 -6.94 -2.84 -15.66
N PHE A 37 -7.58 -2.27 -14.67
CA PHE A 37 -8.13 -3.09 -13.56
C PHE A 37 -9.14 -4.10 -14.13
N LYS A 38 -8.97 -5.36 -13.83
CA LYS A 38 -9.93 -6.38 -14.35
C LYS A 38 -10.99 -6.67 -13.29
N SER A 39 -10.57 -6.95 -12.08
CA SER A 39 -11.55 -7.25 -11.00
C SER A 39 -10.81 -7.49 -9.68
N VAL A 40 -11.54 -7.59 -8.60
CA VAL A 40 -10.88 -7.82 -7.28
C VAL A 40 -11.76 -8.74 -6.44
N GLU A 41 -11.17 -9.64 -5.70
CA GLU A 41 -11.98 -10.56 -4.86
C GLU A 41 -11.31 -10.74 -3.50
N ASN A 42 -12.09 -10.81 -2.45
CA ASN A 42 -11.50 -10.98 -1.09
C ASN A 42 -11.08 -12.44 -0.90
N VAL A 43 -9.87 -12.67 -0.47
CA VAL A 43 -9.40 -14.07 -0.26
C VAL A 43 -9.94 -14.59 1.08
N GLU A 44 -9.92 -13.77 2.09
CA GLU A 44 -10.42 -14.23 3.42
C GLU A 44 -10.58 -13.02 4.35
N GLY A 45 -11.40 -13.14 5.35
CA GLY A 45 -11.61 -12.00 6.28
C GLY A 45 -12.87 -11.22 5.88
N ASN A 46 -13.26 -10.26 6.67
CA ASN A 46 -14.48 -9.48 6.33
C ASN A 46 -14.07 -8.05 5.93
N GLY A 47 -12.80 -7.79 5.87
CA GLY A 47 -12.34 -6.43 5.47
C GLY A 47 -11.66 -5.75 6.66
N GLY A 48 -11.74 -6.35 7.83
CA GLY A 48 -11.10 -5.75 9.02
C GLY A 48 -9.61 -6.09 9.03
N PRO A 49 -8.96 -5.98 10.20
CA PRO A 49 -7.53 -6.29 10.35
C PRO A 49 -7.25 -7.79 10.23
N GLY A 50 -6.38 -8.17 9.34
CA GLY A 50 -6.07 -9.62 9.17
C GLY A 50 -6.82 -10.17 7.96
N THR A 51 -7.57 -9.33 7.29
CA THR A 51 -8.33 -9.81 6.10
C THR A 51 -7.37 -9.97 4.92
N ILE A 52 -7.68 -10.85 4.00
CA ILE A 52 -6.80 -11.07 2.82
C ILE A 52 -7.55 -10.66 1.56
N LYS A 53 -6.98 -9.78 0.77
CA LYS A 53 -7.67 -9.35 -0.48
C LYS A 53 -6.82 -9.70 -1.69
N LYS A 54 -7.45 -10.08 -2.77
CA LYS A 54 -6.68 -10.44 -4.00
C LYS A 54 -7.01 -9.44 -5.11
N ILE A 55 -6.01 -8.86 -5.73
CA ILE A 55 -6.27 -7.88 -6.81
C ILE A 55 -5.75 -8.43 -8.14
N THR A 56 -6.53 -8.35 -9.18
CA THR A 56 -6.07 -8.86 -10.50
C THR A 56 -5.90 -7.68 -11.47
N PHE A 57 -4.74 -7.55 -12.05
CA PHE A 57 -4.51 -6.43 -13.00
C PHE A 57 -3.81 -6.95 -14.25
N LEU A 58 -3.87 -6.20 -15.33
CA LEU A 58 -3.20 -6.65 -16.57
C LEU A 58 -1.88 -5.91 -16.75
N GLU A 59 -0.83 -6.60 -17.11
CA GLU A 59 0.48 -5.92 -17.30
C GLU A 59 1.16 -6.44 -18.56
N ASP A 60 1.59 -5.56 -19.42
CA ASP A 60 2.26 -6.00 -20.68
C ASP A 60 1.39 -7.06 -21.38
N GLY A 61 0.12 -7.07 -21.09
CA GLY A 61 -0.77 -8.07 -21.75
C GLY A 61 -0.71 -9.39 -20.98
N GLU A 62 -0.30 -9.34 -19.74
CA GLU A 62 -0.20 -10.60 -18.94
C GLU A 62 -1.16 -10.52 -17.75
N THR A 63 -1.81 -11.60 -17.42
CA THR A 63 -2.76 -11.58 -16.28
C THR A 63 -1.99 -11.74 -14.97
N LYS A 64 -1.95 -10.71 -14.17
CA LYS A 64 -1.21 -10.80 -12.88
C LYS A 64 -2.12 -10.37 -11.73
N PHE A 65 -1.74 -10.67 -10.52
CA PHE A 65 -2.59 -10.26 -9.35
C PHE A 65 -1.69 -10.03 -8.14
N VAL A 66 -2.21 -9.39 -7.12
CA VAL A 66 -1.40 -9.14 -5.90
C VAL A 66 -2.23 -9.43 -4.65
N LEU A 67 -1.61 -9.91 -3.62
CA LEU A 67 -2.36 -10.21 -2.36
C LEU A 67 -1.87 -9.28 -1.24
N HIS A 68 -2.77 -8.71 -0.49
CA HIS A 68 -2.34 -7.80 0.61
C HIS A 68 -3.09 -8.18 1.89
N LYS A 69 -2.43 -8.05 3.02
CA LYS A 69 -3.10 -8.41 4.30
C LYS A 69 -3.01 -7.22 5.27
N ILE A 70 -3.97 -7.07 6.14
CA ILE A 70 -3.93 -5.93 7.09
C ILE A 70 -3.58 -6.45 8.49
N GLU A 71 -2.65 -5.81 9.16
CA GLU A 71 -2.26 -6.28 10.51
C GLU A 71 -2.81 -5.31 11.57
N SER A 72 -2.95 -4.05 11.24
CA SER A 72 -3.48 -3.09 12.24
C SER A 72 -4.04 -1.86 11.52
N ILE A 73 -5.15 -1.34 11.98
CA ILE A 73 -5.74 -0.15 11.33
C ILE A 73 -6.02 0.91 12.39
N ASP A 74 -5.62 2.13 12.14
CA ASP A 74 -5.86 3.20 13.15
C ASP A 74 -6.44 4.42 12.44
N GLU A 75 -7.73 4.42 12.21
CA GLU A 75 -8.36 5.58 11.52
C GLU A 75 -8.17 6.84 12.37
N ALA A 76 -8.20 6.70 13.67
CA ALA A 76 -8.02 7.88 14.55
C ALA A 76 -6.66 8.53 14.27
N ASN A 77 -5.62 7.75 14.23
CA ASN A 77 -4.26 8.32 13.95
C ASN A 77 -4.01 8.32 12.45
N LEU A 78 -5.03 8.09 11.66
CA LEU A 78 -4.85 8.08 10.18
C LEU A 78 -3.66 7.19 9.82
N GLY A 79 -3.40 6.19 10.62
CA GLY A 79 -2.26 5.28 10.32
C GLY A 79 -2.75 3.84 10.28
N TYR A 80 -2.13 3.01 9.48
CA TYR A 80 -2.56 1.59 9.39
C TYR A 80 -1.34 0.73 9.03
N SER A 81 -1.47 -0.57 9.13
CA SER A 81 -0.32 -1.45 8.79
C SER A 81 -0.81 -2.63 7.94
N TYR A 82 -0.03 -3.02 6.96
CA TYR A 82 -0.45 -4.17 6.10
C TYR A 82 0.79 -4.83 5.51
N SER A 83 0.66 -6.06 5.06
CA SER A 83 1.83 -6.76 4.47
C SER A 83 1.37 -7.60 3.28
N VAL A 84 2.27 -7.88 2.37
CA VAL A 84 1.88 -8.71 1.19
C VAL A 84 2.13 -10.19 1.50
N VAL A 85 1.18 -11.03 1.20
CA VAL A 85 1.36 -12.48 1.49
C VAL A 85 1.42 -13.27 0.18
N GLY A 86 1.33 -12.60 -0.93
CA GLY A 86 1.39 -13.32 -2.24
C GLY A 86 1.23 -12.33 -3.39
N GLY A 87 1.43 -12.77 -4.60
CA GLY A 87 1.29 -11.84 -5.76
C GLY A 87 2.68 -11.47 -6.29
N ALA A 88 2.75 -10.81 -7.40
CA ALA A 88 4.07 -10.42 -7.97
C ALA A 88 4.81 -9.53 -6.96
N ALA A 89 4.10 -8.98 -6.01
CA ALA A 89 4.76 -8.11 -5.00
C ALA A 89 5.41 -8.98 -3.92
N LEU A 90 5.11 -10.24 -3.91
CA LEU A 90 5.71 -11.14 -2.88
C LEU A 90 6.96 -11.81 -3.47
N PRO A 91 8.14 -11.37 -3.03
CA PRO A 91 9.42 -11.92 -3.50
C PRO A 91 9.65 -13.34 -2.99
N ASP A 92 10.32 -14.16 -3.74
CA ASP A 92 10.57 -15.56 -3.31
C ASP A 92 11.74 -15.57 -2.30
N THR A 93 12.68 -14.69 -2.46
CA THR A 93 13.84 -14.66 -1.52
C THR A 93 13.45 -13.93 -0.24
N ALA A 94 12.21 -13.54 -0.13
CA ALA A 94 11.78 -12.82 1.10
C ALA A 94 10.48 -13.45 1.63
N GLU A 95 10.42 -13.73 2.91
CA GLU A 95 9.20 -14.35 3.48
C GLU A 95 8.01 -13.42 3.26
N LYS A 96 8.19 -12.14 3.48
CA LYS A 96 7.07 -11.19 3.28
C LYS A 96 7.54 -9.76 3.59
N ILE A 97 6.80 -8.77 3.16
CA ILE A 97 7.20 -7.37 3.43
C ILE A 97 6.09 -6.65 4.18
N THR A 98 6.43 -5.94 5.22
CA THR A 98 5.38 -5.22 6.00
C THR A 98 5.47 -3.72 5.69
N PHE A 99 4.36 -3.08 5.50
CA PHE A 99 4.39 -1.62 5.19
C PHE A 99 3.68 -0.84 6.31
N ASP A 100 4.38 0.08 6.93
CA ASP A 100 3.76 0.88 8.02
C ASP A 100 3.75 2.35 7.61
N SER A 101 2.63 2.86 7.18
CA SER A 101 2.57 4.29 6.77
C SER A 101 1.63 5.06 7.70
N LYS A 102 2.01 6.25 8.09
CA LYS A 102 1.13 7.05 8.99
C LYS A 102 1.00 8.47 8.42
N LEU A 103 -0.17 9.06 8.51
CA LEU A 103 -0.35 10.42 7.97
C LEU A 103 -0.88 11.35 9.07
N VAL A 104 -0.26 12.47 9.27
CA VAL A 104 -0.73 13.41 10.32
C VAL A 104 -1.77 14.36 9.74
N ALA A 105 -2.73 14.75 10.53
CA ALA A 105 -3.78 15.67 10.01
C ALA A 105 -3.23 17.11 9.98
N GLY A 106 -2.89 17.59 8.81
CA GLY A 106 -2.34 18.98 8.70
C GLY A 106 -3.50 19.98 8.76
N PRO A 107 -3.30 21.08 9.52
CA PRO A 107 -4.32 22.12 9.67
C PRO A 107 -4.51 22.92 8.38
N ASN A 108 -3.57 22.85 7.47
CA ASN A 108 -3.70 23.60 6.20
C ASN A 108 -4.32 22.71 5.13
N GLY A 109 -4.58 21.47 5.45
CA GLY A 109 -5.19 20.55 4.45
C GLY A 109 -4.12 19.59 3.91
N GLY A 110 -2.89 20.03 3.87
CA GLY A 110 -1.80 19.14 3.37
C GLY A 110 -1.70 17.89 4.25
N SER A 111 -0.91 16.93 3.84
CA SER A 111 -0.78 15.70 4.66
C SER A 111 0.71 15.43 4.94
N ALA A 112 1.04 15.05 6.14
CA ALA A 112 2.46 14.78 6.47
C ALA A 112 2.53 13.64 7.50
N GLY A 113 3.48 12.74 7.35
CA GLY A 113 3.59 11.62 8.31
C GLY A 113 4.92 10.89 8.09
N LYS A 114 4.99 9.65 8.50
CA LYS A 114 6.26 8.88 8.32
C LYS A 114 5.94 7.52 7.71
N LEU A 115 6.81 7.02 6.86
CA LEU A 115 6.55 5.69 6.23
C LEU A 115 7.67 4.73 6.61
N THR A 116 7.33 3.57 7.10
CA THR A 116 8.38 2.59 7.48
C THR A 116 8.24 1.33 6.62
N VAL A 117 9.32 0.88 6.03
CA VAL A 117 9.25 -0.34 5.17
C VAL A 117 10.03 -1.46 5.83
N LYS A 118 9.41 -2.61 5.99
CA LYS A 118 10.12 -3.75 6.63
C LYS A 118 10.28 -4.89 5.61
N TYR A 119 11.50 -5.25 5.32
CA TYR A 119 11.73 -6.36 4.35
C TYR A 119 12.25 -7.59 5.09
N GLU A 120 11.53 -8.68 5.04
CA GLU A 120 12.00 -9.91 5.75
C GLU A 120 12.59 -10.88 4.73
N THR A 121 13.59 -11.63 5.13
CA THR A 121 14.22 -12.59 4.18
C THR A 121 14.04 -14.01 4.72
N LYS A 122 14.30 -14.99 3.90
CA LYS A 122 14.15 -16.41 4.37
C LYS A 122 14.99 -16.62 5.63
N GLY A 123 16.10 -15.95 5.72
CA GLY A 123 16.97 -16.11 6.93
C GLY A 123 18.41 -15.75 6.57
N ASP A 124 19.25 -16.72 6.37
CA ASP A 124 20.67 -16.42 6.02
C ASP A 124 20.71 -15.60 4.72
N ALA A 125 19.66 -15.63 3.96
CA ALA A 125 19.64 -14.85 2.68
C ALA A 125 19.64 -13.36 3.00
N GLU A 126 20.48 -12.60 2.35
CA GLU A 126 20.52 -11.14 2.62
C GLU A 126 20.53 -10.38 1.29
N PRO A 127 19.42 -9.72 0.95
CA PRO A 127 19.28 -8.95 -0.29
C PRO A 127 20.14 -7.67 -0.26
N ASN A 128 20.66 -7.26 -1.39
CA ASN A 128 21.50 -6.04 -1.42
C ASN A 128 20.67 -4.85 -0.95
N GLN A 129 21.31 -3.78 -0.56
CA GLN A 129 20.56 -2.58 -0.08
C GLN A 129 19.77 -1.98 -1.26
N ASP A 130 20.32 -2.02 -2.44
CA ASP A 130 19.59 -1.46 -3.61
C ASP A 130 18.29 -2.23 -3.82
N GLU A 131 18.34 -3.53 -3.70
CA GLU A 131 17.10 -4.33 -3.89
C GLU A 131 16.03 -3.88 -2.90
N LEU A 132 16.41 -3.58 -1.68
CA LEU A 132 15.43 -3.12 -0.67
C LEU A 132 14.84 -1.77 -1.11
N LYS A 133 15.66 -0.92 -1.65
CA LYS A 133 15.15 0.42 -2.09
C LYS A 133 14.22 0.23 -3.28
N THR A 134 14.62 -0.56 -4.25
CA THR A 134 13.76 -0.78 -5.44
C THR A 134 12.40 -1.33 -4.99
N GLY A 135 12.39 -2.16 -3.99
CA GLY A 135 11.11 -2.74 -3.50
C GLY A 135 10.22 -1.62 -2.97
N LYS A 136 10.77 -0.70 -2.25
CA LYS A 136 9.96 0.43 -1.70
C LYS A 136 9.41 1.27 -2.85
N ALA A 137 10.19 1.46 -3.88
CA ALA A 137 9.71 2.28 -5.04
C ALA A 137 8.41 1.70 -5.57
N LYS A 138 8.21 0.41 -5.41
CA LYS A 138 6.95 -0.22 -5.91
C LYS A 138 5.76 0.38 -5.16
N ALA A 139 5.85 0.49 -3.86
CA ALA A 139 4.72 1.06 -3.07
C ALA A 139 4.44 2.48 -3.55
N ASP A 140 5.45 3.28 -3.70
CA ASP A 140 5.24 4.68 -4.16
C ASP A 140 4.44 4.67 -5.46
N ALA A 141 4.62 3.68 -6.29
CA ALA A 141 3.86 3.62 -7.56
C ALA A 141 2.36 3.48 -7.26
N LEU A 142 2.03 2.72 -6.24
CA LEU A 142 0.59 2.55 -5.89
C LEU A 142 0.09 3.80 -5.16
N PHE A 143 0.85 4.28 -4.22
CA PHE A 143 0.41 5.49 -3.46
C PHE A 143 0.12 6.62 -4.45
N LYS A 144 1.05 6.93 -5.31
CA LYS A 144 0.81 8.02 -6.30
C LYS A 144 -0.47 7.74 -7.08
N ALA A 145 -0.72 6.49 -7.40
CA ALA A 145 -1.95 6.16 -8.16
C ALA A 145 -3.17 6.67 -7.41
N ILE A 146 -3.31 6.31 -6.16
CA ILE A 146 -4.49 6.77 -5.37
C ILE A 146 -4.38 8.29 -5.14
N GLU A 147 -3.21 8.77 -4.82
CA GLU A 147 -3.04 10.23 -4.59
C GLU A 147 -3.39 10.99 -5.87
N ALA A 148 -2.91 10.52 -6.99
CA ALA A 148 -3.21 11.22 -8.28
C ALA A 148 -4.72 11.20 -8.51
N TYR A 149 -5.39 10.18 -8.06
CA TYR A 149 -6.87 10.10 -8.26
C TYR A 149 -7.54 11.19 -7.40
N LEU A 150 -7.10 11.35 -6.20
CA LEU A 150 -7.72 12.38 -5.31
C LEU A 150 -7.42 13.78 -5.86
N LEU A 151 -6.21 14.01 -6.31
CA LEU A 151 -5.85 15.34 -6.85
C LEU A 151 -6.63 15.58 -8.15
N ALA A 152 -6.86 14.56 -8.91
CA ALA A 152 -7.61 14.73 -10.19
C ALA A 152 -9.10 14.81 -9.89
N HIS A 153 -9.50 14.46 -8.70
CA HIS A 153 -10.94 14.53 -8.33
C HIS A 153 -11.12 15.37 -7.07
N PRO A 154 -11.24 16.69 -7.23
CA PRO A 154 -11.41 17.62 -6.10
C PRO A 154 -12.79 17.47 -5.46
N ASP A 155 -13.73 16.90 -6.16
CA ASP A 155 -15.09 16.73 -5.57
C ASP A 155 -15.08 15.57 -4.57
N TYR A 156 -14.06 14.76 -4.62
CA TYR A 156 -13.98 13.61 -3.66
C TYR A 156 -13.99 14.13 -2.23
N ASN A 157 -14.66 13.45 -1.35
CA ASN A 157 -14.71 13.91 0.07
C ASN A 157 -13.30 14.01 0.63
N GLY A 1 18.19 -11.19 8.72
CA GLY A 1 17.22 -11.77 7.75
C GLY A 1 16.04 -10.80 7.55
N VAL A 2 15.96 -9.80 8.37
CA VAL A 2 14.84 -8.81 8.23
C VAL A 2 15.39 -7.40 8.36
N PHE A 3 14.96 -6.50 7.52
CA PHE A 3 15.45 -5.10 7.58
C PHE A 3 14.27 -4.15 7.75
N THR A 4 14.46 -3.09 8.49
CA THR A 4 13.34 -2.12 8.69
C THR A 4 13.81 -0.71 8.28
N PHE A 5 13.02 -0.02 7.50
CA PHE A 5 13.43 1.35 7.07
C PHE A 5 12.30 2.32 7.38
N GLU A 6 12.61 3.59 7.53
CA GLU A 6 11.56 4.59 7.85
C GLU A 6 11.66 5.75 6.85
N ASP A 7 10.54 6.15 6.29
CA ASP A 7 10.57 7.28 5.31
C ASP A 7 9.49 8.29 5.67
N GLU A 8 9.56 9.47 5.11
CA GLU A 8 8.54 10.50 5.41
C GLU A 8 7.50 10.55 4.29
N ILE A 9 6.29 10.94 4.60
CA ILE A 9 5.24 11.00 3.55
C ILE A 9 4.72 12.42 3.42
N ASN A 10 4.54 12.90 2.23
CA ASN A 10 4.03 14.28 2.04
C ASN A 10 3.01 14.32 0.90
N SER A 11 1.90 14.98 1.11
CA SER A 11 0.87 15.04 0.04
C SER A 11 0.07 16.34 0.18
N PRO A 12 -0.02 17.12 -0.90
CA PRO A 12 -0.75 18.39 -0.91
C PRO A 12 -2.26 18.18 -0.83
N VAL A 13 -2.71 16.95 -0.87
CA VAL A 13 -4.16 16.67 -0.79
C VAL A 13 -4.57 16.51 0.68
N ALA A 14 -5.80 16.82 1.01
CA ALA A 14 -6.25 16.68 2.41
C ALA A 14 -6.02 15.24 2.88
N PRO A 15 -5.32 15.08 4.02
CA PRO A 15 -5.01 13.77 4.59
C PRO A 15 -6.27 13.07 5.11
N ALA A 16 -7.28 13.83 5.45
CA ALA A 16 -8.53 13.20 5.97
C ALA A 16 -9.28 12.52 4.81
N THR A 17 -9.32 13.15 3.67
CA THR A 17 -10.02 12.55 2.50
C THR A 17 -9.16 11.44 1.90
N LEU A 18 -7.86 11.62 1.90
CA LEU A 18 -6.97 10.57 1.32
C LEU A 18 -6.96 9.35 2.23
N TYR A 19 -6.95 9.57 3.52
CA TYR A 19 -6.93 8.42 4.48
C TYR A 19 -8.24 7.63 4.35
N LYS A 20 -9.36 8.30 4.29
CA LYS A 20 -10.65 7.59 4.18
C LYS A 20 -10.74 6.86 2.83
N ALA A 21 -10.38 7.53 1.77
CA ALA A 21 -10.43 6.88 0.43
C ALA A 21 -9.29 5.87 0.31
N LEU A 22 -8.27 6.01 1.12
CA LEU A 22 -7.12 5.07 1.06
C LEU A 22 -7.54 3.72 1.65
N VAL A 23 -8.12 3.73 2.82
CA VAL A 23 -8.54 2.45 3.45
C VAL A 23 -10.02 2.20 3.18
N THR A 24 -10.85 3.18 3.37
CA THR A 24 -12.31 2.99 3.12
C THR A 24 -12.55 2.74 1.63
N ASP A 25 -11.96 3.53 0.78
CA ASP A 25 -12.16 3.35 -0.69
C ASP A 25 -10.98 2.57 -1.28
N ALA A 26 -10.12 2.05 -0.45
CA ALA A 26 -8.96 1.29 -0.98
C ALA A 26 -9.44 0.31 -2.06
N ASP A 27 -10.40 -0.50 -1.75
CA ASP A 27 -10.91 -1.47 -2.76
C ASP A 27 -11.62 -0.73 -3.90
N ASN A 28 -12.12 0.45 -3.62
CA ASN A 28 -12.82 1.22 -4.68
C ASN A 28 -11.81 2.05 -5.48
N VAL A 29 -10.71 2.40 -4.86
CA VAL A 29 -9.68 3.21 -5.59
C VAL A 29 -8.79 2.28 -6.42
N ILE A 30 -8.50 1.12 -5.93
CA ILE A 30 -7.64 0.17 -6.69
C ILE A 30 -8.19 0.01 -8.12
N PRO A 31 -9.51 -0.23 -8.25
CA PRO A 31 -10.14 -0.40 -9.57
C PRO A 31 -10.15 0.90 -10.38
N LYS A 32 -10.03 2.02 -9.72
CA LYS A 32 -10.03 3.32 -10.45
C LYS A 32 -8.58 3.75 -10.69
N ALA A 33 -7.71 3.48 -9.75
CA ALA A 33 -6.29 3.88 -9.92
C ALA A 33 -5.65 3.01 -11.01
N LEU A 34 -5.98 1.74 -11.05
CA LEU A 34 -5.40 0.85 -12.08
C LEU A 34 -6.30 0.89 -13.32
N ASP A 35 -5.87 1.54 -14.36
CA ASP A 35 -6.71 1.62 -15.59
C ASP A 35 -7.03 0.22 -16.12
N SER A 36 -6.17 -0.73 -15.90
CA SER A 36 -6.44 -2.11 -16.40
C SER A 36 -6.87 -3.01 -15.24
N PHE A 37 -7.46 -2.46 -14.23
CA PHE A 37 -7.91 -3.29 -13.08
C PHE A 37 -8.86 -4.39 -13.59
N LYS A 38 -8.58 -5.62 -13.26
CA LYS A 38 -9.46 -6.73 -13.74
C LYS A 38 -10.56 -7.01 -12.70
N SER A 39 -10.18 -7.22 -11.46
CA SER A 39 -11.20 -7.52 -10.42
C SER A 39 -10.52 -7.69 -9.07
N VAL A 40 -11.29 -7.77 -8.01
CA VAL A 40 -10.70 -7.94 -6.66
C VAL A 40 -11.59 -8.88 -5.84
N GLU A 41 -11.00 -9.75 -5.07
CA GLU A 41 -11.81 -10.69 -4.24
C GLU A 41 -11.04 -11.06 -2.97
N ASN A 42 -11.72 -11.22 -1.88
CA ASN A 42 -11.03 -11.59 -0.61
C ASN A 42 -10.84 -13.10 -0.56
N VAL A 43 -9.63 -13.55 -0.33
CA VAL A 43 -9.38 -15.02 -0.27
C VAL A 43 -9.71 -15.55 1.13
N GLU A 44 -9.55 -14.72 2.13
CA GLU A 44 -9.84 -15.17 3.51
C GLU A 44 -10.15 -13.95 4.39
N GLY A 45 -11.09 -14.08 5.30
CA GLY A 45 -11.42 -12.92 6.18
C GLY A 45 -12.75 -12.30 5.72
N ASN A 46 -13.36 -11.51 6.56
CA ASN A 46 -14.65 -10.87 6.16
C ASN A 46 -14.40 -9.40 5.82
N GLY A 47 -13.17 -8.99 5.85
CA GLY A 47 -12.86 -7.56 5.52
C GLY A 47 -12.24 -6.87 6.74
N GLY A 48 -12.36 -7.48 7.89
CA GLY A 48 -11.79 -6.86 9.12
C GLY A 48 -10.27 -7.00 9.10
N PRO A 49 -9.62 -6.86 10.27
CA PRO A 49 -8.16 -6.97 10.39
C PRO A 49 -7.68 -8.41 10.20
N GLY A 50 -6.51 -8.58 9.66
CA GLY A 50 -5.99 -9.96 9.44
C GLY A 50 -6.68 -10.60 8.24
N THR A 51 -7.44 -9.83 7.51
CA THR A 51 -8.16 -10.39 6.33
C THR A 51 -7.18 -10.49 5.15
N ILE A 52 -7.47 -11.35 4.21
CA ILE A 52 -6.56 -11.49 3.04
C ILE A 52 -7.32 -11.09 1.76
N LYS A 53 -6.78 -10.16 1.01
CA LYS A 53 -7.48 -9.72 -0.24
C LYS A 53 -6.61 -10.06 -1.46
N LYS A 54 -7.22 -10.44 -2.54
CA LYS A 54 -6.44 -10.79 -3.76
C LYS A 54 -6.83 -9.83 -4.89
N ILE A 55 -5.87 -9.22 -5.52
CA ILE A 55 -6.19 -8.27 -6.63
C ILE A 55 -5.65 -8.83 -7.95
N THR A 56 -6.34 -8.61 -9.02
CA THR A 56 -5.86 -9.13 -10.34
C THR A 56 -5.80 -7.99 -11.35
N PHE A 57 -4.67 -7.80 -11.97
CA PHE A 57 -4.55 -6.70 -12.98
C PHE A 57 -3.94 -7.26 -14.27
N LEU A 58 -3.85 -6.45 -15.28
CA LEU A 58 -3.28 -6.94 -16.56
C LEU A 58 -1.91 -6.29 -16.80
N GLU A 59 -1.00 -6.98 -17.43
CA GLU A 59 0.34 -6.40 -17.68
C GLU A 59 0.99 -7.11 -18.88
N ASP A 60 1.35 -6.38 -19.89
CA ASP A 60 1.99 -7.01 -21.08
C ASP A 60 1.08 -8.13 -21.61
N GLY A 61 -0.21 -7.96 -21.48
CA GLY A 61 -1.14 -9.01 -21.98
C GLY A 61 -1.10 -10.22 -21.04
N GLU A 62 -0.37 -10.12 -19.96
CA GLU A 62 -0.29 -11.25 -19.00
C GLU A 62 -1.19 -10.97 -17.80
N THR A 63 -1.90 -11.97 -17.34
CA THR A 63 -2.79 -11.74 -16.16
C THR A 63 -2.00 -11.95 -14.87
N LYS A 64 -1.92 -10.94 -14.05
CA LYS A 64 -1.16 -11.07 -12.77
C LYS A 64 -2.07 -10.70 -11.60
N PHE A 65 -1.65 -10.99 -10.40
CA PHE A 65 -2.49 -10.64 -9.22
C PHE A 65 -1.58 -10.31 -8.03
N VAL A 66 -2.11 -9.65 -7.04
CA VAL A 66 -1.28 -9.30 -5.84
C VAL A 66 -2.07 -9.60 -4.58
N LEU A 67 -1.42 -10.06 -3.55
CA LEU A 67 -2.13 -10.38 -2.28
C LEU A 67 -1.70 -9.40 -1.19
N HIS A 68 -2.64 -8.83 -0.50
CA HIS A 68 -2.28 -7.86 0.58
C HIS A 68 -2.94 -8.29 1.89
N LYS A 69 -2.24 -8.17 2.99
CA LYS A 69 -2.84 -8.57 4.30
C LYS A 69 -2.90 -7.34 5.22
N ILE A 70 -3.90 -7.27 6.06
CA ILE A 70 -4.02 -6.11 6.98
C ILE A 70 -3.71 -6.56 8.41
N GLU A 71 -2.85 -5.85 9.09
CA GLU A 71 -2.51 -6.23 10.48
C GLU A 71 -3.48 -5.55 11.46
N SER A 72 -3.93 -4.38 11.13
CA SER A 72 -4.89 -3.66 12.04
C SER A 72 -5.30 -2.35 11.40
N ILE A 73 -6.42 -1.81 11.80
CA ILE A 73 -6.88 -0.52 11.22
C ILE A 73 -6.99 0.53 12.33
N ASP A 74 -6.48 1.71 12.11
CA ASP A 74 -6.56 2.76 13.15
C ASP A 74 -7.10 4.05 12.53
N GLU A 75 -8.38 4.12 12.32
CA GLU A 75 -8.97 5.35 11.71
C GLU A 75 -8.78 6.53 12.67
N ALA A 76 -8.76 6.27 13.95
CA ALA A 76 -8.57 7.38 14.93
C ALA A 76 -7.23 8.06 14.68
N ASN A 77 -6.18 7.30 14.56
CA ASN A 77 -4.84 7.91 14.31
C ASN A 77 -4.60 8.03 12.81
N LEU A 78 -5.64 7.89 12.03
CA LEU A 78 -5.48 8.00 10.55
C LEU A 78 -4.27 7.16 10.10
N GLY A 79 -4.23 5.91 10.48
CA GLY A 79 -3.08 5.05 10.08
C GLY A 79 -3.53 3.59 10.04
N TYR A 80 -2.85 2.77 9.29
CA TYR A 80 -3.23 1.33 9.22
C TYR A 80 -1.97 0.50 8.93
N SER A 81 -2.07 -0.80 9.03
CA SER A 81 -0.88 -1.65 8.75
C SER A 81 -1.25 -2.77 7.78
N TYR A 82 -0.39 -3.06 6.84
CA TYR A 82 -0.70 -4.14 5.86
C TYR A 82 0.60 -4.73 5.33
N SER A 83 0.55 -5.93 4.81
CA SER A 83 1.79 -6.58 4.27
C SER A 83 1.43 -7.46 3.08
N VAL A 84 2.37 -7.70 2.21
CA VAL A 84 2.07 -8.55 1.02
C VAL A 84 2.25 -10.03 1.39
N VAL A 85 1.30 -10.86 1.04
CA VAL A 85 1.42 -12.31 1.37
C VAL A 85 1.66 -13.11 0.09
N GLY A 86 1.69 -12.46 -1.03
CA GLY A 86 1.93 -13.19 -2.32
C GLY A 86 1.70 -12.26 -3.49
N GLY A 87 1.87 -12.75 -4.69
CA GLY A 87 1.65 -11.88 -5.89
C GLY A 87 3.01 -11.49 -6.48
N ALA A 88 3.01 -10.79 -7.59
CA ALA A 88 4.29 -10.38 -8.21
C ALA A 88 5.01 -9.40 -7.29
N ALA A 89 4.30 -8.79 -6.38
CA ALA A 89 4.94 -7.82 -5.45
C ALA A 89 5.66 -8.58 -4.33
N LEU A 90 5.40 -9.85 -4.21
CA LEU A 90 6.07 -10.65 -3.14
C LEU A 90 7.25 -11.41 -3.74
N PRO A 91 8.48 -10.98 -3.40
CA PRO A 91 9.70 -11.63 -3.90
C PRO A 91 9.91 -13.02 -3.30
N ASP A 92 10.59 -13.88 -4.00
CA ASP A 92 10.82 -15.26 -3.48
C ASP A 92 11.96 -15.23 -2.46
N THR A 93 12.90 -14.33 -2.62
CA THR A 93 14.04 -14.27 -1.66
C THR A 93 13.61 -13.53 -0.39
N ALA A 94 12.35 -13.21 -0.27
CA ALA A 94 11.87 -12.50 0.95
C ALA A 94 10.63 -13.19 1.50
N GLU A 95 10.61 -13.46 2.77
CA GLU A 95 9.42 -14.14 3.37
C GLU A 95 8.18 -13.26 3.17
N LYS A 96 8.30 -11.98 3.40
CA LYS A 96 7.13 -11.08 3.23
C LYS A 96 7.54 -9.64 3.58
N ILE A 97 6.79 -8.68 3.11
CA ILE A 97 7.15 -7.26 3.40
C ILE A 97 6.00 -6.60 4.18
N THR A 98 6.32 -5.86 5.21
CA THR A 98 5.26 -5.19 6.01
C THR A 98 5.27 -3.69 5.72
N PHE A 99 4.12 -3.09 5.58
CA PHE A 99 4.08 -1.62 5.30
C PHE A 99 3.33 -0.90 6.42
N ASP A 100 3.99 0.02 7.09
CA ASP A 100 3.31 0.77 8.18
C ASP A 100 3.25 2.25 7.80
N SER A 101 2.05 2.76 7.60
CA SER A 101 1.93 4.19 7.21
C SER A 101 0.94 4.91 8.14
N LYS A 102 1.28 6.09 8.58
CA LYS A 102 0.36 6.86 9.47
C LYS A 102 0.26 8.28 8.95
N LEU A 103 -0.93 8.76 8.68
CA LEU A 103 -1.08 10.14 8.16
C LEU A 103 -1.68 11.06 9.23
N VAL A 104 -1.10 12.21 9.42
CA VAL A 104 -1.63 13.15 10.44
C VAL A 104 -1.61 14.57 9.87
N ALA A 105 -2.59 15.38 10.17
CA ALA A 105 -2.62 16.76 9.64
C ALA A 105 -1.36 17.51 10.07
N GLY A 106 -0.81 18.31 9.19
CA GLY A 106 0.42 19.07 9.55
C GLY A 106 0.23 20.55 9.19
N PRO A 107 1.12 21.41 9.70
CA PRO A 107 1.06 22.86 9.44
C PRO A 107 1.42 23.19 7.99
N ASN A 108 1.82 22.21 7.23
CA ASN A 108 2.19 22.46 5.81
C ASN A 108 0.94 22.86 5.02
N GLY A 109 -0.21 22.39 5.45
CA GLY A 109 -1.46 22.73 4.72
C GLY A 109 -1.84 21.57 3.79
N GLY A 110 -1.39 20.40 4.10
CA GLY A 110 -1.72 19.22 3.24
C GLY A 110 -1.76 17.96 4.09
N SER A 111 -1.10 16.91 3.66
CA SER A 111 -1.10 15.65 4.45
C SER A 111 0.33 15.30 4.87
N ALA A 112 0.50 14.76 6.04
CA ALA A 112 1.86 14.40 6.51
C ALA A 112 1.80 13.07 7.27
N GLY A 113 2.92 12.47 7.52
CA GLY A 113 2.91 11.16 8.25
C GLY A 113 4.27 10.47 8.09
N LYS A 114 4.40 9.29 8.64
CA LYS A 114 5.69 8.56 8.52
C LYS A 114 5.44 7.19 7.88
N LEU A 115 6.35 6.74 7.05
CA LEU A 115 6.16 5.41 6.41
C LEU A 115 7.26 4.45 6.85
N THR A 116 6.91 3.23 7.19
CA THR A 116 7.94 2.26 7.63
C THR A 116 7.86 1.01 6.75
N VAL A 117 8.96 0.61 6.17
CA VAL A 117 8.94 -0.60 5.30
C VAL A 117 9.70 -1.73 6.00
N LYS A 118 9.12 -2.89 6.03
CA LYS A 118 9.79 -4.05 6.69
C LYS A 118 10.09 -5.13 5.65
N TYR A 119 11.34 -5.42 5.41
CA TYR A 119 11.68 -6.45 4.40
C TYR A 119 12.16 -7.71 5.12
N GLU A 120 11.51 -8.82 4.88
CA GLU A 120 11.93 -10.09 5.54
C GLU A 120 12.64 -10.99 4.53
N THR A 121 13.67 -11.67 4.94
CA THR A 121 14.40 -12.55 3.99
C THR A 121 14.32 -14.00 4.49
N LYS A 122 14.63 -14.94 3.63
CA LYS A 122 14.57 -16.37 4.05
C LYS A 122 15.47 -16.58 5.27
N GLY A 123 16.62 -15.97 5.28
CA GLY A 123 17.55 -16.13 6.44
C GLY A 123 18.94 -15.65 6.04
N ASP A 124 19.77 -16.55 5.57
CA ASP A 124 21.15 -16.16 5.17
C ASP A 124 21.07 -15.14 4.03
N ALA A 125 20.14 -15.30 3.14
CA ALA A 125 20.01 -14.34 2.00
C ALA A 125 19.92 -12.91 2.55
N GLU A 126 20.64 -12.00 1.96
CA GLU A 126 20.60 -10.59 2.46
C GLU A 126 20.38 -9.65 1.27
N PRO A 127 19.19 -9.03 1.20
CA PRO A 127 18.84 -8.10 0.11
C PRO A 127 19.62 -6.78 0.23
N ASN A 128 20.32 -6.41 -0.79
CA ASN A 128 21.10 -5.13 -0.75
C ASN A 128 20.14 -3.96 -0.51
N GLN A 129 20.65 -2.85 -0.07
CA GLN A 129 19.77 -1.68 0.19
C GLN A 129 19.21 -1.16 -1.15
N ASP A 130 20.00 -1.20 -2.19
CA ASP A 130 19.52 -0.71 -3.51
C ASP A 130 18.24 -1.47 -3.88
N GLU A 131 18.12 -2.69 -3.45
CA GLU A 131 16.89 -3.47 -3.78
C GLU A 131 15.75 -2.97 -2.90
N LEU A 132 16.06 -2.59 -1.68
CA LEU A 132 14.99 -2.10 -0.77
C LEU A 132 14.37 -0.84 -1.37
N LYS A 133 15.18 0.00 -1.98
CA LYS A 133 14.65 1.24 -2.60
C LYS A 133 13.63 0.86 -3.69
N THR A 134 14.00 -0.05 -4.54
CA THR A 134 13.05 -0.47 -5.62
C THR A 134 11.76 -0.96 -4.99
N GLY A 135 11.84 -1.63 -3.87
CA GLY A 135 10.61 -2.14 -3.21
C GLY A 135 9.72 -0.95 -2.82
N LYS A 136 10.31 0.10 -2.32
CA LYS A 136 9.50 1.28 -1.92
C LYS A 136 8.76 1.83 -3.15
N ALA A 137 9.39 1.79 -4.30
CA ALA A 137 8.72 2.29 -5.53
C ALA A 137 7.39 1.56 -5.71
N LYS A 138 7.31 0.34 -5.28
CA LYS A 138 6.04 -0.43 -5.43
C LYS A 138 4.96 0.22 -4.57
N ALA A 139 5.28 0.57 -3.36
CA ALA A 139 4.27 1.21 -2.47
C ALA A 139 3.96 2.61 -2.99
N ASP A 140 4.95 3.43 -3.14
CA ASP A 140 4.71 4.81 -3.65
C ASP A 140 3.95 4.74 -4.98
N ALA A 141 4.23 3.74 -5.78
CA ALA A 141 3.52 3.61 -7.08
C ALA A 141 2.01 3.54 -6.84
N LEU A 142 1.61 2.86 -5.81
CA LEU A 142 0.15 2.75 -5.51
C LEU A 142 -0.35 4.07 -4.93
N PHE A 143 0.39 4.65 -4.02
CA PHE A 143 -0.04 5.93 -3.40
C PHE A 143 -0.12 7.00 -4.50
N LYS A 144 0.94 7.22 -5.22
CA LYS A 144 0.92 8.24 -6.30
C LYS A 144 -0.31 8.02 -7.18
N ALA A 145 -0.56 6.81 -7.57
CA ALA A 145 -1.75 6.53 -8.43
C ALA A 145 -3.01 7.00 -7.70
N ILE A 146 -3.17 6.63 -6.46
CA ILE A 146 -4.37 7.06 -5.70
C ILE A 146 -4.32 8.58 -5.48
N GLU A 147 -3.18 9.09 -5.11
CA GLU A 147 -3.07 10.56 -4.89
C GLU A 147 -3.39 11.29 -6.19
N ALA A 148 -2.87 10.84 -7.29
CA ALA A 148 -3.16 11.51 -8.60
C ALA A 148 -4.66 11.47 -8.86
N TYR A 149 -5.32 10.43 -8.39
CA TYR A 149 -6.79 10.32 -8.61
C TYR A 149 -7.50 11.43 -7.83
N LEU A 150 -7.04 11.72 -6.65
CA LEU A 150 -7.68 12.80 -5.84
C LEU A 150 -7.35 14.16 -6.43
N LEU A 151 -6.13 14.35 -6.86
CA LEU A 151 -5.75 15.67 -7.45
C LEU A 151 -6.45 15.85 -8.80
N ALA A 152 -6.57 14.79 -9.56
CA ALA A 152 -7.25 14.90 -10.88
C ALA A 152 -8.76 15.02 -10.66
N HIS A 153 -9.23 14.70 -9.50
CA HIS A 153 -10.69 14.80 -9.22
C HIS A 153 -10.92 15.65 -7.97
N PRO A 154 -11.08 16.96 -8.15
CA PRO A 154 -11.31 17.90 -7.04
C PRO A 154 -12.69 17.72 -6.42
N ASP A 155 -13.59 17.10 -7.14
CA ASP A 155 -14.96 16.89 -6.59
C ASP A 155 -14.92 15.80 -5.52
N TYR A 156 -13.84 15.07 -5.44
CA TYR A 156 -13.75 13.99 -4.43
C TYR A 156 -13.39 14.59 -3.06
N ASN A 157 -14.18 14.32 -2.06
CA ASN A 157 -13.88 14.88 -0.70
C ASN A 157 -13.68 13.73 0.29
N GLY A 1 17.03 -11.96 9.58
CA GLY A 1 16.83 -11.83 8.10
C GLY A 1 15.68 -10.86 7.83
N VAL A 2 15.63 -9.77 8.55
CA VAL A 2 14.52 -8.79 8.33
C VAL A 2 15.08 -7.37 8.45
N PHE A 3 14.66 -6.48 7.58
CA PHE A 3 15.17 -5.09 7.64
C PHE A 3 14.00 -4.13 7.83
N THR A 4 14.21 -3.03 8.49
CA THR A 4 13.10 -2.05 8.70
C THR A 4 13.57 -0.65 8.29
N PHE A 5 12.81 0.03 7.47
CA PHE A 5 13.21 1.39 7.04
C PHE A 5 12.15 2.40 7.45
N GLU A 6 12.48 3.67 7.46
CA GLU A 6 11.48 4.70 7.86
C GLU A 6 11.54 5.86 6.87
N ASP A 7 10.41 6.34 6.42
CA ASP A 7 10.40 7.47 5.45
C ASP A 7 9.28 8.44 5.83
N GLU A 8 9.31 9.63 5.28
CA GLU A 8 8.25 10.62 5.59
C GLU A 8 7.23 10.66 4.46
N ILE A 9 5.99 10.98 4.77
CA ILE A 9 4.95 11.04 3.71
C ILE A 9 4.47 12.48 3.53
N ASN A 10 4.47 12.98 2.33
CA ASN A 10 4.02 14.38 2.10
C ASN A 10 2.98 14.40 0.98
N SER A 11 1.84 14.99 1.24
CA SER A 11 0.78 15.05 0.18
C SER A 11 -0.11 16.26 0.41
N PRO A 12 -0.38 17.03 -0.65
CA PRO A 12 -1.21 18.24 -0.58
C PRO A 12 -2.68 17.90 -0.33
N VAL A 13 -3.07 16.68 -0.59
CA VAL A 13 -4.50 16.29 -0.36
C VAL A 13 -4.78 16.24 1.14
N ALA A 14 -6.01 16.45 1.53
CA ALA A 14 -6.35 16.41 2.98
C ALA A 14 -6.12 15.01 3.53
N PRO A 15 -5.57 14.91 4.74
CA PRO A 15 -5.29 13.62 5.38
C PRO A 15 -6.57 12.87 5.76
N ALA A 16 -7.64 13.58 5.98
CA ALA A 16 -8.91 12.91 6.35
C ALA A 16 -9.55 12.29 5.11
N THR A 17 -9.49 12.96 3.99
CA THR A 17 -10.09 12.41 2.75
C THR A 17 -9.16 11.37 2.13
N LEU A 18 -7.88 11.63 2.11
CA LEU A 18 -6.93 10.66 1.52
C LEU A 18 -6.89 9.40 2.40
N TYR A 19 -6.95 9.56 3.69
CA TYR A 19 -6.91 8.38 4.59
C TYR A 19 -8.22 7.59 4.48
N LYS A 20 -9.32 8.28 4.31
CA LYS A 20 -10.62 7.56 4.19
C LYS A 20 -10.66 6.76 2.89
N ALA A 21 -10.28 7.36 1.80
CA ALA A 21 -10.30 6.62 0.51
C ALA A 21 -9.16 5.58 0.50
N LEU A 22 -8.02 5.95 1.00
CA LEU A 22 -6.88 4.99 1.02
C LEU A 22 -7.31 3.69 1.69
N VAL A 23 -7.99 3.77 2.79
CA VAL A 23 -8.44 2.52 3.49
C VAL A 23 -9.89 2.22 3.12
N THR A 24 -10.78 3.16 3.29
CA THR A 24 -12.21 2.91 2.96
C THR A 24 -12.38 2.71 1.44
N ASP A 25 -11.84 3.59 0.66
CA ASP A 25 -11.97 3.45 -0.82
C ASP A 25 -10.78 2.68 -1.38
N ALA A 26 -10.07 1.96 -0.55
CA ALA A 26 -8.90 1.19 -1.04
C ALA A 26 -9.37 0.20 -2.10
N ASP A 27 -10.37 -0.59 -1.79
CA ASP A 27 -10.87 -1.59 -2.77
C ASP A 27 -11.51 -0.87 -3.96
N ASN A 28 -12.08 0.28 -3.73
CA ASN A 28 -12.72 1.02 -4.86
C ASN A 28 -11.65 1.83 -5.60
N VAL A 29 -10.62 2.24 -4.93
CA VAL A 29 -9.55 3.03 -5.60
C VAL A 29 -8.64 2.07 -6.39
N ILE A 30 -8.42 0.90 -5.89
CA ILE A 30 -7.54 -0.07 -6.61
C ILE A 30 -8.00 -0.20 -8.06
N PRO A 31 -9.30 -0.48 -8.27
CA PRO A 31 -9.85 -0.64 -9.62
C PRO A 31 -9.86 0.69 -10.40
N LYS A 32 -10.08 1.77 -9.73
CA LYS A 32 -10.09 3.09 -10.43
C LYS A 32 -8.65 3.55 -10.66
N ALA A 33 -7.80 3.36 -9.69
CA ALA A 33 -6.37 3.78 -9.85
C ALA A 33 -5.73 2.91 -10.93
N LEU A 34 -6.08 1.65 -10.97
CA LEU A 34 -5.49 0.75 -12.00
C LEU A 34 -6.35 0.83 -13.27
N ASP A 35 -5.86 1.49 -14.28
CA ASP A 35 -6.66 1.62 -15.55
C ASP A 35 -6.94 0.23 -16.12
N SER A 36 -6.08 -0.73 -15.86
CA SER A 36 -6.32 -2.10 -16.42
C SER A 36 -6.80 -3.03 -15.31
N PHE A 37 -7.44 -2.50 -14.31
CA PHE A 37 -7.93 -3.37 -13.19
C PHE A 37 -8.77 -4.51 -13.77
N LYS A 38 -8.43 -5.73 -13.46
CA LYS A 38 -9.21 -6.88 -13.98
C LYS A 38 -10.34 -7.23 -13.01
N SER A 39 -10.01 -7.51 -11.78
CA SER A 39 -11.07 -7.87 -10.79
C SER A 39 -10.44 -8.01 -9.40
N VAL A 40 -11.25 -8.06 -8.37
CA VAL A 40 -10.72 -8.19 -6.99
C VAL A 40 -11.67 -9.04 -6.16
N GLU A 41 -11.14 -9.86 -5.29
CA GLU A 41 -12.02 -10.72 -4.45
C GLU A 41 -11.38 -10.92 -3.07
N ASN A 42 -12.18 -11.13 -2.06
CA ASN A 42 -11.61 -11.34 -0.69
C ASN A 42 -11.10 -12.78 -0.57
N VAL A 43 -9.89 -12.94 -0.09
CA VAL A 43 -9.34 -14.32 0.06
C VAL A 43 -9.83 -14.91 1.39
N GLU A 44 -9.79 -14.16 2.44
CA GLU A 44 -10.26 -14.68 3.76
C GLU A 44 -10.59 -13.51 4.68
N GLY A 45 -11.56 -13.67 5.54
CA GLY A 45 -11.94 -12.57 6.47
C GLY A 45 -13.10 -11.77 5.87
N ASN A 46 -13.50 -10.71 6.51
CA ASN A 46 -14.64 -9.90 5.99
C ASN A 46 -14.11 -8.55 5.50
N GLY A 47 -12.82 -8.37 5.50
CA GLY A 47 -12.25 -7.07 5.04
C GLY A 47 -11.67 -6.31 6.24
N GLY A 48 -11.82 -6.85 7.42
CA GLY A 48 -11.27 -6.16 8.62
C GLY A 48 -9.78 -6.46 8.74
N PRO A 49 -9.24 -6.35 9.96
CA PRO A 49 -7.81 -6.60 10.23
C PRO A 49 -7.46 -8.08 10.09
N GLY A 50 -6.34 -8.38 9.49
CA GLY A 50 -5.93 -9.81 9.34
C GLY A 50 -6.65 -10.41 8.12
N THR A 51 -7.52 -9.65 7.51
CA THR A 51 -8.26 -10.19 6.32
C THR A 51 -7.28 -10.36 5.16
N ILE A 52 -7.60 -11.24 4.24
CA ILE A 52 -6.69 -11.45 3.07
C ILE A 52 -7.45 -11.14 1.79
N LYS A 53 -6.90 -10.30 0.95
CA LYS A 53 -7.59 -9.94 -0.32
C LYS A 53 -6.69 -10.28 -1.52
N LYS A 54 -7.29 -10.67 -2.61
CA LYS A 54 -6.47 -11.00 -3.82
C LYS A 54 -6.82 -10.03 -4.95
N ILE A 55 -5.83 -9.41 -5.53
CA ILE A 55 -6.11 -8.44 -6.63
C ILE A 55 -5.50 -8.95 -7.93
N THR A 56 -6.15 -8.70 -9.04
CA THR A 56 -5.62 -9.17 -10.35
C THR A 56 -5.55 -7.99 -11.32
N PHE A 57 -4.40 -7.70 -11.85
CA PHE A 57 -4.28 -6.55 -12.80
C PHE A 57 -3.66 -7.03 -14.11
N LEU A 58 -3.59 -6.18 -15.09
CA LEU A 58 -3.00 -6.58 -16.40
C LEU A 58 -1.69 -5.82 -16.63
N GLU A 59 -0.68 -6.48 -17.11
CA GLU A 59 0.61 -5.79 -17.35
C GLU A 59 1.32 -6.42 -18.55
N ASP A 60 1.72 -5.63 -19.51
CA ASP A 60 2.40 -6.19 -20.70
C ASP A 60 1.55 -7.30 -21.31
N GLY A 61 0.25 -7.17 -21.25
CA GLY A 61 -0.64 -8.22 -21.83
C GLY A 61 -0.59 -9.46 -20.94
N GLU A 62 0.04 -9.37 -19.80
CA GLU A 62 0.12 -10.55 -18.89
C GLU A 62 -0.80 -10.31 -17.68
N THR A 63 -1.58 -11.30 -17.32
CA THR A 63 -2.48 -11.13 -16.15
C THR A 63 -1.71 -11.40 -14.85
N LYS A 64 -1.57 -10.40 -14.02
CA LYS A 64 -0.82 -10.59 -12.74
C LYS A 64 -1.77 -10.39 -11.56
N PHE A 65 -1.38 -10.82 -10.40
CA PHE A 65 -2.25 -10.65 -9.20
C PHE A 65 -1.39 -10.41 -7.96
N VAL A 66 -1.95 -9.81 -6.95
CA VAL A 66 -1.15 -9.56 -5.71
C VAL A 66 -2.02 -9.79 -4.48
N LEU A 67 -1.43 -10.21 -3.40
CA LEU A 67 -2.22 -10.45 -2.15
C LEU A 67 -1.83 -9.42 -1.09
N HIS A 68 -2.79 -8.78 -0.48
CA HIS A 68 -2.46 -7.77 0.56
C HIS A 68 -3.14 -8.15 1.88
N LYS A 69 -2.43 -8.03 2.97
CA LYS A 69 -3.03 -8.39 4.28
C LYS A 69 -3.04 -7.15 5.18
N ILE A 70 -4.04 -7.00 6.00
CA ILE A 70 -4.09 -5.81 6.90
C ILE A 70 -3.76 -6.23 8.33
N GLU A 71 -2.81 -5.58 8.95
CA GLU A 71 -2.45 -5.94 10.34
C GLU A 71 -3.43 -5.28 11.32
N SER A 72 -3.59 -3.99 11.21
CA SER A 72 -4.52 -3.28 12.13
C SER A 72 -4.86 -1.91 11.56
N ILE A 73 -6.11 -1.52 11.62
CA ILE A 73 -6.49 -0.18 11.09
C ILE A 73 -6.68 0.79 12.24
N ASP A 74 -6.14 1.98 12.12
CA ASP A 74 -6.28 2.98 13.21
C ASP A 74 -6.78 4.30 12.64
N GLU A 75 -8.04 4.38 12.31
CA GLU A 75 -8.59 5.65 11.73
C GLU A 75 -8.28 6.81 12.68
N ALA A 76 -8.34 6.57 13.96
CA ALA A 76 -8.04 7.67 14.93
C ALA A 76 -6.71 8.31 14.58
N ASN A 77 -5.69 7.52 14.38
CA ASN A 77 -4.36 8.09 14.03
C ASN A 77 -4.24 8.17 12.51
N LEU A 78 -5.32 8.08 11.81
CA LEU A 78 -5.27 8.16 10.31
C LEU A 78 -4.10 7.31 9.81
N GLY A 79 -3.98 6.11 10.31
CA GLY A 79 -2.86 5.23 9.84
C GLY A 79 -3.32 3.78 9.86
N TYR A 80 -2.67 2.93 9.11
CA TYR A 80 -3.06 1.49 9.09
C TYR A 80 -1.84 0.63 8.77
N SER A 81 -1.95 -0.66 8.90
CA SER A 81 -0.77 -1.53 8.59
C SER A 81 -1.19 -2.61 7.58
N TYR A 82 -0.34 -2.90 6.63
CA TYR A 82 -0.69 -3.94 5.62
C TYR A 82 0.60 -4.50 5.02
N SER A 83 0.52 -5.66 4.41
CA SER A 83 1.74 -6.28 3.81
C SER A 83 1.33 -7.14 2.62
N VAL A 84 2.24 -7.40 1.72
CA VAL A 84 1.90 -8.25 0.53
C VAL A 84 2.35 -9.69 0.81
N VAL A 85 1.52 -10.65 0.50
CA VAL A 85 1.90 -12.07 0.75
C VAL A 85 1.66 -12.91 -0.51
N GLY A 86 1.26 -12.30 -1.58
CA GLY A 86 1.02 -13.08 -2.83
C GLY A 86 1.15 -12.17 -4.05
N GLY A 87 1.62 -12.69 -5.15
CA GLY A 87 1.78 -11.85 -6.37
C GLY A 87 3.26 -11.64 -6.66
N ALA A 88 3.56 -10.83 -7.64
CA ALA A 88 4.98 -10.57 -7.98
C ALA A 88 5.66 -9.83 -6.82
N ALA A 89 4.89 -9.29 -5.91
CA ALA A 89 5.48 -8.57 -4.75
C ALA A 89 5.93 -9.58 -3.70
N LEU A 90 5.76 -10.85 -3.96
CA LEU A 90 6.17 -11.88 -2.97
C LEU A 90 7.35 -12.68 -3.54
N PRO A 91 8.57 -12.15 -3.40
CA PRO A 91 9.79 -12.81 -3.88
C PRO A 91 10.12 -14.08 -3.10
N ASP A 92 10.96 -14.92 -3.65
CA ASP A 92 11.33 -16.18 -2.93
C ASP A 92 12.37 -15.89 -1.86
N THR A 93 13.25 -14.93 -2.09
CA THR A 93 14.30 -14.63 -1.09
C THR A 93 13.71 -13.77 0.04
N ALA A 94 12.53 -13.26 -0.14
CA ALA A 94 11.91 -12.42 0.94
C ALA A 94 10.60 -13.06 1.40
N GLU A 95 10.45 -13.26 2.68
CA GLU A 95 9.19 -13.88 3.19
C GLU A 95 8.00 -12.97 2.86
N LYS A 96 8.10 -11.71 3.19
CA LYS A 96 6.98 -10.77 2.90
C LYS A 96 7.38 -9.36 3.34
N ILE A 97 6.77 -8.36 2.77
CA ILE A 97 7.13 -6.96 3.14
C ILE A 97 5.94 -6.30 3.84
N THR A 98 6.19 -5.58 4.90
CA THR A 98 5.08 -4.90 5.63
C THR A 98 5.15 -3.39 5.36
N PHE A 99 4.02 -2.77 5.13
CA PHE A 99 4.03 -1.31 4.85
C PHE A 99 3.23 -0.57 5.93
N ASP A 100 3.86 0.34 6.63
CA ASP A 100 3.15 1.09 7.69
C ASP A 100 3.13 2.57 7.32
N SER A 101 2.00 3.09 6.91
CA SER A 101 1.93 4.52 6.53
C SER A 101 0.99 5.26 7.48
N LYS A 102 1.38 6.42 7.93
CA LYS A 102 0.51 7.19 8.86
C LYS A 102 0.43 8.64 8.38
N LEU A 103 -0.75 9.20 8.30
CA LEU A 103 -0.89 10.60 7.84
C LEU A 103 -1.51 11.44 8.95
N VAL A 104 -0.89 12.53 9.30
CA VAL A 104 -1.45 13.39 10.39
C VAL A 104 -1.73 14.79 9.86
N ALA A 105 -2.36 15.61 10.64
CA ALA A 105 -2.66 17.00 10.18
C ALA A 105 -1.40 17.87 10.35
N GLY A 106 -0.99 18.53 9.31
CA GLY A 106 0.22 19.39 9.41
C GLY A 106 -0.12 20.82 9.00
N PRO A 107 0.65 21.80 9.49
CA PRO A 107 0.43 23.22 9.18
C PRO A 107 0.76 23.52 7.71
N ASN A 108 1.22 22.54 6.99
CA ASN A 108 1.56 22.76 5.55
C ASN A 108 0.28 22.90 4.73
N GLY A 109 -0.84 22.49 5.29
CA GLY A 109 -2.12 22.60 4.53
C GLY A 109 -2.38 21.29 3.79
N GLY A 110 -1.58 20.29 4.02
CA GLY A 110 -1.79 18.99 3.31
C GLY A 110 -1.75 17.85 4.33
N SER A 111 -1.10 16.76 3.99
CA SER A 111 -1.03 15.61 4.94
C SER A 111 0.44 15.29 5.22
N ALA A 112 0.75 14.96 6.45
CA ALA A 112 2.16 14.63 6.79
C ALA A 112 2.18 13.55 7.89
N GLY A 113 3.17 12.70 7.87
CA GLY A 113 3.23 11.64 8.92
C GLY A 113 4.54 10.87 8.78
N LYS A 114 4.51 9.58 9.01
CA LYS A 114 5.75 8.78 8.90
C LYS A 114 5.43 7.41 8.30
N LEU A 115 6.26 6.93 7.41
CA LEU A 115 5.99 5.61 6.78
C LEU A 115 7.08 4.62 7.19
N THR A 116 6.71 3.42 7.54
CA THR A 116 7.74 2.41 7.93
C THR A 116 7.59 1.15 7.08
N VAL A 117 8.65 0.72 6.47
CA VAL A 117 8.57 -0.51 5.63
C VAL A 117 9.34 -1.65 6.30
N LYS A 118 8.78 -2.83 6.33
CA LYS A 118 9.48 -3.96 6.97
C LYS A 118 9.81 -5.03 5.92
N TYR A 119 11.07 -5.35 5.75
CA TYR A 119 11.44 -6.37 4.75
C TYR A 119 11.77 -7.69 5.46
N GLU A 120 11.15 -8.77 5.07
CA GLU A 120 11.44 -10.07 5.73
C GLU A 120 12.19 -10.98 4.75
N THR A 121 13.27 -11.57 5.20
CA THR A 121 14.05 -12.46 4.29
C THR A 121 13.84 -13.91 4.71
N LYS A 122 14.04 -14.84 3.82
CA LYS A 122 13.86 -16.27 4.16
C LYS A 122 14.82 -16.65 5.29
N GLY A 123 16.02 -16.11 5.28
CA GLY A 123 16.99 -16.44 6.36
C GLY A 123 18.38 -15.93 5.96
N ASP A 124 19.25 -16.81 5.54
CA ASP A 124 20.61 -16.38 5.13
C ASP A 124 20.50 -15.34 4.00
N ALA A 125 19.55 -15.50 3.13
CA ALA A 125 19.39 -14.53 2.01
C ALA A 125 19.33 -13.11 2.57
N GLU A 126 20.00 -12.19 1.95
CA GLU A 126 19.97 -10.78 2.45
C GLU A 126 20.13 -9.82 1.27
N PRO A 127 19.05 -9.13 0.90
CA PRO A 127 19.07 -8.17 -0.22
C PRO A 127 19.86 -6.91 0.12
N ASN A 128 20.43 -6.27 -0.86
CA ASN A 128 21.23 -5.04 -0.58
C ASN A 128 20.29 -3.84 -0.48
N GLN A 129 20.83 -2.68 -0.22
CA GLN A 129 19.96 -1.46 -0.11
C GLN A 129 19.37 -1.13 -1.49
N ASP A 130 20.13 -1.35 -2.53
CA ASP A 130 19.62 -1.04 -3.90
C ASP A 130 18.35 -1.85 -4.15
N GLU A 131 18.37 -3.12 -3.88
CA GLU A 131 17.16 -3.95 -4.11
C GLU A 131 16.01 -3.43 -3.25
N LEU A 132 16.30 -3.04 -2.04
CA LEU A 132 15.23 -2.52 -1.14
C LEU A 132 14.64 -1.24 -1.75
N LYS A 133 15.45 -0.44 -2.38
CA LYS A 133 14.93 0.82 -2.98
C LYS A 133 13.94 0.48 -4.10
N THR A 134 14.30 -0.42 -4.98
CA THR A 134 13.38 -0.79 -6.09
C THR A 134 12.05 -1.26 -5.49
N GLY A 135 12.09 -1.89 -4.36
CA GLY A 135 10.82 -2.38 -3.74
C GLY A 135 9.92 -1.18 -3.43
N LYS A 136 10.48 -0.13 -2.90
CA LYS A 136 9.66 1.07 -2.57
C LYS A 136 9.15 1.71 -3.86
N ALA A 137 9.97 1.75 -4.88
CA ALA A 137 9.53 2.35 -6.17
C ALA A 137 8.27 1.64 -6.66
N LYS A 138 8.15 0.37 -6.36
CA LYS A 138 6.94 -0.38 -6.79
C LYS A 138 5.76 -0.03 -5.88
N ALA A 139 6.00 0.10 -4.61
CA ALA A 139 4.90 0.44 -3.67
C ALA A 139 4.59 1.93 -3.77
N ASP A 140 5.55 2.73 -4.16
CA ASP A 140 5.30 4.20 -4.28
C ASP A 140 4.20 4.44 -5.31
N ALA A 141 4.21 3.74 -6.40
CA ALA A 141 3.16 3.94 -7.43
C ALA A 141 1.78 3.72 -6.80
N LEU A 142 1.62 2.69 -6.03
CA LEU A 142 0.31 2.43 -5.38
C LEU A 142 -0.13 3.68 -4.60
N PHE A 143 0.77 4.24 -3.84
CA PHE A 143 0.42 5.46 -3.06
C PHE A 143 0.02 6.59 -4.01
N LYS A 144 0.83 6.84 -5.00
CA LYS A 144 0.50 7.93 -5.97
C LYS A 144 -0.78 7.57 -6.72
N ALA A 145 -1.00 6.31 -6.97
CA ALA A 145 -2.24 5.90 -7.69
C ALA A 145 -3.46 6.42 -6.94
N ILE A 146 -3.56 6.14 -5.67
CA ILE A 146 -4.73 6.61 -4.88
C ILE A 146 -4.67 8.13 -4.75
N GLU A 147 -3.56 8.66 -4.31
CA GLU A 147 -3.44 10.14 -4.15
C GLU A 147 -3.67 10.82 -5.50
N ALA A 148 -3.07 10.31 -6.54
CA ALA A 148 -3.25 10.93 -7.88
C ALA A 148 -4.73 10.91 -8.26
N TYR A 149 -5.45 9.92 -7.81
CA TYR A 149 -6.91 9.85 -8.14
C TYR A 149 -7.66 10.97 -7.42
N LEU A 150 -7.33 11.22 -6.19
CA LEU A 150 -8.03 12.31 -5.44
C LEU A 150 -7.70 13.66 -6.07
N LEU A 151 -6.45 13.92 -6.35
CA LEU A 151 -6.08 15.22 -6.97
C LEU A 151 -6.78 15.37 -8.32
N ALA A 152 -6.96 14.28 -9.03
CA ALA A 152 -7.64 14.36 -10.35
C ALA A 152 -9.16 14.36 -10.15
N HIS A 153 -9.61 14.08 -8.97
CA HIS A 153 -11.08 14.06 -8.71
C HIS A 153 -11.41 15.04 -7.60
N PRO A 154 -11.69 16.31 -7.95
CA PRO A 154 -12.03 17.35 -6.96
C PRO A 154 -13.41 17.11 -6.35
N ASP A 155 -14.25 16.36 -7.00
CA ASP A 155 -15.61 16.10 -6.45
C ASP A 155 -15.49 15.18 -5.24
N TYR A 156 -14.39 14.50 -5.10
CA TYR A 156 -14.23 13.58 -3.94
C TYR A 156 -14.16 14.40 -2.64
N ASN A 157 -14.44 13.79 -1.53
CA ASN A 157 -14.39 14.53 -0.24
C ASN A 157 -13.02 15.18 -0.08
N GLY A 1 17.01 -9.50 12.26
CA GLY A 1 15.90 -10.36 11.75
C GLY A 1 15.39 -9.80 10.43
N VAL A 2 14.74 -8.66 10.47
CA VAL A 2 14.22 -8.06 9.21
C VAL A 2 14.64 -6.59 9.14
N PHE A 3 14.83 -6.08 7.95
CA PHE A 3 15.26 -4.66 7.80
C PHE A 3 14.05 -3.74 7.92
N THR A 4 14.12 -2.77 8.79
CA THR A 4 12.97 -1.83 8.96
C THR A 4 13.44 -0.40 8.69
N PHE A 5 12.90 0.24 7.69
CA PHE A 5 13.32 1.64 7.38
C PHE A 5 12.20 2.61 7.72
N GLU A 6 12.49 3.88 7.81
CA GLU A 6 11.43 4.87 8.13
C GLU A 6 11.55 6.07 7.18
N ASP A 7 10.46 6.51 6.65
CA ASP A 7 10.50 7.67 5.72
C ASP A 7 9.35 8.63 6.02
N GLU A 8 9.41 9.83 5.52
CA GLU A 8 8.31 10.81 5.79
C GLU A 8 7.43 10.94 4.56
N ILE A 9 6.21 11.39 4.72
CA ILE A 9 5.30 11.54 3.55
C ILE A 9 4.70 12.94 3.55
N ASN A 10 4.64 13.57 2.41
CA ASN A 10 4.06 14.94 2.34
C ASN A 10 3.19 15.07 1.09
N SER A 11 2.05 15.68 1.21
CA SER A 11 1.16 15.83 0.03
C SER A 11 0.29 17.08 0.20
N PRO A 12 0.11 17.85 -0.88
CA PRO A 12 -0.71 19.07 -0.86
C PRO A 12 -2.20 18.77 -0.74
N VAL A 13 -2.55 17.51 -0.65
CA VAL A 13 -3.99 17.15 -0.53
C VAL A 13 -4.33 16.89 0.94
N ALA A 14 -5.57 17.05 1.32
CA ALA A 14 -5.97 16.81 2.73
C ALA A 14 -5.75 15.34 3.08
N PRO A 15 -5.02 15.07 4.18
CA PRO A 15 -4.74 13.70 4.62
C PRO A 15 -6.00 12.97 5.10
N ALA A 16 -6.99 13.71 5.53
CA ALA A 16 -8.25 13.05 5.99
C ALA A 16 -8.96 12.43 4.78
N THR A 17 -8.92 13.09 3.66
CA THR A 17 -9.58 12.53 2.45
C THR A 17 -8.76 11.36 1.92
N LEU A 18 -7.45 11.46 1.96
CA LEU A 18 -6.59 10.36 1.47
C LEU A 18 -6.70 9.17 2.43
N TYR A 19 -6.75 9.43 3.70
CA TYR A 19 -6.85 8.31 4.69
C TYR A 19 -8.16 7.55 4.49
N LYS A 20 -9.26 8.25 4.43
CA LYS A 20 -10.56 7.56 4.24
C LYS A 20 -10.61 6.89 2.87
N ALA A 21 -10.21 7.59 1.84
CA ALA A 21 -10.22 6.98 0.48
C ALA A 21 -9.11 5.93 0.38
N LEU A 22 -8.06 6.10 1.12
CA LEU A 22 -6.94 5.11 1.06
C LEU A 22 -7.41 3.77 1.63
N VAL A 23 -8.06 3.78 2.76
CA VAL A 23 -8.52 2.50 3.36
C VAL A 23 -10.01 2.27 3.02
N THR A 24 -10.84 3.24 3.28
CA THR A 24 -12.29 3.08 2.98
C THR A 24 -12.51 2.88 1.49
N ASP A 25 -11.87 3.68 0.67
CA ASP A 25 -12.06 3.52 -0.80
C ASP A 25 -10.90 2.71 -1.39
N ALA A 26 -10.04 2.19 -0.56
CA ALA A 26 -8.90 1.40 -1.09
C ALA A 26 -9.40 0.42 -2.15
N ASP A 27 -10.39 -0.37 -1.82
CA ASP A 27 -10.93 -1.36 -2.80
C ASP A 27 -11.61 -0.61 -3.95
N ASN A 28 -12.04 0.60 -3.71
CA ASN A 28 -12.74 1.36 -4.80
C ASN A 28 -11.70 2.16 -5.59
N VAL A 29 -10.59 2.48 -4.98
CA VAL A 29 -9.54 3.25 -5.70
C VAL A 29 -8.66 2.30 -6.51
N ILE A 30 -8.42 1.13 -6.00
CA ILE A 30 -7.57 0.15 -6.74
C ILE A 30 -8.14 -0.10 -8.14
N PRO A 31 -9.47 -0.33 -8.24
CA PRO A 31 -10.13 -0.59 -9.52
C PRO A 31 -10.14 0.64 -10.43
N LYS A 32 -10.29 1.81 -9.86
CA LYS A 32 -10.30 3.04 -10.69
C LYS A 32 -8.88 3.55 -10.87
N ALA A 33 -8.01 3.29 -9.93
CA ALA A 33 -6.61 3.76 -10.05
C ALA A 33 -5.90 2.95 -11.15
N LEU A 34 -6.25 1.70 -11.29
CA LEU A 34 -5.61 0.86 -12.35
C LEU A 34 -6.52 0.86 -13.59
N ASP A 35 -6.07 1.45 -14.66
CA ASP A 35 -6.91 1.49 -15.89
C ASP A 35 -7.23 0.07 -16.38
N SER A 36 -6.28 -0.83 -16.34
CA SER A 36 -6.55 -2.21 -16.82
C SER A 36 -6.97 -3.10 -15.65
N PHE A 37 -7.54 -2.53 -14.63
CA PHE A 37 -7.96 -3.36 -13.47
C PHE A 37 -8.99 -4.41 -13.94
N LYS A 38 -8.83 -5.63 -13.53
CA LYS A 38 -9.79 -6.69 -13.96
C LYS A 38 -10.88 -6.88 -12.92
N SER A 39 -10.53 -7.02 -11.67
CA SER A 39 -11.58 -7.22 -10.62
C SER A 39 -10.92 -7.33 -9.24
N VAL A 40 -11.72 -7.34 -8.20
CA VAL A 40 -11.16 -7.46 -6.83
C VAL A 40 -11.98 -8.46 -6.02
N GLU A 41 -11.34 -9.40 -5.39
CA GLU A 41 -12.11 -10.40 -4.59
C GLU A 41 -11.42 -10.62 -3.24
N ASN A 42 -12.18 -10.85 -2.21
CA ASN A 42 -11.58 -11.07 -0.87
C ASN A 42 -11.14 -12.53 -0.73
N VAL A 43 -9.91 -12.76 -0.35
CA VAL A 43 -9.44 -14.16 -0.20
C VAL A 43 -9.80 -14.69 1.19
N GLU A 44 -9.66 -13.87 2.19
CA GLU A 44 -10.00 -14.33 3.57
C GLU A 44 -10.26 -13.11 4.47
N GLY A 45 -11.17 -13.23 5.39
CA GLY A 45 -11.47 -12.09 6.30
C GLY A 45 -12.71 -11.34 5.78
N ASN A 46 -13.37 -10.60 6.63
CA ASN A 46 -14.57 -9.85 6.20
C ASN A 46 -14.17 -8.42 5.80
N GLY A 47 -12.90 -8.13 5.80
CA GLY A 47 -12.45 -6.76 5.43
C GLY A 47 -11.83 -6.08 6.64
N GLY A 48 -11.95 -6.68 7.80
CA GLY A 48 -11.36 -6.06 9.02
C GLY A 48 -9.86 -6.33 9.05
N PRO A 49 -9.25 -6.25 10.25
CA PRO A 49 -7.81 -6.50 10.42
C PRO A 49 -7.46 -7.98 10.23
N GLY A 50 -6.46 -8.26 9.44
CA GLY A 50 -6.07 -9.67 9.21
C GLY A 50 -6.77 -10.20 7.96
N THR A 51 -7.56 -9.38 7.31
CA THR A 51 -8.28 -9.82 6.09
C THR A 51 -7.30 -9.88 4.92
N ILE A 52 -7.58 -10.70 3.94
CA ILE A 52 -6.68 -10.80 2.77
C ILE A 52 -7.49 -10.67 1.48
N LYS A 53 -6.98 -9.94 0.53
CA LYS A 53 -7.74 -9.76 -0.75
C LYS A 53 -6.85 -10.14 -1.94
N LYS A 54 -7.46 -10.57 -3.01
CA LYS A 54 -6.66 -10.96 -4.22
C LYS A 54 -6.94 -9.97 -5.34
N ILE A 55 -5.93 -9.37 -5.90
CA ILE A 55 -6.15 -8.40 -7.00
C ILE A 55 -5.56 -8.95 -8.30
N THR A 56 -6.22 -8.72 -9.41
CA THR A 56 -5.68 -9.23 -10.70
C THR A 56 -5.69 -8.11 -11.74
N PHE A 57 -4.54 -7.77 -12.25
CA PHE A 57 -4.47 -6.67 -13.28
C PHE A 57 -3.79 -7.21 -14.54
N LEU A 58 -3.80 -6.44 -15.60
CA LEU A 58 -3.15 -6.90 -16.86
C LEU A 58 -1.84 -6.15 -17.06
N GLU A 59 -0.86 -6.79 -17.63
CA GLU A 59 0.45 -6.11 -17.85
C GLU A 59 1.03 -6.55 -19.20
N ASP A 60 1.31 -5.61 -20.07
CA ASP A 60 1.89 -5.98 -21.39
C ASP A 60 1.03 -7.09 -22.02
N GLY A 61 -0.23 -7.15 -21.69
CA GLY A 61 -1.10 -8.20 -22.26
C GLY A 61 -0.99 -9.46 -21.42
N GLU A 62 -0.40 -9.37 -20.26
CA GLU A 62 -0.26 -10.56 -19.39
C GLU A 62 -1.23 -10.46 -18.21
N THR A 63 -1.57 -11.56 -17.61
CA THR A 63 -2.52 -11.53 -16.46
C THR A 63 -1.74 -11.73 -15.16
N LYS A 64 -1.67 -10.73 -14.32
CA LYS A 64 -0.94 -10.86 -13.04
C LYS A 64 -1.89 -10.61 -11.87
N PHE A 65 -1.53 -11.01 -10.70
CA PHE A 65 -2.42 -10.79 -9.52
C PHE A 65 -1.57 -10.52 -8.28
N VAL A 66 -2.14 -9.91 -7.27
CA VAL A 66 -1.34 -9.63 -6.04
C VAL A 66 -2.20 -9.90 -4.81
N LEU A 67 -1.60 -10.35 -3.75
CA LEU A 67 -2.37 -10.64 -2.50
C LEU A 67 -1.89 -9.70 -1.39
N HIS A 68 -2.79 -9.16 -0.62
CA HIS A 68 -2.38 -8.24 0.47
C HIS A 68 -3.04 -8.67 1.79
N LYS A 69 -2.33 -8.56 2.87
CA LYS A 69 -2.91 -8.95 4.19
C LYS A 69 -2.95 -7.74 5.11
N ILE A 70 -3.94 -7.64 5.95
CA ILE A 70 -4.03 -6.47 6.86
C ILE A 70 -3.62 -6.89 8.28
N GLU A 71 -2.68 -6.19 8.87
CA GLU A 71 -2.24 -6.55 10.24
C GLU A 71 -3.12 -5.82 11.26
N SER A 72 -3.46 -4.59 11.01
CA SER A 72 -4.32 -3.83 11.97
C SER A 72 -4.69 -2.48 11.35
N ILE A 73 -5.83 -1.95 11.71
CA ILE A 73 -6.24 -0.64 11.15
C ILE A 73 -6.52 0.33 12.30
N ASP A 74 -6.01 1.52 12.22
CA ASP A 74 -6.24 2.51 13.32
C ASP A 74 -6.79 3.81 12.72
N GLU A 75 -8.07 3.89 12.53
CA GLU A 75 -8.66 5.13 11.95
C GLU A 75 -8.45 6.30 12.91
N ALA A 76 -8.43 6.02 14.19
CA ALA A 76 -8.22 7.12 15.18
C ALA A 76 -6.86 7.77 14.94
N ASN A 77 -5.83 6.99 14.79
CA ASN A 77 -4.48 7.58 14.55
C ASN A 77 -4.26 7.76 13.04
N LEU A 78 -5.31 7.68 12.27
CA LEU A 78 -5.16 7.85 10.80
C LEU A 78 -4.00 6.99 10.30
N GLY A 79 -3.99 5.73 10.63
CA GLY A 79 -2.88 4.85 10.17
C GLY A 79 -3.36 3.39 10.16
N TYR A 80 -2.72 2.56 9.39
CA TYR A 80 -3.13 1.13 9.34
C TYR A 80 -1.91 0.27 9.00
N SER A 81 -2.01 -1.02 9.13
CA SER A 81 -0.84 -1.90 8.83
C SER A 81 -1.26 -2.97 7.83
N TYR A 82 -0.43 -3.26 6.87
CA TYR A 82 -0.77 -4.31 5.86
C TYR A 82 0.52 -4.93 5.31
N SER A 83 0.44 -6.13 4.82
CA SER A 83 1.66 -6.79 4.28
C SER A 83 1.28 -7.66 3.07
N VAL A 84 2.22 -7.91 2.19
CA VAL A 84 1.90 -8.75 1.00
C VAL A 84 2.36 -10.19 1.26
N VAL A 85 1.50 -11.15 1.07
CA VAL A 85 1.88 -12.56 1.31
C VAL A 85 1.56 -13.41 0.07
N GLY A 86 1.11 -12.80 -0.98
CA GLY A 86 0.78 -13.57 -2.21
C GLY A 86 0.79 -12.64 -3.42
N GLY A 87 1.15 -13.15 -4.57
CA GLY A 87 1.17 -12.29 -5.79
C GLY A 87 2.54 -12.41 -6.47
N ALA A 88 2.58 -12.23 -7.76
CA ALA A 88 3.88 -12.33 -8.49
C ALA A 88 4.83 -11.23 -7.99
N ALA A 89 4.32 -10.27 -7.28
CA ALA A 89 5.20 -9.18 -6.77
C ALA A 89 5.93 -9.66 -5.52
N LEU A 90 5.58 -10.82 -5.02
CA LEU A 90 6.26 -11.35 -3.81
C LEU A 90 7.61 -11.95 -4.21
N PRO A 91 8.71 -11.37 -3.73
CA PRO A 91 10.07 -11.84 -4.02
C PRO A 91 10.35 -13.21 -3.38
N ASP A 92 11.14 -14.02 -4.03
CA ASP A 92 11.44 -15.36 -3.47
C ASP A 92 12.52 -15.23 -2.38
N THR A 93 13.37 -14.25 -2.49
CA THR A 93 14.44 -14.08 -1.47
C THR A 93 13.85 -13.38 -0.24
N ALA A 94 12.63 -12.92 -0.32
CA ALA A 94 12.01 -12.24 0.85
C ALA A 94 10.78 -13.02 1.30
N GLU A 95 10.75 -13.42 2.55
CA GLU A 95 9.58 -14.20 3.05
C GLU A 95 8.32 -13.35 2.95
N LYS A 96 8.34 -12.16 3.49
CA LYS A 96 7.13 -11.28 3.42
C LYS A 96 7.53 -9.83 3.61
N ILE A 97 6.68 -8.92 3.23
CA ILE A 97 7.01 -7.47 3.39
C ILE A 97 5.88 -6.78 4.18
N THR A 98 6.23 -6.03 5.18
CA THR A 98 5.18 -5.34 5.99
C THR A 98 5.25 -3.83 5.72
N PHE A 99 4.12 -3.20 5.56
CA PHE A 99 4.12 -1.73 5.30
C PHE A 99 3.35 -1.01 6.40
N ASP A 100 3.99 -0.10 7.10
CA ASP A 100 3.30 0.65 8.17
C ASP A 100 3.26 2.13 7.81
N SER A 101 2.10 2.64 7.52
CA SER A 101 2.00 4.09 7.15
C SER A 101 1.02 4.80 8.07
N LYS A 102 1.37 5.97 8.52
CA LYS A 102 0.46 6.74 9.43
C LYS A 102 0.33 8.17 8.89
N LEU A 103 -0.87 8.64 8.70
CA LEU A 103 -1.04 10.02 8.16
C LEU A 103 -1.54 10.96 9.27
N VAL A 104 -0.90 12.08 9.43
CA VAL A 104 -1.34 13.05 10.48
C VAL A 104 -1.28 14.47 9.91
N ALA A 105 -2.21 15.31 10.27
CA ALA A 105 -2.20 16.70 9.74
C ALA A 105 -0.89 17.40 10.14
N GLY A 106 -0.32 18.16 9.25
CA GLY A 106 0.94 18.87 9.57
C GLY A 106 0.81 20.35 9.21
N PRO A 107 1.72 21.19 9.72
CA PRO A 107 1.70 22.63 9.45
C PRO A 107 2.08 22.94 7.99
N ASN A 108 2.54 21.95 7.27
CA ASN A 108 2.92 22.19 5.85
C ASN A 108 1.73 22.73 5.07
N GLY A 109 0.54 22.32 5.45
CA GLY A 109 -0.68 22.80 4.73
C GLY A 109 -1.18 21.71 3.80
N GLY A 110 -0.93 20.47 4.12
CA GLY A 110 -1.38 19.35 3.26
C GLY A 110 -1.47 18.06 4.08
N SER A 111 -0.80 17.03 3.65
CA SER A 111 -0.84 15.75 4.40
C SER A 111 0.57 15.37 4.87
N ALA A 112 0.68 14.79 6.02
CA ALA A 112 2.02 14.39 6.54
C ALA A 112 1.89 13.06 7.29
N GLY A 113 2.97 12.38 7.51
CA GLY A 113 2.89 11.08 8.24
C GLY A 113 4.25 10.37 8.19
N LYS A 114 4.37 9.26 8.85
CA LYS A 114 5.66 8.52 8.85
C LYS A 114 5.49 7.20 8.09
N LEU A 115 6.49 6.82 7.32
CA LEU A 115 6.38 5.55 6.55
C LEU A 115 7.44 4.56 7.04
N THR A 116 7.05 3.35 7.30
CA THR A 116 8.03 2.35 7.79
C THR A 116 7.90 1.07 6.94
N VAL A 117 8.95 0.65 6.30
CA VAL A 117 8.88 -0.58 5.46
C VAL A 117 9.62 -1.72 6.15
N LYS A 118 9.04 -2.89 6.17
CA LYS A 118 9.72 -4.04 6.83
C LYS A 118 10.03 -5.10 5.76
N TYR A 119 11.29 -5.38 5.55
CA TYR A 119 11.67 -6.39 4.52
C TYR A 119 12.17 -7.66 5.21
N GLU A 120 11.53 -8.77 4.97
CA GLU A 120 11.97 -10.04 5.61
C GLU A 120 12.66 -10.92 4.56
N THR A 121 13.80 -11.47 4.89
CA THR A 121 14.52 -12.33 3.91
C THR A 121 14.46 -13.79 4.36
N LYS A 122 14.87 -14.70 3.52
CA LYS A 122 14.83 -16.14 3.91
C LYS A 122 15.61 -16.34 5.21
N GLY A 123 16.72 -15.70 5.36
CA GLY A 123 17.52 -15.85 6.61
C GLY A 123 18.88 -15.15 6.44
N ASP A 124 19.87 -15.87 6.00
CA ASP A 124 21.22 -15.25 5.81
C ASP A 124 21.17 -14.27 4.64
N ALA A 125 20.41 -14.59 3.63
CA ALA A 125 20.32 -13.68 2.45
C ALA A 125 20.15 -12.24 2.94
N GLU A 126 20.89 -11.32 2.38
CA GLU A 126 20.77 -9.90 2.80
C GLU A 126 20.51 -9.02 1.59
N PRO A 127 19.38 -8.29 1.59
CA PRO A 127 19.00 -7.40 0.48
C PRO A 127 19.91 -6.17 0.41
N ASN A 128 20.11 -5.65 -0.77
CA ASN A 128 20.98 -4.45 -0.90
C ASN A 128 20.13 -3.19 -0.82
N GLN A 129 20.72 -2.09 -0.43
CA GLN A 129 19.94 -0.82 -0.33
C GLN A 129 19.17 -0.59 -1.63
N ASP A 130 19.76 -0.90 -2.74
CA ASP A 130 19.07 -0.71 -4.04
C ASP A 130 17.78 -1.54 -4.07
N GLU A 131 17.87 -2.80 -3.71
CA GLU A 131 16.66 -3.66 -3.71
C GLU A 131 15.61 -3.06 -2.77
N LEU A 132 16.03 -2.60 -1.62
CA LEU A 132 15.06 -2.01 -0.66
C LEU A 132 14.36 -0.81 -1.31
N LYS A 133 15.06 -0.08 -2.13
CA LYS A 133 14.44 1.10 -2.80
C LYS A 133 13.31 0.62 -3.72
N THR A 134 13.56 -0.39 -4.50
CA THR A 134 12.52 -0.91 -5.43
C THR A 134 11.29 -1.30 -4.63
N GLY A 135 11.48 -1.86 -3.46
CA GLY A 135 10.32 -2.27 -2.62
C GLY A 135 9.45 -1.05 -2.31
N LYS A 136 10.06 0.02 -1.90
CA LYS A 136 9.27 1.24 -1.57
C LYS A 136 8.46 1.67 -2.80
N ALA A 137 9.02 1.51 -3.97
CA ALA A 137 8.28 1.90 -5.21
C ALA A 137 6.97 1.12 -5.28
N LYS A 138 6.95 -0.09 -4.80
CA LYS A 138 5.69 -0.89 -4.85
C LYS A 138 4.72 -0.36 -3.79
N ALA A 139 5.20 -0.08 -2.61
CA ALA A 139 4.30 0.43 -1.55
C ALA A 139 3.85 1.85 -1.89
N ASP A 140 4.77 2.71 -2.25
CA ASP A 140 4.39 4.10 -2.60
C ASP A 140 3.60 4.10 -3.90
N ALA A 141 3.76 3.09 -4.71
CA ALA A 141 3.01 3.03 -6.00
C ALA A 141 1.50 3.13 -5.73
N LEU A 142 1.01 2.35 -4.80
CA LEU A 142 -0.44 2.40 -4.49
C LEU A 142 -0.83 3.83 -4.11
N PHE A 143 0.05 4.54 -3.44
CA PHE A 143 -0.26 5.94 -3.05
C PHE A 143 -0.17 6.84 -4.29
N LYS A 144 0.93 6.79 -4.97
CA LYS A 144 1.08 7.64 -6.19
C LYS A 144 -0.11 7.41 -7.13
N ALA A 145 -0.57 6.19 -7.22
CA ALA A 145 -1.73 5.91 -8.11
C ALA A 145 -2.99 6.55 -7.53
N ILE A 146 -3.25 6.32 -6.27
CA ILE A 146 -4.47 6.92 -5.64
C ILE A 146 -4.36 8.45 -5.68
N GLU A 147 -3.29 8.99 -5.14
CA GLU A 147 -3.13 10.47 -5.14
C GLU A 147 -3.47 11.02 -6.53
N ALA A 148 -2.89 10.46 -7.56
CA ALA A 148 -3.19 10.93 -8.93
C ALA A 148 -4.69 10.85 -9.19
N TYR A 149 -5.33 9.83 -8.69
CA TYR A 149 -6.80 9.69 -8.89
C TYR A 149 -7.52 10.77 -8.09
N LEU A 150 -7.04 11.08 -6.92
CA LEU A 150 -7.69 12.14 -6.09
C LEU A 150 -7.70 13.46 -6.87
N LEU A 151 -6.65 13.74 -7.58
CA LEU A 151 -6.59 15.01 -8.36
C LEU A 151 -7.48 14.89 -9.60
N ALA A 152 -7.66 13.70 -10.09
CA ALA A 152 -8.52 13.52 -11.30
C ALA A 152 -9.99 13.75 -10.93
N HIS A 153 -10.32 13.62 -9.67
CA HIS A 153 -11.73 13.82 -9.25
C HIS A 153 -11.78 14.81 -8.09
N PRO A 154 -11.94 16.11 -8.40
CA PRO A 154 -12.00 17.16 -7.38
C PRO A 154 -13.30 17.10 -6.57
N ASP A 155 -14.29 16.42 -7.07
CA ASP A 155 -15.58 16.32 -6.35
C ASP A 155 -15.44 15.31 -5.20
N TYR A 156 -14.44 14.48 -5.26
CA TYR A 156 -14.25 13.47 -4.17
C TYR A 156 -13.87 14.18 -2.88
N ASN A 157 -14.66 14.03 -1.86
CA ASN A 157 -14.33 14.69 -0.56
C ASN A 157 -13.90 16.14 -0.83
N GLY A 1 17.11 -12.47 8.67
CA GLY A 1 17.47 -11.34 7.78
C GLY A 1 16.27 -10.41 7.62
N VAL A 2 16.25 -9.33 8.37
CA VAL A 2 15.10 -8.38 8.28
C VAL A 2 15.64 -6.96 8.06
N PHE A 3 15.02 -6.20 7.21
CA PHE A 3 15.50 -4.81 6.96
C PHE A 3 14.31 -3.85 7.02
N THR A 4 14.38 -2.87 7.89
CA THR A 4 13.25 -1.89 8.00
C THR A 4 13.71 -0.53 7.48
N PHE A 5 12.83 0.20 6.83
CA PHE A 5 13.22 1.54 6.31
C PHE A 5 12.15 2.56 6.68
N GLU A 6 12.56 3.70 7.19
CA GLU A 6 11.57 4.74 7.57
C GLU A 6 11.61 5.88 6.55
N ASP A 7 10.47 6.32 6.10
CA ASP A 7 10.45 7.43 5.10
C ASP A 7 9.35 8.43 5.48
N GLU A 8 9.38 9.59 4.91
CA GLU A 8 8.33 10.61 5.22
C GLU A 8 7.29 10.66 4.10
N ILE A 9 6.11 11.12 4.39
CA ILE A 9 5.06 11.18 3.35
C ILE A 9 4.52 12.61 3.25
N ASN A 10 4.38 13.12 2.05
CA ASN A 10 3.85 14.51 1.90
C ASN A 10 2.90 14.56 0.70
N SER A 11 1.76 15.16 0.86
CA SER A 11 0.79 15.25 -0.27
C SER A 11 -0.09 16.49 -0.09
N PRO A 12 -0.36 17.20 -1.20
CA PRO A 12 -1.18 18.41 -1.18
C PRO A 12 -2.66 18.08 -0.92
N VAL A 13 -2.98 16.82 -0.77
CA VAL A 13 -4.39 16.44 -0.52
C VAL A 13 -4.62 16.30 0.99
N ALA A 14 -5.84 16.50 1.43
CA ALA A 14 -6.13 16.38 2.88
C ALA A 14 -5.87 14.95 3.35
N PRO A 15 -5.27 14.79 4.53
CA PRO A 15 -4.95 13.47 5.10
C PRO A 15 -6.22 12.69 5.47
N ALA A 16 -7.29 13.38 5.76
CA ALA A 16 -8.54 12.69 6.14
C ALA A 16 -9.20 12.09 4.89
N THR A 17 -9.13 12.78 3.79
CA THR A 17 -9.75 12.25 2.54
C THR A 17 -8.88 11.13 1.97
N LEU A 18 -7.58 11.29 2.03
CA LEU A 18 -6.68 10.22 1.50
C LEU A 18 -6.76 8.98 2.38
N TYR A 19 -6.86 9.16 3.67
CA TYR A 19 -6.94 7.99 4.58
C TYR A 19 -8.24 7.23 4.32
N LYS A 20 -9.36 7.92 4.28
CA LYS A 20 -10.65 7.23 4.03
C LYS A 20 -10.65 6.61 2.64
N ALA A 21 -10.21 7.35 1.65
CA ALA A 21 -10.18 6.80 0.26
C ALA A 21 -9.04 5.78 0.14
N LEU A 22 -8.04 5.90 0.97
CA LEU A 22 -6.90 4.96 0.90
C LEU A 22 -7.31 3.61 1.50
N VAL A 23 -7.90 3.63 2.67
CA VAL A 23 -8.31 2.34 3.32
C VAL A 23 -9.80 2.08 3.06
N THR A 24 -10.64 3.06 3.30
CA THR A 24 -12.10 2.85 3.08
C THR A 24 -12.38 2.66 1.59
N ASP A 25 -11.86 3.52 0.76
CA ASP A 25 -12.11 3.37 -0.71
C ASP A 25 -11.01 2.51 -1.34
N ALA A 26 -10.27 1.81 -0.54
CA ALA A 26 -9.18 0.95 -1.10
C ALA A 26 -9.80 -0.04 -2.10
N ASP A 27 -10.81 -0.75 -1.70
CA ASP A 27 -11.45 -1.73 -2.62
C ASP A 27 -12.12 -1.00 -3.79
N ASN A 28 -12.50 0.23 -3.60
CA ASN A 28 -13.15 0.99 -4.70
C ASN A 28 -12.09 1.74 -5.50
N VAL A 29 -10.99 2.06 -4.90
CA VAL A 29 -9.91 2.79 -5.62
C VAL A 29 -9.06 1.80 -6.40
N ILE A 30 -8.77 0.67 -5.81
CA ILE A 30 -7.93 -0.35 -6.51
C ILE A 30 -8.50 -0.65 -7.90
N PRO A 31 -9.83 -0.86 -7.99
CA PRO A 31 -10.48 -1.17 -9.26
C PRO A 31 -10.45 0.00 -10.25
N LYS A 32 -10.27 1.20 -9.75
CA LYS A 32 -10.23 2.39 -10.66
C LYS A 32 -8.80 2.92 -10.72
N ALA A 33 -8.20 3.17 -9.59
CA ALA A 33 -6.81 3.71 -9.59
C ALA A 33 -5.97 2.97 -10.64
N LEU A 34 -6.26 1.70 -10.86
CA LEU A 34 -5.49 0.93 -11.87
C LEU A 34 -6.22 1.00 -13.21
N ASP A 35 -5.62 1.65 -14.17
CA ASP A 35 -6.28 1.79 -15.51
C ASP A 35 -6.59 0.40 -16.09
N SER A 36 -5.64 -0.50 -16.07
CA SER A 36 -5.88 -1.85 -16.64
C SER A 36 -6.48 -2.78 -15.58
N PHE A 37 -7.20 -2.24 -14.64
CA PHE A 37 -7.81 -3.09 -13.59
C PHE A 37 -8.78 -4.08 -14.23
N LYS A 38 -8.67 -5.34 -13.90
CA LYS A 38 -9.59 -6.35 -14.50
C LYS A 38 -10.67 -6.73 -13.48
N SER A 39 -10.27 -7.03 -12.27
CA SER A 39 -11.28 -7.41 -11.24
C SER A 39 -10.59 -7.55 -9.88
N VAL A 40 -11.36 -7.57 -8.82
CA VAL A 40 -10.76 -7.70 -7.46
C VAL A 40 -11.66 -8.57 -6.58
N GLU A 41 -11.08 -9.40 -5.76
CA GLU A 41 -11.92 -10.27 -4.88
C GLU A 41 -11.23 -10.43 -3.52
N ASN A 42 -12.00 -10.58 -2.47
CA ASN A 42 -11.39 -10.75 -1.12
C ASN A 42 -10.94 -12.19 -0.94
N VAL A 43 -9.73 -12.40 -0.47
CA VAL A 43 -9.24 -13.79 -0.27
C VAL A 43 -9.80 -14.35 1.03
N GLU A 44 -9.82 -13.56 2.07
CA GLU A 44 -10.35 -14.05 3.37
C GLU A 44 -10.69 -12.85 4.27
N GLY A 45 -11.67 -13.00 5.12
CA GLY A 45 -12.04 -11.87 6.03
C GLY A 45 -13.06 -10.98 5.33
N ASN A 46 -13.34 -9.83 5.89
CA ASN A 46 -14.34 -8.92 5.27
C ASN A 46 -13.75 -7.51 5.19
N GLY A 47 -12.47 -7.39 4.96
CA GLY A 47 -11.84 -6.04 4.89
C GLY A 47 -11.34 -5.62 6.27
N GLY A 48 -11.56 -6.44 7.27
CA GLY A 48 -11.10 -6.09 8.63
C GLY A 48 -9.58 -6.33 8.73
N PRO A 49 -9.04 -6.30 9.96
CA PRO A 49 -7.61 -6.50 10.20
C PRO A 49 -7.20 -7.95 9.94
N GLY A 50 -6.05 -8.15 9.34
CA GLY A 50 -5.59 -9.54 9.06
C GLY A 50 -6.34 -10.09 7.84
N THR A 51 -7.18 -9.29 7.24
CA THR A 51 -7.95 -9.77 6.05
C THR A 51 -7.00 -9.96 4.87
N ILE A 52 -7.31 -10.88 4.00
CA ILE A 52 -6.43 -11.12 2.82
C ILE A 52 -7.18 -10.74 1.54
N LYS A 53 -6.64 -9.85 0.76
CA LYS A 53 -7.34 -9.44 -0.49
C LYS A 53 -6.47 -9.80 -1.71
N LYS A 54 -7.09 -10.20 -2.78
CA LYS A 54 -6.33 -10.56 -4.01
C LYS A 54 -6.69 -9.59 -5.13
N ILE A 55 -5.72 -9.00 -5.76
CA ILE A 55 -6.02 -8.04 -6.86
C ILE A 55 -5.50 -8.60 -8.19
N THR A 56 -6.24 -8.43 -9.25
CA THR A 56 -5.79 -8.95 -10.56
C THR A 56 -5.65 -7.78 -11.55
N PHE A 57 -4.47 -7.57 -12.08
CA PHE A 57 -4.28 -6.45 -13.04
C PHE A 57 -3.56 -6.95 -14.28
N LEU A 58 -3.37 -6.11 -15.26
CA LEU A 58 -2.67 -6.55 -16.51
C LEU A 58 -1.38 -5.75 -16.66
N GLU A 59 -0.27 -6.42 -16.92
CA GLU A 59 1.01 -5.69 -17.09
C GLU A 59 1.78 -6.28 -18.28
N ASP A 60 2.25 -5.45 -19.17
CA ASP A 60 3.00 -5.97 -20.34
C ASP A 60 2.15 -6.99 -21.09
N GLY A 61 0.85 -6.96 -20.90
CA GLY A 61 -0.02 -7.93 -21.60
C GLY A 61 -0.02 -9.27 -20.84
N GLU A 62 0.35 -9.25 -19.59
CA GLU A 62 0.38 -10.51 -18.81
C GLU A 62 -0.59 -10.41 -17.64
N THR A 63 -1.28 -11.48 -17.32
CA THR A 63 -2.24 -11.44 -16.19
C THR A 63 -1.48 -11.60 -14.87
N LYS A 64 -1.43 -10.57 -14.07
CA LYS A 64 -0.71 -10.68 -12.77
C LYS A 64 -1.67 -10.37 -11.62
N PHE A 65 -1.30 -10.74 -10.43
CA PHE A 65 -2.19 -10.46 -9.25
C PHE A 65 -1.33 -10.13 -8.04
N VAL A 66 -1.89 -9.45 -7.07
CA VAL A 66 -1.10 -9.11 -5.86
C VAL A 66 -1.91 -9.41 -4.60
N LEU A 67 -1.27 -9.90 -3.58
CA LEU A 67 -2.00 -10.21 -2.32
C LEU A 67 -1.57 -9.23 -1.23
N HIS A 68 -2.51 -8.63 -0.55
CA HIS A 68 -2.13 -7.66 0.53
C HIS A 68 -2.83 -8.05 1.83
N LYS A 69 -2.13 -7.93 2.93
CA LYS A 69 -2.74 -8.29 4.25
C LYS A 69 -2.68 -7.08 5.17
N ILE A 70 -3.61 -6.98 6.08
CA ILE A 70 -3.61 -5.81 7.01
C ILE A 70 -3.29 -6.30 8.43
N GLU A 71 -2.40 -5.63 9.11
CA GLU A 71 -2.04 -6.04 10.49
C GLU A 71 -2.97 -5.34 11.48
N SER A 72 -3.36 -4.14 11.17
CA SER A 72 -4.27 -3.39 12.10
C SER A 72 -4.71 -2.09 11.44
N ILE A 73 -5.84 -1.57 11.83
CA ILE A 73 -6.34 -0.30 11.23
C ILE A 73 -6.65 0.71 12.34
N ASP A 74 -6.18 1.92 12.21
CA ASP A 74 -6.44 2.94 13.26
C ASP A 74 -6.96 4.22 12.59
N GLU A 75 -8.23 4.26 12.28
CA GLU A 75 -8.79 5.48 11.64
C GLU A 75 -8.58 6.69 12.55
N ALA A 76 -8.69 6.49 13.84
CA ALA A 76 -8.50 7.64 14.78
C ALA A 76 -7.16 8.31 14.50
N ASN A 77 -6.14 7.54 14.24
CA ASN A 77 -4.81 8.15 13.97
C ASN A 77 -4.54 8.15 12.46
N LEU A 78 -5.55 7.92 11.68
CA LEU A 78 -5.36 7.91 10.20
C LEU A 78 -4.15 7.04 9.86
N GLY A 79 -3.83 6.10 10.69
CA GLY A 79 -2.64 5.23 10.41
C GLY A 79 -3.11 3.77 10.30
N TYR A 80 -2.43 2.98 9.54
CA TYR A 80 -2.83 1.55 9.41
C TYR A 80 -1.60 0.71 9.08
N SER A 81 -1.71 -0.59 9.14
CA SER A 81 -0.54 -1.46 8.82
C SER A 81 -0.96 -2.54 7.83
N TYR A 82 -0.12 -2.83 6.87
CA TYR A 82 -0.48 -3.88 5.87
C TYR A 82 0.80 -4.51 5.33
N SER A 83 0.71 -5.73 4.87
CA SER A 83 1.92 -6.42 4.33
C SER A 83 1.53 -7.30 3.14
N VAL A 84 2.44 -7.58 2.26
CA VAL A 84 2.11 -8.43 1.09
C VAL A 84 2.50 -9.89 1.39
N VAL A 85 1.61 -10.81 1.16
CA VAL A 85 1.92 -12.24 1.44
C VAL A 85 1.73 -13.07 0.17
N GLY A 86 1.37 -12.44 -0.92
CA GLY A 86 1.17 -13.20 -2.18
C GLY A 86 1.16 -12.23 -3.37
N GLY A 87 1.53 -12.69 -4.53
CA GLY A 87 1.53 -11.81 -5.72
C GLY A 87 2.96 -11.68 -6.25
N ALA A 88 3.13 -11.06 -7.39
CA ALA A 88 4.50 -10.90 -7.96
C ALA A 88 5.30 -9.93 -7.11
N ALA A 89 4.65 -9.22 -6.22
CA ALA A 89 5.38 -8.27 -5.35
C ALA A 89 6.05 -9.02 -4.20
N LEU A 90 5.74 -10.27 -4.04
CA LEU A 90 6.36 -11.06 -2.95
C LEU A 90 7.51 -11.90 -3.51
N PRO A 91 8.75 -11.51 -3.21
CA PRO A 91 9.94 -12.22 -3.69
C PRO A 91 10.10 -13.60 -3.03
N ASP A 92 10.68 -14.54 -3.72
CA ASP A 92 10.86 -15.89 -3.15
C ASP A 92 12.02 -15.87 -2.14
N THR A 93 12.98 -15.01 -2.34
CA THR A 93 14.13 -14.95 -1.39
C THR A 93 13.73 -14.17 -0.14
N ALA A 94 12.48 -13.81 -0.03
CA ALA A 94 12.03 -13.05 1.19
C ALA A 94 10.74 -13.66 1.73
N GLU A 95 10.59 -13.70 3.03
CA GLU A 95 9.36 -14.29 3.62
C GLU A 95 8.16 -13.37 3.32
N LYS A 96 8.27 -12.12 3.68
CA LYS A 96 7.15 -11.18 3.42
C LYS A 96 7.57 -9.77 3.83
N ILE A 97 6.90 -8.76 3.33
CA ILE A 97 7.27 -7.37 3.69
C ILE A 97 6.08 -6.69 4.39
N THR A 98 6.33 -5.98 5.45
CA THR A 98 5.24 -5.29 6.17
C THR A 98 5.39 -3.77 6.01
N PHE A 99 4.44 -3.13 5.39
CA PHE A 99 4.53 -1.66 5.20
C PHE A 99 3.77 -0.94 6.31
N ASP A 100 4.42 -0.05 7.00
CA ASP A 100 3.72 0.70 8.09
C ASP A 100 3.71 2.20 7.75
N SER A 101 2.56 2.81 7.81
CA SER A 101 2.49 4.27 7.48
C SER A 101 1.42 4.94 8.35
N LYS A 102 1.72 6.11 8.86
CA LYS A 102 0.73 6.84 9.70
C LYS A 102 0.39 8.16 9.01
N LEU A 103 -0.73 8.75 9.33
CA LEU A 103 -1.10 10.04 8.68
C LEU A 103 -1.56 11.05 9.72
N VAL A 104 -0.94 12.19 9.78
CA VAL A 104 -1.35 13.22 10.78
C VAL A 104 -1.32 14.60 10.11
N ALA A 105 -2.26 15.44 10.45
CA ALA A 105 -2.28 16.80 9.83
C ALA A 105 -1.02 17.57 10.23
N GLY A 106 -0.50 18.36 9.34
CA GLY A 106 0.73 19.14 9.66
C GLY A 106 0.54 20.59 9.22
N PRO A 107 1.43 21.49 9.69
CA PRO A 107 1.36 22.91 9.35
C PRO A 107 1.70 23.17 7.87
N ASN A 108 1.99 22.13 7.13
CA ASN A 108 2.32 22.31 5.69
C ASN A 108 1.06 22.73 4.93
N GLY A 109 -0.09 22.35 5.40
CA GLY A 109 -1.35 22.73 4.69
C GLY A 109 -1.84 21.56 3.84
N GLY A 110 -1.50 20.37 4.22
CA GLY A 110 -1.96 19.18 3.43
C GLY A 110 -1.97 17.94 4.33
N SER A 111 -1.32 16.89 3.91
CA SER A 111 -1.31 15.64 4.74
C SER A 111 0.12 15.26 5.08
N ALA A 112 0.35 14.77 6.26
CA ALA A 112 1.74 14.38 6.65
C ALA A 112 1.69 13.07 7.45
N GLY A 113 2.83 12.50 7.74
CA GLY A 113 2.84 11.22 8.51
C GLY A 113 4.21 10.55 8.36
N LYS A 114 4.47 9.54 9.14
CA LYS A 114 5.79 8.84 9.06
C LYS A 114 5.60 7.50 8.35
N LEU A 115 6.58 7.05 7.61
CA LEU A 115 6.46 5.74 6.91
C LEU A 115 7.48 4.75 7.48
N THR A 116 7.06 3.54 7.71
CA THR A 116 8.00 2.52 8.26
C THR A 116 7.76 1.18 7.54
N VAL A 117 8.75 0.67 6.87
CA VAL A 117 8.57 -0.62 6.15
C VAL A 117 9.41 -1.71 6.80
N LYS A 118 8.86 -2.89 6.93
CA LYS A 118 9.62 -4.01 7.55
C LYS A 118 9.87 -5.09 6.49
N TYR A 119 11.11 -5.39 6.21
CA TYR A 119 11.41 -6.43 5.19
C TYR A 119 11.81 -7.73 5.88
N GLU A 120 11.16 -8.81 5.54
CA GLU A 120 11.50 -10.12 6.17
C GLU A 120 12.15 -11.04 5.12
N THR A 121 13.29 -11.57 5.42
CA THR A 121 13.98 -12.46 4.43
C THR A 121 13.73 -13.93 4.83
N LYS A 122 14.01 -14.84 3.93
CA LYS A 122 13.80 -16.28 4.26
C LYS A 122 14.86 -16.74 5.27
N GLY A 123 16.05 -16.24 5.17
CA GLY A 123 17.11 -16.64 6.12
C GLY A 123 18.47 -16.17 5.60
N ASP A 124 19.23 -17.05 5.00
CA ASP A 124 20.56 -16.66 4.48
C ASP A 124 20.38 -15.64 3.35
N ALA A 125 19.29 -15.70 2.65
CA ALA A 125 19.05 -14.74 1.54
C ALA A 125 19.07 -13.30 2.09
N GLU A 126 19.71 -12.41 1.40
CA GLU A 126 19.76 -11.00 1.88
C GLU A 126 19.78 -10.04 0.69
N PRO A 127 18.70 -9.27 0.50
CA PRO A 127 18.59 -8.31 -0.60
C PRO A 127 19.53 -7.12 -0.41
N ASN A 128 20.13 -6.65 -1.47
CA ASN A 128 21.06 -5.48 -1.35
C ASN A 128 20.26 -4.22 -1.02
N GLN A 129 20.92 -3.16 -0.66
CA GLN A 129 20.20 -1.90 -0.33
C GLN A 129 19.42 -1.44 -1.55
N ASP A 130 19.98 -1.56 -2.72
CA ASP A 130 19.27 -1.12 -3.95
C ASP A 130 17.96 -1.92 -4.10
N GLU A 131 18.03 -3.21 -3.88
CA GLU A 131 16.81 -4.05 -4.01
C GLU A 131 15.74 -3.54 -3.04
N LEU A 132 16.14 -3.17 -1.85
CA LEU A 132 15.15 -2.67 -0.86
C LEU A 132 14.52 -1.37 -1.36
N LYS A 133 15.29 -0.55 -2.02
CA LYS A 133 14.74 0.74 -2.54
C LYS A 133 13.63 0.43 -3.56
N THR A 134 13.89 -0.44 -4.49
CA THR A 134 12.85 -0.77 -5.51
C THR A 134 11.60 -1.29 -4.80
N GLY A 135 11.77 -1.95 -3.70
CA GLY A 135 10.58 -2.49 -2.96
C GLY A 135 9.69 -1.33 -2.52
N LYS A 136 10.27 -0.31 -1.94
CA LYS A 136 9.45 0.85 -1.49
C LYS A 136 8.85 1.56 -2.71
N ALA A 137 9.60 1.65 -3.78
CA ALA A 137 9.08 2.31 -4.99
C ALA A 137 7.75 1.67 -5.40
N LYS A 138 7.57 0.42 -5.09
CA LYS A 138 6.30 -0.27 -5.45
C LYS A 138 5.19 0.17 -4.49
N ALA A 139 5.52 0.35 -3.23
CA ALA A 139 4.48 0.77 -2.25
C ALA A 139 4.10 2.24 -2.51
N ASP A 140 5.06 3.12 -2.52
CA ASP A 140 4.75 4.56 -2.77
C ASP A 140 4.17 4.73 -4.16
N ALA A 141 4.48 3.82 -5.06
CA ALA A 141 3.95 3.94 -6.45
C ALA A 141 2.42 3.88 -6.41
N LEU A 142 1.87 2.86 -5.79
CA LEU A 142 0.39 2.75 -5.72
C LEU A 142 -0.18 3.97 -5.00
N PHE A 143 0.53 4.48 -4.03
CA PHE A 143 0.04 5.68 -3.30
C PHE A 143 -0.25 6.80 -4.30
N LYS A 144 0.70 7.13 -5.13
CA LYS A 144 0.47 8.21 -6.13
C LYS A 144 -0.80 7.90 -6.92
N ALA A 145 -1.03 6.65 -7.24
CA ALA A 145 -2.25 6.30 -8.01
C ALA A 145 -3.49 6.75 -7.24
N ILE A 146 -3.48 6.60 -5.94
CA ILE A 146 -4.65 7.03 -5.13
C ILE A 146 -4.85 8.54 -5.27
N GLU A 147 -3.78 9.28 -5.20
CA GLU A 147 -3.90 10.77 -5.34
C GLU A 147 -4.41 11.12 -6.73
N ALA A 148 -3.98 10.39 -7.72
CA ALA A 148 -4.44 10.68 -9.11
C ALA A 148 -5.97 10.53 -9.19
N TYR A 149 -6.51 9.57 -8.49
CA TYR A 149 -7.98 9.36 -8.52
C TYR A 149 -8.67 10.52 -7.77
N LEU A 150 -8.26 10.77 -6.56
CA LEU A 150 -8.89 11.87 -5.77
C LEU A 150 -8.62 13.21 -6.47
N LEU A 151 -7.46 13.37 -7.04
CA LEU A 151 -7.13 14.64 -7.74
C LEU A 151 -7.85 14.69 -9.09
N ALA A 152 -7.97 13.58 -9.74
CA ALA A 152 -8.66 13.55 -11.06
C ALA A 152 -10.17 13.73 -10.84
N HIS A 153 -10.64 13.45 -9.66
CA HIS A 153 -12.10 13.60 -9.39
C HIS A 153 -12.31 14.32 -8.06
N PRO A 154 -12.56 15.64 -8.12
CA PRO A 154 -12.78 16.46 -6.92
C PRO A 154 -14.11 16.13 -6.24
N ASP A 155 -14.95 15.38 -6.89
CA ASP A 155 -16.26 15.02 -6.28
C ASP A 155 -16.03 14.12 -5.06
N TYR A 156 -14.95 13.40 -5.04
CA TYR A 156 -14.67 12.50 -3.88
C TYR A 156 -14.46 13.34 -2.62
N ASN A 157 -15.00 12.92 -1.52
CA ASN A 157 -14.84 13.69 -0.26
C ASN A 157 -13.60 13.18 0.50
N GLY A 1 17.20 -9.31 12.23
CA GLY A 1 15.94 -10.05 11.92
C GLY A 1 15.36 -9.54 10.59
N VAL A 2 14.83 -8.35 10.60
CA VAL A 2 14.24 -7.79 9.35
C VAL A 2 14.70 -6.34 9.18
N PHE A 3 14.86 -5.89 7.97
CA PHE A 3 15.30 -4.49 7.73
C PHE A 3 14.11 -3.54 7.88
N THR A 4 14.18 -2.61 8.79
CA THR A 4 13.06 -1.65 8.98
C THR A 4 13.49 -0.27 8.50
N PHE A 5 12.84 0.26 7.50
CA PHE A 5 13.21 1.61 7.00
C PHE A 5 12.06 2.59 7.24
N GLU A 6 12.35 3.80 7.58
CA GLU A 6 11.27 4.79 7.83
C GLU A 6 11.26 5.83 6.71
N ASP A 7 10.10 6.12 6.19
CA ASP A 7 10.02 7.14 5.09
C ASP A 7 8.94 8.17 5.43
N GLU A 8 8.94 9.28 4.75
CA GLU A 8 7.91 10.33 5.03
C GLU A 8 6.90 10.38 3.87
N ILE A 9 5.70 10.80 4.13
CA ILE A 9 4.68 10.88 3.05
C ILE A 9 4.22 12.33 2.88
N ASN A 10 3.95 12.75 1.68
CA ASN A 10 3.50 14.15 1.45
C ASN A 10 2.45 14.17 0.36
N SER A 11 1.32 14.79 0.61
CA SER A 11 0.25 14.85 -0.43
C SER A 11 -0.59 16.10 -0.22
N PRO A 12 -0.95 16.78 -1.32
CA PRO A 12 -1.76 18.00 -1.28
C PRO A 12 -3.21 17.70 -0.88
N VAL A 13 -3.59 16.46 -0.89
CA VAL A 13 -4.99 16.11 -0.51
C VAL A 13 -5.10 16.06 1.02
N ALA A 14 -6.26 16.32 1.54
CA ALA A 14 -6.44 16.28 3.02
C ALA A 14 -6.16 14.87 3.54
N PRO A 15 -5.51 14.77 4.70
CA PRO A 15 -5.17 13.47 5.32
C PRO A 15 -6.43 12.72 5.78
N ALA A 16 -7.46 13.44 6.13
CA ALA A 16 -8.71 12.77 6.59
C ALA A 16 -9.44 12.17 5.39
N THR A 17 -9.48 12.88 4.29
CA THR A 17 -10.17 12.36 3.09
C THR A 17 -9.29 11.30 2.41
N LEU A 18 -8.01 11.51 2.41
CA LEU A 18 -7.08 10.53 1.78
C LEU A 18 -7.06 9.25 2.61
N TYR A 19 -7.05 9.37 3.90
CA TYR A 19 -7.03 8.17 4.77
C TYR A 19 -8.33 7.36 4.58
N LYS A 20 -9.45 8.03 4.56
CA LYS A 20 -10.73 7.30 4.38
C LYS A 20 -10.78 6.66 2.99
N ALA A 21 -10.43 7.40 1.97
CA ALA A 21 -10.46 6.82 0.59
C ALA A 21 -9.29 5.85 0.43
N LEU A 22 -8.31 5.91 1.28
CA LEU A 22 -7.15 5.00 1.17
C LEU A 22 -7.52 3.63 1.74
N VAL A 23 -8.09 3.60 2.91
CA VAL A 23 -8.46 2.30 3.53
C VAL A 23 -9.95 2.00 3.29
N THR A 24 -10.81 2.93 3.62
CA THR A 24 -12.27 2.69 3.41
C THR A 24 -12.57 2.52 1.92
N ASP A 25 -12.10 3.41 1.10
CA ASP A 25 -12.38 3.29 -0.36
C ASP A 25 -11.23 2.57 -1.07
N ALA A 26 -10.29 2.04 -0.31
CA ALA A 26 -9.15 1.34 -0.96
C ALA A 26 -9.68 0.38 -2.02
N ASP A 27 -10.60 -0.46 -1.68
CA ASP A 27 -11.16 -1.42 -2.68
C ASP A 27 -11.90 -0.64 -3.76
N ASN A 28 -12.38 0.53 -3.44
CA ASN A 28 -13.11 1.34 -4.46
C ASN A 28 -12.11 2.17 -5.26
N VAL A 29 -10.99 2.49 -4.69
CA VAL A 29 -9.97 3.29 -5.42
C VAL A 29 -9.13 2.36 -6.31
N ILE A 30 -8.87 1.17 -5.85
CA ILE A 30 -8.06 0.21 -6.66
C ILE A 30 -8.62 0.11 -8.08
N PRO A 31 -9.95 -0.08 -8.21
CA PRO A 31 -10.60 -0.20 -9.53
C PRO A 31 -10.54 1.10 -10.33
N LYS A 32 -10.50 2.22 -9.66
CA LYS A 32 -10.44 3.52 -10.39
C LYS A 32 -8.98 3.91 -10.62
N ALA A 33 -8.16 3.78 -9.62
CA ALA A 33 -6.72 4.15 -9.79
C ALA A 33 -6.11 3.26 -10.86
N LEU A 34 -6.31 1.97 -10.78
CA LEU A 34 -5.74 1.05 -11.81
C LEU A 34 -6.57 1.15 -13.09
N ASP A 35 -6.09 1.86 -14.07
CA ASP A 35 -6.85 2.00 -15.33
C ASP A 35 -7.20 0.62 -15.90
N SER A 36 -6.25 -0.28 -15.93
CA SER A 36 -6.53 -1.64 -16.47
C SER A 36 -6.97 -2.57 -15.34
N PHE A 37 -7.59 -2.03 -14.32
CA PHE A 37 -8.04 -2.89 -13.19
C PHE A 37 -8.97 -3.98 -13.73
N LYS A 38 -8.62 -5.23 -13.49
CA LYS A 38 -9.47 -6.34 -13.98
C LYS A 38 -10.54 -6.68 -12.94
N SER A 39 -10.13 -6.94 -11.73
CA SER A 39 -11.13 -7.28 -10.67
C SER A 39 -10.42 -7.42 -9.32
N VAL A 40 -11.18 -7.48 -8.26
CA VAL A 40 -10.56 -7.61 -6.91
C VAL A 40 -11.46 -8.50 -6.03
N GLU A 41 -10.87 -9.31 -5.20
CA GLU A 41 -11.69 -10.19 -4.33
C GLU A 41 -10.92 -10.55 -3.06
N ASN A 42 -11.61 -10.94 -2.02
CA ASN A 42 -10.91 -11.31 -0.76
C ASN A 42 -10.73 -12.82 -0.70
N VAL A 43 -9.52 -13.28 -0.53
CA VAL A 43 -9.28 -14.75 -0.47
C VAL A 43 -9.58 -15.27 0.93
N GLU A 44 -9.43 -14.44 1.93
CA GLU A 44 -9.71 -14.88 3.32
C GLU A 44 -9.92 -13.66 4.21
N GLY A 45 -10.70 -13.79 5.25
CA GLY A 45 -10.94 -12.63 6.15
C GLY A 45 -12.34 -12.06 5.90
N ASN A 46 -12.81 -11.19 6.76
CA ASN A 46 -14.16 -10.61 6.57
C ASN A 46 -14.05 -9.08 6.47
N GLY A 47 -12.93 -8.59 6.02
CA GLY A 47 -12.78 -7.11 5.90
C GLY A 47 -12.06 -6.57 7.15
N GLY A 48 -12.05 -7.32 8.21
CA GLY A 48 -11.38 -6.84 9.45
C GLY A 48 -9.86 -7.00 9.29
N PRO A 49 -9.12 -6.84 10.39
CA PRO A 49 -7.65 -6.96 10.39
C PRO A 49 -7.20 -8.40 10.17
N GLY A 50 -6.16 -8.60 9.42
CA GLY A 50 -5.68 -9.99 9.17
C GLY A 50 -6.40 -10.57 7.95
N THR A 51 -7.19 -9.77 7.28
CA THR A 51 -7.92 -10.28 6.09
C THR A 51 -6.96 -10.41 4.91
N ILE A 52 -7.23 -11.33 4.01
CA ILE A 52 -6.34 -11.50 2.83
C ILE A 52 -7.09 -11.09 1.57
N LYS A 53 -6.55 -10.17 0.82
CA LYS A 53 -7.26 -9.72 -0.42
C LYS A 53 -6.37 -9.99 -1.64
N LYS A 54 -6.98 -10.35 -2.74
CA LYS A 54 -6.17 -10.61 -3.98
C LYS A 54 -6.63 -9.66 -5.08
N ILE A 55 -5.70 -9.05 -5.77
CA ILE A 55 -6.09 -8.10 -6.86
C ILE A 55 -5.44 -8.53 -8.17
N THR A 56 -6.13 -8.37 -9.27
CA THR A 56 -5.55 -8.78 -10.58
C THR A 56 -5.58 -7.58 -11.53
N PHE A 57 -4.45 -7.18 -12.04
CA PHE A 57 -4.41 -6.04 -12.99
C PHE A 57 -3.68 -6.44 -14.26
N LEU A 58 -3.80 -5.65 -15.31
CA LEU A 58 -3.11 -6.00 -16.57
C LEU A 58 -1.83 -5.17 -16.70
N GLU A 59 -0.79 -5.74 -17.24
CA GLU A 59 0.49 -4.99 -17.38
C GLU A 59 1.31 -5.60 -18.51
N ASP A 60 1.82 -4.78 -19.40
CA ASP A 60 2.64 -5.32 -20.53
C ASP A 60 1.83 -6.36 -21.31
N GLY A 61 0.53 -6.23 -21.31
CA GLY A 61 -0.31 -7.22 -22.05
C GLY A 61 -0.38 -8.52 -21.26
N GLU A 62 0.25 -8.57 -20.12
CA GLU A 62 0.21 -9.82 -19.31
C GLU A 62 -0.68 -9.60 -18.07
N THR A 63 -1.48 -10.58 -17.73
CA THR A 63 -2.37 -10.42 -16.55
C THR A 63 -1.62 -10.81 -15.29
N LYS A 64 -1.56 -9.94 -14.31
CA LYS A 64 -0.84 -10.27 -13.05
C LYS A 64 -1.76 -9.99 -11.86
N PHE A 65 -1.35 -10.36 -10.69
CA PHE A 65 -2.20 -10.11 -9.48
C PHE A 65 -1.30 -9.85 -8.27
N VAL A 66 -1.85 -9.25 -7.24
CA VAL A 66 -1.04 -8.97 -6.03
C VAL A 66 -1.83 -9.35 -4.78
N LEU A 67 -1.18 -9.84 -3.76
CA LEU A 67 -1.89 -10.22 -2.52
C LEU A 67 -1.45 -9.31 -1.38
N HIS A 68 -2.38 -8.79 -0.63
CA HIS A 68 -2.01 -7.89 0.50
C HIS A 68 -2.76 -8.32 1.76
N LYS A 69 -2.14 -8.19 2.91
CA LYS A 69 -2.82 -8.59 4.17
C LYS A 69 -2.83 -7.41 5.14
N ILE A 70 -3.86 -7.29 5.93
CA ILE A 70 -3.93 -6.16 6.91
C ILE A 70 -3.55 -6.67 8.30
N GLU A 71 -2.68 -5.99 8.98
CA GLU A 71 -2.27 -6.45 10.34
C GLU A 71 -2.96 -5.60 11.41
N SER A 72 -3.19 -4.35 11.14
CA SER A 72 -3.86 -3.48 12.15
C SER A 72 -4.34 -2.18 11.50
N ILE A 73 -5.52 -1.74 11.85
CA ILE A 73 -6.05 -0.48 11.26
C ILE A 73 -6.30 0.53 12.38
N ASP A 74 -5.91 1.76 12.19
CA ASP A 74 -6.14 2.77 13.25
C ASP A 74 -6.79 4.02 12.65
N GLU A 75 -8.08 4.00 12.50
CA GLU A 75 -8.78 5.18 11.91
C GLU A 75 -8.61 6.38 12.83
N ALA A 76 -8.57 6.16 14.12
CA ALA A 76 -8.39 7.30 15.07
C ALA A 76 -7.07 8.01 14.75
N ASN A 77 -5.99 7.28 14.68
CA ASN A 77 -4.68 7.92 14.39
C ASN A 77 -4.49 8.00 12.87
N LEU A 78 -5.54 7.76 12.12
CA LEU A 78 -5.41 7.82 10.64
C LEU A 78 -4.19 7.02 10.19
N GLY A 79 -3.92 5.91 10.84
CA GLY A 79 -2.74 5.08 10.45
C GLY A 79 -3.16 3.62 10.34
N TYR A 80 -2.49 2.86 9.53
CA TYR A 80 -2.84 1.42 9.38
C TYR A 80 -1.58 0.64 8.98
N SER A 81 -1.62 -0.66 9.07
CA SER A 81 -0.43 -1.46 8.68
C SER A 81 -0.88 -2.68 7.87
N TYR A 82 -0.11 -3.06 6.89
CA TYR A 82 -0.49 -4.24 6.06
C TYR A 82 0.77 -4.88 5.47
N SER A 83 0.69 -6.11 5.06
CA SER A 83 1.89 -6.78 4.48
C SER A 83 1.48 -7.61 3.26
N VAL A 84 2.38 -7.83 2.34
CA VAL A 84 2.04 -8.62 1.14
C VAL A 84 2.21 -10.12 1.45
N VAL A 85 1.25 -10.92 1.08
CA VAL A 85 1.36 -12.38 1.35
C VAL A 85 1.56 -13.13 0.05
N GLY A 86 1.52 -12.45 -1.07
CA GLY A 86 1.72 -13.13 -2.37
C GLY A 86 1.60 -12.11 -3.51
N GLY A 87 1.89 -12.52 -4.71
CA GLY A 87 1.80 -11.58 -5.86
C GLY A 87 3.19 -11.32 -6.44
N ALA A 88 3.27 -10.77 -7.62
CA ALA A 88 4.60 -10.51 -8.22
C ALA A 88 5.39 -9.56 -7.32
N ALA A 89 4.73 -8.93 -6.39
CA ALA A 89 5.44 -7.99 -5.48
C ALA A 89 6.13 -8.78 -4.36
N LEU A 90 5.80 -10.03 -4.22
CA LEU A 90 6.43 -10.85 -3.14
C LEU A 90 7.78 -11.39 -3.64
N PRO A 91 8.88 -10.96 -3.01
CA PRO A 91 10.22 -11.41 -3.38
C PRO A 91 10.47 -12.87 -3.01
N ASP A 92 11.26 -13.55 -3.78
CA ASP A 92 11.54 -14.99 -3.48
C ASP A 92 12.58 -15.09 -2.37
N THR A 93 13.49 -14.15 -2.32
CA THR A 93 14.55 -14.19 -1.26
C THR A 93 14.00 -13.58 0.04
N ALA A 94 12.75 -13.20 0.05
CA ALA A 94 12.18 -12.60 1.29
C ALA A 94 10.84 -13.26 1.61
N GLU A 95 10.54 -13.46 2.86
CA GLU A 95 9.25 -14.09 3.24
C GLU A 95 8.10 -13.13 2.92
N LYS A 96 8.18 -11.91 3.39
CA LYS A 96 7.10 -10.93 3.12
C LYS A 96 7.53 -9.54 3.58
N ILE A 97 6.86 -8.52 3.12
CA ILE A 97 7.24 -7.13 3.53
C ILE A 97 6.05 -6.46 4.22
N THR A 98 6.29 -5.77 5.30
CA THR A 98 5.17 -5.10 6.02
C THR A 98 5.26 -3.59 5.81
N PHE A 99 4.20 -2.97 5.36
CA PHE A 99 4.23 -1.50 5.13
C PHE A 99 3.38 -0.80 6.19
N ASP A 100 3.96 0.15 6.88
CA ASP A 100 3.20 0.88 7.93
C ASP A 100 3.16 2.37 7.57
N SER A 101 2.06 2.84 7.06
CA SER A 101 1.97 4.29 6.69
C SER A 101 0.99 5.00 7.62
N LYS A 102 1.30 6.22 7.98
CA LYS A 102 0.39 6.99 8.88
C LYS A 102 0.08 8.35 8.22
N LEU A 103 -1.09 8.87 8.42
CA LEU A 103 -1.44 10.18 7.80
C LEU A 103 -1.92 11.15 8.88
N VAL A 104 -1.36 12.33 8.91
CA VAL A 104 -1.77 13.34 9.92
C VAL A 104 -1.75 14.73 9.29
N ALA A 105 -2.32 15.70 9.95
CA ALA A 105 -2.32 17.08 9.39
C ALA A 105 -0.92 17.69 9.55
N GLY A 106 -0.42 18.30 8.51
CA GLY A 106 0.94 18.92 8.61
C GLY A 106 0.84 20.40 8.25
N PRO A 107 1.87 21.18 8.61
CA PRO A 107 1.92 22.62 8.34
C PRO A 107 2.09 22.91 6.85
N ASN A 108 2.25 21.88 6.05
CA ASN A 108 2.41 22.10 4.58
C ASN A 108 1.06 22.45 3.97
N GLY A 109 -0.01 22.06 4.60
CA GLY A 109 -1.36 22.38 4.04
C GLY A 109 -1.90 21.15 3.30
N GLY A 110 -1.45 19.98 3.65
CA GLY A 110 -1.93 18.76 2.97
C GLY A 110 -1.84 17.57 3.93
N SER A 111 -1.42 16.44 3.45
CA SER A 111 -1.32 15.24 4.34
C SER A 111 0.13 15.07 4.81
N ALA A 112 0.33 14.62 6.01
CA ALA A 112 1.71 14.43 6.52
C ALA A 112 1.73 13.24 7.49
N GLY A 113 2.76 12.43 7.44
CA GLY A 113 2.82 11.26 8.36
C GLY A 113 4.16 10.54 8.18
N LYS A 114 4.31 9.38 8.77
CA LYS A 114 5.58 8.64 8.62
C LYS A 114 5.29 7.22 8.15
N LEU A 115 6.09 6.70 7.26
CA LEU A 115 5.84 5.32 6.74
C LEU A 115 6.99 4.41 7.17
N THR A 116 6.69 3.21 7.60
CA THR A 116 7.75 2.27 8.03
C THR A 116 7.79 1.08 7.07
N VAL A 117 8.95 0.70 6.62
CA VAL A 117 9.06 -0.45 5.69
C VAL A 117 9.69 -1.64 6.40
N LYS A 118 9.05 -2.79 6.35
CA LYS A 118 9.62 -3.98 7.04
C LYS A 118 9.98 -5.03 5.98
N TYR A 119 11.22 -5.45 5.94
CA TYR A 119 11.63 -6.47 4.94
C TYR A 119 12.12 -7.72 5.67
N GLU A 120 11.43 -8.83 5.51
CA GLU A 120 11.86 -10.08 6.18
C GLU A 120 12.52 -11.00 5.16
N THR A 121 13.57 -11.67 5.53
CA THR A 121 14.26 -12.58 4.57
C THR A 121 13.96 -14.04 4.95
N LYS A 122 14.23 -14.95 4.06
CA LYS A 122 13.97 -16.39 4.36
C LYS A 122 15.01 -16.90 5.35
N GLY A 123 16.22 -16.42 5.27
CA GLY A 123 17.27 -16.88 6.21
C GLY A 123 18.24 -15.73 6.50
N ASP A 124 19.50 -16.04 6.69
CA ASP A 124 20.49 -14.96 6.96
C ASP A 124 20.72 -14.14 5.70
N ALA A 125 20.27 -14.63 4.57
CA ALA A 125 20.47 -13.87 3.30
C ALA A 125 20.00 -12.44 3.49
N GLU A 126 20.82 -11.48 3.11
CA GLU A 126 20.41 -10.06 3.26
C GLU A 126 20.20 -9.43 1.88
N PRO A 127 19.07 -8.74 1.69
CA PRO A 127 18.75 -8.09 0.41
C PRO A 127 19.65 -6.88 0.15
N ASN A 128 19.79 -6.50 -1.10
CA ASN A 128 20.65 -5.32 -1.42
C ASN A 128 19.83 -4.04 -1.30
N GLN A 129 20.46 -2.91 -1.46
CA GLN A 129 19.71 -1.62 -1.36
C GLN A 129 18.80 -1.46 -2.58
N ASP A 130 19.29 -1.80 -3.74
CA ASP A 130 18.47 -1.67 -4.97
C ASP A 130 17.18 -2.48 -4.81
N GLU A 131 17.29 -3.70 -4.36
CA GLU A 131 16.08 -4.55 -4.19
C GLU A 131 15.11 -3.85 -3.22
N LEU A 132 15.63 -3.27 -2.17
CA LEU A 132 14.75 -2.57 -1.20
C LEU A 132 14.03 -1.41 -1.90
N LYS A 133 14.74 -0.64 -2.68
CA LYS A 133 14.10 0.51 -3.38
C LYS A 133 13.02 -0.03 -4.32
N THR A 134 13.32 -1.04 -5.08
CA THR A 134 12.32 -1.61 -6.02
C THR A 134 11.09 -2.07 -5.22
N GLY A 135 11.30 -2.67 -4.09
CA GLY A 135 10.15 -3.14 -3.27
C GLY A 135 9.30 -1.93 -2.84
N LYS A 136 9.94 -0.84 -2.50
CA LYS A 136 9.18 0.36 -2.08
C LYS A 136 8.38 0.91 -3.27
N ALA A 137 8.97 0.90 -4.43
CA ALA A 137 8.25 1.41 -5.63
C ALA A 137 7.01 0.56 -5.89
N LYS A 138 7.10 -0.72 -5.64
CA LYS A 138 5.93 -1.62 -5.87
C LYS A 138 4.77 -1.16 -4.97
N ALA A 139 5.01 -1.02 -3.70
CA ALA A 139 3.93 -0.59 -2.79
C ALA A 139 3.62 0.90 -3.03
N ASP A 140 4.60 1.74 -2.92
CA ASP A 140 4.36 3.20 -3.14
C ASP A 140 3.61 3.40 -4.46
N ALA A 141 3.76 2.49 -5.39
CA ALA A 141 3.05 2.64 -6.69
C ALA A 141 1.55 2.79 -6.43
N LEU A 142 0.99 1.99 -5.56
CA LEU A 142 -0.45 2.11 -5.26
C LEU A 142 -0.76 3.52 -4.74
N PHE A 143 0.05 4.01 -3.84
CA PHE A 143 -0.18 5.39 -3.31
C PHE A 143 0.09 6.41 -4.40
N LYS A 144 1.05 6.15 -5.25
CA LYS A 144 1.36 7.11 -6.35
C LYS A 144 0.15 7.21 -7.28
N ALA A 145 -0.44 6.10 -7.64
CA ALA A 145 -1.61 6.14 -8.56
C ALA A 145 -2.78 6.81 -7.83
N ILE A 146 -3.06 6.39 -6.63
CA ILE A 146 -4.20 6.99 -5.87
C ILE A 146 -3.96 8.51 -5.73
N GLU A 147 -2.83 8.90 -5.20
CA GLU A 147 -2.54 10.34 -5.04
C GLU A 147 -2.91 11.08 -6.34
N ALA A 148 -2.38 10.64 -7.44
CA ALA A 148 -2.70 11.32 -8.72
C ALA A 148 -4.22 11.29 -8.95
N TYR A 149 -4.87 10.25 -8.52
CA TYR A 149 -6.35 10.17 -8.70
C TYR A 149 -7.02 11.26 -7.85
N LEU A 150 -6.44 11.57 -6.72
CA LEU A 150 -7.04 12.63 -5.86
C LEU A 150 -6.87 14.00 -6.52
N LEU A 151 -5.72 14.29 -7.06
CA LEU A 151 -5.50 15.59 -7.72
C LEU A 151 -6.38 15.69 -8.97
N ALA A 152 -6.59 14.59 -9.64
CA ALA A 152 -7.44 14.61 -10.87
C ALA A 152 -8.91 14.75 -10.46
N HIS A 153 -9.22 14.51 -9.23
CA HIS A 153 -10.63 14.62 -8.77
C HIS A 153 -10.70 15.49 -7.50
N PRO A 154 -10.71 16.81 -7.68
CA PRO A 154 -10.77 17.76 -6.56
C PRO A 154 -12.14 17.72 -5.86
N ASP A 155 -13.14 17.21 -6.52
CA ASP A 155 -14.49 17.14 -5.89
C ASP A 155 -14.66 15.77 -5.22
N TYR A 156 -13.60 15.06 -5.00
CA TYR A 156 -13.71 13.72 -4.36
C TYR A 156 -14.31 13.87 -2.97
N ASN A 157 -15.25 13.03 -2.63
CA ASN A 157 -15.89 13.12 -1.28
C ASN A 157 -15.44 11.94 -0.42
N GLY A 1 16.63 -13.38 8.39
CA GLY A 1 17.18 -11.99 8.35
C GLY A 1 16.03 -11.00 8.19
N VAL A 2 15.95 -10.01 9.06
CA VAL A 2 14.85 -9.02 8.96
C VAL A 2 15.45 -7.61 8.91
N PHE A 3 14.90 -6.75 8.09
CA PHE A 3 15.43 -5.37 8.00
C PHE A 3 14.30 -4.36 8.22
N THR A 4 14.53 -3.35 9.00
CA THR A 4 13.47 -2.34 9.26
C THR A 4 13.91 -0.97 8.72
N PHE A 5 13.07 -0.32 7.96
CA PHE A 5 13.45 1.01 7.41
C PHE A 5 12.34 2.02 7.72
N GLU A 6 12.66 3.28 7.70
CA GLU A 6 11.63 4.32 7.99
C GLU A 6 11.71 5.42 6.94
N ASP A 7 10.59 5.92 6.49
CA ASP A 7 10.61 7.00 5.47
C ASP A 7 9.48 8.00 5.76
N GLU A 8 9.53 9.14 5.14
CA GLU A 8 8.46 10.16 5.38
C GLU A 8 7.56 10.27 4.15
N ILE A 9 6.31 10.60 4.34
CA ILE A 9 5.39 10.72 3.18
C ILE A 9 4.93 12.18 3.04
N ASN A 10 4.79 12.65 1.84
CA ASN A 10 4.35 14.06 1.65
C ASN A 10 3.26 14.12 0.57
N SER A 11 2.16 14.75 0.85
CA SER A 11 1.07 14.83 -0.15
C SER A 11 0.26 16.12 0.08
N PRO A 12 0.06 16.90 -0.99
CA PRO A 12 -0.69 18.16 -0.92
C PRO A 12 -2.19 17.92 -0.71
N VAL A 13 -2.59 16.67 -0.62
CA VAL A 13 -4.03 16.36 -0.42
C VAL A 13 -4.33 16.23 1.08
N ALA A 14 -5.54 16.50 1.49
CA ALA A 14 -5.88 16.38 2.93
C ALA A 14 -5.66 14.93 3.39
N PRO A 15 -5.01 14.76 4.55
CA PRO A 15 -4.72 13.43 5.11
C PRO A 15 -6.00 12.72 5.56
N ALA A 16 -6.99 13.44 5.96
CA ALA A 16 -8.26 12.80 6.41
C ALA A 16 -9.04 12.29 5.19
N THR A 17 -9.01 13.03 4.11
CA THR A 17 -9.75 12.58 2.90
C THR A 17 -8.93 11.52 2.15
N LEU A 18 -7.64 11.71 2.06
CA LEU A 18 -6.79 10.72 1.35
C LEU A 18 -6.76 9.40 2.15
N TYR A 19 -6.72 9.49 3.46
CA TYR A 19 -6.69 8.25 4.28
C TYR A 19 -8.05 7.55 4.23
N LYS A 20 -9.12 8.31 4.20
CA LYS A 20 -10.47 7.69 4.15
C LYS A 20 -10.68 7.00 2.80
N ALA A 21 -10.37 7.67 1.72
CA ALA A 21 -10.56 7.05 0.38
C ALA A 21 -9.44 6.03 0.13
N LEU A 22 -8.26 6.32 0.57
CA LEU A 22 -7.13 5.37 0.35
C LEU A 22 -7.53 3.98 0.87
N VAL A 23 -8.08 3.90 2.05
CA VAL A 23 -8.47 2.58 2.61
C VAL A 23 -9.97 2.35 2.38
N THR A 24 -10.81 3.26 2.78
CA THR A 24 -12.27 3.08 2.59
C THR A 24 -12.60 3.03 1.09
N ASP A 25 -12.08 3.94 0.32
CA ASP A 25 -12.38 3.94 -1.14
C ASP A 25 -11.27 3.21 -1.90
N ALA A 26 -10.48 2.43 -1.21
CA ALA A 26 -9.39 1.69 -1.91
C ALA A 26 -9.99 0.66 -2.86
N ASP A 27 -10.95 -0.10 -2.40
CA ASP A 27 -11.57 -1.13 -3.28
C ASP A 27 -12.39 -0.46 -4.37
N ASN A 28 -12.92 0.71 -4.11
CA ASN A 28 -13.73 1.40 -5.15
C ASN A 28 -12.83 2.32 -5.98
N VAL A 29 -11.80 2.85 -5.39
CA VAL A 29 -10.89 3.76 -6.14
C VAL A 29 -9.91 2.93 -6.98
N ILE A 30 -9.38 1.88 -6.42
CA ILE A 30 -8.41 1.03 -7.19
C ILE A 30 -8.98 0.68 -8.57
N PRO A 31 -10.21 0.15 -8.61
CA PRO A 31 -10.85 -0.25 -9.88
C PRO A 31 -11.21 0.95 -10.76
N LYS A 32 -11.81 1.96 -10.20
CA LYS A 32 -12.19 3.15 -11.01
C LYS A 32 -10.98 4.05 -11.23
N ALA A 33 -10.21 4.30 -10.21
CA ALA A 33 -9.02 5.17 -10.36
C ALA A 33 -8.20 4.74 -11.58
N LEU A 34 -8.13 3.46 -11.85
CA LEU A 34 -7.35 3.00 -13.03
C LEU A 34 -8.06 1.82 -13.70
N ASP A 35 -8.17 1.85 -14.99
CA ASP A 35 -8.84 0.73 -15.71
C ASP A 35 -7.88 -0.46 -15.80
N SER A 36 -6.60 -0.19 -15.79
CA SER A 36 -5.61 -1.30 -15.88
C SER A 36 -5.92 -2.31 -14.78
N PHE A 37 -6.33 -1.84 -13.63
CA PHE A 37 -6.65 -2.77 -12.51
C PHE A 37 -7.65 -3.82 -13.01
N LYS A 38 -7.44 -5.06 -12.67
CA LYS A 38 -8.36 -6.13 -13.15
C LYS A 38 -9.50 -6.34 -12.15
N SER A 39 -9.20 -6.59 -10.91
CA SER A 39 -10.29 -6.80 -9.91
C SER A 39 -9.69 -7.06 -8.53
N VAL A 40 -10.53 -7.11 -7.52
CA VAL A 40 -10.03 -7.37 -6.14
C VAL A 40 -10.98 -8.32 -5.42
N GLU A 41 -10.46 -9.31 -4.75
CA GLU A 41 -11.35 -10.27 -4.04
C GLU A 41 -10.70 -10.67 -2.70
N ASN A 42 -11.50 -10.94 -1.72
CA ASN A 42 -10.94 -11.34 -0.39
C ASN A 42 -10.82 -12.86 -0.32
N VAL A 43 -9.64 -13.36 -0.15
CA VAL A 43 -9.45 -14.84 -0.08
C VAL A 43 -9.83 -15.33 1.33
N GLU A 44 -9.60 -14.52 2.32
CA GLU A 44 -9.94 -14.93 3.71
C GLU A 44 -10.15 -13.69 4.58
N GLY A 45 -11.08 -13.74 5.50
CA GLY A 45 -11.32 -12.57 6.37
C GLY A 45 -12.49 -11.75 5.81
N ASN A 46 -13.04 -10.86 6.60
CA ASN A 46 -14.18 -10.04 6.12
C ASN A 46 -13.68 -8.66 5.72
N GLY A 47 -12.39 -8.45 5.73
CA GLY A 47 -11.84 -7.12 5.35
C GLY A 47 -11.26 -6.43 6.60
N GLY A 48 -11.49 -6.99 7.75
CA GLY A 48 -10.98 -6.37 9.00
C GLY A 48 -9.49 -6.72 9.15
N PRO A 49 -8.97 -6.62 10.39
CA PRO A 49 -7.56 -6.93 10.68
C PRO A 49 -7.26 -8.43 10.55
N GLY A 50 -6.25 -8.78 9.83
CA GLY A 50 -5.90 -10.22 9.67
C GLY A 50 -6.60 -10.77 8.43
N THR A 51 -7.29 -9.93 7.70
CA THR A 51 -8.00 -10.42 6.48
C THR A 51 -7.00 -10.54 5.33
N ILE A 52 -7.33 -11.33 4.33
CA ILE A 52 -6.41 -11.50 3.17
C ILE A 52 -7.16 -11.16 1.89
N LYS A 53 -6.56 -10.38 1.03
CA LYS A 53 -7.24 -10.01 -0.24
C LYS A 53 -6.31 -10.29 -1.42
N LYS A 54 -6.86 -10.53 -2.58
CA LYS A 54 -6.01 -10.79 -3.77
C LYS A 54 -6.15 -9.64 -4.76
N ILE A 55 -5.06 -8.99 -5.09
CA ILE A 55 -5.14 -7.85 -6.05
C ILE A 55 -4.58 -8.27 -7.41
N THR A 56 -5.22 -7.88 -8.48
CA THR A 56 -4.73 -8.25 -9.82
C THR A 56 -4.68 -7.01 -10.72
N PHE A 57 -3.54 -6.65 -11.22
CA PHE A 57 -3.43 -5.45 -12.09
C PHE A 57 -2.60 -5.77 -13.33
N LEU A 58 -2.51 -4.84 -14.25
CA LEU A 58 -1.71 -5.10 -15.48
C LEU A 58 -0.36 -4.37 -15.36
N GLU A 59 0.70 -5.00 -15.79
CA GLU A 59 2.03 -4.34 -15.70
C GLU A 59 2.92 -4.83 -16.86
N ASP A 60 3.54 -3.92 -17.57
CA ASP A 60 4.41 -4.34 -18.70
C ASP A 60 3.62 -5.26 -19.64
N GLY A 61 2.36 -5.00 -19.83
CA GLY A 61 1.55 -5.85 -20.74
C GLY A 61 1.39 -7.24 -20.12
N GLU A 62 1.80 -7.40 -18.88
CA GLU A 62 1.68 -8.72 -18.23
C GLU A 62 0.72 -8.62 -17.04
N THR A 63 -0.29 -9.44 -17.00
CA THR A 63 -1.25 -9.38 -15.86
C THR A 63 -0.59 -9.93 -14.60
N LYS A 64 -0.48 -9.12 -13.58
CA LYS A 64 0.16 -9.59 -12.32
C LYS A 64 -0.85 -9.50 -11.17
N PHE A 65 -0.55 -10.10 -10.06
CA PHE A 65 -1.49 -10.04 -8.90
C PHE A 65 -0.68 -9.98 -7.60
N VAL A 66 -1.27 -9.47 -6.55
CA VAL A 66 -0.52 -9.39 -5.25
C VAL A 66 -1.49 -9.65 -4.09
N LEU A 67 -0.98 -10.17 -3.00
CA LEU A 67 -1.86 -10.45 -1.83
C LEU A 67 -1.50 -9.47 -0.70
N HIS A 68 -2.47 -8.78 -0.17
CA HIS A 68 -2.17 -7.82 0.92
C HIS A 68 -2.85 -8.29 2.22
N LYS A 69 -2.11 -8.32 3.29
CA LYS A 69 -2.70 -8.75 4.59
C LYS A 69 -2.73 -7.56 5.54
N ILE A 70 -3.83 -7.34 6.21
CA ILE A 70 -3.92 -6.19 7.15
C ILE A 70 -3.65 -6.67 8.58
N GLU A 71 -2.74 -6.02 9.27
CA GLU A 71 -2.44 -6.44 10.66
C GLU A 71 -3.35 -5.67 11.63
N SER A 72 -3.69 -4.46 11.29
CA SER A 72 -4.57 -3.65 12.19
C SER A 72 -4.91 -2.32 11.51
N ILE A 73 -6.01 -1.73 11.86
CA ILE A 73 -6.40 -0.43 11.24
C ILE A 73 -6.60 0.62 12.33
N ASP A 74 -6.09 1.79 12.15
CA ASP A 74 -6.26 2.86 13.18
C ASP A 74 -6.76 4.14 12.51
N GLU A 75 -8.05 4.25 12.32
CA GLU A 75 -8.60 5.47 11.67
C GLU A 75 -8.22 6.70 12.49
N ALA A 76 -8.26 6.61 13.79
CA ALA A 76 -7.90 7.78 14.63
C ALA A 76 -6.55 8.33 14.19
N ASN A 77 -5.58 7.47 13.97
CA ASN A 77 -4.24 7.95 13.54
C ASN A 77 -4.15 7.91 12.02
N LEU A 78 -5.26 7.76 11.35
CA LEU A 78 -5.24 7.72 9.86
C LEU A 78 -4.10 6.79 9.40
N GLY A 79 -3.73 5.84 10.21
CA GLY A 79 -2.63 4.91 9.82
C GLY A 79 -3.14 3.47 9.87
N TYR A 80 -2.50 2.59 9.16
CA TYR A 80 -2.94 1.16 9.18
C TYR A 80 -1.73 0.25 8.94
N SER A 81 -1.89 -1.03 9.11
CA SER A 81 -0.75 -1.95 8.88
C SER A 81 -1.11 -2.95 7.79
N TYR A 82 -0.19 -3.24 6.90
CA TYR A 82 -0.49 -4.20 5.81
C TYR A 82 0.81 -4.86 5.35
N SER A 83 0.72 -6.02 4.76
CA SER A 83 1.95 -6.73 4.28
C SER A 83 1.63 -7.55 3.04
N VAL A 84 2.62 -7.86 2.26
CA VAL A 84 2.36 -8.67 1.02
C VAL A 84 2.54 -10.15 1.35
N VAL A 85 1.59 -10.97 0.97
CA VAL A 85 1.71 -12.43 1.27
C VAL A 85 1.71 -13.22 -0.03
N GLY A 86 1.61 -12.56 -1.16
CA GLY A 86 1.61 -13.31 -2.45
C GLY A 86 1.65 -12.31 -3.62
N GLY A 87 2.00 -12.77 -4.79
CA GLY A 87 2.06 -11.87 -5.96
C GLY A 87 3.48 -11.85 -6.53
N ALA A 88 3.67 -11.26 -7.68
CA ALA A 88 5.03 -11.22 -8.28
C ALA A 88 5.89 -10.23 -7.49
N ALA A 89 5.28 -9.41 -6.69
CA ALA A 89 6.06 -8.42 -5.89
C ALA A 89 6.65 -9.12 -4.66
N LEU A 90 6.17 -10.29 -4.34
CA LEU A 90 6.70 -11.02 -3.16
C LEU A 90 7.96 -11.79 -3.57
N PRO A 91 9.11 -11.40 -3.01
CA PRO A 91 10.40 -12.04 -3.31
C PRO A 91 10.46 -13.47 -2.73
N ASP A 92 11.09 -14.38 -3.44
CA ASP A 92 11.19 -15.77 -2.93
C ASP A 92 12.22 -15.84 -1.80
N THR A 93 13.20 -14.97 -1.83
CA THR A 93 14.23 -14.99 -0.76
C THR A 93 13.71 -14.30 0.50
N ALA A 94 12.47 -13.86 0.48
CA ALA A 94 11.90 -13.19 1.68
C ALA A 94 10.58 -13.85 2.06
N GLU A 95 10.41 -14.15 3.32
CA GLU A 95 9.14 -14.81 3.76
C GLU A 95 7.97 -13.85 3.56
N LYS A 96 8.13 -12.61 3.91
CA LYS A 96 7.03 -11.62 3.73
C LYS A 96 7.51 -10.23 4.14
N ILE A 97 6.85 -9.21 3.67
CA ILE A 97 7.26 -7.82 4.03
C ILE A 97 6.09 -7.09 4.68
N THR A 98 6.34 -6.42 5.77
CA THR A 98 5.23 -5.68 6.45
C THR A 98 5.35 -4.18 6.12
N PHE A 99 4.25 -3.51 6.01
CA PHE A 99 4.30 -2.05 5.68
C PHE A 99 3.48 -1.27 6.71
N ASP A 100 4.11 -0.37 7.43
CA ASP A 100 3.36 0.43 8.43
C ASP A 100 3.45 1.91 8.07
N SER A 101 2.38 2.48 7.59
CA SER A 101 2.40 3.92 7.20
C SER A 101 1.36 4.69 8.01
N LYS A 102 1.71 5.86 8.48
CA LYS A 102 0.73 6.67 9.28
C LYS A 102 0.43 7.95 8.52
N LEU A 103 -0.66 8.60 8.83
CA LEU A 103 -1.01 9.87 8.11
C LEU A 103 -1.49 10.91 9.13
N VAL A 104 -0.84 12.04 9.17
CA VAL A 104 -1.25 13.10 10.14
C VAL A 104 -1.14 14.47 9.46
N ALA A 105 -2.05 15.36 9.77
CA ALA A 105 -1.98 16.72 9.14
C ALA A 105 -0.78 17.48 9.70
N GLY A 106 -0.22 18.37 8.93
CA GLY A 106 0.95 19.15 9.41
C GLY A 106 0.82 20.61 8.97
N PRO A 107 1.75 21.46 9.41
CA PRO A 107 1.74 22.89 9.07
C PRO A 107 2.09 23.11 7.59
N ASN A 108 2.35 22.07 6.86
CA ASN A 108 2.69 22.23 5.42
C ASN A 108 1.43 22.57 4.63
N GLY A 109 0.28 22.20 5.13
CA GLY A 109 -0.98 22.52 4.40
C GLY A 109 -1.40 21.30 3.56
N GLY A 110 -0.86 20.16 3.86
CA GLY A 110 -1.22 18.94 3.08
C GLY A 110 -1.26 17.72 4.01
N SER A 111 -0.65 16.64 3.61
CA SER A 111 -0.65 15.42 4.46
C SER A 111 0.79 15.08 4.87
N ALA A 112 0.98 14.67 6.09
CA ALA A 112 2.36 14.32 6.55
C ALA A 112 2.29 13.15 7.52
N GLY A 113 3.30 12.32 7.54
CA GLY A 113 3.29 11.15 8.46
C GLY A 113 4.60 10.38 8.34
N LYS A 114 4.66 9.20 8.88
CA LYS A 114 5.91 8.39 8.79
C LYS A 114 5.61 7.06 8.12
N LEU A 115 6.53 6.55 7.35
CA LEU A 115 6.29 5.24 6.67
C LEU A 115 7.37 4.24 7.11
N THR A 116 6.96 3.10 7.60
CA THR A 116 7.95 2.08 8.05
C THR A 116 7.74 0.79 7.26
N VAL A 117 8.78 0.24 6.70
CA VAL A 117 8.63 -1.02 5.92
C VAL A 117 9.53 -2.11 6.54
N LYS A 118 8.95 -3.20 6.95
CA LYS A 118 9.77 -4.28 7.55
C LYS A 118 10.04 -5.37 6.50
N TYR A 119 11.27 -5.77 6.35
CA TYR A 119 11.58 -6.82 5.34
C TYR A 119 12.03 -8.10 6.05
N GLU A 120 11.32 -9.17 5.84
CA GLU A 120 11.71 -10.45 6.50
C GLU A 120 12.40 -11.36 5.48
N THR A 121 13.46 -12.02 5.88
CA THR A 121 14.18 -12.91 4.93
C THR A 121 14.18 -14.35 5.47
N LYS A 122 14.21 -15.31 4.61
CA LYS A 122 14.20 -16.73 5.07
C LYS A 122 15.33 -16.93 6.09
N GLY A 123 16.44 -16.28 5.90
CA GLY A 123 17.56 -16.44 6.86
C GLY A 123 18.87 -15.98 6.20
N ASP A 124 19.59 -16.89 5.61
CA ASP A 124 20.87 -16.51 4.95
C ASP A 124 20.59 -15.50 3.84
N ALA A 125 19.49 -15.64 3.15
CA ALA A 125 19.16 -14.69 2.05
C ALA A 125 19.23 -13.26 2.58
N GLU A 126 19.84 -12.38 1.85
CA GLU A 126 19.94 -10.96 2.32
C GLU A 126 19.60 -10.02 1.16
N PRO A 127 18.45 -9.33 1.26
CA PRO A 127 18.00 -8.40 0.22
C PRO A 127 18.87 -7.14 0.17
N ASN A 128 19.38 -6.80 -0.97
CA ASN A 128 20.24 -5.58 -1.08
C ASN A 128 19.36 -4.33 -0.98
N GLN A 129 19.94 -3.21 -0.67
CA GLN A 129 19.14 -1.96 -0.55
C GLN A 129 18.55 -1.60 -1.92
N ASP A 130 19.25 -1.88 -2.98
CA ASP A 130 18.72 -1.56 -4.33
C ASP A 130 17.37 -2.25 -4.51
N GLU A 131 17.19 -3.38 -3.90
CA GLU A 131 15.88 -4.10 -4.03
C GLU A 131 14.86 -3.42 -3.11
N LEU A 132 15.29 -2.96 -1.98
CA LEU A 132 14.35 -2.29 -1.04
C LEU A 132 13.73 -1.09 -1.75
N LYS A 133 14.48 -0.43 -2.59
CA LYS A 133 13.94 0.75 -3.32
C LYS A 133 12.93 0.28 -4.37
N THR A 134 13.21 -0.83 -5.01
CA THR A 134 12.27 -1.34 -6.05
C THR A 134 10.92 -1.62 -5.40
N GLY A 135 10.91 -2.19 -4.23
CA GLY A 135 9.61 -2.47 -3.55
C GLY A 135 8.84 -1.16 -3.34
N LYS A 136 9.54 -0.11 -3.04
CA LYS A 136 8.85 1.20 -2.83
C LYS A 136 8.29 1.70 -4.16
N ALA A 137 9.03 1.53 -5.22
CA ALA A 137 8.55 2.00 -6.56
C ALA A 137 7.18 1.35 -6.84
N LYS A 138 7.01 0.13 -6.46
CA LYS A 138 5.70 -0.55 -6.71
C LYS A 138 4.60 0.20 -5.95
N ALA A 139 4.82 0.49 -4.69
CA ALA A 139 3.79 1.23 -3.90
C ALA A 139 3.52 2.58 -4.56
N ASP A 140 4.54 3.30 -4.91
CA ASP A 140 4.34 4.64 -5.55
C ASP A 140 3.41 4.48 -6.77
N ALA A 141 3.48 3.36 -7.43
CA ALA A 141 2.61 3.15 -8.62
C ALA A 141 1.14 3.12 -8.17
N LEU A 142 0.84 2.41 -7.12
CA LEU A 142 -0.57 2.34 -6.63
C LEU A 142 -0.89 3.63 -5.86
N PHE A 143 0.06 4.14 -5.13
CA PHE A 143 -0.20 5.39 -4.35
C PHE A 143 -0.62 6.51 -5.30
N LYS A 144 0.13 6.72 -6.34
CA LYS A 144 -0.22 7.81 -7.31
C LYS A 144 -1.64 7.57 -7.84
N ALA A 145 -2.00 6.34 -8.06
CA ALA A 145 -3.38 6.05 -8.58
C ALA A 145 -4.41 6.65 -7.62
N ILE A 146 -4.29 6.38 -6.36
CA ILE A 146 -5.27 6.95 -5.38
C ILE A 146 -5.33 8.46 -5.55
N GLU A 147 -4.19 9.11 -5.63
CA GLU A 147 -4.18 10.58 -5.79
C GLU A 147 -4.78 10.96 -7.15
N ALA A 148 -4.28 10.38 -8.21
CA ALA A 148 -4.81 10.70 -9.56
C ALA A 148 -6.34 10.65 -9.53
N TYR A 149 -6.90 9.79 -8.73
CA TYR A 149 -8.39 9.71 -8.66
C TYR A 149 -8.93 10.95 -7.95
N LEU A 150 -8.33 11.31 -6.84
CA LEU A 150 -8.81 12.51 -6.10
C LEU A 150 -8.84 13.72 -7.05
N LEU A 151 -7.87 13.83 -7.91
CA LEU A 151 -7.84 14.98 -8.86
C LEU A 151 -8.83 14.73 -10.00
N ALA A 152 -9.06 13.48 -10.32
CA ALA A 152 -10.02 13.17 -11.42
C ALA A 152 -11.43 13.57 -11.00
N HIS A 153 -11.71 13.59 -9.73
CA HIS A 153 -13.07 13.98 -9.26
C HIS A 153 -12.94 14.95 -8.08
N PRO A 154 -12.97 16.26 -8.36
CA PRO A 154 -12.87 17.29 -7.32
C PRO A 154 -14.12 17.35 -6.45
N ASP A 155 -15.17 16.69 -6.85
CA ASP A 155 -16.42 16.71 -6.03
C ASP A 155 -16.28 15.74 -4.86
N TYR A 156 -15.32 14.85 -4.93
CA TYR A 156 -15.13 13.88 -3.81
C TYR A 156 -14.50 14.58 -2.61
N ASN A 157 -15.26 14.81 -1.58
CA ASN A 157 -14.71 15.50 -0.38
C ASN A 157 -14.00 16.78 -0.81
N GLY A 1 17.02 -11.51 11.13
CA GLY A 1 15.67 -10.94 11.40
C GLY A 1 15.09 -10.34 10.12
N VAL A 2 14.58 -9.14 10.18
CA VAL A 2 14.01 -8.50 8.96
C VAL A 2 14.52 -7.07 8.85
N PHE A 3 14.66 -6.57 7.65
CA PHE A 3 15.15 -5.17 7.47
C PHE A 3 13.99 -4.19 7.68
N THR A 4 14.11 -3.33 8.65
CA THR A 4 13.01 -2.34 8.89
C THR A 4 13.51 -0.94 8.52
N PHE A 5 12.91 -0.33 7.54
CA PHE A 5 13.34 1.03 7.13
C PHE A 5 12.28 2.05 7.53
N GLU A 6 12.62 3.32 7.51
CA GLU A 6 11.61 4.36 7.89
C GLU A 6 11.62 5.46 6.83
N ASP A 7 10.46 5.90 6.41
CA ASP A 7 10.40 6.98 5.38
C ASP A 7 9.31 7.98 5.75
N GLU A 8 9.30 9.12 5.12
CA GLU A 8 8.26 10.14 5.43
C GLU A 8 7.30 10.26 4.24
N ILE A 9 6.06 10.57 4.49
CA ILE A 9 5.08 10.69 3.37
C ILE A 9 4.59 12.15 3.29
N ASN A 10 4.29 12.62 2.11
CA ASN A 10 3.81 14.01 1.96
C ASN A 10 2.83 14.10 0.79
N SER A 11 1.71 14.76 0.99
CA SER A 11 0.71 14.88 -0.11
C SER A 11 -0.09 16.17 0.08
N PRO A 12 -0.35 16.88 -1.02
CA PRO A 12 -1.11 18.13 -0.99
C PRO A 12 -2.59 17.89 -0.69
N VAL A 13 -3.03 16.66 -0.74
CA VAL A 13 -4.46 16.37 -0.45
C VAL A 13 -4.66 16.20 1.06
N ALA A 14 -5.83 16.47 1.56
CA ALA A 14 -6.08 16.32 3.01
C ALA A 14 -5.77 14.88 3.44
N PRO A 15 -5.11 14.72 4.59
CA PRO A 15 -4.74 13.39 5.12
C PRO A 15 -5.97 12.59 5.55
N ALA A 16 -7.00 13.26 5.98
CA ALA A 16 -8.24 12.52 6.40
C ALA A 16 -8.97 12.01 5.17
N THR A 17 -8.92 12.73 4.09
CA THR A 17 -9.62 12.28 2.86
C THR A 17 -8.82 11.18 2.18
N LEU A 18 -7.51 11.27 2.22
CA LEU A 18 -6.67 10.22 1.58
C LEU A 18 -6.75 8.94 2.40
N TYR A 19 -6.73 9.05 3.71
CA TYR A 19 -6.79 7.83 4.55
C TYR A 19 -8.15 7.14 4.38
N LYS A 20 -9.21 7.88 4.37
CA LYS A 20 -10.56 7.25 4.20
C LYS A 20 -10.70 6.70 2.77
N ALA A 21 -10.33 7.47 1.79
CA ALA A 21 -10.44 6.99 0.39
C ALA A 21 -9.35 5.95 0.12
N LEU A 22 -8.21 6.10 0.74
CA LEU A 22 -7.11 5.13 0.51
C LEU A 22 -7.54 3.74 0.99
N VAL A 23 -8.12 3.66 2.16
CA VAL A 23 -8.55 2.32 2.68
C VAL A 23 -10.04 2.11 2.42
N THR A 24 -10.87 3.00 2.91
CA THR A 24 -12.34 2.85 2.71
C THR A 24 -12.66 2.76 1.21
N ASP A 25 -12.07 3.61 0.42
CA ASP A 25 -12.37 3.57 -1.05
C ASP A 25 -11.25 2.81 -1.77
N ALA A 26 -10.33 2.26 -1.03
CA ALA A 26 -9.22 1.51 -1.69
C ALA A 26 -9.78 0.57 -2.76
N ASP A 27 -10.75 -0.23 -2.41
CA ASP A 27 -11.34 -1.17 -3.41
C ASP A 27 -12.11 -0.40 -4.48
N ASN A 28 -12.54 0.79 -4.17
CA ASN A 28 -13.31 1.58 -5.18
C ASN A 28 -12.35 2.49 -5.96
N VAL A 29 -11.25 2.86 -5.37
CA VAL A 29 -10.29 3.74 -6.06
C VAL A 29 -9.40 2.91 -6.98
N ILE A 30 -9.07 1.71 -6.58
CA ILE A 30 -8.19 0.85 -7.43
C ILE A 30 -8.84 0.59 -8.79
N PRO A 31 -10.11 0.14 -8.80
CA PRO A 31 -10.83 -0.16 -10.04
C PRO A 31 -11.14 1.10 -10.87
N LYS A 32 -11.10 2.25 -10.25
CA LYS A 32 -11.40 3.51 -11.00
C LYS A 32 -10.10 4.31 -11.20
N ALA A 33 -9.36 4.50 -10.14
CA ALA A 33 -8.10 5.29 -10.24
C ALA A 33 -7.14 4.60 -11.20
N LEU A 34 -7.39 3.37 -11.56
CA LEU A 34 -6.46 2.66 -12.49
C LEU A 34 -7.21 1.54 -13.21
N ASP A 35 -7.39 1.67 -14.50
CA ASP A 35 -8.10 0.60 -15.26
C ASP A 35 -7.14 -0.57 -15.48
N SER A 36 -5.87 -0.33 -15.35
CA SER A 36 -4.87 -1.43 -15.54
C SER A 36 -5.27 -2.61 -14.66
N PHE A 37 -5.78 -2.34 -13.48
CA PHE A 37 -6.19 -3.43 -12.57
C PHE A 37 -7.11 -4.40 -13.32
N LYS A 38 -6.86 -5.68 -13.21
CA LYS A 38 -7.72 -6.67 -13.93
C LYS A 38 -8.93 -7.02 -13.08
N SER A 39 -8.72 -7.44 -11.86
CA SER A 39 -9.87 -7.80 -10.99
C SER A 39 -9.42 -7.91 -9.53
N VAL A 40 -10.33 -7.78 -8.61
CA VAL A 40 -9.96 -7.88 -7.16
C VAL A 40 -11.07 -8.61 -6.40
N GLU A 41 -10.72 -9.40 -5.44
CA GLU A 41 -11.76 -10.14 -4.67
C GLU A 41 -11.23 -10.47 -3.27
N ASN A 42 -12.11 -10.56 -2.31
CA ASN A 42 -11.67 -10.87 -0.92
C ASN A 42 -11.55 -12.39 -0.76
N VAL A 43 -10.47 -12.86 -0.20
CA VAL A 43 -10.30 -14.33 -0.02
C VAL A 43 -10.54 -14.69 1.45
N GLU A 44 -10.28 -13.79 2.35
CA GLU A 44 -10.50 -14.10 3.80
C GLU A 44 -10.62 -12.78 4.58
N GLY A 45 -11.41 -12.79 5.62
CA GLY A 45 -11.58 -11.55 6.44
C GLY A 45 -12.83 -10.79 5.98
N ASN A 46 -13.36 -9.95 6.81
CA ASN A 46 -14.58 -9.19 6.43
C ASN A 46 -14.27 -7.69 6.46
N GLY A 47 -13.08 -7.30 6.11
CA GLY A 47 -12.72 -5.86 6.13
C GLY A 47 -12.01 -5.52 7.43
N GLY A 48 -12.12 -6.37 8.42
CA GLY A 48 -11.45 -6.10 9.71
C GLY A 48 -9.95 -6.39 9.59
N PRO A 49 -9.23 -6.34 10.72
CA PRO A 49 -7.79 -6.60 10.75
C PRO A 49 -7.48 -8.08 10.50
N GLY A 50 -6.48 -8.36 9.70
CA GLY A 50 -6.13 -9.79 9.42
C GLY A 50 -6.87 -10.25 8.17
N THR A 51 -7.58 -9.37 7.52
CA THR A 51 -8.33 -9.78 6.30
C THR A 51 -7.35 -10.00 5.14
N ILE A 52 -7.66 -10.90 4.26
CA ILE A 52 -6.75 -11.15 3.10
C ILE A 52 -7.46 -10.78 1.80
N LYS A 53 -6.85 -9.96 1.00
CA LYS A 53 -7.51 -9.55 -0.28
C LYS A 53 -6.58 -9.86 -1.46
N LYS A 54 -7.14 -10.14 -2.61
CA LYS A 54 -6.30 -10.45 -3.80
C LYS A 54 -6.57 -9.39 -4.87
N ILE A 55 -5.53 -8.82 -5.44
CA ILE A 55 -5.74 -7.78 -6.48
C ILE A 55 -4.99 -8.17 -7.76
N THR A 56 -5.69 -8.31 -8.85
CA THR A 56 -5.01 -8.67 -10.12
C THR A 56 -4.72 -7.41 -10.93
N PHE A 57 -3.51 -7.22 -11.35
CA PHE A 57 -3.17 -6.00 -12.12
C PHE A 57 -2.41 -6.39 -13.40
N LEU A 58 -2.24 -5.46 -14.31
CA LEU A 58 -1.51 -5.78 -15.57
C LEU A 58 -0.09 -5.22 -15.48
N GLU A 59 0.85 -5.86 -16.12
CA GLU A 59 2.25 -5.36 -16.07
C GLU A 59 3.07 -6.00 -17.19
N ASP A 60 3.66 -5.21 -18.03
CA ASP A 60 4.48 -5.78 -19.15
C ASP A 60 3.61 -6.74 -19.96
N GLY A 61 2.38 -6.40 -20.18
CA GLY A 61 1.48 -7.30 -20.97
C GLY A 61 1.33 -8.64 -20.26
N GLU A 62 1.68 -8.69 -18.99
CA GLU A 62 1.55 -9.96 -18.24
C GLU A 62 0.53 -9.79 -17.12
N THR A 63 -0.37 -10.73 -16.97
CA THR A 63 -1.39 -10.62 -15.90
C THR A 63 -0.79 -11.09 -14.57
N LYS A 64 -0.80 -10.23 -13.57
CA LYS A 64 -0.23 -10.62 -12.26
C LYS A 64 -1.23 -10.27 -11.14
N PHE A 65 -0.98 -10.71 -9.94
CA PHE A 65 -1.91 -10.40 -8.83
C PHE A 65 -1.10 -10.12 -7.56
N VAL A 66 -1.67 -9.38 -6.64
CA VAL A 66 -0.94 -9.08 -5.38
C VAL A 66 -1.83 -9.37 -4.17
N LEU A 67 -1.27 -9.90 -3.12
CA LEU A 67 -2.09 -10.20 -1.92
C LEU A 67 -1.68 -9.27 -0.77
N HIS A 68 -2.62 -8.62 -0.15
CA HIS A 68 -2.27 -7.70 0.96
C HIS A 68 -2.98 -8.15 2.25
N LYS A 69 -2.30 -8.13 3.36
CA LYS A 69 -2.93 -8.54 4.64
C LYS A 69 -2.95 -7.35 5.60
N ILE A 70 -3.90 -7.30 6.49
CA ILE A 70 -3.97 -6.16 7.44
C ILE A 70 -3.63 -6.65 8.86
N GLU A 71 -2.73 -5.98 9.52
CA GLU A 71 -2.36 -6.40 10.90
C GLU A 71 -3.12 -5.53 11.91
N SER A 72 -3.52 -4.36 11.51
CA SER A 72 -4.26 -3.47 12.45
C SER A 72 -4.60 -2.15 11.75
N ILE A 73 -5.74 -1.58 12.04
CA ILE A 73 -6.12 -0.30 11.39
C ILE A 73 -6.34 0.77 12.45
N ASP A 74 -5.93 1.98 12.18
CA ASP A 74 -6.13 3.07 13.19
C ASP A 74 -6.76 4.28 12.49
N GLU A 75 -8.06 4.32 12.41
CA GLU A 75 -8.73 5.47 11.75
C GLU A 75 -8.45 6.75 12.54
N ALA A 76 -8.43 6.66 13.85
CA ALA A 76 -8.16 7.87 14.67
C ALA A 76 -6.81 8.47 14.27
N ASN A 77 -5.79 7.65 14.16
CA ASN A 77 -4.46 8.18 13.78
C ASN A 77 -4.29 8.10 12.25
N LEU A 78 -5.36 7.84 11.54
CA LEU A 78 -5.26 7.75 10.07
C LEU A 78 -4.07 6.87 9.68
N GLY A 79 -3.81 5.85 10.46
CA GLY A 79 -2.66 4.95 10.14
C GLY A 79 -3.12 3.50 10.16
N TYR A 80 -2.48 2.65 9.42
CA TYR A 80 -2.88 1.21 9.40
C TYR A 80 -1.65 0.35 9.12
N SER A 81 -1.77 -0.94 9.27
CA SER A 81 -0.59 -1.82 9.01
C SER A 81 -1.01 -2.94 8.07
N TYR A 82 -0.16 -3.31 7.15
CA TYR A 82 -0.51 -4.41 6.20
C TYR A 82 0.77 -5.06 5.66
N SER A 83 0.66 -6.24 5.13
CA SER A 83 1.87 -6.93 4.59
C SER A 83 1.47 -7.78 3.38
N VAL A 84 2.40 -8.08 2.53
CA VAL A 84 2.08 -8.91 1.33
C VAL A 84 2.28 -10.39 1.67
N VAL A 85 1.29 -11.21 1.43
CA VAL A 85 1.43 -12.65 1.74
C VAL A 85 1.53 -13.45 0.43
N GLY A 86 1.50 -12.78 -0.69
CA GLY A 86 1.60 -13.50 -1.99
C GLY A 86 1.41 -12.51 -3.14
N GLY A 87 1.55 -12.97 -4.35
CA GLY A 87 1.39 -12.05 -5.51
C GLY A 87 2.69 -12.02 -6.32
N ALA A 88 2.62 -11.58 -7.55
CA ALA A 88 3.85 -11.51 -8.39
C ALA A 88 4.83 -10.51 -7.79
N ALA A 89 4.34 -9.60 -6.98
CA ALA A 89 5.25 -8.60 -6.36
C ALA A 89 5.97 -9.22 -5.16
N LEU A 90 5.59 -10.41 -4.79
CA LEU A 90 6.25 -11.07 -3.63
C LEU A 90 7.59 -11.66 -4.07
N PRO A 91 8.69 -11.17 -3.50
CA PRO A 91 10.05 -11.63 -3.82
C PRO A 91 10.30 -13.06 -3.32
N ASP A 92 11.10 -13.81 -4.02
CA ASP A 92 11.38 -15.21 -3.58
C ASP A 92 12.42 -15.20 -2.46
N THR A 93 13.30 -14.24 -2.46
CA THR A 93 14.34 -14.19 -1.40
C THR A 93 13.74 -13.60 -0.12
N ALA A 94 12.55 -13.10 -0.18
CA ALA A 94 11.92 -12.51 1.04
C ALA A 94 10.68 -13.33 1.40
N GLU A 95 10.58 -13.78 2.62
CA GLU A 95 9.40 -14.57 3.05
C GLU A 95 8.15 -13.68 2.99
N LYS A 96 8.23 -12.49 3.54
CA LYS A 96 7.05 -11.59 3.53
C LYS A 96 7.50 -10.14 3.72
N ILE A 97 6.61 -9.20 3.53
CA ILE A 97 6.99 -7.77 3.71
C ILE A 97 5.88 -7.05 4.48
N THR A 98 6.21 -6.36 5.53
CA THR A 98 5.18 -5.64 6.32
C THR A 98 5.35 -4.13 6.11
N PHE A 99 4.32 -3.47 5.67
CA PHE A 99 4.43 -2.00 5.45
C PHE A 99 3.59 -1.25 6.48
N ASP A 100 4.20 -0.36 7.22
CA ASP A 100 3.45 0.41 8.25
C ASP A 100 3.44 1.89 7.87
N SER A 101 2.31 2.40 7.44
CA SER A 101 2.25 3.83 7.06
C SER A 101 1.30 4.59 7.98
N LYS A 102 1.68 5.76 8.42
CA LYS A 102 0.80 6.55 9.33
C LYS A 102 0.46 7.87 8.66
N LEU A 103 -0.65 8.46 8.98
CA LEU A 103 -1.02 9.75 8.35
C LEU A 103 -1.44 10.76 9.42
N VAL A 104 -0.80 11.89 9.46
CA VAL A 104 -1.16 12.92 10.48
C VAL A 104 -1.14 14.31 9.84
N ALA A 105 -2.04 15.16 10.22
CA ALA A 105 -2.06 16.53 9.63
C ALA A 105 -0.79 17.28 10.01
N GLY A 106 -0.32 18.14 9.16
CA GLY A 106 0.93 18.91 9.48
C GLY A 106 0.72 20.38 9.12
N PRO A 107 1.66 21.24 9.53
CA PRO A 107 1.59 22.69 9.25
C PRO A 107 1.80 22.99 7.77
N ASN A 108 2.04 21.97 6.97
CA ASN A 108 2.25 22.20 5.52
C ASN A 108 0.91 22.48 4.84
N GLY A 109 -0.16 22.03 5.43
CA GLY A 109 -1.50 22.27 4.82
C GLY A 109 -1.93 21.04 4.03
N GLY A 110 -1.19 19.97 4.13
CA GLY A 110 -1.55 18.73 3.38
C GLY A 110 -1.51 17.53 4.34
N SER A 111 -1.03 16.41 3.86
CA SER A 111 -0.97 15.20 4.74
C SER A 111 0.49 14.89 5.07
N ALA A 112 0.75 14.45 6.27
CA ALA A 112 2.15 14.13 6.65
C ALA A 112 2.15 12.96 7.64
N GLY A 113 3.14 12.12 7.59
CA GLY A 113 3.19 10.96 8.53
C GLY A 113 4.51 10.21 8.35
N LYS A 114 4.60 9.03 8.88
CA LYS A 114 5.86 8.24 8.75
C LYS A 114 5.55 6.88 8.12
N LEU A 115 6.42 6.38 7.29
CA LEU A 115 6.17 5.06 6.65
C LEU A 115 7.31 4.10 7.02
N THR A 116 6.98 2.97 7.58
CA THR A 116 8.04 1.99 7.95
C THR A 116 7.97 0.78 7.01
N VAL A 117 9.09 0.33 6.52
CA VAL A 117 9.08 -0.82 5.58
C VAL A 117 9.71 -2.04 6.28
N LYS A 118 9.03 -3.15 6.28
CA LYS A 118 9.58 -4.37 6.92
C LYS A 118 9.91 -5.40 5.83
N TYR A 119 11.16 -5.77 5.71
CA TYR A 119 11.53 -6.76 4.66
C TYR A 119 12.20 -7.97 5.30
N GLU A 120 11.54 -9.10 5.31
CA GLU A 120 12.14 -10.32 5.91
C GLU A 120 12.77 -11.17 4.81
N THR A 121 13.85 -11.84 5.09
CA THR A 121 14.50 -12.68 4.05
C THR A 121 14.44 -14.14 4.47
N LYS A 122 14.95 -15.03 3.65
CA LYS A 122 14.91 -16.48 4.00
C LYS A 122 15.71 -16.71 5.28
N GLY A 123 16.78 -16.00 5.47
CA GLY A 123 17.60 -16.18 6.71
C GLY A 123 18.95 -15.47 6.54
N ASP A 124 19.95 -16.19 6.11
CA ASP A 124 21.28 -15.56 5.93
C ASP A 124 21.29 -14.74 4.64
N ALA A 125 20.40 -15.02 3.74
CA ALA A 125 20.37 -14.25 2.46
C ALA A 125 20.02 -12.79 2.76
N GLU A 126 20.68 -11.87 2.11
CA GLU A 126 20.38 -10.43 2.37
C GLU A 126 20.12 -9.72 1.03
N PRO A 127 18.98 -9.03 0.93
CA PRO A 127 18.60 -8.31 -0.29
C PRO A 127 19.47 -7.08 -0.52
N ASN A 128 19.74 -6.74 -1.75
CA ASN A 128 20.59 -5.55 -2.04
C ASN A 128 19.80 -4.27 -1.73
N GLN A 129 20.46 -3.15 -1.72
CA GLN A 129 19.75 -1.86 -1.42
C GLN A 129 18.80 -1.53 -2.57
N ASP A 130 19.20 -1.82 -3.77
CA ASP A 130 18.31 -1.51 -4.94
C ASP A 130 17.01 -2.30 -4.81
N GLU A 131 17.09 -3.53 -4.42
CA GLU A 131 15.86 -4.36 -4.27
C GLU A 131 14.93 -3.69 -3.25
N LEU A 132 15.46 -3.23 -2.16
CA LEU A 132 14.61 -2.59 -1.12
C LEU A 132 13.93 -1.36 -1.74
N LYS A 133 14.62 -0.64 -2.58
CA LYS A 133 14.02 0.56 -3.22
C LYS A 133 12.92 0.12 -4.19
N THR A 134 13.16 -0.91 -4.94
CA THR A 134 12.14 -1.40 -5.91
C THR A 134 10.86 -1.76 -5.16
N GLY A 135 10.99 -2.40 -4.03
CA GLY A 135 9.77 -2.79 -3.25
C GLY A 135 8.97 -1.53 -2.90
N LYS A 136 9.63 -0.51 -2.41
CA LYS A 136 8.89 0.74 -2.05
C LYS A 136 8.41 1.43 -3.33
N ALA A 137 9.22 1.43 -4.36
CA ALA A 137 8.80 2.08 -5.64
C ALA A 137 7.44 1.53 -6.07
N LYS A 138 7.22 0.26 -5.85
CA LYS A 138 5.91 -0.34 -6.25
C LYS A 138 4.78 0.33 -5.46
N ALA A 139 4.95 0.49 -4.18
CA ALA A 139 3.90 1.13 -3.36
C ALA A 139 3.69 2.57 -3.83
N ASP A 140 4.75 3.33 -3.95
CA ASP A 140 4.61 4.74 -4.41
C ASP A 140 3.83 4.77 -5.72
N ALA A 141 4.09 3.84 -6.60
CA ALA A 141 3.36 3.82 -7.89
C ALA A 141 1.85 3.74 -7.63
N LEU A 142 1.42 2.77 -6.87
CA LEU A 142 -0.03 2.65 -6.58
C LEU A 142 -0.50 3.87 -5.79
N PHE A 143 0.29 4.31 -4.84
CA PHE A 143 -0.10 5.50 -4.04
C PHE A 143 -0.40 6.67 -4.97
N LYS A 144 0.51 7.00 -5.85
CA LYS A 144 0.27 8.13 -6.79
C LYS A 144 -1.06 7.91 -7.52
N ALA A 145 -1.38 6.67 -7.81
CA ALA A 145 -2.65 6.38 -8.52
C ALA A 145 -3.82 6.93 -7.70
N ILE A 146 -3.87 6.62 -6.43
CA ILE A 146 -4.98 7.14 -5.58
C ILE A 146 -5.02 8.66 -5.68
N GLU A 147 -3.89 9.30 -5.66
CA GLU A 147 -3.87 10.79 -5.75
C GLU A 147 -4.45 11.22 -7.10
N ALA A 148 -3.98 10.66 -8.17
CA ALA A 148 -4.50 11.04 -9.51
C ALA A 148 -6.03 11.03 -9.46
N TYR A 149 -6.61 10.09 -8.76
CA TYR A 149 -8.09 10.04 -8.67
C TYR A 149 -8.60 11.26 -7.91
N LEU A 150 -7.95 11.60 -6.83
CA LEU A 150 -8.38 12.78 -6.04
C LEU A 150 -8.43 14.02 -6.95
N LEU A 151 -7.54 14.09 -7.90
CA LEU A 151 -7.55 15.27 -8.81
C LEU A 151 -8.66 15.12 -9.85
N ALA A 152 -9.00 13.91 -10.20
CA ALA A 152 -10.09 13.70 -11.20
C ALA A 152 -11.44 13.93 -10.54
N HIS A 153 -11.50 13.87 -9.24
CA HIS A 153 -12.80 14.09 -8.54
C HIS A 153 -12.63 15.18 -7.47
N PRO A 154 -12.72 16.45 -7.87
CA PRO A 154 -12.58 17.59 -6.95
C PRO A 154 -13.77 17.69 -6.00
N ASP A 155 -14.87 17.09 -6.34
CA ASP A 155 -16.07 17.16 -5.45
C ASP A 155 -15.96 16.07 -4.37
N TYR A 156 -14.93 15.27 -4.42
CA TYR A 156 -14.77 14.20 -3.39
C TYR A 156 -14.45 14.84 -2.04
N ASN A 157 -15.13 14.42 -1.00
CA ASN A 157 -14.87 15.00 0.35
C ASN A 157 -14.38 13.91 1.29
N GLY A 1 18.25 -11.50 7.42
CA GLY A 1 16.91 -11.97 7.89
C GLY A 1 15.85 -10.93 7.52
N VAL A 2 15.86 -9.80 8.15
CA VAL A 2 14.85 -8.74 7.82
C VAL A 2 15.43 -7.36 8.12
N PHE A 3 15.10 -6.39 7.31
CA PHE A 3 15.62 -5.01 7.54
C PHE A 3 14.44 -4.04 7.65
N THR A 4 14.56 -3.03 8.46
CA THR A 4 13.44 -2.05 8.60
C THR A 4 13.92 -0.67 8.17
N PHE A 5 13.05 0.12 7.61
CA PHE A 5 13.46 1.48 7.16
C PHE A 5 12.35 2.49 7.49
N GLU A 6 12.67 3.75 7.51
CA GLU A 6 11.62 4.77 7.82
C GLU A 6 11.67 5.88 6.76
N ASP A 7 10.54 6.26 6.25
CA ASP A 7 10.51 7.34 5.22
C ASP A 7 9.43 8.36 5.59
N GLU A 8 9.47 9.52 4.98
CA GLU A 8 8.46 10.57 5.29
C GLU A 8 7.37 10.56 4.22
N ILE A 9 6.17 10.90 4.58
CA ILE A 9 5.07 10.91 3.58
C ILE A 9 4.42 12.30 3.55
N ASN A 10 4.27 12.86 2.38
CA ASN A 10 3.64 14.21 2.28
C ASN A 10 2.73 14.27 1.06
N SER A 11 1.53 14.74 1.23
CA SER A 11 0.58 14.82 0.08
C SER A 11 -0.28 16.07 0.22
N PRO A 12 -0.55 16.75 -0.92
CA PRO A 12 -1.37 17.97 -0.94
C PRO A 12 -2.84 17.67 -0.65
N VAL A 13 -3.20 16.41 -0.65
CA VAL A 13 -4.62 16.06 -0.38
C VAL A 13 -4.86 16.01 1.13
N ALA A 14 -6.06 16.29 1.57
CA ALA A 14 -6.35 16.25 3.03
C ALA A 14 -6.10 14.84 3.57
N PRO A 15 -5.46 14.75 4.74
CA PRO A 15 -5.15 13.47 5.38
C PRO A 15 -6.43 12.75 5.84
N ALA A 16 -7.45 13.48 6.17
CA ALA A 16 -8.72 12.84 6.62
C ALA A 16 -9.45 12.24 5.42
N THR A 17 -9.47 12.94 4.32
CA THR A 17 -10.17 12.41 3.12
C THR A 17 -9.28 11.36 2.44
N LEU A 18 -8.01 11.60 2.36
CA LEU A 18 -7.10 10.63 1.71
C LEU A 18 -7.03 9.35 2.56
N TYR A 19 -7.03 9.49 3.86
CA TYR A 19 -6.97 8.28 4.74
C TYR A 19 -8.26 7.48 4.60
N LYS A 20 -9.39 8.15 4.56
CA LYS A 20 -10.68 7.42 4.44
C LYS A 20 -10.76 6.73 3.08
N ALA A 21 -10.42 7.43 2.01
CA ALA A 21 -10.48 6.80 0.67
C ALA A 21 -9.31 5.84 0.51
N LEU A 22 -8.23 6.07 1.21
CA LEU A 22 -7.06 5.16 1.11
C LEU A 22 -7.42 3.79 1.67
N VAL A 23 -8.00 3.75 2.84
CA VAL A 23 -8.38 2.45 3.44
C VAL A 23 -9.86 2.14 3.16
N THR A 24 -10.73 3.06 3.44
CA THR A 24 -12.18 2.82 3.19
C THR A 24 -12.44 2.65 1.70
N ASP A 25 -11.93 3.54 0.89
CA ASP A 25 -12.15 3.43 -0.58
C ASP A 25 -11.01 2.65 -1.21
N ALA A 26 -10.09 2.14 -0.42
CA ALA A 26 -8.96 1.37 -0.99
C ALA A 26 -9.49 0.37 -2.02
N ASP A 27 -10.45 -0.43 -1.63
CA ASP A 27 -11.01 -1.44 -2.59
C ASP A 27 -11.73 -0.72 -3.72
N ASN A 28 -12.19 0.48 -3.49
CA ASN A 28 -12.91 1.22 -4.56
C ASN A 28 -11.90 2.03 -5.39
N VAL A 29 -10.81 2.41 -4.80
CA VAL A 29 -9.78 3.19 -5.55
C VAL A 29 -8.89 2.23 -6.33
N ILE A 30 -8.56 1.10 -5.77
CA ILE A 30 -7.68 0.13 -6.47
C ILE A 30 -8.24 -0.17 -7.86
N PRO A 31 -9.55 -0.43 -7.97
CA PRO A 31 -10.19 -0.74 -9.26
C PRO A 31 -10.22 0.47 -10.19
N LYS A 32 -10.03 1.65 -9.66
CA LYS A 32 -10.05 2.87 -10.53
C LYS A 32 -8.63 3.41 -10.68
N ALA A 33 -7.81 3.20 -9.68
CA ALA A 33 -6.40 3.71 -9.77
C ALA A 33 -5.65 2.92 -10.85
N LEU A 34 -5.93 1.66 -10.96
CA LEU A 34 -5.25 0.83 -12.00
C LEU A 34 -6.09 0.84 -13.28
N ASP A 35 -5.60 1.46 -14.31
CA ASP A 35 -6.38 1.52 -15.58
C ASP A 35 -6.69 0.11 -16.09
N SER A 36 -5.73 -0.78 -16.06
CA SER A 36 -6.00 -2.16 -16.56
C SER A 36 -6.50 -3.04 -15.41
N PHE A 37 -7.17 -2.47 -14.46
CA PHE A 37 -7.68 -3.28 -13.32
C PHE A 37 -8.69 -4.30 -13.83
N LYS A 38 -8.57 -5.53 -13.43
CA LYS A 38 -9.53 -6.58 -13.91
C LYS A 38 -10.65 -6.77 -12.88
N SER A 39 -10.33 -6.91 -11.64
CA SER A 39 -11.39 -7.10 -10.60
C SER A 39 -10.77 -7.24 -9.21
N VAL A 40 -11.58 -7.30 -8.20
CA VAL A 40 -11.05 -7.44 -6.81
C VAL A 40 -11.87 -8.47 -6.05
N GLU A 41 -11.23 -9.42 -5.42
CA GLU A 41 -11.98 -10.46 -4.66
C GLU A 41 -11.42 -10.58 -3.24
N ASN A 42 -12.24 -10.84 -2.28
CA ASN A 42 -11.75 -10.96 -0.88
C ASN A 42 -11.27 -12.39 -0.64
N VAL A 43 -10.06 -12.56 -0.19
CA VAL A 43 -9.52 -13.93 0.05
C VAL A 43 -10.05 -14.46 1.39
N GLU A 44 -10.10 -13.63 2.40
CA GLU A 44 -10.61 -14.08 3.72
C GLU A 44 -10.85 -12.87 4.62
N GLY A 45 -11.70 -13.02 5.60
CA GLY A 45 -11.98 -11.87 6.52
C GLY A 45 -13.27 -11.18 6.08
N ASN A 46 -13.77 -10.28 6.88
CA ASN A 46 -15.03 -9.57 6.52
C ASN A 46 -14.76 -8.07 6.41
N GLY A 47 -13.57 -7.70 6.00
CA GLY A 47 -13.24 -6.26 5.87
C GLY A 47 -12.52 -5.79 7.14
N GLY A 48 -12.51 -6.60 8.16
CA GLY A 48 -11.83 -6.21 9.42
C GLY A 48 -10.31 -6.38 9.24
N PRO A 49 -9.56 -6.24 10.35
CA PRO A 49 -8.10 -6.37 10.32
C PRO A 49 -7.66 -7.83 10.09
N GLY A 50 -6.54 -8.03 9.45
CA GLY A 50 -6.07 -9.42 9.19
C GLY A 50 -6.81 -10.00 8.00
N THR A 51 -7.65 -9.22 7.37
CA THR A 51 -8.41 -9.73 6.19
C THR A 51 -7.45 -9.94 5.01
N ILE A 52 -7.74 -10.89 4.16
CA ILE A 52 -6.85 -11.15 3.00
C ILE A 52 -7.60 -10.83 1.71
N LYS A 53 -7.05 -9.98 0.88
CA LYS A 53 -7.73 -9.63 -0.40
C LYS A 53 -6.84 -10.01 -1.58
N LYS A 54 -7.43 -10.45 -2.65
CA LYS A 54 -6.62 -10.84 -3.84
C LYS A 54 -6.93 -9.89 -5.00
N ILE A 55 -5.93 -9.32 -5.59
CA ILE A 55 -6.17 -8.38 -6.73
C ILE A 55 -5.56 -8.97 -8.00
N THR A 56 -6.18 -8.75 -9.12
CA THR A 56 -5.64 -9.28 -10.41
C THR A 56 -5.55 -8.16 -11.44
N PHE A 57 -4.36 -7.76 -11.81
CA PHE A 57 -4.22 -6.67 -12.80
C PHE A 57 -3.56 -7.21 -14.07
N LEU A 58 -3.48 -6.41 -15.11
CA LEU A 58 -2.84 -6.89 -16.37
C LEU A 58 -1.62 -6.03 -16.67
N GLU A 59 -0.57 -6.63 -17.19
CA GLU A 59 0.65 -5.84 -17.52
C GLU A 59 1.28 -6.39 -18.79
N ASP A 60 1.60 -5.53 -19.72
CA ASP A 60 2.23 -6.00 -20.98
C ASP A 60 1.37 -7.09 -21.61
N GLY A 61 0.10 -7.14 -21.26
CA GLY A 61 -0.79 -8.17 -21.83
C GLY A 61 -0.72 -9.44 -20.98
N GLU A 62 -0.10 -9.35 -19.84
CA GLU A 62 0.01 -10.56 -18.96
C GLU A 62 -0.98 -10.42 -17.80
N THR A 63 -1.38 -11.52 -17.22
CA THR A 63 -2.35 -11.46 -16.09
C THR A 63 -1.58 -11.64 -14.77
N LYS A 64 -1.55 -10.62 -13.95
CA LYS A 64 -0.82 -10.74 -12.65
C LYS A 64 -1.79 -10.49 -11.50
N PHE A 65 -1.43 -10.88 -10.31
CA PHE A 65 -2.33 -10.67 -9.14
C PHE A 65 -1.48 -10.38 -7.89
N VAL A 66 -2.07 -9.78 -6.90
CA VAL A 66 -1.30 -9.48 -5.67
C VAL A 66 -2.17 -9.75 -4.44
N LEU A 67 -1.57 -10.17 -3.36
CA LEU A 67 -2.36 -10.45 -2.13
C LEU A 67 -1.92 -9.49 -1.02
N HIS A 68 -2.85 -8.93 -0.30
CA HIS A 68 -2.47 -7.97 0.78
C HIS A 68 -3.18 -8.37 2.08
N LYS A 69 -2.50 -8.22 3.19
CA LYS A 69 -3.12 -8.59 4.49
C LYS A 69 -3.07 -7.36 5.42
N ILE A 70 -4.02 -7.23 6.30
CA ILE A 70 -4.01 -6.06 7.22
C ILE A 70 -3.65 -6.52 8.63
N GLU A 71 -2.74 -5.82 9.26
CA GLU A 71 -2.33 -6.22 10.65
C GLU A 71 -3.24 -5.51 11.66
N SER A 72 -3.58 -4.27 11.41
CA SER A 72 -4.45 -3.53 12.36
C SER A 72 -4.82 -2.17 11.76
N ILE A 73 -6.04 -1.75 11.93
CA ILE A 73 -6.45 -0.42 11.37
C ILE A 73 -6.54 0.60 12.51
N ASP A 74 -6.03 1.78 12.29
CA ASP A 74 -6.09 2.82 13.36
C ASP A 74 -6.68 4.11 12.78
N GLU A 75 -7.97 4.17 12.63
CA GLU A 75 -8.61 5.39 12.08
C GLU A 75 -8.26 6.59 12.97
N ALA A 76 -8.25 6.40 14.25
CA ALA A 76 -7.92 7.53 15.17
C ALA A 76 -6.62 8.19 14.72
N ASN A 77 -5.59 7.43 14.53
CA ASN A 77 -4.29 8.02 14.09
C ASN A 77 -4.22 7.99 12.55
N LEU A 78 -5.32 7.75 11.90
CA LEU A 78 -5.31 7.70 10.41
C LEU A 78 -4.12 6.87 9.94
N GLY A 79 -3.86 5.77 10.57
CA GLY A 79 -2.72 4.90 10.16
C GLY A 79 -3.16 3.45 10.13
N TYR A 80 -2.51 2.63 9.35
CA TYR A 80 -2.89 1.19 9.28
C TYR A 80 -1.67 0.36 8.91
N SER A 81 -1.75 -0.94 9.00
CA SER A 81 -0.58 -1.79 8.66
C SER A 81 -1.01 -2.87 7.67
N TYR A 82 -0.20 -3.15 6.68
CA TYR A 82 -0.57 -4.20 5.70
C TYR A 82 0.70 -4.78 5.07
N SER A 83 0.62 -5.96 4.52
CA SER A 83 1.83 -6.58 3.90
C SER A 83 1.40 -7.43 2.70
N VAL A 84 2.30 -7.66 1.78
CA VAL A 84 1.95 -8.48 0.59
C VAL A 84 2.35 -9.93 0.84
N VAL A 85 1.50 -10.87 0.52
CA VAL A 85 1.84 -12.30 0.75
C VAL A 85 1.87 -13.07 -0.57
N GLY A 86 1.67 -12.39 -1.67
CA GLY A 86 1.69 -13.11 -2.98
C GLY A 86 1.58 -12.10 -4.13
N GLY A 87 1.89 -12.52 -5.32
CA GLY A 87 1.79 -11.59 -6.48
C GLY A 87 3.19 -11.09 -6.86
N ALA A 88 3.28 -10.30 -7.89
CA ALA A 88 4.62 -9.77 -8.31
C ALA A 88 5.22 -8.94 -7.17
N ALA A 89 4.42 -8.55 -6.22
CA ALA A 89 4.94 -7.73 -5.09
C ALA A 89 5.62 -8.65 -4.08
N LEU A 90 5.50 -9.93 -4.24
CA LEU A 90 6.14 -10.88 -3.29
C LEU A 90 7.39 -11.48 -3.93
N PRO A 91 8.57 -11.02 -3.51
CA PRO A 91 9.85 -11.50 -4.04
C PRO A 91 10.14 -12.93 -3.59
N ASP A 92 10.91 -13.66 -4.35
CA ASP A 92 11.23 -15.06 -3.97
C ASP A 92 12.33 -15.07 -2.91
N THR A 93 13.27 -14.17 -3.00
CA THR A 93 14.38 -14.14 -2.00
C THR A 93 13.91 -13.46 -0.72
N ALA A 94 12.64 -13.17 -0.61
CA ALA A 94 12.14 -12.50 0.62
C ALA A 94 10.83 -13.15 1.06
N GLU A 95 10.72 -13.51 2.31
CA GLU A 95 9.47 -14.15 2.80
C GLU A 95 8.28 -13.24 2.51
N LYS A 96 8.32 -12.02 2.99
CA LYS A 96 7.19 -11.09 2.74
C LYS A 96 7.59 -9.67 3.16
N ILE A 97 6.90 -8.68 2.67
CA ILE A 97 7.24 -7.28 3.04
C ILE A 97 6.06 -6.64 3.79
N THR A 98 6.34 -5.94 4.85
CA THR A 98 5.25 -5.28 5.62
C THR A 98 5.25 -3.77 5.35
N PHE A 99 4.11 -3.17 5.24
CA PHE A 99 4.06 -1.71 4.98
C PHE A 99 3.32 -0.99 6.12
N ASP A 100 3.98 -0.09 6.78
CA ASP A 100 3.32 0.66 7.89
C ASP A 100 3.31 2.15 7.56
N SER A 101 2.19 2.66 7.11
CA SER A 101 2.13 4.11 6.76
C SER A 101 1.17 4.84 7.69
N LYS A 102 1.50 6.04 8.09
CA LYS A 102 0.62 6.81 8.99
C LYS A 102 0.36 8.19 8.37
N LEU A 103 -0.81 8.74 8.55
CA LEU A 103 -1.10 10.07 7.97
C LEU A 103 -1.61 11.02 9.05
N VAL A 104 -1.00 12.17 9.17
CA VAL A 104 -1.44 13.14 10.22
C VAL A 104 -1.46 14.54 9.61
N ALA A 105 -2.42 15.35 9.97
CA ALA A 105 -2.48 16.73 9.41
C ALA A 105 -1.28 17.54 9.92
N GLY A 106 -0.77 18.43 9.11
CA GLY A 106 0.38 19.26 9.54
C GLY A 106 0.15 20.71 9.11
N PRO A 107 1.03 21.62 9.56
CA PRO A 107 0.93 23.05 9.23
C PRO A 107 1.25 23.32 7.75
N ASN A 108 1.55 22.28 7.00
CA ASN A 108 1.86 22.47 5.56
C ASN A 108 0.57 22.74 4.79
N GLY A 109 -0.54 22.27 5.28
CA GLY A 109 -1.84 22.50 4.56
C GLY A 109 -2.18 21.27 3.74
N GLY A 110 -1.59 20.14 4.04
CA GLY A 110 -1.90 18.91 3.27
C GLY A 110 -1.84 17.70 4.21
N SER A 111 -1.20 16.64 3.79
CA SER A 111 -1.11 15.43 4.65
C SER A 111 0.36 15.16 5.00
N ALA A 112 0.63 14.73 6.20
CA ALA A 112 2.03 14.45 6.60
C ALA A 112 2.05 13.28 7.58
N GLY A 113 3.08 12.48 7.55
CA GLY A 113 3.16 11.32 8.48
C GLY A 113 4.50 10.61 8.31
N LYS A 114 4.59 9.38 8.71
CA LYS A 114 5.87 8.62 8.57
C LYS A 114 5.58 7.24 7.96
N LEU A 115 6.44 6.78 7.11
CA LEU A 115 6.22 5.44 6.48
C LEU A 115 7.35 4.50 6.90
N THR A 116 7.02 3.28 7.26
CA THR A 116 8.07 2.31 7.67
C THR A 116 7.91 1.02 6.86
N VAL A 117 8.96 0.59 6.21
CA VAL A 117 8.85 -0.66 5.40
C VAL A 117 9.67 -1.77 6.08
N LYS A 118 9.10 -2.95 6.17
CA LYS A 118 9.84 -4.07 6.81
C LYS A 118 10.14 -5.14 5.76
N TYR A 119 11.39 -5.45 5.55
CA TYR A 119 11.73 -6.47 4.53
C TYR A 119 12.06 -7.80 5.22
N GLU A 120 11.40 -8.86 4.85
CA GLU A 120 11.69 -10.18 5.48
C GLU A 120 12.43 -11.06 4.48
N THR A 121 13.46 -11.74 4.91
CA THR A 121 14.23 -12.62 3.98
C THR A 121 14.11 -14.07 4.45
N LYS A 122 14.48 -15.00 3.60
CA LYS A 122 14.40 -16.44 4.00
C LYS A 122 15.33 -16.70 5.18
N GLY A 123 16.45 -16.04 5.21
CA GLY A 123 17.41 -16.25 6.35
C GLY A 123 18.83 -15.94 5.88
N ASP A 124 19.50 -16.91 5.31
CA ASP A 124 20.89 -16.67 4.84
C ASP A 124 20.89 -15.60 3.75
N ALA A 125 19.80 -15.48 3.03
CA ALA A 125 19.75 -14.45 1.95
C ALA A 125 19.71 -13.06 2.57
N GLU A 126 20.47 -12.14 2.04
CA GLU A 126 20.49 -10.76 2.61
C GLU A 126 20.35 -9.75 1.48
N PRO A 127 19.16 -9.11 1.38
CA PRO A 127 18.89 -8.11 0.34
C PRO A 127 19.66 -6.82 0.57
N ASN A 128 20.46 -6.41 -0.38
CA ASN A 128 21.24 -5.15 -0.21
C ASN A 128 20.27 -3.98 -0.02
N GLN A 129 20.71 -2.93 0.63
CA GLN A 129 19.81 -1.76 0.85
C GLN A 129 19.34 -1.23 -0.50
N ASP A 130 20.18 -1.26 -1.50
CA ASP A 130 19.77 -0.75 -2.84
C ASP A 130 18.49 -1.47 -3.28
N GLU A 131 18.33 -2.70 -2.89
CA GLU A 131 17.09 -3.43 -3.29
C GLU A 131 15.93 -2.98 -2.41
N LEU A 132 16.22 -2.64 -1.18
CA LEU A 132 15.14 -2.18 -0.26
C LEU A 132 14.51 -0.92 -0.82
N LYS A 133 15.31 -0.04 -1.38
CA LYS A 133 14.76 1.22 -1.96
C LYS A 133 13.83 0.87 -3.13
N THR A 134 14.26 -0.01 -3.99
CA THR A 134 13.40 -0.39 -5.16
C THR A 134 12.06 -0.91 -4.64
N GLY A 135 12.06 -1.63 -3.55
CA GLY A 135 10.79 -2.16 -3.01
C GLY A 135 9.85 -0.99 -2.71
N LYS A 136 10.35 0.03 -2.06
CA LYS A 136 9.48 1.19 -1.74
C LYS A 136 8.82 1.71 -3.02
N ALA A 137 9.52 1.66 -4.12
CA ALA A 137 8.92 2.13 -5.40
C ALA A 137 7.63 1.36 -5.67
N LYS A 138 7.60 0.11 -5.30
CA LYS A 138 6.36 -0.70 -5.54
C LYS A 138 5.22 -0.14 -4.69
N ALA A 139 5.48 0.12 -3.44
CA ALA A 139 4.41 0.68 -2.57
C ALA A 139 4.05 2.09 -3.03
N ASP A 140 5.03 2.94 -3.16
CA ASP A 140 4.75 4.33 -3.61
C ASP A 140 4.04 4.30 -4.96
N ALA A 141 4.35 3.33 -5.79
CA ALA A 141 3.69 3.25 -7.11
C ALA A 141 2.18 3.12 -6.92
N LEU A 142 1.76 2.37 -5.95
CA LEU A 142 0.30 2.21 -5.69
C LEU A 142 -0.24 3.49 -5.08
N PHE A 143 0.42 4.01 -4.08
CA PHE A 143 -0.06 5.27 -3.43
C PHE A 143 -0.18 6.36 -4.49
N LYS A 144 0.87 6.63 -5.21
CA LYS A 144 0.81 7.68 -6.26
C LYS A 144 -0.39 7.43 -7.17
N ALA A 145 -0.66 6.18 -7.48
CA ALA A 145 -1.83 5.88 -8.35
C ALA A 145 -3.09 6.47 -7.72
N ILE A 146 -3.24 6.36 -6.43
CA ILE A 146 -4.44 6.92 -5.76
C ILE A 146 -4.39 8.44 -5.81
N GLU A 147 -3.32 9.03 -5.33
CA GLU A 147 -3.21 10.51 -5.35
C GLU A 147 -3.55 11.02 -6.76
N ALA A 148 -2.84 10.56 -7.75
CA ALA A 148 -3.14 11.01 -9.14
C ALA A 148 -4.64 10.89 -9.39
N TYR A 149 -5.24 9.85 -8.88
CA TYR A 149 -6.71 9.68 -9.08
C TYR A 149 -7.46 10.77 -8.32
N LEU A 150 -7.02 11.07 -7.14
CA LEU A 150 -7.70 12.14 -6.34
C LEU A 150 -7.69 13.45 -7.14
N LEU A 151 -6.65 13.71 -7.87
CA LEU A 151 -6.58 14.97 -8.66
C LEU A 151 -7.54 14.87 -9.84
N ALA A 152 -7.79 13.68 -10.32
CA ALA A 152 -8.72 13.52 -11.48
C ALA A 152 -10.15 13.79 -11.03
N HIS A 153 -10.39 13.78 -9.74
CA HIS A 153 -11.77 14.04 -9.23
C HIS A 153 -11.72 15.03 -8.07
N PRO A 154 -11.76 16.34 -8.38
CA PRO A 154 -11.71 17.39 -7.38
C PRO A 154 -13.00 17.45 -6.55
N ASP A 155 -14.04 16.81 -7.01
CA ASP A 155 -15.32 16.82 -6.25
C ASP A 155 -15.30 15.71 -5.18
N TYR A 156 -14.19 15.04 -5.04
CA TYR A 156 -14.11 13.95 -4.03
C TYR A 156 -13.88 14.55 -2.63
N ASN A 157 -14.50 13.99 -1.63
CA ASN A 157 -14.31 14.53 -0.26
C ASN A 157 -14.53 13.42 0.76
N GLY A 1 17.43 -10.11 11.84
CA GLY A 1 15.95 -10.21 11.89
C GLY A 1 15.36 -9.68 10.59
N VAL A 2 14.78 -8.51 10.61
CA VAL A 2 14.19 -7.95 9.37
C VAL A 2 14.65 -6.49 9.19
N PHE A 3 14.80 -6.06 7.97
CA PHE A 3 15.25 -4.66 7.72
C PHE A 3 14.07 -3.71 7.85
N THR A 4 14.13 -2.80 8.80
CA THR A 4 13.02 -1.84 8.97
C THR A 4 13.48 -0.44 8.55
N PHE A 5 12.89 0.11 7.53
CA PHE A 5 13.31 1.47 7.08
C PHE A 5 12.21 2.48 7.40
N GLU A 6 12.57 3.74 7.48
CA GLU A 6 11.55 4.78 7.80
C GLU A 6 11.59 5.87 6.72
N ASP A 7 10.48 6.19 6.14
CA ASP A 7 10.46 7.24 5.08
C ASP A 7 9.49 8.36 5.48
N GLU A 8 9.59 9.49 4.83
CA GLU A 8 8.67 10.62 5.17
C GLU A 8 7.49 10.62 4.19
N ILE A 9 6.35 11.08 4.63
CA ILE A 9 5.16 11.11 3.73
C ILE A 9 4.70 12.56 3.54
N ASN A 10 4.41 12.95 2.33
CA ASN A 10 3.97 14.35 2.09
C ASN A 10 2.88 14.35 1.00
N SER A 11 1.66 14.62 1.36
CA SER A 11 0.57 14.64 0.36
C SER A 11 -0.26 15.91 0.52
N PRO A 12 -0.52 16.61 -0.59
CA PRO A 12 -1.31 17.85 -0.60
C PRO A 12 -2.79 17.59 -0.29
N VAL A 13 -3.16 16.35 -0.15
CA VAL A 13 -4.58 16.03 0.16
C VAL A 13 -4.78 15.94 1.67
N ALA A 14 -5.97 16.24 2.14
CA ALA A 14 -6.22 16.17 3.60
C ALA A 14 -5.94 14.75 4.10
N PRO A 15 -5.45 14.63 5.34
CA PRO A 15 -5.12 13.33 5.96
C PRO A 15 -6.39 12.51 6.24
N ALA A 16 -7.47 13.16 6.58
CA ALA A 16 -8.72 12.42 6.88
C ALA A 16 -9.35 11.95 5.57
N THR A 17 -9.30 12.75 4.54
CA THR A 17 -9.89 12.35 3.24
C THR A 17 -8.98 11.34 2.55
N LEU A 18 -7.69 11.54 2.65
CA LEU A 18 -6.74 10.60 2.00
C LEU A 18 -6.77 9.25 2.71
N TYR A 19 -6.87 9.25 4.01
CA TYR A 19 -6.92 7.97 4.76
C TYR A 19 -8.20 7.21 4.43
N LYS A 20 -9.32 7.89 4.44
CA LYS A 20 -10.60 7.19 4.13
C LYS A 20 -10.55 6.63 2.70
N ALA A 21 -10.11 7.41 1.76
CA ALA A 21 -10.04 6.92 0.35
C ALA A 21 -8.91 5.90 0.23
N LEU A 22 -7.97 5.92 1.13
CA LEU A 22 -6.84 4.96 1.06
C LEU A 22 -7.28 3.60 1.61
N VAL A 23 -7.89 3.57 2.75
CA VAL A 23 -8.32 2.27 3.34
C VAL A 23 -9.80 2.02 3.04
N THR A 24 -10.65 2.96 3.37
CA THR A 24 -12.12 2.76 3.12
C THR A 24 -12.39 2.66 1.62
N ASP A 25 -11.89 3.59 0.85
CA ASP A 25 -12.15 3.54 -0.62
C ASP A 25 -11.05 2.74 -1.31
N ALA A 26 -10.13 2.20 -0.56
CA ALA A 26 -9.03 1.41 -1.20
C ALA A 26 -9.65 0.44 -2.21
N ASP A 27 -10.60 -0.34 -1.79
CA ASP A 27 -11.24 -1.30 -2.73
C ASP A 27 -11.95 -0.55 -3.86
N ASN A 28 -12.33 0.67 -3.61
CA ASN A 28 -13.04 1.46 -4.66
C ASN A 28 -12.00 2.24 -5.48
N VAL A 29 -10.86 2.51 -4.91
CA VAL A 29 -9.81 3.26 -5.67
C VAL A 29 -9.04 2.29 -6.58
N ILE A 30 -8.77 1.10 -6.10
CA ILE A 30 -8.03 0.12 -6.92
C ILE A 30 -8.68 -0.01 -8.30
N PRO A 31 -10.02 -0.17 -8.34
CA PRO A 31 -10.75 -0.31 -9.61
C PRO A 31 -10.74 0.99 -10.42
N LYS A 32 -10.44 2.09 -9.79
CA LYS A 32 -10.40 3.39 -10.53
C LYS A 32 -8.94 3.79 -10.77
N ALA A 33 -8.15 3.85 -9.75
CA ALA A 33 -6.73 4.23 -9.93
C ALA A 33 -6.10 3.30 -10.96
N LEU A 34 -6.25 2.01 -10.79
CA LEU A 34 -5.66 1.06 -11.75
C LEU A 34 -6.47 1.11 -13.06
N ASP A 35 -5.96 1.78 -14.05
CA ASP A 35 -6.70 1.89 -15.33
C ASP A 35 -7.03 0.50 -15.89
N SER A 36 -6.11 -0.43 -15.80
CA SER A 36 -6.39 -1.79 -16.35
C SER A 36 -6.85 -2.73 -15.22
N PHE A 37 -7.47 -2.19 -14.21
CA PHE A 37 -7.94 -3.06 -13.09
C PHE A 37 -8.85 -4.16 -13.64
N LYS A 38 -8.52 -5.39 -13.40
CA LYS A 38 -9.36 -6.51 -13.92
C LYS A 38 -10.48 -6.82 -12.93
N SER A 39 -10.14 -7.08 -11.69
CA SER A 39 -11.20 -7.39 -10.69
C SER A 39 -10.57 -7.52 -9.30
N VAL A 40 -11.39 -7.55 -8.28
CA VAL A 40 -10.86 -7.68 -6.90
C VAL A 40 -11.79 -8.56 -6.07
N GLU A 41 -11.25 -9.39 -5.22
CA GLU A 41 -12.13 -10.29 -4.41
C GLU A 41 -11.45 -10.58 -3.06
N ASN A 42 -12.20 -11.04 -2.11
CA ASN A 42 -11.60 -11.35 -0.77
C ASN A 42 -11.35 -12.85 -0.66
N VAL A 43 -10.16 -13.25 -0.32
CA VAL A 43 -9.87 -14.71 -0.19
C VAL A 43 -10.05 -15.14 1.26
N GLU A 44 -9.83 -14.25 2.19
CA GLU A 44 -10.00 -14.62 3.63
C GLU A 44 -10.19 -13.34 4.45
N GLY A 45 -10.96 -13.40 5.51
CA GLY A 45 -11.18 -12.20 6.35
C GLY A 45 -12.49 -11.51 5.91
N ASN A 46 -13.08 -10.76 6.79
CA ASN A 46 -14.36 -10.06 6.44
C ASN A 46 -14.13 -8.55 6.41
N GLY A 47 -12.96 -8.13 6.00
CA GLY A 47 -12.68 -6.67 5.95
C GLY A 47 -11.99 -6.23 7.25
N GLY A 48 -12.02 -7.06 8.25
CA GLY A 48 -11.36 -6.70 9.54
C GLY A 48 -9.84 -6.89 9.41
N PRO A 49 -9.14 -6.87 10.54
CA PRO A 49 -7.67 -7.04 10.57
C PRO A 49 -7.26 -8.48 10.23
N GLY A 50 -6.17 -8.64 9.53
CA GLY A 50 -5.72 -10.02 9.17
C GLY A 50 -6.47 -10.49 7.92
N THR A 51 -7.33 -9.66 7.39
CA THR A 51 -8.10 -10.07 6.18
C THR A 51 -7.15 -10.22 4.99
N ILE A 52 -7.45 -11.12 4.08
CA ILE A 52 -6.57 -11.31 2.90
C ILE A 52 -7.33 -10.91 1.64
N LYS A 53 -6.79 -9.99 0.87
CA LYS A 53 -7.49 -9.56 -0.37
C LYS A 53 -6.61 -9.89 -1.59
N LYS A 54 -7.22 -10.28 -2.68
CA LYS A 54 -6.43 -10.60 -3.90
C LYS A 54 -6.85 -9.66 -5.04
N ILE A 55 -5.90 -9.08 -5.71
CA ILE A 55 -6.25 -8.15 -6.83
C ILE A 55 -5.55 -8.61 -8.12
N THR A 56 -6.18 -8.43 -9.24
CA THR A 56 -5.54 -8.85 -10.52
C THR A 56 -5.50 -7.65 -11.48
N PHE A 57 -4.33 -7.32 -11.97
CA PHE A 57 -4.21 -6.17 -12.89
C PHE A 57 -3.48 -6.61 -14.17
N LEU A 58 -3.69 -5.92 -15.26
CA LEU A 58 -3.00 -6.30 -16.53
C LEU A 58 -1.76 -5.43 -16.71
N GLU A 59 -0.67 -6.03 -17.13
CA GLU A 59 0.58 -5.23 -17.33
C GLU A 59 1.44 -5.89 -18.40
N ASP A 60 1.97 -5.11 -19.31
CA ASP A 60 2.83 -5.71 -20.38
C ASP A 60 2.08 -6.86 -21.06
N GLY A 61 0.79 -6.72 -21.25
CA GLY A 61 0.02 -7.80 -21.90
C GLY A 61 0.09 -9.07 -21.06
N GLU A 62 0.39 -8.92 -19.79
CA GLU A 62 0.48 -10.12 -18.90
C GLU A 62 -0.47 -9.95 -17.72
N THR A 63 -1.21 -10.97 -17.39
CA THR A 63 -2.16 -10.87 -16.24
C THR A 63 -1.39 -11.08 -14.94
N LYS A 64 -1.38 -10.09 -14.08
CA LYS A 64 -0.65 -10.24 -12.79
C LYS A 64 -1.62 -10.04 -11.63
N PHE A 65 -1.27 -10.51 -10.46
CA PHE A 65 -2.17 -10.35 -9.29
C PHE A 65 -1.34 -10.05 -8.04
N VAL A 66 -1.93 -9.40 -7.07
CA VAL A 66 -1.16 -9.07 -5.83
C VAL A 66 -2.02 -9.41 -4.60
N LEU A 67 -1.40 -9.87 -3.55
CA LEU A 67 -2.17 -10.20 -2.33
C LEU A 67 -1.82 -9.21 -1.22
N HIS A 68 -2.81 -8.57 -0.65
CA HIS A 68 -2.53 -7.58 0.43
C HIS A 68 -3.14 -8.06 1.75
N LYS A 69 -2.40 -7.98 2.82
CA LYS A 69 -2.95 -8.43 4.13
C LYS A 69 -2.95 -7.26 5.11
N ILE A 70 -3.88 -7.24 6.03
CA ILE A 70 -3.93 -6.12 7.00
C ILE A 70 -3.58 -6.62 8.41
N GLU A 71 -2.72 -5.94 9.10
CA GLU A 71 -2.34 -6.38 10.47
C GLU A 71 -3.20 -5.66 11.51
N SER A 72 -3.56 -4.43 11.23
CA SER A 72 -4.39 -3.66 12.19
C SER A 72 -4.86 -2.36 11.54
N ILE A 73 -6.04 -1.91 11.88
CA ILE A 73 -6.54 -0.63 11.28
C ILE A 73 -6.70 0.42 12.37
N ASP A 74 -6.31 1.64 12.10
CA ASP A 74 -6.43 2.71 13.12
C ASP A 74 -7.04 3.96 12.48
N GLU A 75 -8.32 3.95 12.26
CA GLU A 75 -8.97 5.14 11.63
C GLU A 75 -8.74 6.37 12.50
N ALA A 76 -8.77 6.20 13.80
CA ALA A 76 -8.55 7.37 14.70
C ALA A 76 -7.25 8.08 14.34
N ASN A 77 -6.20 7.32 14.12
CA ASN A 77 -4.90 7.94 13.77
C ASN A 77 -4.74 7.96 12.25
N LEU A 78 -5.80 7.69 11.53
CA LEU A 78 -5.71 7.69 10.04
C LEU A 78 -4.48 6.87 9.61
N GLY A 79 -4.21 5.80 10.29
CA GLY A 79 -3.03 4.96 9.93
C GLY A 79 -3.43 3.49 9.95
N TYR A 80 -2.78 2.67 9.17
CA TYR A 80 -3.12 1.22 9.15
C TYR A 80 -1.86 0.41 8.82
N SER A 81 -1.93 -0.89 8.96
CA SER A 81 -0.73 -1.72 8.65
C SER A 81 -1.13 -2.85 7.71
N TYR A 82 -0.29 -3.16 6.75
CA TYR A 82 -0.63 -4.25 5.79
C TYR A 82 0.67 -4.84 5.23
N SER A 83 0.61 -6.04 4.71
CA SER A 83 1.83 -6.66 4.14
C SER A 83 1.46 -7.51 2.92
N VAL A 84 2.38 -7.74 2.03
CA VAL A 84 2.07 -8.56 0.83
C VAL A 84 2.42 -10.02 1.10
N VAL A 85 1.52 -10.93 0.84
CA VAL A 85 1.80 -12.37 1.09
C VAL A 85 1.65 -13.16 -0.21
N GLY A 86 1.32 -12.50 -1.29
CA GLY A 86 1.17 -13.22 -2.58
C GLY A 86 1.21 -12.22 -3.74
N GLY A 87 1.64 -12.65 -4.89
CA GLY A 87 1.72 -11.72 -6.06
C GLY A 87 3.17 -11.42 -6.38
N ALA A 88 3.42 -10.66 -7.42
CA ALA A 88 4.83 -10.34 -7.78
C ALA A 88 5.49 -9.59 -6.62
N ALA A 89 4.70 -9.11 -5.69
CA ALA A 89 5.29 -8.37 -4.53
C ALA A 89 5.84 -9.37 -3.51
N LEU A 90 5.64 -10.63 -3.73
CA LEU A 90 6.15 -11.65 -2.77
C LEU A 90 7.50 -12.17 -3.25
N PRO A 91 8.59 -11.66 -2.66
CA PRO A 91 9.95 -12.07 -3.03
C PRO A 91 10.26 -13.51 -2.60
N ASP A 92 11.11 -14.18 -3.33
CA ASP A 92 11.44 -15.59 -2.97
C ASP A 92 12.47 -15.60 -1.83
N THR A 93 13.32 -14.62 -1.78
CA THR A 93 14.34 -14.58 -0.68
C THR A 93 13.76 -13.84 0.52
N ALA A 94 12.69 -13.12 0.34
CA ALA A 94 12.08 -12.37 1.48
C ALA A 94 10.74 -13.00 1.85
N GLU A 95 10.64 -13.56 3.02
CA GLU A 95 9.36 -14.19 3.45
C GLU A 95 8.20 -13.25 3.11
N LYS A 96 8.31 -12.00 3.47
CA LYS A 96 7.21 -11.04 3.17
C LYS A 96 7.62 -9.63 3.63
N ILE A 97 6.90 -8.63 3.20
CA ILE A 97 7.24 -7.25 3.60
C ILE A 97 6.03 -6.58 4.26
N THR A 98 6.23 -5.91 5.36
CA THR A 98 5.09 -5.24 6.04
C THR A 98 5.19 -3.73 5.84
N PHE A 99 4.13 -3.12 5.38
CA PHE A 99 4.15 -1.64 5.15
C PHE A 99 3.35 -0.94 6.24
N ASP A 100 3.95 0.00 6.93
CA ASP A 100 3.22 0.73 7.99
C ASP A 100 3.19 2.22 7.65
N SER A 101 2.07 2.72 7.20
CA SER A 101 1.99 4.16 6.85
C SER A 101 0.98 4.87 7.76
N LYS A 102 1.29 6.07 8.15
CA LYS A 102 0.36 6.83 9.03
C LYS A 102 0.13 8.22 8.43
N LEU A 103 -1.05 8.75 8.57
CA LEU A 103 -1.33 10.09 7.98
C LEU A 103 -1.91 11.02 9.04
N VAL A 104 -1.38 12.21 9.15
CA VAL A 104 -1.90 13.18 10.16
C VAL A 104 -1.87 14.59 9.57
N ALA A 105 -2.49 15.53 10.22
CA ALA A 105 -2.49 16.92 9.69
C ALA A 105 -1.13 17.57 9.96
N GLY A 106 -0.60 18.27 9.00
CA GLY A 106 0.73 18.94 9.20
C GLY A 106 0.57 20.44 8.98
N PRO A 107 1.52 21.24 9.51
CA PRO A 107 1.50 22.69 9.39
C PRO A 107 1.78 23.15 7.94
N ASN A 108 1.97 22.22 7.04
CA ASN A 108 2.25 22.60 5.63
C ASN A 108 0.94 22.94 4.93
N GLY A 109 -0.16 22.47 5.44
CA GLY A 109 -1.48 22.76 4.81
C GLY A 109 -1.98 21.53 4.07
N GLY A 110 -1.47 20.37 4.40
CA GLY A 110 -1.91 19.13 3.71
C GLY A 110 -1.85 17.96 4.69
N SER A 111 -1.45 16.80 4.22
CA SER A 111 -1.38 15.62 5.13
C SER A 111 0.08 15.33 5.46
N ALA A 112 0.34 14.82 6.64
CA ALA A 112 1.75 14.50 7.03
C ALA A 112 1.76 13.27 7.93
N GLY A 113 2.82 12.52 7.92
CA GLY A 113 2.88 11.31 8.78
C GLY A 113 4.25 10.62 8.61
N LYS A 114 4.32 9.35 8.89
CA LYS A 114 5.61 8.62 8.73
C LYS A 114 5.34 7.23 8.14
N LEU A 115 6.22 6.77 7.28
CA LEU A 115 6.01 5.42 6.67
C LEU A 115 7.17 4.50 7.05
N THR A 116 6.88 3.31 7.50
CA THR A 116 7.96 2.37 7.88
C THR A 116 7.87 1.11 7.01
N VAL A 117 8.95 0.70 6.42
CA VAL A 117 8.94 -0.51 5.56
C VAL A 117 9.66 -1.67 6.27
N LYS A 118 9.05 -2.81 6.33
CA LYS A 118 9.71 -3.97 7.00
C LYS A 118 10.05 -5.03 5.96
N TYR A 119 11.30 -5.41 5.88
CA TYR A 119 11.70 -6.44 4.88
C TYR A 119 12.23 -7.68 5.61
N GLU A 120 11.53 -8.79 5.47
CA GLU A 120 12.00 -10.04 6.15
C GLU A 120 12.74 -10.90 5.13
N THR A 121 13.78 -11.58 5.54
CA THR A 121 14.53 -12.43 4.59
C THR A 121 14.54 -13.88 5.10
N LYS A 122 14.85 -14.81 4.24
CA LYS A 122 14.88 -16.24 4.66
C LYS A 122 15.71 -16.36 5.95
N GLY A 123 16.80 -15.65 6.03
CA GLY A 123 17.65 -15.73 7.25
C GLY A 123 18.98 -15.03 7.00
N ASP A 124 19.99 -15.77 6.61
CA ASP A 124 21.31 -15.14 6.34
C ASP A 124 21.24 -14.33 5.05
N ALA A 125 20.38 -14.72 4.15
CA ALA A 125 20.26 -13.97 2.86
C ALA A 125 20.02 -12.49 3.15
N GLU A 126 20.73 -11.62 2.49
CA GLU A 126 20.54 -10.16 2.73
C GLU A 126 20.21 -9.46 1.41
N PRO A 127 19.09 -8.73 1.39
CA PRO A 127 18.65 -8.00 0.18
C PRO A 127 19.54 -6.80 -0.11
N ASN A 128 19.80 -6.53 -1.36
CA ASN A 128 20.67 -5.37 -1.71
C ASN A 128 19.84 -4.08 -1.69
N GLN A 129 20.49 -2.96 -1.69
CA GLN A 129 19.74 -1.67 -1.66
C GLN A 129 18.96 -1.51 -2.96
N ASP A 130 19.56 -1.87 -4.07
CA ASP A 130 18.85 -1.74 -5.38
C ASP A 130 17.57 -2.58 -5.35
N GLU A 131 17.68 -3.81 -4.94
CA GLU A 131 16.47 -4.68 -4.89
C GLU A 131 15.45 -4.09 -3.92
N LEU A 132 15.90 -3.60 -2.79
CA LEU A 132 14.96 -3.01 -1.81
C LEU A 132 14.29 -1.78 -2.43
N LYS A 133 15.05 -0.95 -3.09
CA LYS A 133 14.45 0.26 -3.72
C LYS A 133 13.35 -0.15 -4.70
N THR A 134 13.64 -1.07 -5.57
CA THR A 134 12.61 -1.52 -6.55
C THR A 134 11.39 -2.06 -5.79
N GLY A 135 11.61 -2.72 -4.69
CA GLY A 135 10.45 -3.27 -3.91
C GLY A 135 9.60 -2.10 -3.39
N LYS A 136 10.23 -1.06 -2.93
CA LYS A 136 9.45 0.10 -2.42
C LYS A 136 8.74 0.80 -3.58
N ALA A 137 9.41 0.90 -4.71
CA ALA A 137 8.77 1.56 -5.88
C ALA A 137 7.43 0.91 -6.17
N LYS A 138 7.28 -0.35 -5.83
CA LYS A 138 6.00 -1.06 -6.08
C LYS A 138 4.92 -0.46 -5.18
N ALA A 139 5.24 -0.20 -3.94
CA ALA A 139 4.22 0.38 -3.02
C ALA A 139 3.90 1.82 -3.45
N ASP A 140 4.91 2.65 -3.54
CA ASP A 140 4.66 4.07 -3.96
C ASP A 140 3.85 4.08 -5.25
N ALA A 141 4.04 3.11 -6.10
CA ALA A 141 3.28 3.07 -7.38
C ALA A 141 1.77 3.09 -7.08
N LEU A 142 1.36 2.38 -6.06
CA LEU A 142 -0.09 2.36 -5.72
C LEU A 142 -0.50 3.74 -5.18
N PHE A 143 0.33 4.34 -4.36
CA PHE A 143 -0.02 5.68 -3.81
C PHE A 143 0.04 6.72 -4.94
N LYS A 144 1.16 6.79 -5.61
CA LYS A 144 1.29 7.79 -6.72
C LYS A 144 0.09 7.65 -7.66
N ALA A 145 -0.45 6.46 -7.79
CA ALA A 145 -1.61 6.25 -8.69
C ALA A 145 -2.85 6.91 -8.05
N ILE A 146 -3.06 6.70 -6.79
CA ILE A 146 -4.24 7.32 -6.11
C ILE A 146 -4.09 8.85 -6.12
N GLU A 147 -3.00 9.35 -5.62
CA GLU A 147 -2.81 10.83 -5.60
C GLU A 147 -3.21 11.41 -6.95
N ALA A 148 -2.70 10.87 -8.02
CA ALA A 148 -3.07 11.39 -9.36
C ALA A 148 -4.59 11.32 -9.52
N TYR A 149 -5.20 10.28 -9.02
CA TYR A 149 -6.68 10.16 -9.14
C TYR A 149 -7.35 11.23 -8.29
N LEU A 150 -6.80 11.54 -7.15
CA LEU A 150 -7.41 12.58 -6.28
C LEU A 150 -7.45 13.91 -7.02
N LEU A 151 -6.42 14.20 -7.79
CA LEU A 151 -6.40 15.50 -8.53
C LEU A 151 -7.38 15.41 -9.71
N ALA A 152 -7.62 14.24 -10.22
CA ALA A 152 -8.55 14.10 -11.36
C ALA A 152 -9.98 14.38 -10.89
N HIS A 153 -10.20 14.31 -9.60
CA HIS A 153 -11.57 14.58 -9.08
C HIS A 153 -11.49 15.52 -7.87
N PRO A 154 -11.63 16.82 -8.13
CA PRO A 154 -11.57 17.85 -7.08
C PRO A 154 -12.79 17.80 -6.15
N ASP A 155 -13.82 17.10 -6.55
CA ASP A 155 -15.04 17.02 -5.69
C ASP A 155 -14.89 15.88 -4.69
N TYR A 156 -13.99 14.96 -4.94
CA TYR A 156 -13.80 13.83 -3.99
C TYR A 156 -13.22 14.35 -2.68
N ASN A 157 -14.00 14.33 -1.63
CA ASN A 157 -13.48 14.82 -0.32
C ASN A 157 -13.44 13.66 0.68
N GLY A 1 16.82 -12.64 9.65
CA GLY A 1 16.99 -11.96 8.32
C GLY A 1 15.83 -10.99 8.11
N VAL A 2 15.87 -9.85 8.74
CA VAL A 2 14.76 -8.86 8.56
C VAL A 2 15.31 -7.45 8.76
N PHE A 3 14.92 -6.53 7.93
CA PHE A 3 15.41 -5.14 8.07
C PHE A 3 14.23 -4.17 8.17
N THR A 4 14.37 -3.11 8.92
CA THR A 4 13.25 -2.14 9.07
C THR A 4 13.75 -0.73 8.75
N PHE A 5 13.12 -0.07 7.82
CA PHE A 5 13.55 1.32 7.47
C PHE A 5 12.41 2.29 7.74
N GLU A 6 12.71 3.43 8.31
CA GLU A 6 11.64 4.42 8.60
C GLU A 6 11.72 5.58 7.60
N ASP A 7 10.61 5.97 7.04
CA ASP A 7 10.63 7.09 6.06
C ASP A 7 9.42 8.00 6.32
N GLU A 8 9.53 9.25 5.96
CA GLU A 8 8.39 10.19 6.18
C GLU A 8 7.52 10.24 4.93
N ILE A 9 6.30 10.67 5.06
CA ILE A 9 5.40 10.75 3.88
C ILE A 9 5.00 12.21 3.63
N ASN A 10 4.86 12.58 2.39
CA ASN A 10 4.46 13.98 2.08
C ASN A 10 3.39 14.00 0.98
N SER A 11 2.29 14.66 1.23
CA SER A 11 1.21 14.70 0.20
C SER A 11 0.41 16.00 0.37
N PRO A 12 0.28 16.77 -0.73
CA PRO A 12 -0.46 18.04 -0.72
C PRO A 12 -1.96 17.82 -0.58
N VAL A 13 -2.39 16.59 -0.55
CA VAL A 13 -3.85 16.30 -0.41
C VAL A 13 -4.21 16.23 1.07
N ALA A 14 -5.43 16.56 1.41
CA ALA A 14 -5.85 16.50 2.84
C ALA A 14 -5.66 15.08 3.37
N PRO A 15 -5.07 14.95 4.57
CA PRO A 15 -4.82 13.65 5.20
C PRO A 15 -6.13 12.96 5.62
N ALA A 16 -7.15 13.72 5.89
CA ALA A 16 -8.44 13.11 6.30
C ALA A 16 -9.14 12.50 5.08
N THR A 17 -9.15 13.21 3.98
CA THR A 17 -9.82 12.67 2.76
C THR A 17 -8.90 11.62 2.11
N LEU A 18 -7.62 11.88 2.07
CA LEU A 18 -6.68 10.91 1.44
C LEU A 18 -6.59 9.64 2.30
N TYR A 19 -6.57 9.81 3.60
CA TYR A 19 -6.48 8.62 4.49
C TYR A 19 -7.76 7.80 4.38
N LYS A 20 -8.89 8.45 4.25
CA LYS A 20 -10.18 7.71 4.15
C LYS A 20 -10.24 6.98 2.80
N ALA A 21 -9.91 7.66 1.73
CA ALA A 21 -9.94 7.01 0.40
C ALA A 21 -8.75 6.07 0.25
N LEU A 22 -7.73 6.27 1.03
CA LEU A 22 -6.53 5.40 0.93
C LEU A 22 -6.86 4.02 1.52
N VAL A 23 -7.42 3.98 2.70
CA VAL A 23 -7.76 2.67 3.32
C VAL A 23 -9.23 2.33 3.06
N THR A 24 -10.12 3.26 3.35
CA THR A 24 -11.56 2.98 3.12
C THR A 24 -11.83 2.73 1.65
N ASP A 25 -11.33 3.58 0.78
CA ASP A 25 -11.57 3.38 -0.68
C ASP A 25 -10.39 2.62 -1.29
N ALA A 26 -9.46 2.19 -0.49
CA ALA A 26 -8.29 1.46 -1.04
C ALA A 26 -8.77 0.41 -2.06
N ASP A 27 -9.68 -0.43 -1.67
CA ASP A 27 -10.20 -1.48 -2.60
C ASP A 27 -10.97 -0.84 -3.75
N ASN A 28 -11.46 0.36 -3.55
CA ASN A 28 -12.22 1.04 -4.63
C ASN A 28 -11.26 1.88 -5.47
N VAL A 29 -10.19 2.32 -4.90
CA VAL A 29 -9.21 3.15 -5.66
C VAL A 29 -8.31 2.24 -6.49
N ILE A 30 -7.97 1.09 -5.97
CA ILE A 30 -7.07 0.16 -6.71
C ILE A 30 -7.71 -0.20 -8.07
N PRO A 31 -9.00 -0.55 -8.07
CA PRO A 31 -9.72 -0.92 -9.30
C PRO A 31 -9.91 0.27 -10.23
N LYS A 32 -10.17 1.44 -9.69
CA LYS A 32 -10.35 2.63 -10.55
C LYS A 32 -8.98 3.25 -10.85
N ALA A 33 -8.05 3.11 -9.94
CA ALA A 33 -6.69 3.68 -10.19
C ALA A 33 -6.03 2.92 -11.34
N LEU A 34 -6.36 1.67 -11.50
CA LEU A 34 -5.77 0.87 -12.60
C LEU A 34 -6.74 0.88 -13.79
N ASP A 35 -6.35 1.51 -14.87
CA ASP A 35 -7.25 1.57 -16.06
C ASP A 35 -7.54 0.17 -16.59
N SER A 36 -6.59 -0.73 -16.53
CA SER A 36 -6.83 -2.11 -17.05
C SER A 36 -7.20 -3.04 -15.90
N PHE A 37 -7.77 -2.53 -14.84
CA PHE A 37 -8.16 -3.40 -13.71
C PHE A 37 -9.16 -4.44 -14.19
N LYS A 38 -9.00 -5.68 -13.78
CA LYS A 38 -9.94 -6.74 -14.23
C LYS A 38 -11.02 -6.99 -13.17
N SER A 39 -10.64 -7.15 -11.93
CA SER A 39 -11.66 -7.40 -10.87
C SER A 39 -10.98 -7.52 -9.51
N VAL A 40 -11.75 -7.58 -8.45
CA VAL A 40 -11.17 -7.70 -7.09
C VAL A 40 -11.98 -8.71 -6.28
N GLU A 41 -11.33 -9.62 -5.61
CA GLU A 41 -12.07 -10.62 -4.81
C GLU A 41 -11.31 -10.90 -3.51
N ASN A 42 -11.99 -10.85 -2.40
CA ASN A 42 -11.31 -11.12 -1.09
C ASN A 42 -11.26 -12.62 -0.84
N VAL A 43 -10.14 -13.11 -0.39
CA VAL A 43 -10.02 -14.58 -0.12
C VAL A 43 -10.66 -14.89 1.23
N GLU A 44 -9.96 -14.64 2.30
CA GLU A 44 -10.53 -14.92 3.64
C GLU A 44 -10.71 -13.62 4.41
N GLY A 45 -11.48 -13.63 5.46
CA GLY A 45 -11.69 -12.39 6.27
C GLY A 45 -12.82 -11.57 5.64
N ASN A 46 -13.44 -10.71 6.41
CA ASN A 46 -14.55 -9.89 5.87
C ASN A 46 -14.01 -8.51 5.50
N GLY A 47 -12.71 -8.35 5.44
CA GLY A 47 -12.14 -7.03 5.08
C GLY A 47 -11.59 -6.36 6.34
N GLY A 48 -11.72 -6.99 7.48
CA GLY A 48 -11.21 -6.40 8.74
C GLY A 48 -9.70 -6.65 8.84
N PRO A 49 -9.16 -6.55 10.07
CA PRO A 49 -7.73 -6.77 10.33
C PRO A 49 -7.35 -8.24 10.16
N GLY A 50 -6.30 -8.52 9.42
CA GLY A 50 -5.87 -9.93 9.23
C GLY A 50 -6.61 -10.54 8.04
N THR A 51 -7.44 -9.78 7.38
CA THR A 51 -8.20 -10.31 6.22
C THR A 51 -7.24 -10.49 5.03
N ILE A 52 -7.53 -11.43 4.16
CA ILE A 52 -6.66 -11.65 2.98
C ILE A 52 -7.45 -11.39 1.71
N LYS A 53 -6.94 -10.57 0.83
CA LYS A 53 -7.66 -10.26 -0.44
C LYS A 53 -6.76 -10.54 -1.64
N LYS A 54 -7.36 -10.92 -2.74
CA LYS A 54 -6.55 -11.21 -3.96
C LYS A 54 -6.93 -10.21 -5.05
N ILE A 55 -5.96 -9.55 -5.64
CA ILE A 55 -6.28 -8.56 -6.71
C ILE A 55 -5.73 -9.06 -8.04
N THR A 56 -6.49 -8.93 -9.10
CA THR A 56 -6.01 -9.40 -10.43
C THR A 56 -6.18 -8.28 -11.45
N PHE A 57 -5.13 -7.97 -12.16
CA PHE A 57 -5.23 -6.88 -13.19
C PHE A 57 -4.50 -7.31 -14.45
N LEU A 58 -4.54 -6.50 -15.49
CA LEU A 58 -3.85 -6.87 -16.75
C LEU A 58 -2.55 -6.06 -16.88
N GLU A 59 -1.53 -6.65 -17.43
CA GLU A 59 -0.24 -5.92 -17.58
C GLU A 59 0.47 -6.38 -18.86
N ASP A 60 0.83 -5.46 -19.71
CA ASP A 60 1.53 -5.85 -20.97
C ASP A 60 0.71 -6.92 -21.70
N GLY A 61 -0.57 -6.99 -21.44
CA GLY A 61 -1.41 -8.01 -22.12
C GLY A 61 -1.34 -9.32 -21.34
N GLU A 62 -0.81 -9.28 -20.15
CA GLU A 62 -0.72 -10.53 -19.33
C GLU A 62 -1.65 -10.43 -18.13
N THR A 63 -2.01 -11.54 -17.55
CA THR A 63 -2.92 -11.50 -16.36
C THR A 63 -2.10 -11.64 -15.08
N LYS A 64 -2.02 -10.59 -14.30
CA LYS A 64 -1.24 -10.67 -13.03
C LYS A 64 -2.16 -10.42 -11.84
N PHE A 65 -1.73 -10.79 -10.66
CA PHE A 65 -2.58 -10.57 -9.46
C PHE A 65 -1.69 -10.27 -8.25
N VAL A 66 -2.23 -9.65 -7.23
CA VAL A 66 -1.41 -9.35 -6.03
C VAL A 66 -2.22 -9.65 -4.76
N LEU A 67 -1.56 -10.10 -3.73
CA LEU A 67 -2.28 -10.41 -2.46
C LEU A 67 -1.79 -9.48 -1.36
N HIS A 68 -2.67 -8.96 -0.55
CA HIS A 68 -2.24 -8.04 0.53
C HIS A 68 -2.93 -8.42 1.85
N LYS A 69 -2.26 -8.26 2.95
CA LYS A 69 -2.87 -8.61 4.26
C LYS A 69 -2.92 -7.35 5.14
N ILE A 70 -3.91 -7.24 5.98
CA ILE A 70 -4.00 -6.05 6.87
C ILE A 70 -3.69 -6.45 8.31
N GLU A 71 -2.87 -5.72 8.98
CA GLU A 71 -2.54 -6.05 10.39
C GLU A 71 -3.56 -5.42 11.33
N SER A 72 -3.91 -4.19 11.10
CA SER A 72 -4.92 -3.52 11.98
C SER A 72 -5.20 -2.11 11.45
N ILE A 73 -6.44 -1.73 11.37
CA ILE A 73 -6.78 -0.37 10.88
C ILE A 73 -7.06 0.55 12.06
N ASP A 74 -6.60 1.77 12.00
CA ASP A 74 -6.85 2.72 13.13
C ASP A 74 -7.35 4.06 12.57
N GLU A 75 -8.57 4.10 12.12
CA GLU A 75 -9.10 5.38 11.56
C GLU A 75 -8.97 6.48 12.61
N ALA A 76 -9.01 6.12 13.87
CA ALA A 76 -8.88 7.15 14.94
C ALA A 76 -7.54 7.86 14.80
N ASN A 77 -6.47 7.13 14.68
CA ASN A 77 -5.14 7.76 14.53
C ASN A 77 -4.83 7.97 13.04
N LEU A 78 -5.82 7.84 12.21
CA LEU A 78 -5.60 8.02 10.75
C LEU A 78 -4.36 7.24 10.32
N GLY A 79 -4.24 6.01 10.75
CA GLY A 79 -3.06 5.19 10.36
C GLY A 79 -3.48 3.73 10.25
N TYR A 80 -2.77 2.95 9.47
CA TYR A 80 -3.14 1.51 9.33
C TYR A 80 -1.88 0.71 9.03
N SER A 81 -1.95 -0.59 9.08
CA SER A 81 -0.75 -1.43 8.79
C SER A 81 -1.14 -2.56 7.85
N TYR A 82 -0.29 -2.89 6.90
CA TYR A 82 -0.62 -3.99 5.96
C TYR A 82 0.68 -4.61 5.41
N SER A 83 0.62 -5.81 4.93
CA SER A 83 1.84 -6.46 4.39
C SER A 83 1.46 -7.36 3.20
N VAL A 84 2.39 -7.62 2.32
CA VAL A 84 2.08 -8.47 1.15
C VAL A 84 2.45 -9.93 1.47
N VAL A 85 1.58 -10.85 1.16
CA VAL A 85 1.88 -12.28 1.46
C VAL A 85 1.86 -13.09 0.16
N GLY A 86 1.63 -12.46 -0.96
CA GLY A 86 1.61 -13.20 -2.25
C GLY A 86 1.39 -12.22 -3.40
N GLY A 87 1.61 -12.66 -4.62
CA GLY A 87 1.41 -11.76 -5.79
C GLY A 87 2.75 -11.50 -6.46
N ALA A 88 2.75 -10.78 -7.55
CA ALA A 88 4.02 -10.48 -8.25
C ALA A 88 4.85 -9.51 -7.42
N ALA A 89 4.25 -8.90 -6.43
CA ALA A 89 5.00 -7.93 -5.59
C ALA A 89 5.70 -8.69 -4.45
N LEU A 90 5.39 -9.95 -4.29
CA LEU A 90 6.03 -10.73 -3.20
C LEU A 90 7.31 -11.39 -3.73
N PRO A 91 8.48 -10.92 -3.27
CA PRO A 91 9.77 -11.44 -3.69
C PRO A 91 10.02 -12.86 -3.14
N ASP A 92 10.73 -13.67 -3.86
CA ASP A 92 11.00 -15.05 -3.38
C ASP A 92 12.13 -15.02 -2.34
N THR A 93 13.06 -14.11 -2.49
CA THR A 93 14.18 -14.03 -1.51
C THR A 93 13.73 -13.31 -0.24
N ALA A 94 12.46 -12.98 -0.14
CA ALA A 94 11.97 -12.27 1.07
C ALA A 94 10.70 -12.96 1.58
N GLU A 95 10.62 -13.19 2.87
CA GLU A 95 9.41 -13.85 3.44
C GLU A 95 8.19 -12.96 3.20
N LYS A 96 8.30 -11.69 3.48
CA LYS A 96 7.14 -10.78 3.27
C LYS A 96 7.53 -9.36 3.69
N ILE A 97 6.82 -8.38 3.21
CA ILE A 97 7.15 -6.97 3.56
C ILE A 97 5.98 -6.35 4.34
N THR A 98 6.28 -5.64 5.40
CA THR A 98 5.19 -4.99 6.19
C THR A 98 5.28 -3.48 6.03
N PHE A 99 4.20 -2.86 5.62
CA PHE A 99 4.23 -1.38 5.43
C PHE A 99 3.39 -0.70 6.52
N ASP A 100 3.99 0.21 7.25
CA ASP A 100 3.23 0.91 8.32
C ASP A 100 3.20 2.41 8.03
N SER A 101 2.08 2.93 7.61
CA SER A 101 2.01 4.37 7.28
C SER A 101 0.95 5.07 8.15
N LYS A 102 1.24 6.26 8.60
CA LYS A 102 0.27 7.00 9.45
C LYS A 102 -0.08 8.33 8.75
N LEU A 103 -1.23 8.87 9.01
CA LEU A 103 -1.59 10.16 8.34
C LEU A 103 -2.10 11.17 9.38
N VAL A 104 -1.54 12.34 9.41
CA VAL A 104 -1.98 13.37 10.38
C VAL A 104 -1.89 14.75 9.73
N ALA A 105 -2.47 15.74 10.34
CA ALA A 105 -2.41 17.10 9.74
C ALA A 105 -1.03 17.72 10.01
N GLY A 106 -0.44 18.31 9.00
CA GLY A 106 0.91 18.94 9.18
C GLY A 106 0.81 20.42 8.87
N PRO A 107 1.78 21.21 9.38
CA PRO A 107 1.82 22.66 9.16
C PRO A 107 2.15 23.01 7.70
N ASN A 108 2.52 22.04 6.92
CA ASN A 108 2.86 22.31 5.50
C ASN A 108 1.59 22.67 4.73
N GLY A 109 0.45 22.24 5.23
CA GLY A 109 -0.83 22.56 4.52
C GLY A 109 -1.29 21.35 3.72
N GLY A 110 -0.85 20.18 4.10
CA GLY A 110 -1.26 18.95 3.36
C GLY A 110 -1.34 17.76 4.33
N SER A 111 -0.97 16.60 3.87
CA SER A 111 -1.01 15.40 4.75
C SER A 111 0.39 15.13 5.32
N ALA A 112 0.47 14.59 6.50
CA ALA A 112 1.81 14.29 7.09
C ALA A 112 1.71 13.02 7.94
N GLY A 113 2.82 12.37 8.19
CA GLY A 113 2.78 11.12 9.01
C GLY A 113 4.14 10.43 8.93
N LYS A 114 4.24 9.26 9.50
CA LYS A 114 5.54 8.53 9.46
C LYS A 114 5.36 7.21 8.70
N LEU A 115 6.33 6.84 7.91
CA LEU A 115 6.21 5.58 7.13
C LEU A 115 7.29 4.59 7.59
N THR A 116 6.93 3.34 7.77
CA THR A 116 7.93 2.34 8.22
C THR A 116 7.90 1.13 7.27
N VAL A 117 9.04 0.76 6.74
CA VAL A 117 9.07 -0.41 5.81
C VAL A 117 9.76 -1.59 6.50
N LYS A 118 9.19 -2.76 6.40
CA LYS A 118 9.80 -3.95 7.05
C LYS A 118 10.08 -5.02 5.98
N TYR A 119 11.33 -5.30 5.74
CA TYR A 119 11.67 -6.33 4.71
C TYR A 119 12.12 -7.62 5.41
N GLU A 120 11.48 -8.72 5.12
CA GLU A 120 11.88 -10.00 5.77
C GLU A 120 12.61 -10.88 4.74
N THR A 121 13.66 -11.53 5.15
CA THR A 121 14.41 -12.39 4.20
C THR A 121 14.36 -13.84 4.69
N LYS A 122 14.54 -14.79 3.81
CA LYS A 122 14.50 -16.21 4.23
C LYS A 122 15.40 -16.42 5.45
N GLY A 123 16.59 -15.87 5.42
CA GLY A 123 17.50 -16.02 6.58
C GLY A 123 18.94 -15.68 6.14
N ASP A 124 19.54 -16.52 5.35
CA ASP A 124 20.93 -16.26 4.89
C ASP A 124 20.91 -15.23 3.77
N ALA A 125 19.76 -15.02 3.16
CA ALA A 125 19.67 -14.03 2.05
C ALA A 125 19.71 -12.61 2.62
N GLU A 126 20.52 -11.76 2.06
CA GLU A 126 20.60 -10.36 2.57
C GLU A 126 20.36 -9.38 1.42
N PRO A 127 19.19 -8.73 1.43
CA PRO A 127 18.82 -7.77 0.38
C PRO A 127 19.65 -6.48 0.48
N ASN A 128 20.38 -6.15 -0.55
CA ASN A 128 21.21 -4.92 -0.52
C ASN A 128 20.30 -3.70 -0.46
N GLN A 129 20.80 -2.58 -0.02
CA GLN A 129 19.96 -1.36 0.06
C GLN A 129 19.44 -1.03 -1.33
N ASP A 130 20.23 -1.23 -2.35
CA ASP A 130 19.77 -0.92 -3.73
C ASP A 130 18.46 -1.66 -4.00
N GLU A 131 18.28 -2.81 -3.41
CA GLU A 131 17.01 -3.57 -3.61
C GLU A 131 15.92 -2.95 -2.75
N LEU A 132 16.26 -2.45 -1.61
CA LEU A 132 15.25 -1.82 -0.72
C LEU A 132 14.62 -0.63 -1.43
N LYS A 133 15.42 0.17 -2.08
CA LYS A 133 14.86 1.36 -2.80
C LYS A 133 13.86 0.87 -3.85
N THR A 134 14.23 -0.09 -4.63
CA THR A 134 13.29 -0.61 -5.68
C THR A 134 12.04 -1.17 -5.01
N GLY A 135 12.20 -1.85 -3.91
CA GLY A 135 11.02 -2.43 -3.21
C GLY A 135 10.09 -1.29 -2.78
N LYS A 136 10.62 -0.28 -2.13
CA LYS A 136 9.75 0.84 -1.68
C LYS A 136 9.15 1.54 -2.91
N ALA A 137 9.90 1.66 -3.96
CA ALA A 137 9.37 2.32 -5.18
C ALA A 137 8.06 1.63 -5.60
N LYS A 138 7.92 0.38 -5.30
CA LYS A 138 6.67 -0.34 -5.67
C LYS A 138 5.48 0.32 -4.99
N ALA A 139 5.59 0.59 -3.72
CA ALA A 139 4.47 1.24 -2.99
C ALA A 139 4.25 2.65 -3.55
N ASP A 140 5.29 3.45 -3.61
CA ASP A 140 5.14 4.82 -4.14
C ASP A 140 4.42 4.78 -5.49
N ALA A 141 4.73 3.79 -6.31
CA ALA A 141 4.06 3.68 -7.63
C ALA A 141 2.55 3.59 -7.42
N LEU A 142 2.11 2.80 -6.48
CA LEU A 142 0.65 2.66 -6.24
C LEU A 142 0.16 3.89 -5.45
N PHE A 143 1.01 4.46 -4.63
CA PHE A 143 0.59 5.64 -3.84
C PHE A 143 0.16 6.76 -4.80
N LYS A 144 0.99 7.09 -5.75
CA LYS A 144 0.62 8.16 -6.72
C LYS A 144 -0.76 7.84 -7.31
N ALA A 145 -1.03 6.59 -7.56
CA ALA A 145 -2.36 6.23 -8.13
C ALA A 145 -3.46 6.76 -7.21
N ILE A 146 -3.34 6.52 -5.93
CA ILE A 146 -4.38 7.00 -4.98
C ILE A 146 -4.50 8.53 -5.11
N GLU A 147 -3.40 9.22 -5.21
CA GLU A 147 -3.45 10.70 -5.34
C GLU A 147 -3.92 11.06 -6.74
N ALA A 148 -3.42 10.40 -7.75
CA ALA A 148 -3.84 10.70 -9.15
C ALA A 148 -5.37 10.61 -9.24
N TYR A 149 -5.94 9.65 -8.58
CA TYR A 149 -7.43 9.50 -8.63
C TYR A 149 -8.08 10.68 -7.90
N LEU A 150 -7.56 11.05 -6.76
CA LEU A 150 -8.15 12.19 -6.00
C LEU A 150 -8.13 13.44 -6.88
N LEU A 151 -7.12 13.60 -7.68
CA LEU A 151 -7.05 14.80 -8.56
C LEU A 151 -7.96 14.61 -9.77
N ALA A 152 -8.13 13.40 -10.22
CA ALA A 152 -8.99 13.15 -11.40
C ALA A 152 -10.47 13.32 -10.99
N HIS A 153 -10.76 13.19 -9.73
CA HIS A 153 -12.16 13.35 -9.27
C HIS A 153 -12.23 14.33 -8.10
N PRO A 154 -12.34 15.62 -8.41
CA PRO A 154 -12.41 16.69 -7.38
C PRO A 154 -13.73 16.63 -6.61
N ASP A 155 -14.72 15.96 -7.14
CA ASP A 155 -16.02 15.88 -6.43
C ASP A 155 -15.92 14.88 -5.28
N TYR A 156 -14.78 14.28 -5.11
CA TYR A 156 -14.61 13.28 -4.01
C TYR A 156 -14.47 14.03 -2.67
N ASN A 157 -15.14 13.57 -1.66
CA ASN A 157 -15.05 14.23 -0.34
C ASN A 157 -14.01 13.53 0.53
N GLY A 1 17.61 -11.43 7.64
CA GLY A 1 16.50 -11.74 8.58
C GLY A 1 15.37 -10.74 8.34
N VAL A 2 15.33 -9.67 9.09
CA VAL A 2 14.23 -8.67 8.91
C VAL A 2 14.84 -7.26 8.91
N PHE A 3 14.39 -6.41 8.03
CA PHE A 3 14.93 -5.02 7.99
C PHE A 3 13.80 -4.01 8.13
N THR A 4 14.08 -2.88 8.70
CA THR A 4 13.01 -1.85 8.88
C THR A 4 13.48 -0.52 8.29
N PHE A 5 12.65 0.15 7.54
CA PHE A 5 13.07 1.44 6.94
C PHE A 5 12.04 2.53 7.30
N GLU A 6 12.43 3.77 7.25
CA GLU A 6 11.48 4.87 7.58
C GLU A 6 11.45 5.88 6.45
N ASP A 7 10.28 6.27 6.02
CA ASP A 7 10.18 7.26 4.91
C ASP A 7 9.20 8.37 5.29
N GLU A 8 9.21 9.46 4.57
CA GLU A 8 8.28 10.57 4.89
C GLU A 8 7.13 10.57 3.88
N ILE A 9 5.97 11.02 4.29
CA ILE A 9 4.82 11.04 3.35
C ILE A 9 4.34 12.49 3.16
N ASN A 10 4.20 12.92 1.94
CA ASN A 10 3.74 14.32 1.70
C ASN A 10 2.74 14.33 0.54
N SER A 11 1.55 14.82 0.78
CA SER A 11 0.54 14.87 -0.32
C SER A 11 -0.31 16.12 -0.17
N PRO A 12 -0.59 16.81 -1.29
CA PRO A 12 -1.40 18.04 -1.28
C PRO A 12 -2.88 17.74 -0.99
N VAL A 13 -3.21 16.49 -0.82
CA VAL A 13 -4.63 16.13 -0.53
C VAL A 13 -4.85 16.09 0.98
N ALA A 14 -6.05 16.35 1.42
CA ALA A 14 -6.33 16.33 2.89
C ALA A 14 -5.99 14.95 3.46
N PRO A 15 -5.34 14.92 4.63
CA PRO A 15 -4.96 13.66 5.30
C PRO A 15 -6.17 12.88 5.79
N ALA A 16 -7.22 13.56 6.14
CA ALA A 16 -8.44 12.85 6.64
C ALA A 16 -9.18 12.22 5.45
N THR A 17 -9.20 12.88 4.32
CA THR A 17 -9.89 12.31 3.14
C THR A 17 -9.00 11.27 2.47
N LEU A 18 -7.71 11.49 2.46
CA LEU A 18 -6.78 10.51 1.83
C LEU A 18 -6.73 9.24 2.68
N TYR A 19 -6.73 9.38 3.97
CA TYR A 19 -6.67 8.18 4.85
C TYR A 19 -8.00 7.41 4.78
N LYS A 20 -9.09 8.10 4.74
CA LYS A 20 -10.41 7.40 4.67
C LYS A 20 -10.54 6.66 3.34
N ALA A 21 -10.23 7.33 2.26
CA ALA A 21 -10.34 6.66 0.92
C ALA A 21 -9.22 5.63 0.79
N LEU A 22 -8.01 6.00 1.11
CA LEU A 22 -6.88 5.04 1.01
C LEU A 22 -7.27 3.70 1.66
N VAL A 23 -7.89 3.75 2.80
CA VAL A 23 -8.30 2.48 3.48
C VAL A 23 -9.78 2.17 3.20
N THR A 24 -10.65 3.08 3.53
CA THR A 24 -12.10 2.84 3.29
C THR A 24 -12.38 2.72 1.79
N ASP A 25 -11.88 3.63 1.00
CA ASP A 25 -12.12 3.55 -0.48
C ASP A 25 -11.00 2.74 -1.14
N ALA A 26 -10.10 2.22 -0.38
CA ALA A 26 -8.99 1.43 -0.99
C ALA A 26 -9.56 0.45 -2.01
N ASP A 27 -10.55 -0.31 -1.62
CA ASP A 27 -11.15 -1.30 -2.56
C ASP A 27 -11.84 -0.56 -3.72
N ASN A 28 -12.33 0.62 -3.47
CA ASN A 28 -13.02 1.37 -4.56
C ASN A 28 -11.99 2.18 -5.36
N VAL A 29 -10.93 2.59 -4.74
CA VAL A 29 -9.89 3.38 -5.47
C VAL A 29 -8.96 2.43 -6.21
N ILE A 30 -8.63 1.32 -5.60
CA ILE A 30 -7.72 0.35 -6.27
C ILE A 30 -8.20 0.06 -7.70
N PRO A 31 -9.50 -0.21 -7.87
CA PRO A 31 -10.07 -0.51 -9.19
C PRO A 31 -10.09 0.73 -10.09
N LYS A 32 -10.00 1.90 -9.51
CA LYS A 32 -10.02 3.14 -10.34
C LYS A 32 -8.58 3.63 -10.55
N ALA A 33 -7.73 3.45 -9.57
CA ALA A 33 -6.32 3.90 -9.71
C ALA A 33 -5.66 3.11 -10.84
N LEU A 34 -6.01 1.87 -10.99
CA LEU A 34 -5.40 1.04 -12.08
C LEU A 34 -6.28 1.14 -13.32
N ASP A 35 -5.82 1.81 -14.34
CA ASP A 35 -6.62 1.94 -15.58
C ASP A 35 -6.94 0.56 -16.17
N SER A 36 -6.11 -0.42 -15.92
CA SER A 36 -6.37 -1.77 -16.49
C SER A 36 -6.79 -2.74 -15.38
N PHE A 37 -7.38 -2.24 -14.32
CA PHE A 37 -7.80 -3.15 -13.22
C PHE A 37 -8.79 -4.18 -13.77
N LYS A 38 -8.66 -5.41 -13.38
CA LYS A 38 -9.59 -6.46 -13.88
C LYS A 38 -10.66 -6.77 -12.84
N SER A 39 -10.27 -7.02 -11.62
CA SER A 39 -11.28 -7.33 -10.57
C SER A 39 -10.62 -7.46 -9.21
N VAL A 40 -11.40 -7.48 -8.16
CA VAL A 40 -10.84 -7.61 -6.78
C VAL A 40 -11.67 -8.63 -6.01
N GLU A 41 -11.04 -9.60 -5.40
CA GLU A 41 -11.78 -10.63 -4.62
C GLU A 41 -11.03 -10.93 -3.33
N ASN A 42 -11.74 -11.32 -2.31
CA ASN A 42 -11.06 -11.64 -1.01
C ASN A 42 -10.88 -13.16 -0.90
N VAL A 43 -9.76 -13.59 -0.38
CA VAL A 43 -9.52 -15.05 -0.25
C VAL A 43 -9.85 -15.49 1.18
N GLU A 44 -9.68 -14.62 2.14
CA GLU A 44 -9.99 -14.99 3.55
C GLU A 44 -10.25 -13.72 4.36
N GLY A 45 -11.14 -13.78 5.32
CA GLY A 45 -11.44 -12.58 6.14
C GLY A 45 -12.68 -11.88 5.59
N ASN A 46 -13.32 -11.07 6.40
CA ASN A 46 -14.53 -10.36 5.93
C ASN A 46 -14.17 -8.95 5.47
N GLY A 47 -12.90 -8.63 5.45
CA GLY A 47 -12.48 -7.28 5.03
C GLY A 47 -11.93 -6.50 6.23
N GLY A 48 -12.12 -7.03 7.41
CA GLY A 48 -11.61 -6.34 8.63
C GLY A 48 -10.10 -6.54 8.75
N PRO A 49 -9.56 -6.39 9.97
CA PRO A 49 -8.13 -6.57 10.23
C PRO A 49 -7.71 -8.04 10.12
N GLY A 50 -6.58 -8.30 9.51
CA GLY A 50 -6.11 -9.70 9.37
C GLY A 50 -6.80 -10.36 8.18
N THR A 51 -7.55 -9.60 7.42
CA THR A 51 -8.26 -10.18 6.26
C THR A 51 -7.29 -10.34 5.09
N ILE A 52 -7.59 -11.22 4.17
CA ILE A 52 -6.69 -11.44 3.00
C ILE A 52 -7.43 -11.08 1.71
N LYS A 53 -6.88 -10.22 0.91
CA LYS A 53 -7.57 -9.83 -0.36
C LYS A 53 -6.69 -10.21 -1.56
N LYS A 54 -7.31 -10.63 -2.63
CA LYS A 54 -6.53 -11.00 -3.85
C LYS A 54 -6.88 -10.05 -4.98
N ILE A 55 -5.89 -9.44 -5.59
CA ILE A 55 -6.18 -8.48 -6.70
C ILE A 55 -5.49 -8.95 -7.98
N THR A 56 -6.11 -8.73 -9.10
CA THR A 56 -5.51 -9.15 -10.40
C THR A 56 -5.57 -7.98 -11.39
N PHE A 57 -4.46 -7.62 -11.97
CA PHE A 57 -4.47 -6.48 -12.94
C PHE A 57 -3.66 -6.87 -14.19
N LEU A 58 -3.72 -6.07 -15.22
CA LEU A 58 -2.96 -6.38 -16.46
C LEU A 58 -1.77 -5.42 -16.58
N GLU A 59 -0.61 -5.93 -16.88
CA GLU A 59 0.57 -5.04 -17.01
C GLU A 59 1.45 -5.53 -18.18
N ASP A 60 1.99 -4.62 -18.94
CA ASP A 60 2.84 -5.02 -20.09
C ASP A 60 2.14 -6.12 -20.90
N GLY A 61 0.84 -6.20 -20.79
CA GLY A 61 0.10 -7.24 -21.57
C GLY A 61 0.17 -8.58 -20.81
N GLU A 62 0.27 -8.54 -19.51
CA GLU A 62 0.33 -9.81 -18.74
C GLU A 62 -0.64 -9.75 -17.56
N THR A 63 -1.23 -10.85 -17.22
CA THR A 63 -2.20 -10.86 -16.07
C THR A 63 -1.42 -11.03 -14.77
N LYS A 64 -1.35 -10.00 -13.96
CA LYS A 64 -0.61 -10.11 -12.67
C LYS A 64 -1.60 -9.99 -11.51
N PHE A 65 -1.25 -10.50 -10.36
CA PHE A 65 -2.16 -10.42 -9.20
C PHE A 65 -1.35 -10.16 -7.92
N VAL A 66 -1.94 -9.53 -6.93
CA VAL A 66 -1.19 -9.25 -5.68
C VAL A 66 -2.09 -9.52 -4.47
N LEU A 67 -1.52 -9.95 -3.38
CA LEU A 67 -2.32 -10.21 -2.16
C LEU A 67 -1.90 -9.24 -1.05
N HIS A 68 -2.85 -8.65 -0.38
CA HIS A 68 -2.50 -7.70 0.71
C HIS A 68 -3.17 -8.14 2.01
N LYS A 69 -2.46 -8.07 3.10
CA LYS A 69 -3.05 -8.48 4.41
C LYS A 69 -3.08 -7.27 5.35
N ILE A 70 -4.08 -7.16 6.17
CA ILE A 70 -4.16 -6.00 7.10
C ILE A 70 -3.82 -6.47 8.52
N GLU A 71 -2.92 -5.79 9.18
CA GLU A 71 -2.56 -6.19 10.57
C GLU A 71 -3.50 -5.51 11.55
N SER A 72 -3.81 -4.25 11.33
CA SER A 72 -4.72 -3.53 12.24
C SER A 72 -5.08 -2.17 11.65
N ILE A 73 -6.23 -1.65 11.97
CA ILE A 73 -6.64 -0.33 11.42
C ILE A 73 -6.82 0.66 12.56
N ASP A 74 -6.28 1.85 12.42
CA ASP A 74 -6.42 2.87 13.49
C ASP A 74 -6.96 4.17 12.90
N GLU A 75 -8.25 4.27 12.72
CA GLU A 75 -8.83 5.51 12.15
C GLU A 75 -8.51 6.68 13.07
N ALA A 76 -8.49 6.45 14.37
CA ALA A 76 -8.19 7.56 15.32
C ALA A 76 -6.85 8.20 14.93
N ASN A 77 -5.82 7.41 14.78
CA ASN A 77 -4.50 7.98 14.42
C ASN A 77 -4.38 8.02 12.89
N LEU A 78 -5.47 7.86 12.19
CA LEU A 78 -5.42 7.89 10.71
C LEU A 78 -4.23 7.06 10.22
N GLY A 79 -4.06 5.89 10.76
CA GLY A 79 -2.93 5.02 10.33
C GLY A 79 -3.41 3.56 10.26
N TYR A 80 -2.74 2.74 9.49
CA TYR A 80 -3.15 1.31 9.40
C TYR A 80 -1.92 0.46 9.06
N SER A 81 -2.05 -0.83 9.13
CA SER A 81 -0.88 -1.70 8.83
C SER A 81 -1.28 -2.74 7.77
N TYR A 82 -0.42 -2.99 6.82
CA TYR A 82 -0.75 -3.99 5.76
C TYR A 82 0.54 -4.57 5.18
N SER A 83 0.45 -5.72 4.58
CA SER A 83 1.68 -6.34 4.00
C SER A 83 1.29 -7.18 2.76
N VAL A 84 2.22 -7.40 1.87
CA VAL A 84 1.89 -8.21 0.66
C VAL A 84 2.33 -9.66 0.88
N VAL A 85 1.49 -10.60 0.58
CA VAL A 85 1.87 -12.03 0.77
C VAL A 85 1.75 -12.79 -0.54
N GLY A 86 1.45 -12.12 -1.62
CA GLY A 86 1.30 -12.84 -2.92
C GLY A 86 1.37 -11.83 -4.07
N GLY A 87 1.79 -12.27 -5.23
CA GLY A 87 1.86 -11.34 -6.39
C GLY A 87 3.33 -10.94 -6.64
N ALA A 88 3.55 -10.07 -7.59
CA ALA A 88 4.95 -9.64 -7.88
C ALA A 88 5.50 -8.84 -6.70
N ALA A 89 4.64 -8.43 -5.80
CA ALA A 89 5.12 -7.64 -4.63
C ALA A 89 5.70 -8.60 -3.59
N LEU A 90 5.55 -9.88 -3.79
CA LEU A 90 6.10 -10.86 -2.81
C LEU A 90 7.35 -11.52 -3.40
N PRO A 91 8.53 -11.07 -2.97
CA PRO A 91 9.81 -11.62 -3.45
C PRO A 91 10.03 -13.04 -2.94
N ASP A 92 10.78 -13.84 -3.67
CA ASP A 92 11.05 -15.23 -3.24
C ASP A 92 12.13 -15.24 -2.16
N THR A 93 13.09 -14.36 -2.27
CA THR A 93 14.18 -14.33 -1.25
C THR A 93 13.70 -13.60 0.00
N ALA A 94 12.44 -13.27 0.08
CA ALA A 94 11.93 -12.56 1.28
C ALA A 94 10.58 -13.14 1.69
N GLU A 95 10.43 -13.53 2.92
CA GLU A 95 9.14 -14.11 3.38
C GLU A 95 8.00 -13.17 2.99
N LYS A 96 8.03 -11.95 3.46
CA LYS A 96 6.95 -10.99 3.12
C LYS A 96 7.37 -9.57 3.52
N ILE A 97 6.68 -8.58 3.02
CA ILE A 97 7.05 -7.17 3.37
C ILE A 97 5.87 -6.52 4.08
N THR A 98 6.14 -5.80 5.15
CA THR A 98 5.04 -5.13 5.90
C THR A 98 5.09 -3.62 5.64
N PHE A 99 3.94 -2.98 5.60
CA PHE A 99 3.93 -1.51 5.36
C PHE A 99 3.19 -0.80 6.49
N ASP A 100 3.86 0.09 7.18
CA ASP A 100 3.20 0.83 8.28
C ASP A 100 3.21 2.33 7.95
N SER A 101 2.10 2.86 7.51
CA SER A 101 2.05 4.31 7.17
C SER A 101 1.05 5.04 8.07
N LYS A 102 1.39 6.22 8.50
CA LYS A 102 0.47 7.00 9.37
C LYS A 102 0.15 8.33 8.68
N LEU A 103 -0.97 8.93 9.00
CA LEU A 103 -1.32 10.23 8.36
C LEU A 103 -1.77 11.24 9.42
N VAL A 104 -1.14 12.38 9.46
CA VAL A 104 -1.54 13.40 10.46
C VAL A 104 -1.53 14.79 9.79
N ALA A 105 -2.47 15.63 10.14
CA ALA A 105 -2.52 16.98 9.52
C ALA A 105 -1.31 17.81 9.95
N GLY A 106 -0.80 18.64 9.09
CA GLY A 106 0.38 19.48 9.46
C GLY A 106 0.15 20.92 8.98
N PRO A 107 1.01 21.84 9.42
CA PRO A 107 0.92 23.26 9.05
C PRO A 107 1.29 23.48 7.58
N ASN A 108 1.60 22.43 6.86
CA ASN A 108 1.97 22.58 5.43
C ASN A 108 0.73 22.95 4.62
N GLY A 109 -0.43 22.55 5.05
CA GLY A 109 -1.67 22.87 4.31
C GLY A 109 -2.14 21.65 3.51
N GLY A 110 -1.71 20.48 3.90
CA GLY A 110 -2.13 19.25 3.17
C GLY A 110 -2.12 18.06 4.13
N SER A 111 -1.51 16.97 3.72
CA SER A 111 -1.46 15.77 4.60
C SER A 111 -0.01 15.41 4.90
N ALA A 112 0.27 14.97 6.10
CA ALA A 112 1.67 14.60 6.45
C ALA A 112 1.67 13.29 7.22
N GLY A 113 2.78 12.61 7.28
CA GLY A 113 2.84 11.31 8.01
C GLY A 113 4.16 10.61 7.71
N LYS A 114 4.47 9.58 8.45
CA LYS A 114 5.74 8.85 8.20
C LYS A 114 5.43 7.45 7.65
N LEU A 115 6.27 6.94 6.80
CA LEU A 115 6.02 5.58 6.24
C LEU A 115 7.13 4.63 6.66
N THR A 116 6.79 3.47 7.15
CA THR A 116 7.85 2.51 7.58
C THR A 116 7.62 1.18 6.87
N VAL A 117 8.62 0.67 6.20
CA VAL A 117 8.46 -0.63 5.49
C VAL A 117 9.29 -1.71 6.17
N LYS A 118 8.73 -2.87 6.38
CA LYS A 118 9.50 -3.95 7.05
C LYS A 118 9.86 -5.02 6.00
N TYR A 119 11.11 -5.35 5.89
CA TYR A 119 11.53 -6.39 4.90
C TYR A 119 11.88 -7.68 5.63
N GLU A 120 11.20 -8.76 5.32
CA GLU A 120 11.51 -10.05 5.99
C GLU A 120 12.27 -10.95 5.02
N THR A 121 13.27 -11.65 5.51
CA THR A 121 14.06 -12.55 4.62
C THR A 121 13.94 -13.99 5.12
N LYS A 122 14.26 -14.94 4.28
CA LYS A 122 14.16 -16.37 4.71
C LYS A 122 15.16 -16.62 5.85
N GLY A 123 16.27 -15.93 5.84
CA GLY A 123 17.28 -16.13 6.91
C GLY A 123 18.59 -15.43 6.52
N ASP A 124 19.60 -16.20 6.19
CA ASP A 124 20.89 -15.59 5.79
C ASP A 124 20.70 -14.76 4.52
N ALA A 125 19.84 -15.21 3.64
CA ALA A 125 19.61 -14.45 2.38
C ALA A 125 19.24 -13.00 2.71
N GLU A 126 19.92 -12.05 2.14
CA GLU A 126 19.61 -10.62 2.42
C GLU A 126 19.79 -9.80 1.14
N PRO A 127 18.75 -9.02 0.78
CA PRO A 127 18.78 -8.18 -0.42
C PRO A 127 19.73 -6.99 -0.26
N ASN A 128 20.09 -6.36 -1.34
CA ASN A 128 21.02 -5.20 -1.24
C ASN A 128 20.21 -3.90 -1.15
N GLN A 129 20.83 -2.83 -0.74
CA GLN A 129 20.09 -1.55 -0.63
C GLN A 129 19.38 -1.25 -1.95
N ASP A 130 20.02 -1.52 -3.06
CA ASP A 130 19.39 -1.26 -4.38
C ASP A 130 18.11 -2.11 -4.51
N GLU A 131 18.21 -3.37 -4.17
CA GLU A 131 17.01 -4.25 -4.28
C GLU A 131 15.88 -3.67 -3.43
N LEU A 132 16.18 -3.25 -2.23
CA LEU A 132 15.12 -2.66 -1.36
C LEU A 132 14.52 -1.43 -2.03
N LYS A 133 15.34 -0.64 -2.67
CA LYS A 133 14.81 0.58 -3.35
C LYS A 133 13.90 0.16 -4.51
N THR A 134 14.32 -0.82 -5.28
CA THR A 134 13.48 -1.27 -6.42
C THR A 134 12.11 -1.73 -5.90
N GLY A 135 12.10 -2.41 -4.79
CA GLY A 135 10.80 -2.88 -4.23
C GLY A 135 9.94 -1.67 -3.86
N LYS A 136 10.54 -0.61 -3.38
CA LYS A 136 9.75 0.58 -3.01
C LYS A 136 9.20 1.25 -4.27
N ALA A 137 9.99 1.30 -5.32
CA ALA A 137 9.50 1.94 -6.57
C ALA A 137 8.28 1.17 -7.10
N LYS A 138 8.24 -0.12 -6.89
CA LYS A 138 7.09 -0.92 -7.38
C LYS A 138 5.88 -0.68 -6.47
N ALA A 139 6.10 -0.69 -5.18
CA ALA A 139 4.96 -0.46 -4.23
C ALA A 139 4.67 1.03 -4.13
N ASP A 140 5.65 1.85 -4.38
CA ASP A 140 5.43 3.33 -4.30
C ASP A 140 4.37 3.74 -5.31
N ALA A 141 4.38 3.17 -6.48
CA ALA A 141 3.38 3.52 -7.51
C ALA A 141 1.98 3.27 -6.95
N LEU A 142 1.82 2.26 -6.14
CA LEU A 142 0.48 1.96 -5.57
C LEU A 142 -0.05 3.22 -4.86
N PHE A 143 0.74 3.78 -3.99
CA PHE A 143 0.28 5.01 -3.27
C PHE A 143 0.01 6.11 -4.28
N LYS A 144 0.96 6.42 -5.12
CA LYS A 144 0.75 7.49 -6.13
C LYS A 144 -0.48 7.15 -6.98
N ALA A 145 -0.69 5.90 -7.28
CA ALA A 145 -1.87 5.52 -8.09
C ALA A 145 -3.14 6.02 -7.41
N ILE A 146 -3.33 5.68 -6.17
CA ILE A 146 -4.55 6.15 -5.45
C ILE A 146 -4.45 7.66 -5.24
N GLU A 147 -3.37 8.13 -4.67
CA GLU A 147 -3.22 9.59 -4.44
C GLU A 147 -3.45 10.34 -5.76
N ALA A 148 -2.84 9.90 -6.82
CA ALA A 148 -3.02 10.59 -8.12
C ALA A 148 -4.50 10.58 -8.50
N TYR A 149 -5.21 9.55 -8.11
CA TYR A 149 -6.66 9.48 -8.44
C TYR A 149 -7.40 10.53 -7.63
N LEU A 150 -6.93 10.84 -6.47
CA LEU A 150 -7.60 11.87 -5.62
C LEU A 150 -7.43 13.25 -6.27
N LEU A 151 -6.24 13.57 -6.67
CA LEU A 151 -6.01 14.91 -7.30
C LEU A 151 -6.77 14.99 -8.63
N ALA A 152 -6.94 13.88 -9.29
CA ALA A 152 -7.67 13.89 -10.59
C ALA A 152 -9.17 14.06 -10.34
N HIS A 153 -9.61 13.84 -9.13
CA HIS A 153 -11.07 13.98 -8.83
C HIS A 153 -11.24 14.96 -7.68
N PRO A 154 -11.49 16.24 -8.01
CA PRO A 154 -11.70 17.30 -7.01
C PRO A 154 -13.03 17.15 -6.28
N ASP A 155 -13.96 16.44 -6.87
CA ASP A 155 -15.28 16.26 -6.21
C ASP A 155 -15.15 15.26 -5.05
N TYR A 156 -14.12 14.45 -5.07
CA TYR A 156 -13.94 13.45 -3.98
C TYR A 156 -13.38 14.16 -2.73
N ASN A 157 -13.97 13.93 -1.60
CA ASN A 157 -13.48 14.57 -0.36
C ASN A 157 -13.66 13.62 0.83
N GLY A 1 17.21 -11.80 9.88
CA GLY A 1 16.86 -11.69 8.43
C GLY A 1 15.68 -10.73 8.27
N VAL A 2 15.78 -9.56 8.84
CA VAL A 2 14.66 -8.58 8.71
C VAL A 2 15.24 -7.18 8.47
N PHE A 3 14.64 -6.43 7.58
CA PHE A 3 15.16 -5.06 7.31
C PHE A 3 14.00 -4.07 7.33
N THR A 4 14.07 -3.09 8.19
CA THR A 4 12.97 -2.08 8.27
C THR A 4 13.46 -0.74 7.72
N PHE A 5 12.62 -0.01 7.05
CA PHE A 5 13.04 1.30 6.48
C PHE A 5 11.98 2.35 6.77
N GLU A 6 12.37 3.52 7.19
CA GLU A 6 11.38 4.59 7.49
C GLU A 6 11.42 5.65 6.39
N ASP A 7 10.28 6.02 5.88
CA ASP A 7 10.25 7.05 4.80
C ASP A 7 9.23 8.13 5.14
N GLU A 8 9.29 9.25 4.48
CA GLU A 8 8.32 10.34 4.77
C GLU A 8 7.23 10.36 3.70
N ILE A 9 6.11 10.96 3.99
CA ILE A 9 5.01 11.00 2.98
C ILE A 9 4.45 12.43 2.90
N ASN A 10 4.30 12.94 1.71
CA ASN A 10 3.75 14.32 1.56
C ASN A 10 2.66 14.32 0.48
N SER A 11 1.53 14.91 0.78
CA SER A 11 0.45 14.95 -0.24
C SER A 11 -0.42 16.19 0.02
N PRO A 12 -0.81 16.90 -1.06
CA PRO A 12 -1.65 18.10 -0.96
C PRO A 12 -3.08 17.76 -0.55
N VAL A 13 -3.57 16.62 -0.94
CA VAL A 13 -4.95 16.22 -0.57
C VAL A 13 -5.08 16.18 0.96
N ALA A 14 -6.26 16.40 1.46
CA ALA A 14 -6.46 16.37 2.95
C ALA A 14 -6.15 14.97 3.47
N PRO A 15 -5.53 14.88 4.65
CA PRO A 15 -5.18 13.60 5.27
C PRO A 15 -6.42 12.83 5.72
N ALA A 16 -7.42 13.52 6.21
CA ALA A 16 -8.65 12.83 6.67
C ALA A 16 -9.38 12.24 5.45
N THR A 17 -9.38 12.94 4.36
CA THR A 17 -10.08 12.42 3.14
C THR A 17 -9.18 11.38 2.46
N LEU A 18 -7.89 11.59 2.47
CA LEU A 18 -6.97 10.61 1.82
C LEU A 18 -6.94 9.32 2.64
N TYR A 19 -6.94 9.44 3.94
CA TYR A 19 -6.91 8.22 4.80
C TYR A 19 -8.21 7.44 4.65
N LYS A 20 -9.33 8.13 4.64
CA LYS A 20 -10.64 7.42 4.51
C LYS A 20 -10.71 6.71 3.15
N ALA A 21 -10.35 7.39 2.10
CA ALA A 21 -10.40 6.75 0.75
C ALA A 21 -9.26 5.74 0.61
N LEU A 22 -8.21 5.92 1.35
CA LEU A 22 -7.07 4.97 1.27
C LEU A 22 -7.47 3.63 1.88
N VAL A 23 -8.08 3.65 3.03
CA VAL A 23 -8.50 2.38 3.68
C VAL A 23 -9.98 2.11 3.39
N THR A 24 -10.84 3.06 3.68
CA THR A 24 -12.29 2.85 3.42
C THR A 24 -12.53 2.65 1.92
N ASP A 25 -12.00 3.50 1.10
CA ASP A 25 -12.20 3.35 -0.37
C ASP A 25 -11.04 2.57 -0.98
N ALA A 26 -10.19 2.02 -0.17
CA ALA A 26 -9.04 1.25 -0.71
C ALA A 26 -9.53 0.28 -1.79
N ASP A 27 -10.51 -0.53 -1.49
CA ASP A 27 -11.02 -1.49 -2.50
C ASP A 27 -11.76 -0.73 -3.60
N ASN A 28 -12.29 0.42 -3.30
CA ASN A 28 -13.02 1.19 -4.35
C ASN A 28 -12.02 2.00 -5.17
N VAL A 29 -10.91 2.37 -4.57
CA VAL A 29 -9.89 3.16 -5.31
C VAL A 29 -9.03 2.22 -6.17
N ILE A 30 -8.75 1.04 -5.67
CA ILE A 30 -7.92 0.08 -6.45
C ILE A 30 -8.47 -0.05 -7.88
N PRO A 31 -9.78 -0.27 -8.02
CA PRO A 31 -10.41 -0.43 -9.33
C PRO A 31 -10.39 0.87 -10.14
N LYS A 32 -10.22 1.99 -9.48
CA LYS A 32 -10.19 3.28 -10.21
C LYS A 32 -8.74 3.69 -10.44
N ALA A 33 -7.95 3.74 -9.40
CA ALA A 33 -6.52 4.12 -9.57
C ALA A 33 -5.88 3.23 -10.64
N LEU A 34 -6.18 1.96 -10.61
CA LEU A 34 -5.61 1.03 -11.61
C LEU A 34 -6.38 1.19 -12.93
N ASP A 35 -5.83 1.93 -13.86
CA ASP A 35 -6.53 2.14 -15.15
C ASP A 35 -6.84 0.79 -15.81
N SER A 36 -6.03 -0.20 -15.56
CA SER A 36 -6.28 -1.53 -16.18
C SER A 36 -6.71 -2.53 -15.10
N PHE A 37 -7.31 -2.04 -14.05
CA PHE A 37 -7.76 -2.95 -12.96
C PHE A 37 -8.63 -4.07 -13.56
N LYS A 38 -8.26 -5.31 -13.34
CA LYS A 38 -9.06 -6.42 -13.90
C LYS A 38 -10.15 -6.83 -12.91
N SER A 39 -9.79 -7.16 -11.69
CA SER A 39 -10.82 -7.57 -10.70
C SER A 39 -10.17 -7.70 -9.31
N VAL A 40 -10.97 -7.74 -8.28
CA VAL A 40 -10.42 -7.88 -6.90
C VAL A 40 -11.36 -8.76 -6.08
N GLU A 41 -10.82 -9.59 -5.23
CA GLU A 41 -11.69 -10.48 -4.40
C GLU A 41 -10.99 -10.82 -3.09
N ASN A 42 -11.72 -11.25 -2.09
CA ASN A 42 -11.10 -11.60 -0.79
C ASN A 42 -10.91 -13.11 -0.71
N VAL A 43 -9.73 -13.55 -0.35
CA VAL A 43 -9.49 -15.02 -0.26
C VAL A 43 -9.81 -15.51 1.16
N GLU A 44 -9.64 -14.68 2.14
CA GLU A 44 -9.94 -15.09 3.54
C GLU A 44 -10.21 -13.86 4.40
N GLY A 45 -11.11 -13.96 5.34
CA GLY A 45 -11.41 -12.79 6.21
C GLY A 45 -12.65 -12.07 5.69
N ASN A 46 -13.20 -11.16 6.46
CA ASN A 46 -14.41 -10.43 6.01
C ASN A 46 -14.02 -9.01 5.59
N GLY A 47 -12.75 -8.71 5.57
CA GLY A 47 -12.31 -7.35 5.18
C GLY A 47 -11.76 -6.61 6.40
N GLY A 48 -11.93 -7.18 7.57
CA GLY A 48 -11.41 -6.52 8.80
C GLY A 48 -9.89 -6.71 8.89
N PRO A 49 -9.34 -6.60 10.11
CA PRO A 49 -7.90 -6.77 10.34
C PRO A 49 -7.46 -8.23 10.17
N GLY A 50 -6.35 -8.45 9.51
CA GLY A 50 -5.87 -9.85 9.32
C GLY A 50 -6.61 -10.48 8.14
N THR A 51 -7.39 -9.71 7.43
CA THR A 51 -8.13 -10.27 6.27
C THR A 51 -7.19 -10.45 5.08
N ILE A 52 -7.49 -11.37 4.20
CA ILE A 52 -6.62 -11.60 3.02
C ILE A 52 -7.38 -11.22 1.75
N LYS A 53 -6.83 -10.32 0.96
CA LYS A 53 -7.53 -9.90 -0.28
C LYS A 53 -6.64 -10.20 -1.49
N LYS A 54 -7.25 -10.57 -2.60
CA LYS A 54 -6.45 -10.88 -3.82
C LYS A 54 -6.78 -9.85 -4.90
N ILE A 55 -5.79 -9.21 -5.45
CA ILE A 55 -6.06 -8.20 -6.51
C ILE A 55 -5.43 -8.66 -7.83
N THR A 56 -6.08 -8.39 -8.93
CA THR A 56 -5.52 -8.81 -10.25
C THR A 56 -5.45 -7.60 -11.18
N PHE A 57 -4.31 -7.34 -11.77
CA PHE A 57 -4.20 -6.18 -12.69
C PHE A 57 -3.47 -6.62 -13.97
N LEU A 58 -3.69 -5.91 -15.05
CA LEU A 58 -3.02 -6.30 -16.33
C LEU A 58 -1.76 -5.44 -16.51
N GLU A 59 -0.70 -6.03 -17.00
CA GLU A 59 0.55 -5.24 -17.20
C GLU A 59 1.34 -5.84 -18.38
N ASP A 60 1.82 -5.01 -19.27
CA ASP A 60 2.58 -5.55 -20.43
C ASP A 60 1.75 -6.63 -21.13
N GLY A 61 0.46 -6.49 -21.11
CA GLY A 61 -0.41 -7.52 -21.77
C GLY A 61 -0.39 -8.80 -20.94
N GLU A 62 0.14 -8.75 -19.75
CA GLU A 62 0.18 -9.97 -18.89
C GLU A 62 -0.73 -9.77 -17.68
N THR A 63 -1.46 -10.78 -17.30
CA THR A 63 -2.36 -10.64 -16.13
C THR A 63 -1.60 -10.97 -14.84
N LYS A 64 -1.51 -10.03 -13.94
CA LYS A 64 -0.78 -10.30 -12.67
C LYS A 64 -1.73 -10.11 -11.48
N PHE A 65 -1.35 -10.57 -10.32
CA PHE A 65 -2.24 -10.42 -9.14
C PHE A 65 -1.37 -10.18 -7.89
N VAL A 66 -1.94 -9.61 -6.86
CA VAL A 66 -1.16 -9.36 -5.62
C VAL A 66 -2.02 -9.67 -4.40
N LEU A 67 -1.41 -10.14 -3.34
CA LEU A 67 -2.18 -10.46 -2.11
C LEU A 67 -1.75 -9.51 -0.99
N HIS A 68 -2.69 -8.94 -0.29
CA HIS A 68 -2.32 -7.99 0.80
C HIS A 68 -2.99 -8.42 2.11
N LYS A 69 -2.28 -8.33 3.19
CA LYS A 69 -2.87 -8.73 4.51
C LYS A 69 -2.92 -7.50 5.43
N ILE A 70 -3.94 -7.38 6.24
CA ILE A 70 -4.03 -6.21 7.15
C ILE A 70 -3.63 -6.63 8.57
N GLU A 71 -2.71 -5.92 9.16
CA GLU A 71 -2.27 -6.26 10.54
C GLU A 71 -3.16 -5.53 11.56
N SER A 72 -3.55 -4.33 11.25
CA SER A 72 -4.41 -3.55 12.20
C SER A 72 -4.67 -2.16 11.63
N ILE A 73 -5.91 -1.73 11.64
CA ILE A 73 -6.23 -0.38 11.11
C ILE A 73 -6.46 0.58 12.28
N ASP A 74 -5.95 1.78 12.19
CA ASP A 74 -6.15 2.76 13.30
C ASP A 74 -6.72 4.05 12.72
N GLU A 75 -8.01 4.11 12.53
CA GLU A 75 -8.62 5.35 11.98
C GLU A 75 -8.31 6.53 12.91
N ALA A 76 -8.25 6.27 14.19
CA ALA A 76 -7.93 7.37 15.15
C ALA A 76 -6.61 8.03 14.77
N ASN A 77 -5.58 7.24 14.60
CA ASN A 77 -4.26 7.80 14.21
C ASN A 77 -4.18 7.90 12.69
N LEU A 78 -5.29 7.80 12.02
CA LEU A 78 -5.28 7.89 10.53
C LEU A 78 -4.12 7.07 9.97
N GLY A 79 -3.92 5.87 10.46
CA GLY A 79 -2.81 5.03 9.94
C GLY A 79 -3.25 3.56 9.94
N TYR A 80 -2.59 2.74 9.18
CA TYR A 80 -2.98 1.30 9.14
C TYR A 80 -1.75 0.46 8.78
N SER A 81 -1.85 -0.84 8.90
CA SER A 81 -0.68 -1.71 8.57
C SER A 81 -1.12 -2.76 7.54
N TYR A 82 -0.28 -3.01 6.56
CA TYR A 82 -0.64 -4.01 5.52
C TYR A 82 0.63 -4.64 4.96
N SER A 83 0.54 -5.86 4.47
CA SER A 83 1.75 -6.52 3.90
C SER A 83 1.37 -7.33 2.67
N VAL A 84 2.30 -7.56 1.78
CA VAL A 84 2.00 -8.35 0.56
C VAL A 84 2.41 -9.81 0.80
N VAL A 85 1.55 -10.74 0.48
CA VAL A 85 1.89 -12.17 0.69
C VAL A 85 1.67 -12.96 -0.61
N GLY A 86 1.30 -12.29 -1.67
CA GLY A 86 1.07 -13.03 -2.95
C GLY A 86 1.17 -12.05 -4.13
N GLY A 87 1.65 -12.52 -5.25
CA GLY A 87 1.77 -11.63 -6.44
C GLY A 87 3.24 -11.33 -6.71
N ALA A 88 3.52 -10.48 -7.66
CA ALA A 88 4.94 -10.14 -7.97
C ALA A 88 5.52 -9.29 -6.84
N ALA A 89 4.69 -8.80 -5.95
CA ALA A 89 5.20 -7.98 -4.83
C ALA A 89 5.77 -8.88 -3.73
N LEU A 90 5.90 -10.16 -4.01
CA LEU A 90 6.44 -11.09 -2.98
C LEU A 90 7.69 -11.78 -3.55
N PRO A 91 8.88 -11.30 -3.15
CA PRO A 91 10.16 -11.85 -3.61
C PRO A 91 10.40 -13.26 -3.05
N ASP A 92 11.18 -14.05 -3.73
CA ASP A 92 11.46 -15.43 -3.25
C ASP A 92 12.53 -15.39 -2.16
N THR A 93 13.45 -14.45 -2.24
CA THR A 93 14.51 -14.37 -1.21
C THR A 93 13.97 -13.68 0.05
N ALA A 94 12.71 -13.34 0.05
CA ALA A 94 12.14 -12.67 1.25
C ALA A 94 10.79 -13.32 1.59
N GLU A 95 10.53 -13.56 2.85
CA GLU A 95 9.24 -14.20 3.23
C GLU A 95 8.08 -13.25 2.92
N LYS A 96 8.12 -12.05 3.44
CA LYS A 96 7.02 -11.08 3.16
C LYS A 96 7.43 -9.68 3.64
N ILE A 97 6.81 -8.66 3.13
CA ILE A 97 7.17 -7.28 3.56
C ILE A 97 5.95 -6.60 4.19
N THR A 98 6.14 -5.91 5.27
CA THR A 98 5.00 -5.22 5.95
C THR A 98 5.18 -3.71 5.83
N PHE A 99 4.23 -3.04 5.22
CA PHE A 99 4.34 -1.56 5.08
C PHE A 99 3.56 -0.88 6.21
N ASP A 100 4.20 0.00 6.93
CA ASP A 100 3.49 0.71 8.04
C ASP A 100 3.50 2.21 7.77
N SER A 101 2.36 2.80 7.53
CA SER A 101 2.31 4.26 7.25
C SER A 101 1.17 4.92 8.02
N LYS A 102 1.41 6.09 8.54
CA LYS A 102 0.34 6.82 9.29
C LYS A 102 0.05 8.15 8.58
N LEU A 103 -1.08 8.74 8.84
CA LEU A 103 -1.40 10.03 8.16
C LEU A 103 -1.71 11.10 9.20
N VAL A 104 -1.04 12.22 9.12
CA VAL A 104 -1.28 13.32 10.10
C VAL A 104 -1.33 14.65 9.36
N ALA A 105 -2.19 15.55 9.77
CA ALA A 105 -2.28 16.86 9.07
C ALA A 105 -1.03 17.69 9.38
N GLY A 106 -0.58 18.48 8.45
CA GLY A 106 0.62 19.33 8.68
C GLY A 106 0.31 20.77 8.30
N PRO A 107 1.17 21.71 8.73
CA PRO A 107 0.99 23.14 8.44
C PRO A 107 1.23 23.46 6.96
N ASN A 108 1.58 22.48 6.19
CA ASN A 108 1.83 22.73 4.74
C ASN A 108 0.50 22.97 4.03
N GLY A 109 -0.59 22.56 4.63
CA GLY A 109 -1.92 22.78 3.99
C GLY A 109 -2.34 21.50 3.26
N GLY A 110 -1.73 20.40 3.58
CA GLY A 110 -2.09 19.12 2.91
C GLY A 110 -2.04 17.97 3.92
N SER A 111 -1.56 16.83 3.52
CA SER A 111 -1.49 15.68 4.46
C SER A 111 -0.03 15.24 4.62
N ALA A 112 0.34 14.80 5.80
CA ALA A 112 1.74 14.35 6.02
C ALA A 112 1.73 13.19 7.02
N GLY A 113 2.66 12.27 6.90
CA GLY A 113 2.69 11.13 7.85
C GLY A 113 4.06 10.45 7.79
N LYS A 114 4.32 9.55 8.71
CA LYS A 114 5.65 8.86 8.71
C LYS A 114 5.49 7.48 8.06
N LEU A 115 6.50 7.03 7.38
CA LEU A 115 6.41 5.69 6.72
C LEU A 115 7.36 4.71 7.40
N THR A 116 6.92 3.50 7.62
CA THR A 116 7.79 2.48 8.27
C THR A 116 7.55 1.14 7.59
N VAL A 117 8.53 0.62 6.91
CA VAL A 117 8.35 -0.68 6.21
C VAL A 117 9.17 -1.78 6.90
N LYS A 118 8.61 -2.95 7.03
CA LYS A 118 9.35 -4.07 7.67
C LYS A 118 9.66 -5.14 6.61
N TYR A 119 10.91 -5.41 6.39
CA TYR A 119 11.29 -6.42 5.36
C TYR A 119 11.67 -7.73 6.05
N GLU A 120 11.01 -8.80 5.71
CA GLU A 120 11.35 -10.11 6.34
C GLU A 120 12.09 -10.99 5.33
N THR A 121 13.12 -11.67 5.74
CA THR A 121 13.88 -12.53 4.80
C THR A 121 13.78 -13.99 5.25
N LYS A 122 14.02 -14.90 4.35
CA LYS A 122 13.95 -16.35 4.72
C LYS A 122 15.01 -16.65 5.79
N GLY A 123 16.18 -16.11 5.65
CA GLY A 123 17.24 -16.37 6.66
C GLY A 123 18.61 -16.02 6.06
N ASP A 124 19.18 -16.92 5.31
CA ASP A 124 20.51 -16.65 4.70
C ASP A 124 20.37 -15.58 3.61
N ALA A 125 19.24 -15.56 2.95
CA ALA A 125 19.04 -14.54 1.87
C ALA A 125 19.10 -13.13 2.48
N GLU A 126 19.81 -12.24 1.85
CA GLU A 126 19.90 -10.85 2.40
C GLU A 126 19.76 -9.84 1.26
N PRO A 127 18.60 -9.17 1.19
CA PRO A 127 18.33 -8.16 0.16
C PRO A 127 19.18 -6.90 0.34
N ASN A 128 19.80 -6.44 -0.71
CA ASN A 128 20.64 -5.22 -0.61
C ASN A 128 19.74 -3.99 -0.57
N GLN A 129 20.17 -2.95 0.10
CA GLN A 129 19.33 -1.72 0.18
C GLN A 129 18.94 -1.27 -1.24
N ASP A 130 19.82 -1.45 -2.18
CA ASP A 130 19.50 -1.03 -3.58
C ASP A 130 18.24 -1.75 -4.04
N GLU A 131 18.02 -2.95 -3.56
CA GLU A 131 16.80 -3.69 -3.98
C GLU A 131 15.60 -3.10 -3.23
N LEU A 132 15.80 -2.71 -2.01
CA LEU A 132 14.68 -2.11 -1.22
C LEU A 132 14.15 -0.90 -1.97
N LYS A 133 15.01 -0.10 -2.53
CA LYS A 133 14.57 1.09 -3.28
C LYS A 133 13.53 0.68 -4.31
N THR A 134 13.86 -0.27 -5.16
CA THR A 134 12.88 -0.72 -6.19
C THR A 134 11.62 -1.23 -5.50
N GLY A 135 11.77 -1.90 -4.38
CA GLY A 135 10.57 -2.41 -3.66
C GLY A 135 9.68 -1.24 -3.25
N LYS A 136 10.28 -0.20 -2.73
CA LYS A 136 9.48 0.99 -2.31
C LYS A 136 8.82 1.61 -3.54
N ALA A 137 9.51 1.63 -4.65
CA ALA A 137 8.93 2.23 -5.89
C ALA A 137 7.70 1.41 -6.31
N LYS A 138 7.72 0.13 -6.07
CA LYS A 138 6.54 -0.70 -6.46
C LYS A 138 5.40 -0.45 -5.47
N ALA A 139 5.70 -0.44 -4.20
CA ALA A 139 4.63 -0.19 -3.19
C ALA A 139 4.31 1.31 -3.15
N ASP A 140 5.27 2.13 -3.49
CA ASP A 140 5.03 3.60 -3.47
C ASP A 140 4.30 3.99 -4.75
N ALA A 141 4.38 3.19 -5.78
CA ALA A 141 3.68 3.52 -7.05
C ALA A 141 2.17 3.40 -6.83
N LEU A 142 1.74 2.42 -6.11
CA LEU A 142 0.29 2.25 -5.86
C LEU A 142 -0.26 3.52 -5.19
N PHE A 143 0.43 4.02 -4.20
CA PHE A 143 -0.06 5.25 -3.52
C PHE A 143 -0.16 6.39 -4.54
N LYS A 144 0.91 6.68 -5.23
CA LYS A 144 0.88 7.77 -6.25
C LYS A 144 -0.33 7.58 -7.15
N ALA A 145 -0.62 6.37 -7.55
CA ALA A 145 -1.79 6.14 -8.43
C ALA A 145 -3.05 6.69 -7.75
N ILE A 146 -3.18 6.46 -6.47
CA ILE A 146 -4.38 6.98 -5.75
C ILE A 146 -4.24 8.49 -5.58
N GLU A 147 -3.14 8.93 -5.01
CA GLU A 147 -2.94 10.40 -4.82
C GLU A 147 -3.22 11.12 -6.13
N ALA A 148 -2.64 10.66 -7.21
CA ALA A 148 -2.88 11.33 -8.53
C ALA A 148 -4.38 11.26 -8.84
N TYR A 149 -5.03 10.21 -8.43
CA TYR A 149 -6.49 10.08 -8.70
C TYR A 149 -7.25 11.15 -7.91
N LEU A 150 -6.80 11.43 -6.71
CA LEU A 150 -7.49 12.46 -5.88
C LEU A 150 -7.34 13.83 -6.54
N LEU A 151 -6.16 14.13 -7.03
CA LEU A 151 -5.95 15.46 -7.68
C LEU A 151 -6.71 15.50 -9.01
N ALA A 152 -6.84 14.37 -9.65
CA ALA A 152 -7.57 14.35 -10.95
C ALA A 152 -9.08 14.49 -10.69
N HIS A 153 -9.49 14.22 -9.49
CA HIS A 153 -10.95 14.34 -9.17
C HIS A 153 -11.13 15.23 -7.94
N PRO A 154 -11.27 16.54 -8.16
CA PRO A 154 -11.45 17.51 -7.07
C PRO A 154 -12.83 17.37 -6.41
N ASP A 155 -13.76 16.76 -7.08
CA ASP A 155 -15.11 16.59 -6.49
C ASP A 155 -15.07 15.50 -5.42
N TYR A 156 -14.01 14.74 -5.37
CA TYR A 156 -13.91 13.65 -4.35
C TYR A 156 -13.58 14.27 -2.99
N ASN A 157 -14.27 13.85 -1.96
CA ASN A 157 -13.99 14.40 -0.61
C ASN A 157 -13.79 13.26 0.38
N GLY A 1 16.63 -12.49 9.84
CA GLY A 1 16.60 -12.02 8.44
C GLY A 1 15.47 -11.01 8.26
N VAL A 2 15.40 -10.03 9.11
CA VAL A 2 14.32 -9.00 9.00
C VAL A 2 14.95 -7.60 8.99
N PHE A 3 14.47 -6.73 8.13
CA PHE A 3 15.05 -5.36 8.08
C PHE A 3 13.92 -4.33 8.23
N THR A 4 14.16 -3.26 8.93
CA THR A 4 13.11 -2.23 9.10
C THR A 4 13.61 -0.89 8.57
N PHE A 5 12.84 -0.22 7.75
CA PHE A 5 13.28 1.08 7.20
C PHE A 5 12.25 2.15 7.53
N GLU A 6 12.70 3.31 7.94
CA GLU A 6 11.75 4.40 8.29
C GLU A 6 11.83 5.51 7.25
N ASP A 7 10.71 5.96 6.75
CA ASP A 7 10.74 7.04 5.74
C ASP A 7 9.70 8.11 6.09
N GLU A 8 9.78 9.26 5.48
CA GLU A 8 8.80 10.34 5.79
C GLU A 8 7.71 10.36 4.71
N ILE A 9 6.49 10.67 5.09
CA ILE A 9 5.40 10.71 4.08
C ILE A 9 5.02 12.16 3.78
N ASN A 10 4.71 12.46 2.56
CA ASN A 10 4.34 13.85 2.19
C ASN A 10 3.44 13.83 0.94
N SER A 11 2.32 14.50 1.00
CA SER A 11 1.42 14.51 -0.19
C SER A 11 0.57 15.80 -0.16
N PRO A 12 0.36 16.40 -1.34
CA PRO A 12 -0.43 17.64 -1.45
C PRO A 12 -1.92 17.39 -1.19
N VAL A 13 -2.29 16.16 -0.93
CA VAL A 13 -3.72 15.86 -0.66
C VAL A 13 -3.96 15.81 0.85
N ALA A 14 -5.14 16.16 1.28
CA ALA A 14 -5.43 16.14 2.74
C ALA A 14 -5.30 14.70 3.26
N PRO A 15 -4.73 14.54 4.46
CA PRO A 15 -4.54 13.23 5.09
C PRO A 15 -5.88 12.59 5.48
N ALA A 16 -6.86 13.38 5.82
CA ALA A 16 -8.17 12.82 6.22
C ALA A 16 -8.92 12.35 4.97
N THR A 17 -8.88 13.12 3.92
CA THR A 17 -9.59 12.70 2.67
C THR A 17 -8.81 11.59 1.97
N LEU A 18 -7.50 11.74 1.89
CA LEU A 18 -6.69 10.69 1.22
C LEU A 18 -6.72 9.40 2.05
N TYR A 19 -6.72 9.51 3.35
CA TYR A 19 -6.75 8.30 4.20
C TYR A 19 -8.09 7.59 4.04
N LYS A 20 -9.16 8.33 3.98
CA LYS A 20 -10.51 7.69 3.82
C LYS A 20 -10.60 7.04 2.44
N ALA A 21 -10.20 7.74 1.41
CA ALA A 21 -10.27 7.16 0.04
C ALA A 21 -9.15 6.13 -0.12
N LEU A 22 -8.16 6.17 0.72
CA LEU A 22 -7.04 5.21 0.62
C LEU A 22 -7.50 3.83 1.10
N VAL A 23 -8.08 3.75 2.27
CA VAL A 23 -8.54 2.44 2.79
C VAL A 23 -10.04 2.26 2.51
N THR A 24 -10.82 3.27 2.76
CA THR A 24 -12.28 3.16 2.52
C THR A 24 -12.57 2.97 1.03
N ASP A 25 -11.97 3.78 0.19
CA ASP A 25 -12.21 3.64 -1.28
C ASP A 25 -11.08 2.85 -1.92
N ALA A 26 -10.24 2.25 -1.12
CA ALA A 26 -9.11 1.46 -1.70
C ALA A 26 -9.66 0.45 -2.70
N ASP A 27 -10.62 -0.34 -2.31
CA ASP A 27 -11.18 -1.36 -3.23
C ASP A 27 -12.00 -0.69 -4.34
N ASN A 28 -12.43 0.52 -4.12
CA ASN A 28 -13.22 1.22 -5.17
C ASN A 28 -12.29 2.08 -6.02
N VAL A 29 -11.21 2.52 -5.46
CA VAL A 29 -10.26 3.37 -6.24
C VAL A 29 -9.38 2.49 -7.12
N ILE A 30 -9.05 1.32 -6.66
CA ILE A 30 -8.18 0.41 -7.46
C ILE A 30 -8.88 0.05 -8.78
N PRO A 31 -10.14 -0.38 -8.72
CA PRO A 31 -10.91 -0.75 -9.92
C PRO A 31 -11.24 0.44 -10.81
N LYS A 32 -11.24 1.62 -10.26
CA LYS A 32 -11.57 2.82 -11.09
C LYS A 32 -10.30 3.62 -11.36
N ALA A 33 -9.40 3.67 -10.41
CA ALA A 33 -8.13 4.43 -10.61
C ALA A 33 -7.59 4.14 -12.01
N LEU A 34 -7.69 2.93 -12.47
CA LEU A 34 -7.18 2.59 -13.83
C LEU A 34 -7.92 1.36 -14.35
N ASP A 35 -8.18 1.32 -15.64
CA ASP A 35 -8.88 0.15 -16.22
C ASP A 35 -7.88 -0.99 -16.41
N SER A 36 -6.61 -0.69 -16.43
CA SER A 36 -5.59 -1.74 -16.62
C SER A 36 -5.78 -2.83 -15.57
N PHE A 37 -6.12 -2.47 -14.36
CA PHE A 37 -6.33 -3.49 -13.31
C PHE A 37 -7.24 -4.59 -13.84
N LYS A 38 -6.91 -5.83 -13.60
CA LYS A 38 -7.76 -6.94 -14.10
C LYS A 38 -8.95 -7.16 -13.18
N SER A 39 -8.71 -7.42 -11.92
CA SER A 39 -9.84 -7.65 -10.99
C SER A 39 -9.37 -7.50 -9.55
N VAL A 40 -10.26 -7.18 -8.65
CA VAL A 40 -9.88 -7.02 -7.23
C VAL A 40 -10.90 -7.75 -6.34
N GLU A 41 -10.45 -8.51 -5.39
CA GLU A 41 -11.39 -9.24 -4.50
C GLU A 41 -10.69 -9.63 -3.21
N ASN A 42 -11.43 -10.07 -2.22
CA ASN A 42 -10.80 -10.46 -0.93
C ASN A 42 -10.60 -11.97 -0.91
N VAL A 43 -9.63 -12.44 -0.18
CA VAL A 43 -9.37 -13.91 -0.10
C VAL A 43 -10.07 -14.49 1.13
N GLU A 44 -10.14 -13.73 2.20
CA GLU A 44 -10.80 -14.24 3.43
C GLU A 44 -11.04 -13.09 4.39
N GLY A 45 -11.99 -13.22 5.28
CA GLY A 45 -12.27 -12.13 6.25
C GLY A 45 -13.29 -11.17 5.64
N ASN A 46 -13.56 -10.07 6.29
CA ASN A 46 -14.55 -9.09 5.75
C ASN A 46 -13.87 -7.74 5.54
N GLY A 47 -12.57 -7.72 5.51
CA GLY A 47 -11.84 -6.44 5.30
C GLY A 47 -11.35 -5.91 6.65
N GLY A 48 -11.64 -6.60 7.71
CA GLY A 48 -11.17 -6.14 9.06
C GLY A 48 -9.70 -6.49 9.23
N PRO A 49 -9.21 -6.44 10.48
CA PRO A 49 -7.82 -6.74 10.80
C PRO A 49 -7.50 -8.23 10.64
N GLY A 50 -6.49 -8.56 9.88
CA GLY A 50 -6.13 -10.00 9.68
C GLY A 50 -6.84 -10.53 8.44
N THR A 51 -7.54 -9.68 7.73
CA THR A 51 -8.26 -10.15 6.51
C THR A 51 -7.24 -10.36 5.37
N ILE A 52 -7.53 -11.28 4.48
CA ILE A 52 -6.59 -11.52 3.35
C ILE A 52 -7.25 -11.06 2.05
N LYS A 53 -6.63 -10.17 1.33
CA LYS A 53 -7.23 -9.68 0.06
C LYS A 53 -6.33 -10.05 -1.12
N LYS A 54 -6.92 -10.40 -2.23
CA LYS A 54 -6.12 -10.76 -3.44
C LYS A 54 -6.45 -9.77 -4.55
N ILE A 55 -5.46 -9.20 -5.17
CA ILE A 55 -5.74 -8.22 -6.26
C ILE A 55 -4.91 -8.57 -7.50
N THR A 56 -5.51 -8.47 -8.66
CA THR A 56 -4.76 -8.78 -9.91
C THR A 56 -4.75 -7.55 -10.81
N PHE A 57 -3.60 -6.99 -11.05
CA PHE A 57 -3.53 -5.78 -11.93
C PHE A 57 -2.75 -6.11 -13.20
N LEU A 58 -2.74 -5.22 -14.16
CA LEU A 58 -2.00 -5.48 -15.41
C LEU A 58 -0.79 -4.55 -15.50
N GLU A 59 0.25 -4.98 -16.16
CA GLU A 59 1.46 -4.11 -16.29
C GLU A 59 2.22 -4.49 -17.56
N ASP A 60 2.71 -3.52 -18.28
CA ASP A 60 3.46 -3.83 -19.53
C ASP A 60 2.72 -4.91 -20.33
N GLY A 61 1.43 -5.00 -20.14
CA GLY A 61 0.65 -6.03 -20.89
C GLY A 61 0.77 -7.38 -20.19
N GLU A 62 1.05 -7.38 -18.91
CA GLU A 62 1.18 -8.66 -18.16
C GLU A 62 0.17 -8.68 -17.01
N THR A 63 -0.43 -9.82 -16.77
CA THR A 63 -1.42 -9.91 -15.67
C THR A 63 -0.71 -10.33 -14.38
N LYS A 64 -0.61 -9.44 -13.43
CA LYS A 64 0.07 -9.79 -12.15
C LYS A 64 -0.92 -9.72 -10.99
N PHE A 65 -0.61 -10.32 -9.87
CA PHE A 65 -1.55 -10.28 -8.72
C PHE A 65 -0.75 -10.15 -7.42
N VAL A 66 -1.34 -9.60 -6.40
CA VAL A 66 -0.60 -9.45 -5.11
C VAL A 66 -1.54 -9.74 -3.94
N LEU A 67 -1.02 -10.26 -2.87
CA LEU A 67 -1.88 -10.55 -1.68
C LEU A 67 -1.52 -9.58 -0.55
N HIS A 68 -2.48 -8.93 0.01
CA HIS A 68 -2.19 -7.97 1.11
C HIS A 68 -2.95 -8.36 2.37
N LYS A 69 -2.32 -8.28 3.51
CA LYS A 69 -3.01 -8.64 4.78
C LYS A 69 -3.03 -7.42 5.70
N ILE A 70 -4.07 -7.27 6.48
CA ILE A 70 -4.14 -6.10 7.39
C ILE A 70 -3.84 -6.54 8.83
N GLU A 71 -2.95 -5.86 9.50
CA GLU A 71 -2.62 -6.24 10.91
C GLU A 71 -3.50 -5.44 11.87
N SER A 72 -3.91 -4.25 11.47
CA SER A 72 -4.76 -3.42 12.36
C SER A 72 -5.07 -2.08 11.68
N ILE A 73 -6.24 -1.55 11.89
CA ILE A 73 -6.59 -0.26 11.25
C ILE A 73 -6.79 0.81 12.34
N ASP A 74 -6.31 1.99 12.12
CA ASP A 74 -6.47 3.07 13.13
C ASP A 74 -6.99 4.33 12.46
N GLU A 75 -8.27 4.42 12.23
CA GLU A 75 -8.84 5.62 11.57
C GLU A 75 -8.57 6.85 12.44
N ALA A 76 -8.63 6.71 13.73
CA ALA A 76 -8.38 7.87 14.62
C ALA A 76 -7.01 8.47 14.30
N ASN A 77 -6.00 7.65 14.13
CA ASN A 77 -4.66 8.18 13.81
C ASN A 77 -4.42 8.09 12.30
N LEU A 78 -5.45 7.83 11.55
CA LEU A 78 -5.29 7.73 10.07
C LEU A 78 -4.09 6.83 9.75
N GLY A 79 -3.80 5.89 10.60
CA GLY A 79 -2.64 4.98 10.35
C GLY A 79 -3.14 3.53 10.30
N TYR A 80 -2.47 2.70 9.56
CA TYR A 80 -2.90 1.27 9.47
C TYR A 80 -1.68 0.39 9.19
N SER A 81 -1.82 -0.90 9.28
CA SER A 81 -0.66 -1.80 9.02
C SER A 81 -1.06 -2.87 8.01
N TYR A 82 -0.20 -3.18 7.08
CA TYR A 82 -0.54 -4.22 6.08
C TYR A 82 0.74 -4.86 5.54
N SER A 83 0.65 -6.04 4.99
CA SER A 83 1.87 -6.72 4.45
C SER A 83 1.51 -7.53 3.21
N VAL A 84 2.47 -7.79 2.37
CA VAL A 84 2.19 -8.58 1.14
C VAL A 84 2.53 -10.05 1.38
N VAL A 85 1.62 -10.94 1.09
CA VAL A 85 1.90 -12.39 1.31
C VAL A 85 1.89 -13.14 -0.02
N GLY A 86 1.75 -12.44 -1.11
CA GLY A 86 1.75 -13.14 -2.43
C GLY A 86 1.85 -12.11 -3.57
N GLY A 87 2.26 -12.55 -4.73
CA GLY A 87 2.38 -11.60 -5.88
C GLY A 87 3.86 -11.29 -6.13
N ALA A 88 4.13 -10.35 -6.99
CA ALA A 88 5.54 -9.98 -7.28
C ALA A 88 6.14 -9.26 -6.08
N ALA A 89 5.33 -8.85 -5.15
CA ALA A 89 5.86 -8.14 -3.96
C ALA A 89 6.42 -9.16 -2.97
N LEU A 90 6.28 -10.43 -3.25
CA LEU A 90 6.80 -11.48 -2.33
C LEU A 90 7.81 -12.35 -3.08
N PRO A 91 9.09 -11.93 -3.11
CA PRO A 91 10.15 -12.68 -3.80
C PRO A 91 10.48 -13.98 -3.07
N ASP A 92 11.20 -14.86 -3.72
CA ASP A 92 11.56 -16.16 -3.07
C ASP A 92 12.58 -15.90 -1.95
N THR A 93 13.37 -14.87 -2.06
CA THR A 93 14.38 -14.59 -1.01
C THR A 93 13.70 -13.90 0.17
N ALA A 94 12.59 -13.25 -0.04
CA ALA A 94 11.89 -12.56 1.08
C ALA A 94 10.65 -13.36 1.46
N GLU A 95 10.56 -13.78 2.69
CA GLU A 95 9.36 -14.56 3.13
C GLU A 95 8.12 -13.67 3.05
N LYS A 96 8.19 -12.49 3.61
CA LYS A 96 7.02 -11.57 3.57
C LYS A 96 7.48 -10.13 3.83
N ILE A 97 6.72 -9.16 3.43
CA ILE A 97 7.12 -7.75 3.66
C ILE A 97 6.03 -7.02 4.44
N THR A 98 6.40 -6.29 5.46
CA THR A 98 5.39 -5.54 6.25
C THR A 98 5.51 -4.04 5.97
N PHE A 99 4.42 -3.38 5.68
CA PHE A 99 4.49 -1.93 5.39
C PHE A 99 3.74 -1.14 6.47
N ASP A 100 4.41 -0.24 7.12
CA ASP A 100 3.73 0.56 8.19
C ASP A 100 3.70 2.04 7.77
N SER A 101 2.54 2.61 7.63
CA SER A 101 2.47 4.04 7.22
C SER A 101 1.40 4.77 8.04
N LYS A 102 1.71 5.95 8.52
CA LYS A 102 0.72 6.72 9.31
C LYS A 102 0.58 8.12 8.68
N LEU A 103 -0.58 8.71 8.78
CA LEU A 103 -0.76 10.06 8.17
C LEU A 103 -1.40 11.01 9.19
N VAL A 104 -0.81 12.16 9.39
CA VAL A 104 -1.37 13.13 10.38
C VAL A 104 -1.27 14.54 9.78
N ALA A 105 -2.26 15.37 10.04
CA ALA A 105 -2.22 16.76 9.49
C ALA A 105 -0.88 17.41 9.85
N GLY A 106 -0.31 18.16 8.94
CA GLY A 106 0.99 18.82 9.22
C GLY A 106 0.88 20.30 8.86
N PRO A 107 1.88 21.10 9.29
CA PRO A 107 1.91 22.54 9.00
C PRO A 107 2.17 22.84 7.53
N ASN A 108 2.64 21.86 6.79
CA ASN A 108 2.92 22.08 5.35
C ASN A 108 1.61 22.36 4.62
N GLY A 109 0.50 21.94 5.17
CA GLY A 109 -0.81 22.18 4.50
C GLY A 109 -1.22 20.94 3.72
N GLY A 110 -0.57 19.83 3.97
CA GLY A 110 -0.93 18.58 3.23
C GLY A 110 -0.95 17.41 4.20
N SER A 111 -0.45 16.28 3.78
CA SER A 111 -0.43 15.09 4.68
C SER A 111 0.97 14.89 5.24
N ALA A 112 1.08 14.51 6.49
CA ALA A 112 2.42 14.30 7.09
C ALA A 112 2.33 13.18 8.14
N GLY A 113 3.31 12.33 8.19
CA GLY A 113 3.28 11.22 9.20
C GLY A 113 4.61 10.46 9.16
N LYS A 114 4.60 9.22 9.59
CA LYS A 114 5.85 8.42 9.57
C LYS A 114 5.58 7.07 8.91
N LEU A 115 6.52 6.58 8.14
CA LEU A 115 6.30 5.28 7.45
C LEU A 115 7.44 4.31 7.81
N THR A 116 7.11 3.20 8.41
CA THR A 116 8.18 2.21 8.77
C THR A 116 7.92 0.92 8.00
N VAL A 117 8.90 0.41 7.31
CA VAL A 117 8.70 -0.85 6.53
C VAL A 117 9.60 -1.95 7.09
N LYS A 118 9.04 -3.11 7.31
CA LYS A 118 9.85 -4.24 7.83
C LYS A 118 9.98 -5.31 6.72
N TYR A 119 11.17 -5.54 6.25
CA TYR A 119 11.36 -6.56 5.18
C TYR A 119 11.84 -7.87 5.79
N GLU A 120 11.20 -8.96 5.48
CA GLU A 120 11.63 -10.27 6.05
C GLU A 120 12.39 -11.05 4.97
N THR A 121 13.40 -11.80 5.36
CA THR A 121 14.17 -12.58 4.37
C THR A 121 14.17 -14.06 4.76
N LYS A 122 14.29 -14.94 3.80
CA LYS A 122 14.30 -16.39 4.12
C LYS A 122 15.38 -16.69 5.16
N GLY A 123 16.43 -15.92 5.18
CA GLY A 123 17.51 -16.15 6.18
C GLY A 123 18.82 -15.57 5.64
N ASP A 124 19.74 -16.41 5.25
CA ASP A 124 21.04 -15.90 4.72
C ASP A 124 20.79 -14.96 3.55
N ALA A 125 19.69 -15.15 2.85
CA ALA A 125 19.39 -14.27 1.69
C ALA A 125 19.27 -12.83 2.17
N GLU A 126 19.85 -11.90 1.45
CA GLU A 126 19.77 -10.48 1.86
C GLU A 126 19.61 -9.59 0.62
N PRO A 127 18.50 -8.84 0.55
CA PRO A 127 18.21 -7.95 -0.58
C PRO A 127 19.14 -6.74 -0.61
N ASN A 128 19.48 -6.27 -1.77
CA ASN A 128 20.38 -5.08 -1.86
C ASN A 128 19.55 -3.80 -1.79
N GLN A 129 20.19 -2.66 -1.81
CA GLN A 129 19.44 -1.38 -1.76
C GLN A 129 18.54 -1.27 -2.99
N ASP A 130 19.00 -1.75 -4.11
CA ASP A 130 18.17 -1.67 -5.35
C ASP A 130 16.87 -2.44 -5.14
N GLU A 131 16.94 -3.59 -4.52
CA GLU A 131 15.71 -4.38 -4.29
C GLU A 131 14.80 -3.64 -3.30
N LEU A 132 15.36 -3.09 -2.26
CA LEU A 132 14.54 -2.35 -1.27
C LEU A 132 13.88 -1.14 -1.94
N LYS A 133 14.62 -0.45 -2.76
CA LYS A 133 14.04 0.75 -3.45
C LYS A 133 12.90 0.30 -4.36
N THR A 134 13.12 -0.72 -5.14
CA THR A 134 12.05 -1.20 -6.06
C THR A 134 10.81 -1.57 -5.24
N GLY A 135 11.00 -2.15 -4.09
CA GLY A 135 9.85 -2.54 -3.25
C GLY A 135 9.04 -1.29 -2.88
N LYS A 136 9.71 -0.25 -2.46
CA LYS A 136 8.98 1.00 -2.09
C LYS A 136 8.36 1.62 -3.34
N ALA A 137 9.05 1.59 -4.44
CA ALA A 137 8.50 2.18 -5.70
C ALA A 137 7.14 1.52 -6.01
N LYS A 138 6.99 0.27 -5.66
CA LYS A 138 5.70 -0.42 -5.94
C LYS A 138 4.57 0.28 -5.18
N ALA A 139 4.75 0.53 -3.91
CA ALA A 139 3.69 1.22 -3.12
C ALA A 139 3.38 2.57 -3.76
N ASP A 140 4.39 3.31 -4.13
CA ASP A 140 4.15 4.63 -4.77
C ASP A 140 3.28 4.46 -6.01
N ALA A 141 3.50 3.41 -6.76
CA ALA A 141 2.69 3.18 -7.98
C ALA A 141 1.21 3.11 -7.60
N LEU A 142 0.88 2.32 -6.61
CA LEU A 142 -0.54 2.21 -6.18
C LEU A 142 -0.93 3.46 -5.40
N PHE A 143 -0.04 3.98 -4.60
CA PHE A 143 -0.37 5.20 -3.81
C PHE A 143 -0.77 6.33 -4.76
N LYS A 144 0.03 6.61 -5.74
CA LYS A 144 -0.30 7.71 -6.70
C LYS A 144 -1.59 7.34 -7.44
N ALA A 145 -1.82 6.08 -7.67
CA ALA A 145 -3.06 5.68 -8.39
C ALA A 145 -4.28 6.20 -7.65
N ILE A 146 -4.36 5.96 -6.36
CA ILE A 146 -5.53 6.45 -5.57
C ILE A 146 -5.54 7.99 -5.61
N GLU A 147 -4.40 8.61 -5.40
CA GLU A 147 -4.36 10.09 -5.43
C GLU A 147 -4.78 10.60 -6.80
N ALA A 148 -4.17 10.09 -7.84
CA ALA A 148 -4.54 10.55 -9.21
C ALA A 148 -6.06 10.53 -9.35
N TYR A 149 -6.71 9.56 -8.77
CA TYR A 149 -8.20 9.50 -8.85
C TYR A 149 -8.80 10.68 -8.08
N LEU A 150 -8.26 10.97 -6.93
CA LEU A 150 -8.80 12.11 -6.13
C LEU A 150 -8.81 13.38 -6.98
N LEU A 151 -7.84 13.54 -7.84
CA LEU A 151 -7.79 14.76 -8.69
C LEU A 151 -8.76 14.61 -9.86
N ALA A 152 -9.03 13.40 -10.27
CA ALA A 152 -9.98 13.20 -11.40
C ALA A 152 -11.41 13.42 -10.91
N HIS A 153 -11.63 13.33 -9.63
CA HIS A 153 -13.00 13.54 -9.09
C HIS A 153 -12.95 14.53 -7.92
N PRO A 154 -13.09 15.83 -8.22
CA PRO A 154 -13.06 16.88 -7.21
C PRO A 154 -14.31 16.86 -6.32
N ASP A 155 -15.33 16.18 -6.74
CA ASP A 155 -16.57 16.11 -5.90
C ASP A 155 -16.34 15.19 -4.71
N TYR A 156 -15.33 14.37 -4.77
CA TYR A 156 -15.06 13.44 -3.63
C TYR A 156 -14.44 14.23 -2.46
N ASN A 157 -15.06 14.21 -1.32
CA ASN A 157 -14.51 14.95 -0.16
C ASN A 157 -14.11 16.36 -0.59
N GLY A 1 17.09 -11.89 10.02
CA GLY A 1 16.89 -11.76 8.55
C GLY A 1 15.75 -10.77 8.28
N VAL A 2 15.69 -9.70 9.02
CA VAL A 2 14.60 -8.70 8.81
C VAL A 2 15.20 -7.29 8.78
N PHE A 3 14.75 -6.47 7.87
CA PHE A 3 15.29 -5.08 7.79
C PHE A 3 14.13 -4.08 7.77
N THR A 4 14.19 -3.07 8.59
CA THR A 4 13.10 -2.07 8.62
C THR A 4 13.63 -0.72 8.13
N PHE A 5 12.81 0.03 7.44
CA PHE A 5 13.27 1.35 6.93
C PHE A 5 12.18 2.40 7.16
N GLU A 6 12.54 3.51 7.76
CA GLU A 6 11.52 4.57 8.01
C GLU A 6 11.59 5.62 6.90
N ASP A 7 10.48 5.97 6.33
CA ASP A 7 10.48 6.99 5.24
C ASP A 7 9.48 8.10 5.57
N GLU A 8 9.56 9.21 4.89
CA GLU A 8 8.61 10.32 5.17
C GLU A 8 7.51 10.33 4.10
N ILE A 9 6.34 10.80 4.44
CA ILE A 9 5.24 10.83 3.45
C ILE A 9 4.77 12.28 3.24
N ASN A 10 4.69 12.72 2.02
CA ASN A 10 4.26 14.11 1.75
C ASN A 10 3.14 14.11 0.70
N SER A 11 2.02 14.70 1.01
CA SER A 11 0.89 14.72 0.03
C SER A 11 0.03 15.96 0.29
N PRO A 12 -0.25 16.74 -0.77
CA PRO A 12 -1.06 17.95 -0.68
C PRO A 12 -2.54 17.62 -0.41
N VAL A 13 -2.87 16.37 -0.29
CA VAL A 13 -4.28 15.99 -0.03
C VAL A 13 -4.54 15.98 1.48
N ALA A 14 -5.75 16.24 1.88
CA ALA A 14 -6.07 16.23 3.33
C ALA A 14 -5.95 14.81 3.88
N PRO A 15 -5.46 14.67 5.12
CA PRO A 15 -5.29 13.37 5.77
C PRO A 15 -6.63 12.71 6.10
N ALA A 16 -7.61 13.49 6.47
CA ALA A 16 -8.94 12.92 6.80
C ALA A 16 -9.58 12.33 5.54
N THR A 17 -9.51 13.03 4.45
CA THR A 17 -10.12 12.52 3.18
C THR A 17 -9.17 11.50 2.55
N LEU A 18 -7.89 11.76 2.57
CA LEU A 18 -6.92 10.81 1.97
C LEU A 18 -6.89 9.52 2.80
N TYR A 19 -6.97 9.64 4.11
CA TYR A 19 -6.93 8.42 4.96
C TYR A 19 -8.24 7.63 4.77
N LYS A 20 -9.35 8.30 4.68
CA LYS A 20 -10.64 7.59 4.50
C LYS A 20 -10.65 6.88 3.14
N ALA A 21 -10.27 7.57 2.10
CA ALA A 21 -10.25 6.94 0.76
C ALA A 21 -9.06 5.99 0.65
N LEU A 22 -8.00 6.28 1.35
CA LEU A 22 -6.80 5.40 1.29
C LEU A 22 -7.18 3.99 1.75
N VAL A 23 -7.85 3.87 2.86
CA VAL A 23 -8.24 2.51 3.35
C VAL A 23 -9.69 2.21 2.94
N THR A 24 -10.58 3.14 3.14
CA THR A 24 -12.00 2.90 2.77
C THR A 24 -12.16 2.89 1.25
N ASP A 25 -11.66 3.88 0.58
CA ASP A 25 -11.80 3.93 -0.91
C ASP A 25 -10.66 3.13 -1.55
N ALA A 26 -9.89 2.44 -0.75
CA ALA A 26 -8.77 1.65 -1.32
C ALA A 26 -9.34 0.61 -2.30
N ASP A 27 -10.33 -0.11 -1.88
CA ASP A 27 -10.94 -1.14 -2.78
C ASP A 27 -11.63 -0.46 -3.96
N ASN A 28 -12.15 0.72 -3.77
CA ASN A 28 -12.84 1.42 -4.90
C ASN A 28 -11.82 2.22 -5.71
N VAL A 29 -10.76 2.65 -5.09
CA VAL A 29 -9.73 3.45 -5.82
C VAL A 29 -8.82 2.49 -6.59
N ILE A 30 -8.50 1.36 -6.02
CA ILE A 30 -7.60 0.39 -6.72
C ILE A 30 -8.14 0.10 -8.13
N PRO A 31 -9.44 -0.20 -8.24
CA PRO A 31 -10.06 -0.51 -9.54
C PRO A 31 -10.12 0.71 -10.45
N LYS A 32 -10.31 1.88 -9.89
CA LYS A 32 -10.35 3.10 -10.73
C LYS A 32 -8.94 3.58 -11.01
N ALA A 33 -8.07 3.53 -10.03
CA ALA A 33 -6.67 3.97 -10.25
C ALA A 33 -6.06 3.13 -11.37
N LEU A 34 -5.98 1.85 -11.19
CA LEU A 34 -5.40 0.99 -12.26
C LEU A 34 -6.30 1.04 -13.48
N ASP A 35 -5.86 1.69 -14.53
CA ASP A 35 -6.71 1.79 -15.75
C ASP A 35 -7.00 0.40 -16.32
N SER A 36 -6.07 -0.51 -16.23
CA SER A 36 -6.30 -1.88 -16.78
C SER A 36 -6.75 -2.82 -15.66
N PHE A 37 -7.36 -2.29 -14.63
CA PHE A 37 -7.82 -3.16 -13.51
C PHE A 37 -8.81 -4.20 -14.06
N LYS A 38 -8.67 -5.43 -13.64
CA LYS A 38 -9.59 -6.50 -14.13
C LYS A 38 -10.71 -6.73 -13.12
N SER A 39 -10.38 -6.92 -11.88
CA SER A 39 -11.45 -7.16 -10.85
C SER A 39 -10.81 -7.31 -9.47
N VAL A 40 -11.61 -7.37 -8.44
CA VAL A 40 -11.06 -7.52 -7.07
C VAL A 40 -11.86 -8.58 -6.31
N GLU A 41 -11.20 -9.60 -5.84
CA GLU A 41 -11.92 -10.67 -5.09
C GLU A 41 -11.26 -10.87 -3.73
N ASN A 42 -11.98 -11.43 -2.79
CA ASN A 42 -11.40 -11.65 -1.43
C ASN A 42 -11.09 -13.13 -1.25
N VAL A 43 -10.15 -13.45 -0.40
CA VAL A 43 -9.80 -14.89 -0.17
C VAL A 43 -10.09 -15.27 1.28
N GLU A 44 -9.88 -14.36 2.19
CA GLU A 44 -10.15 -14.67 3.63
C GLU A 44 -10.36 -13.36 4.40
N GLY A 45 -11.21 -13.38 5.39
CA GLY A 45 -11.46 -12.15 6.18
C GLY A 45 -12.73 -11.46 5.68
N ASN A 46 -13.30 -10.58 6.46
CA ASN A 46 -14.54 -9.89 6.02
C ASN A 46 -14.18 -8.51 5.45
N GLY A 47 -12.91 -8.20 5.38
CA GLY A 47 -12.50 -6.87 4.84
C GLY A 47 -11.89 -6.03 5.96
N GLY A 48 -12.01 -6.48 7.18
CA GLY A 48 -11.43 -5.70 8.32
C GLY A 48 -9.94 -5.99 8.43
N PRO A 49 -9.38 -5.85 9.64
CA PRO A 49 -7.95 -6.10 9.89
C PRO A 49 -7.60 -7.58 9.79
N GLY A 50 -6.49 -7.90 9.20
CA GLY A 50 -6.08 -9.33 9.08
C GLY A 50 -6.81 -9.96 7.89
N THR A 51 -7.63 -9.20 7.21
CA THR A 51 -8.36 -9.76 6.04
C THR A 51 -7.39 -9.97 4.88
N ILE A 52 -7.68 -10.90 4.01
CA ILE A 52 -6.77 -11.15 2.84
C ILE A 52 -7.53 -10.86 1.54
N LYS A 53 -6.98 -10.05 0.69
CA LYS A 53 -7.67 -9.73 -0.59
C LYS A 53 -6.77 -10.07 -1.78
N LYS A 54 -7.34 -10.47 -2.88
CA LYS A 54 -6.52 -10.82 -4.07
C LYS A 54 -6.83 -9.83 -5.20
N ILE A 55 -5.82 -9.20 -5.74
CA ILE A 55 -6.07 -8.22 -6.83
C ILE A 55 -5.45 -8.75 -8.14
N THR A 56 -6.10 -8.51 -9.24
CA THR A 56 -5.56 -8.99 -10.55
C THR A 56 -5.54 -7.84 -11.55
N PHE A 57 -4.42 -7.60 -12.18
CA PHE A 57 -4.34 -6.49 -13.16
C PHE A 57 -3.64 -6.97 -14.44
N LEU A 58 -3.68 -6.19 -15.48
CA LEU A 58 -3.00 -6.61 -16.74
C LEU A 58 -1.72 -5.79 -16.93
N GLU A 59 -0.69 -6.40 -17.44
CA GLU A 59 0.58 -5.65 -17.66
C GLU A 59 1.29 -6.18 -18.91
N ASP A 60 1.67 -5.31 -19.80
CA ASP A 60 2.36 -5.77 -21.04
C ASP A 60 1.56 -6.91 -21.69
N GLY A 61 0.29 -6.96 -21.42
CA GLY A 61 -0.54 -8.05 -22.01
C GLY A 61 -0.39 -9.33 -21.18
N GLU A 62 -0.13 -9.18 -19.92
CA GLU A 62 0.04 -10.39 -19.05
C GLU A 62 -0.97 -10.32 -17.89
N THR A 63 -1.33 -11.44 -17.35
CA THR A 63 -2.30 -11.44 -16.21
C THR A 63 -1.54 -11.55 -14.89
N LYS A 64 -1.47 -10.49 -14.15
CA LYS A 64 -0.73 -10.54 -12.84
C LYS A 64 -1.70 -10.30 -11.69
N PHE A 65 -1.35 -10.70 -10.50
CA PHE A 65 -2.25 -10.48 -9.34
C PHE A 65 -1.41 -10.19 -8.09
N VAL A 66 -1.99 -9.54 -7.11
CA VAL A 66 -1.21 -9.22 -5.88
C VAL A 66 -2.09 -9.49 -4.65
N LEU A 67 -1.49 -9.93 -3.58
CA LEU A 67 -2.28 -10.20 -2.33
C LEU A 67 -1.85 -9.23 -1.24
N HIS A 68 -2.79 -8.64 -0.56
CA HIS A 68 -2.43 -7.67 0.52
C HIS A 68 -3.11 -8.08 1.83
N LYS A 69 -2.40 -7.97 2.92
CA LYS A 69 -3.00 -8.35 4.23
C LYS A 69 -2.97 -7.14 5.16
N ILE A 70 -3.98 -6.99 5.99
CA ILE A 70 -4.00 -5.83 6.92
C ILE A 70 -3.61 -6.29 8.33
N GLU A 71 -2.62 -5.67 8.92
CA GLU A 71 -2.19 -6.08 10.28
C GLU A 71 -3.10 -5.41 11.32
N SER A 72 -3.23 -4.12 11.26
CA SER A 72 -4.10 -3.41 12.24
C SER A 72 -4.41 -2.01 11.72
N ILE A 73 -5.65 -1.58 11.84
CA ILE A 73 -6.02 -0.23 11.34
C ILE A 73 -6.40 0.66 12.53
N ASP A 74 -5.90 1.86 12.56
CA ASP A 74 -6.24 2.78 13.69
C ASP A 74 -6.72 4.12 13.15
N GLU A 75 -7.96 4.20 12.73
CA GLU A 75 -8.48 5.48 12.18
C GLU A 75 -8.18 6.62 13.16
N ALA A 76 -8.22 6.33 14.43
CA ALA A 76 -7.94 7.40 15.44
C ALA A 76 -6.60 8.08 15.11
N ASN A 77 -5.57 7.31 14.89
CA ASN A 77 -4.25 7.90 14.56
C ASN A 77 -4.01 7.84 13.05
N LEU A 78 -5.04 7.58 12.29
CA LEU A 78 -4.89 7.50 10.81
C LEU A 78 -3.60 6.74 10.47
N GLY A 79 -3.32 5.68 11.18
CA GLY A 79 -2.09 4.90 10.90
C GLY A 79 -2.45 3.41 10.81
N TYR A 80 -2.45 2.87 9.62
CA TYR A 80 -2.79 1.43 9.47
C TYR A 80 -1.54 0.64 9.08
N SER A 81 -1.63 -0.67 9.10
CA SER A 81 -0.44 -1.50 8.72
C SER A 81 -0.89 -2.64 7.80
N TYR A 82 -0.08 -2.99 6.83
CA TYR A 82 -0.47 -4.09 5.91
C TYR A 82 0.79 -4.75 5.34
N SER A 83 0.68 -5.97 4.90
CA SER A 83 1.87 -6.68 4.34
C SER A 83 1.45 -7.52 3.14
N VAL A 84 2.34 -7.78 2.23
CA VAL A 84 1.97 -8.61 1.04
C VAL A 84 2.53 -10.02 1.21
N VAL A 85 1.71 -11.02 1.05
CA VAL A 85 2.18 -12.42 1.21
C VAL A 85 1.91 -13.21 -0.08
N GLY A 86 1.47 -12.54 -1.11
CA GLY A 86 1.19 -13.25 -2.39
C GLY A 86 1.19 -12.25 -3.55
N GLY A 87 1.60 -12.68 -4.71
CA GLY A 87 1.62 -11.76 -5.88
C GLY A 87 3.06 -11.63 -6.40
N ALA A 88 3.26 -10.86 -7.43
CA ALA A 88 4.63 -10.71 -8.00
C ALA A 88 5.44 -9.76 -7.11
N ALA A 89 4.78 -9.05 -6.23
CA ALA A 89 5.53 -8.12 -5.32
C ALA A 89 6.15 -8.90 -4.17
N LEU A 90 5.82 -10.15 -4.05
CA LEU A 90 6.39 -10.97 -2.94
C LEU A 90 7.53 -11.83 -3.49
N PRO A 91 8.78 -11.41 -3.22
CA PRO A 91 9.98 -12.13 -3.67
C PRO A 91 10.15 -13.47 -2.96
N ASP A 92 10.77 -14.41 -3.60
CA ASP A 92 10.96 -15.76 -2.97
C ASP A 92 12.04 -15.67 -1.90
N THR A 93 12.99 -14.79 -2.06
CA THR A 93 14.08 -14.69 -1.04
C THR A 93 13.58 -13.89 0.17
N ALA A 94 12.34 -13.51 0.18
CA ALA A 94 11.80 -12.75 1.35
C ALA A 94 10.57 -13.47 1.89
N GLU A 95 10.54 -13.71 3.17
CA GLU A 95 9.37 -14.40 3.78
C GLU A 95 8.12 -13.54 3.60
N LYS A 96 8.16 -12.31 4.06
CA LYS A 96 6.97 -11.43 3.93
C LYS A 96 7.39 -9.96 4.10
N ILE A 97 6.59 -9.05 3.64
CA ILE A 97 6.94 -7.61 3.78
C ILE A 97 5.81 -6.86 4.47
N THR A 98 6.12 -6.05 5.45
CA THR A 98 5.04 -5.30 6.16
C THR A 98 5.27 -3.79 5.99
N PHE A 99 4.37 -3.13 5.34
CA PHE A 99 4.54 -1.66 5.14
C PHE A 99 3.79 -0.89 6.23
N ASP A 100 4.45 0.02 6.89
CA ASP A 100 3.80 0.79 7.97
C ASP A 100 3.75 2.27 7.59
N SER A 101 2.58 2.82 7.41
CA SER A 101 2.49 4.26 7.03
C SER A 101 1.46 4.98 7.91
N LYS A 102 1.79 6.15 8.37
CA LYS A 102 0.84 6.92 9.22
C LYS A 102 0.57 8.27 8.57
N LEU A 103 -0.63 8.78 8.68
CA LEU A 103 -0.94 10.10 8.05
C LEU A 103 -1.57 11.03 9.09
N VAL A 104 -0.99 12.18 9.28
CA VAL A 104 -1.56 13.14 10.27
C VAL A 104 -1.61 14.54 9.64
N ALA A 105 -2.38 15.42 10.20
CA ALA A 105 -2.45 16.79 9.62
C ALA A 105 -1.07 17.45 9.65
N GLY A 106 -0.60 17.90 8.52
CA GLY A 106 0.74 18.55 8.49
C GLY A 106 0.57 20.07 8.52
N PRO A 107 1.56 20.78 9.09
CA PRO A 107 1.52 22.25 9.19
C PRO A 107 1.71 22.92 7.82
N ASN A 108 1.82 22.14 6.78
CA ASN A 108 2.01 22.74 5.43
C ASN A 108 0.65 22.90 4.75
N GLY A 109 -0.42 22.63 5.44
CA GLY A 109 -1.77 22.78 4.84
C GLY A 109 -2.13 21.49 4.09
N GLY A 110 -1.52 20.39 4.44
CA GLY A 110 -1.84 19.11 3.75
C GLY A 110 -1.80 17.96 4.77
N SER A 111 -1.25 16.84 4.39
CA SER A 111 -1.19 15.69 5.33
C SER A 111 0.27 15.31 5.57
N ALA A 112 0.60 14.93 6.77
CA ALA A 112 2.01 14.54 7.08
C ALA A 112 2.00 13.44 8.15
N GLY A 113 2.95 12.54 8.10
CA GLY A 113 2.99 11.45 9.11
C GLY A 113 4.35 10.75 9.06
N LYS A 114 4.40 9.49 9.41
CA LYS A 114 5.69 8.76 9.37
C LYS A 114 5.47 7.40 8.72
N LEU A 115 6.41 6.94 7.94
CA LEU A 115 6.25 5.63 7.26
C LEU A 115 7.38 4.69 7.68
N THR A 116 7.03 3.52 8.16
CA THR A 116 8.08 2.54 8.58
C THR A 116 7.84 1.21 7.85
N VAL A 117 8.83 0.72 7.16
CA VAL A 117 8.65 -0.56 6.42
C VAL A 117 9.42 -1.69 7.11
N LYS A 118 8.87 -2.86 7.14
CA LYS A 118 9.57 -4.01 7.79
C LYS A 118 9.79 -5.10 6.75
N TYR A 119 11.02 -5.41 6.44
CA TYR A 119 11.29 -6.47 5.43
C TYR A 119 11.70 -7.76 6.12
N GLU A 120 11.08 -8.86 5.76
CA GLU A 120 11.44 -10.15 6.39
C GLU A 120 12.12 -11.05 5.36
N THR A 121 13.28 -11.57 5.69
CA THR A 121 13.99 -12.45 4.72
C THR A 121 14.01 -13.88 5.25
N LYS A 122 14.16 -14.84 4.38
CA LYS A 122 14.19 -16.26 4.82
C LYS A 122 15.29 -16.46 5.86
N GLY A 123 16.42 -15.83 5.65
CA GLY A 123 17.55 -15.99 6.62
C GLY A 123 18.80 -15.30 6.06
N ASP A 124 19.64 -16.04 5.38
CA ASP A 124 20.87 -15.44 4.81
C ASP A 124 20.49 -14.45 3.71
N ALA A 125 19.43 -14.70 3.01
CA ALA A 125 19.00 -13.77 1.92
C ALA A 125 19.05 -12.33 2.44
N GLU A 126 19.91 -11.51 1.89
CA GLU A 126 20.00 -10.10 2.34
C GLU A 126 19.82 -9.16 1.15
N PRO A 127 18.68 -8.48 1.08
CA PRO A 127 18.37 -7.54 0.00
C PRO A 127 19.23 -6.28 0.07
N ASN A 128 20.03 -6.05 -0.93
CA ASN A 128 20.90 -4.82 -0.93
C ASN A 128 20.02 -3.58 -0.84
N GLN A 129 20.56 -2.49 -0.37
CA GLN A 129 19.75 -1.24 -0.26
C GLN A 129 19.19 -0.89 -1.64
N ASP A 130 19.95 -1.08 -2.68
CA ASP A 130 19.45 -0.76 -4.04
C ASP A 130 18.16 -1.54 -4.30
N GLU A 131 18.04 -2.71 -3.73
CA GLU A 131 16.79 -3.51 -3.94
C GLU A 131 15.66 -2.88 -3.13
N LEU A 132 15.97 -2.38 -1.97
CA LEU A 132 14.93 -1.74 -1.12
C LEU A 132 14.27 -0.61 -1.92
N LYS A 133 15.04 0.07 -2.71
CA LYS A 133 14.46 1.18 -3.53
C LYS A 133 13.39 0.63 -4.46
N THR A 134 13.68 -0.44 -5.15
CA THR A 134 12.68 -1.04 -6.07
C THR A 134 11.42 -1.41 -5.28
N GLY A 135 11.58 -1.91 -4.09
CA GLY A 135 10.40 -2.29 -3.27
C GLY A 135 9.54 -1.04 -3.01
N LYS A 136 10.18 0.05 -2.68
CA LYS A 136 9.41 1.30 -2.41
C LYS A 136 8.89 1.87 -3.74
N ALA A 137 9.70 1.85 -4.76
CA ALA A 137 9.25 2.39 -6.08
C ALA A 137 8.01 1.63 -6.53
N LYS A 138 7.93 0.36 -6.23
CA LYS A 138 6.74 -0.44 -6.64
C LYS A 138 5.53 -0.01 -5.80
N ALA A 139 5.71 0.14 -4.51
CA ALA A 139 4.58 0.55 -3.65
C ALA A 139 4.15 1.97 -4.02
N ASP A 140 5.08 2.82 -4.34
CA ASP A 140 4.72 4.21 -4.72
C ASP A 140 3.63 4.18 -5.80
N ALA A 141 3.81 3.38 -6.81
CA ALA A 141 2.80 3.30 -7.89
C ALA A 141 1.43 3.01 -7.28
N LEU A 142 1.39 2.25 -6.22
CA LEU A 142 0.08 1.94 -5.59
C LEU A 142 -0.46 3.20 -4.91
N PHE A 143 0.33 3.81 -4.07
CA PHE A 143 -0.13 5.05 -3.39
C PHE A 143 -0.43 6.12 -4.44
N LYS A 144 0.51 6.40 -5.30
CA LYS A 144 0.28 7.42 -6.35
C LYS A 144 -1.01 7.09 -7.10
N ALA A 145 -1.28 5.83 -7.31
CA ALA A 145 -2.52 5.44 -8.02
C ALA A 145 -3.72 6.02 -7.27
N ILE A 146 -3.74 5.88 -5.97
CA ILE A 146 -4.88 6.42 -5.18
C ILE A 146 -4.82 7.95 -5.20
N GLU A 147 -3.71 8.52 -4.82
CA GLU A 147 -3.60 10.00 -4.83
C GLU A 147 -3.82 10.52 -6.25
N ALA A 148 -3.09 9.99 -7.21
CA ALA A 148 -3.27 10.45 -8.61
C ALA A 148 -4.76 10.45 -8.96
N TYR A 149 -5.48 9.47 -8.50
CA TYR A 149 -6.94 9.41 -8.78
C TYR A 149 -7.63 10.59 -8.11
N LEU A 150 -7.18 10.97 -6.94
CA LEU A 150 -7.81 12.11 -6.23
C LEU A 150 -7.73 13.36 -7.11
N LEU A 151 -6.62 13.56 -7.76
CA LEU A 151 -6.48 14.76 -8.64
C LEU A 151 -7.38 14.61 -9.85
N ALA A 152 -7.63 13.40 -10.28
CA ALA A 152 -8.50 13.20 -11.47
C ALA A 152 -9.97 13.36 -11.06
N HIS A 153 -10.26 13.28 -9.79
CA HIS A 153 -11.67 13.42 -9.34
C HIS A 153 -11.75 14.52 -8.28
N PRO A 154 -11.90 15.78 -8.73
CA PRO A 154 -12.00 16.94 -7.83
C PRO A 154 -13.34 16.95 -7.07
N ASP A 155 -14.31 16.26 -7.58
CA ASP A 155 -15.65 16.24 -6.88
C ASP A 155 -15.59 15.25 -5.72
N TYR A 156 -14.48 14.60 -5.53
CA TYR A 156 -14.37 13.63 -4.40
C TYR A 156 -14.38 14.38 -3.07
N ASN A 157 -15.00 13.81 -2.07
CA ASN A 157 -15.05 14.50 -0.75
C ASN A 157 -14.02 13.87 0.19
#